data_2RR6
#
_entry.id   2RR6
#
_entity_poly.entity_id   1
_entity_poly.type   'polypeptide(L)'
_entity_poly.pdbx_seq_one_letter_code
;GSSGSSGMDMKRRIHLELRNRTPAAVRELVLDNCKSNDGKIEGLTAEFVNLEFLSLINVGLISVSNLPKLPKLKKLELSE
NRIFGGLDMLAEKLPNLTHLNLSGNKLKDISTLEPLKKLECLKSLDLFNCEVTNLNDYRESVFKLLPQLTYLDGYDREDQ
EAPDSDAE
;
_entity_poly.pdbx_strand_id   A
#
# COMPACT_ATOMS: atom_id res chain seq x y z
N GLY A 1 -17.30 -11.71 -22.87
CA GLY A 1 -16.33 -11.16 -21.89
C GLY A 1 -15.38 -10.17 -22.54
N SER A 2 -14.78 -9.28 -21.72
CA SER A 2 -13.85 -8.22 -22.17
C SER A 2 -12.79 -7.89 -21.11
N SER A 3 -11.68 -7.29 -21.55
CA SER A 3 -10.56 -6.88 -20.68
C SER A 3 -10.91 -5.71 -19.74
N GLY A 4 -10.17 -5.57 -18.64
CA GLY A 4 -10.31 -4.48 -17.68
C GLY A 4 -9.88 -3.11 -18.24
N SER A 5 -10.41 -2.04 -17.65
CA SER A 5 -10.17 -0.64 -18.03
C SER A 5 -10.34 0.32 -16.85
N SER A 6 -10.05 1.61 -17.07
CA SER A 6 -10.27 2.68 -16.08
C SER A 6 -11.75 2.91 -15.71
N GLY A 7 -12.69 2.30 -16.44
CA GLY A 7 -14.12 2.27 -16.13
C GLY A 7 -14.59 1.00 -15.40
N MET A 8 -13.74 -0.02 -15.25
CA MET A 8 -14.08 -1.29 -14.59
C MET A 8 -14.07 -1.15 -13.06
N ASP A 9 -15.02 -1.80 -12.38
CA ASP A 9 -15.11 -1.78 -10.91
C ASP A 9 -14.07 -2.71 -10.25
N MET A 10 -13.68 -2.45 -9.01
CA MET A 10 -12.69 -3.26 -8.28
C MET A 10 -13.12 -4.73 -8.15
N LYS A 11 -14.36 -5.01 -7.77
CA LYS A 11 -14.96 -6.36 -7.72
C LYS A 11 -14.89 -7.08 -9.08
N ARG A 12 -15.06 -6.33 -10.16
CA ARG A 12 -15.00 -6.84 -11.54
C ARG A 12 -13.55 -7.11 -11.96
N ARG A 13 -12.61 -6.26 -11.56
CA ARG A 13 -11.16 -6.44 -11.83
C ARG A 13 -10.56 -7.59 -11.04
N ILE A 14 -11.02 -7.79 -9.81
CA ILE A 14 -10.73 -8.97 -8.97
C ILE A 14 -11.26 -10.23 -9.65
N HIS A 15 -12.45 -10.17 -10.28
CA HIS A 15 -13.01 -11.31 -11.01
C HIS A 15 -12.12 -11.73 -12.18
N LEU A 16 -11.57 -10.75 -12.93
CA LEU A 16 -10.66 -10.99 -14.04
C LEU A 16 -9.36 -11.74 -13.65
N GLU A 17 -8.86 -11.57 -12.43
CA GLU A 17 -7.72 -12.37 -11.90
C GLU A 17 -8.15 -13.76 -11.39
N LEU A 18 -9.40 -13.90 -10.95
CA LEU A 18 -9.99 -15.15 -10.43
C LEU A 18 -10.59 -16.07 -11.51
N ARG A 19 -10.62 -15.65 -12.78
CA ARG A 19 -11.06 -16.46 -13.94
C ARG A 19 -10.33 -17.82 -14.06
N ASN A 20 -9.15 -17.94 -13.46
CA ASN A 20 -8.26 -19.10 -13.62
C ASN A 20 -7.91 -19.84 -12.31
N ARG A 21 -8.01 -19.19 -11.15
CA ARG A 21 -7.77 -19.80 -9.82
C ARG A 21 -8.56 -19.13 -8.69
N THR A 22 -8.78 -19.88 -7.61
CA THR A 22 -9.35 -19.41 -6.33
C THR A 22 -8.54 -18.24 -5.74
N PRO A 23 -9.14 -17.28 -5.01
CA PRO A 23 -8.40 -16.22 -4.33
C PRO A 23 -7.36 -16.74 -3.32
N ALA A 24 -7.57 -17.94 -2.76
CA ALA A 24 -6.63 -18.61 -1.87
C ALA A 24 -5.40 -19.18 -2.58
N ALA A 25 -5.40 -19.26 -3.92
CA ALA A 25 -4.29 -19.71 -4.75
C ALA A 25 -3.39 -18.56 -5.24
N VAL A 26 -3.76 -17.31 -4.99
CA VAL A 26 -3.12 -16.11 -5.57
C VAL A 26 -2.01 -15.60 -4.65
N ARG A 27 -0.80 -15.45 -5.20
CA ARG A 27 0.37 -14.88 -4.51
C ARG A 27 0.55 -13.38 -4.79
N GLU A 28 0.24 -12.95 -6.01
CA GLU A 28 0.46 -11.60 -6.52
C GLU A 28 -0.81 -11.10 -7.22
N LEU A 29 -1.39 -9.99 -6.75
CA LEU A 29 -2.65 -9.43 -7.26
C LEU A 29 -2.51 -7.95 -7.63
N VAL A 30 -2.91 -7.58 -8.85
CA VAL A 30 -2.87 -6.22 -9.39
C VAL A 30 -4.28 -5.78 -9.77
N LEU A 31 -4.71 -4.65 -9.22
CA LEU A 31 -6.04 -4.05 -9.37
C LEU A 31 -5.94 -2.56 -9.78
N ASP A 32 -4.82 -2.16 -10.39
CA ASP A 32 -4.56 -0.76 -10.76
C ASP A 32 -5.62 -0.19 -11.72
N ASN A 33 -5.82 1.14 -11.66
CA ASN A 33 -6.78 1.94 -12.43
C ASN A 33 -8.28 1.58 -12.31
N CYS A 34 -8.67 0.51 -11.62
CA CYS A 34 -10.07 0.17 -11.38
C CYS A 34 -10.79 1.22 -10.53
N LYS A 35 -12.12 1.21 -10.57
CA LYS A 35 -12.98 2.10 -9.77
C LYS A 35 -13.34 1.49 -8.42
N SER A 36 -13.21 2.31 -7.38
CA SER A 36 -13.64 2.00 -6.01
C SER A 36 -15.08 2.44 -5.73
N ASN A 37 -15.68 1.96 -4.64
CA ASN A 37 -16.99 2.41 -4.16
C ASN A 37 -16.79 3.68 -3.31
N ASP A 38 -16.73 4.84 -3.99
CA ASP A 38 -16.49 6.17 -3.39
C ASP A 38 -15.28 6.21 -2.43
N GLY A 39 -14.15 5.65 -2.86
CA GLY A 39 -12.92 5.57 -2.07
C GLY A 39 -12.90 4.51 -0.98
N LYS A 40 -13.82 3.54 -1.01
CA LYS A 40 -13.81 2.33 -0.20
C LYS A 40 -13.71 1.09 -1.09
N ILE A 41 -12.95 0.08 -0.65
CA ILE A 41 -12.77 -1.20 -1.35
C ILE A 41 -14.11 -1.96 -1.43
N GLU A 42 -14.40 -2.57 -2.59
CA GLU A 42 -15.71 -3.16 -2.89
C GLU A 42 -15.71 -4.70 -2.94
N GLY A 43 -14.64 -5.33 -3.45
CA GLY A 43 -14.61 -6.78 -3.73
C GLY A 43 -13.53 -7.60 -3.03
N LEU A 44 -12.58 -6.98 -2.33
CA LEU A 44 -11.45 -7.68 -1.73
C LEU A 44 -11.89 -8.48 -0.49
N THR A 45 -11.36 -9.70 -0.33
CA THR A 45 -11.83 -10.70 0.66
C THR A 45 -10.69 -11.35 1.44
N ALA A 46 -10.98 -11.81 2.66
CA ALA A 46 -10.06 -12.56 3.52
C ALA A 46 -9.72 -13.96 2.98
N GLU A 47 -10.33 -14.41 1.88
CA GLU A 47 -9.90 -15.63 1.19
C GLU A 47 -8.50 -15.50 0.52
N PHE A 48 -7.97 -14.28 0.37
CA PHE A 48 -6.60 -14.00 -0.10
C PHE A 48 -5.50 -14.35 0.95
N VAL A 49 -5.65 -15.45 1.71
CA VAL A 49 -4.77 -15.85 2.84
C VAL A 49 -3.33 -16.21 2.43
N ASN A 50 -3.06 -16.36 1.12
CA ASN A 50 -1.76 -16.67 0.55
C ASN A 50 -1.16 -15.52 -0.29
N LEU A 51 -1.82 -14.35 -0.30
CA LEU A 51 -1.37 -13.17 -1.01
C LEU A 51 -0.16 -12.53 -0.31
N GLU A 52 0.93 -12.34 -1.04
CA GLU A 52 2.16 -11.67 -0.58
C GLU A 52 2.32 -10.25 -1.16
N PHE A 53 1.72 -10.01 -2.34
CA PHE A 53 1.70 -8.72 -3.05
C PHE A 53 0.29 -8.26 -3.44
N LEU A 54 -0.01 -6.98 -3.20
CA LEU A 54 -1.24 -6.30 -3.64
C LEU A 54 -0.93 -4.92 -4.23
N SER A 55 -1.42 -4.64 -5.45
CA SER A 55 -1.36 -3.31 -6.07
C SER A 55 -2.76 -2.72 -6.30
N LEU A 56 -2.96 -1.49 -5.81
CA LEU A 56 -4.16 -0.68 -5.90
C LEU A 56 -3.75 0.77 -6.25
N ILE A 57 -2.99 0.94 -7.33
CA ILE A 57 -2.47 2.26 -7.77
C ILE A 57 -3.46 2.95 -8.71
N ASN A 58 -3.60 4.27 -8.58
CA ASN A 58 -4.45 5.16 -9.39
C ASN A 58 -5.93 4.72 -9.51
N VAL A 59 -6.38 3.97 -8.50
CA VAL A 59 -7.80 3.61 -8.28
C VAL A 59 -8.56 4.77 -7.61
N GLY A 60 -7.82 5.75 -7.07
CA GLY A 60 -8.38 6.96 -6.46
C GLY A 60 -9.01 6.74 -5.08
N LEU A 61 -8.54 5.72 -4.34
CA LEU A 61 -9.09 5.34 -3.03
C LEU A 61 -8.88 6.44 -1.98
N ILE A 62 -9.75 6.50 -0.97
CA ILE A 62 -9.71 7.52 0.09
C ILE A 62 -9.52 6.86 1.47
N SER A 63 -10.01 5.64 1.66
CA SER A 63 -10.00 4.91 2.92
C SER A 63 -9.50 3.45 2.79
N VAL A 64 -8.68 3.03 3.75
CA VAL A 64 -8.16 1.66 3.89
C VAL A 64 -9.08 0.74 4.73
N SER A 65 -10.20 1.25 5.24
CA SER A 65 -11.05 0.55 6.23
C SER A 65 -11.69 -0.75 5.74
N ASN A 66 -11.95 -0.87 4.44
CA ASN A 66 -12.54 -2.06 3.83
C ASN A 66 -11.51 -3.16 3.44
N LEU A 67 -10.23 -2.99 3.79
CA LEU A 67 -9.24 -4.07 3.63
C LEU A 67 -9.61 -5.30 4.49
N PRO A 68 -9.47 -6.53 3.95
CA PRO A 68 -9.56 -7.75 4.74
C PRO A 68 -8.23 -8.01 5.49
N LYS A 69 -8.23 -8.94 6.46
CA LYS A 69 -6.98 -9.43 7.07
C LYS A 69 -6.21 -10.25 6.03
N LEU A 70 -4.93 -9.88 5.80
CA LEU A 70 -4.02 -10.57 4.89
C LEU A 70 -2.73 -10.90 5.65
N PRO A 71 -2.64 -12.09 6.28
CA PRO A 71 -1.57 -12.43 7.21
C PRO A 71 -0.23 -12.74 6.53
N LYS A 72 -0.19 -12.87 5.19
CA LYS A 72 1.03 -13.13 4.41
C LYS A 72 1.53 -11.93 3.59
N LEU A 73 0.72 -10.88 3.46
CA LEU A 73 1.02 -9.69 2.67
C LEU A 73 2.21 -8.91 3.25
N LYS A 74 3.38 -9.05 2.62
CA LYS A 74 4.57 -8.25 2.92
C LYS A 74 4.57 -6.93 2.16
N LYS A 75 3.88 -6.82 1.01
CA LYS A 75 4.00 -5.66 0.11
C LYS A 75 2.65 -5.14 -0.40
N LEU A 76 2.39 -3.86 -0.14
CA LEU A 76 1.19 -3.14 -0.55
C LEU A 76 1.57 -1.86 -1.30
N GLU A 77 1.02 -1.69 -2.50
CA GLU A 77 1.11 -0.45 -3.27
C GLU A 77 -0.25 0.26 -3.35
N LEU A 78 -0.31 1.47 -2.76
CA LEU A 78 -1.50 2.34 -2.69
C LEU A 78 -1.20 3.76 -3.18
N SER A 79 -0.41 3.86 -4.25
CA SER A 79 0.03 5.12 -4.83
C SER A 79 -1.04 5.78 -5.71
N GLU A 80 -0.89 7.08 -5.98
CA GLU A 80 -1.79 7.89 -6.84
C GLU A 80 -3.26 7.92 -6.36
N ASN A 81 -3.49 7.67 -5.08
CA ASN A 81 -4.78 7.67 -4.40
C ASN A 81 -5.02 8.99 -3.63
N ARG A 82 -6.18 9.12 -2.97
CA ARG A 82 -6.65 10.32 -2.23
C ARG A 82 -6.55 10.17 -0.70
N ILE A 83 -5.90 9.10 -0.21
CA ILE A 83 -5.80 8.73 1.21
C ILE A 83 -5.07 9.84 1.99
N PHE A 84 -5.62 10.25 3.13
CA PHE A 84 -5.10 11.37 3.95
C PHE A 84 -4.66 10.96 5.36
N GLY A 85 -4.78 9.68 5.74
CA GLY A 85 -4.41 9.16 7.05
C GLY A 85 -5.07 7.79 7.34
N GLY A 86 -5.27 7.48 8.62
CA GLY A 86 -5.97 6.25 9.06
C GLY A 86 -5.14 4.96 8.93
N LEU A 87 -3.81 5.06 8.83
CA LEU A 87 -2.94 3.91 8.54
C LEU A 87 -2.84 2.89 9.71
N ASP A 88 -3.49 3.14 10.84
CA ASP A 88 -3.67 2.17 11.94
C ASP A 88 -4.48 0.93 11.52
N MET A 89 -5.32 1.05 10.50
CA MET A 89 -5.99 -0.10 9.89
C MET A 89 -5.01 -1.02 9.14
N LEU A 90 -3.93 -0.49 8.55
CA LEU A 90 -2.88 -1.31 7.94
C LEU A 90 -2.13 -2.12 9.02
N ALA A 91 -1.87 -1.52 10.18
CA ALA A 91 -1.18 -2.15 11.30
C ALA A 91 -1.92 -3.42 11.84
N GLU A 92 -3.25 -3.42 11.88
CA GLU A 92 -4.04 -4.59 12.33
C GLU A 92 -4.32 -5.62 11.21
N LYS A 93 -4.57 -5.17 9.97
CA LYS A 93 -4.89 -6.05 8.84
C LYS A 93 -3.69 -6.80 8.28
N LEU A 94 -2.53 -6.14 8.28
CA LEU A 94 -1.28 -6.55 7.62
C LEU A 94 -0.13 -6.60 8.65
N PRO A 95 -0.20 -7.48 9.67
CA PRO A 95 0.70 -7.43 10.84
C PRO A 95 2.20 -7.60 10.57
N ASN A 96 2.59 -8.17 9.42
CA ASN A 96 3.99 -8.35 9.00
C ASN A 96 4.34 -7.67 7.65
N LEU A 97 3.62 -6.60 7.32
CA LEU A 97 3.89 -5.73 6.16
C LEU A 97 5.32 -5.15 6.23
N THR A 98 6.08 -5.32 5.15
CA THR A 98 7.47 -4.82 5.01
C THR A 98 7.59 -3.66 4.04
N HIS A 99 6.75 -3.59 3.02
CA HIS A 99 6.79 -2.59 1.97
C HIS A 99 5.43 -1.91 1.81
N LEU A 100 5.42 -0.58 1.87
CA LEU A 100 4.20 0.23 1.83
C LEU A 100 4.40 1.47 0.96
N ASN A 101 3.91 1.45 -0.28
CA ASN A 101 4.09 2.55 -1.22
C ASN A 101 2.85 3.46 -1.21
N LEU A 102 3.05 4.72 -0.84
CA LEU A 102 2.02 5.72 -0.54
C LEU A 102 2.24 7.04 -1.32
N SER A 103 2.89 6.99 -2.49
CA SER A 103 3.14 8.17 -3.33
C SER A 103 1.84 8.81 -3.86
N GLY A 104 1.83 10.11 -4.12
CA GLY A 104 0.69 10.85 -4.66
C GLY A 104 -0.53 10.96 -3.73
N ASN A 105 -0.48 10.36 -2.53
CA ASN A 105 -1.51 10.42 -1.51
C ASN A 105 -1.66 11.86 -0.94
N LYS A 106 -2.71 12.09 -0.14
CA LYS A 106 -3.01 13.36 0.55
C LYS A 106 -2.40 13.40 1.97
N LEU A 107 -1.31 12.64 2.18
CA LEU A 107 -0.54 12.60 3.41
C LEU A 107 0.20 13.93 3.56
N LYS A 108 -0.13 14.70 4.61
CA LYS A 108 0.27 16.11 4.80
C LYS A 108 1.16 16.34 6.05
N ASP A 109 1.19 15.38 6.96
CA ASP A 109 1.84 15.48 8.27
C ASP A 109 2.56 14.19 8.65
N ILE A 110 3.64 14.31 9.42
CA ILE A 110 4.35 13.16 10.02
C ILE A 110 3.42 12.33 10.92
N SER A 111 2.45 12.96 11.58
CA SER A 111 1.43 12.31 12.41
C SER A 111 0.50 11.36 11.61
N THR A 112 0.42 11.46 10.28
CA THR A 112 -0.29 10.45 9.45
C THR A 112 0.45 9.12 9.36
N LEU A 113 1.74 9.11 9.70
CA LEU A 113 2.65 7.97 9.61
C LEU A 113 2.85 7.34 10.99
N GLU A 114 2.36 8.00 12.04
CA GLU A 114 2.45 7.59 13.44
C GLU A 114 1.97 6.15 13.71
N PRO A 115 0.81 5.69 13.20
CA PRO A 115 0.39 4.32 13.47
C PRO A 115 1.20 3.24 12.74
N LEU A 116 2.09 3.61 11.81
CA LEU A 116 3.05 2.67 11.22
C LEU A 116 4.13 2.22 12.23
N LYS A 117 4.27 2.90 13.38
CA LYS A 117 5.13 2.49 14.51
C LYS A 117 4.79 1.08 15.01
N LYS A 118 3.51 0.67 14.90
CA LYS A 118 3.01 -0.65 15.34
C LYS A 118 3.65 -1.80 14.56
N LEU A 119 3.92 -1.60 13.26
CA LEU A 119 4.49 -2.59 12.36
C LEU A 119 6.01 -2.68 12.52
N GLU A 120 6.44 -3.58 13.40
CA GLU A 120 7.85 -3.88 13.63
C GLU A 120 8.58 -4.52 12.42
N CYS A 121 7.83 -4.85 11.36
CA CYS A 121 8.34 -5.45 10.13
C CYS A 121 8.58 -4.44 9.00
N LEU A 122 8.03 -3.22 9.10
CA LEU A 122 8.04 -2.23 8.02
C LEU A 122 9.47 -1.76 7.70
N LYS A 123 9.92 -2.08 6.49
CA LYS A 123 11.30 -1.94 5.99
C LYS A 123 11.44 -0.85 4.91
N SER A 124 10.43 -0.68 4.06
CA SER A 124 10.43 0.30 2.96
C SER A 124 9.10 1.07 2.83
N LEU A 125 9.21 2.36 2.53
CA LEU A 125 8.11 3.33 2.44
C LEU A 125 8.34 4.31 1.26
N ASP A 126 7.30 4.65 0.49
CA ASP A 126 7.38 5.71 -0.52
C ASP A 126 6.29 6.76 -0.27
N LEU A 127 6.64 8.04 -0.38
CA LEU A 127 5.80 9.21 -0.15
C LEU A 127 6.02 10.30 -1.23
N PHE A 128 6.49 9.92 -2.43
CA PHE A 128 6.74 10.86 -3.52
C PHE A 128 5.51 11.73 -3.81
N ASN A 129 5.71 13.04 -4.01
CA ASN A 129 4.66 14.03 -4.26
C ASN A 129 3.55 14.12 -3.17
N CYS A 130 3.84 13.73 -1.92
CA CYS A 130 2.92 13.93 -0.78
C CYS A 130 3.21 15.26 -0.08
N GLU A 131 2.19 15.93 0.47
CA GLU A 131 2.35 17.23 1.15
C GLU A 131 3.26 17.15 2.39
N VAL A 132 3.31 16.01 3.05
CA VAL A 132 4.25 15.70 4.15
C VAL A 132 5.72 15.83 3.73
N THR A 133 6.04 15.71 2.44
CA THR A 133 7.40 15.89 1.90
C THR A 133 7.81 17.35 1.70
N ASN A 134 6.89 18.30 1.92
CA ASN A 134 7.19 19.74 1.89
C ASN A 134 7.67 20.31 3.25
N LEU A 135 7.56 19.50 4.32
CA LEU A 135 7.96 19.84 5.68
C LEU A 135 9.49 20.01 5.83
N ASN A 136 9.90 20.81 6.82
CA ASN A 136 11.31 21.00 7.15
C ASN A 136 11.91 19.69 7.69
N ASP A 137 13.06 19.27 7.14
CA ASP A 137 13.77 18.02 7.48
C ASP A 137 12.88 16.75 7.48
N TYR A 138 11.85 16.70 6.62
CA TYR A 138 10.78 15.68 6.66
C TYR A 138 11.33 14.24 6.70
N ARG A 139 12.38 13.93 5.91
CA ARG A 139 12.94 12.60 5.74
C ARG A 139 13.50 12.03 7.05
N GLU A 140 14.17 12.87 7.82
CA GLU A 140 14.60 12.54 9.19
C GLU A 140 13.42 12.46 10.15
N SER A 141 12.39 13.30 9.98
CA SER A 141 11.17 13.27 10.79
C SER A 141 10.31 12.02 10.60
N VAL A 142 10.46 11.30 9.48
CA VAL A 142 9.86 9.96 9.28
C VAL A 142 10.71 8.87 9.92
N PHE A 143 12.04 8.90 9.75
CA PHE A 143 12.93 7.88 10.33
C PHE A 143 13.03 7.94 11.86
N LYS A 144 12.95 9.14 12.45
CA LYS A 144 12.93 9.31 13.92
C LYS A 144 11.60 8.83 14.53
N LEU A 145 10.52 8.91 13.75
CA LEU A 145 9.20 8.41 14.10
C LEU A 145 9.13 6.87 14.00
N LEU A 146 9.73 6.30 12.95
CA LEU A 146 9.69 4.88 12.62
C LEU A 146 11.12 4.29 12.61
N PRO A 147 11.74 4.05 13.79
CA PRO A 147 13.14 3.63 13.90
C PRO A 147 13.44 2.25 13.30
N GLN A 148 12.41 1.44 13.00
CA GLN A 148 12.52 0.15 12.33
C GLN A 148 12.64 0.27 10.79
N LEU A 149 12.28 1.42 10.20
CA LEU A 149 12.28 1.66 8.76
C LEU A 149 13.70 1.78 8.19
N THR A 150 13.98 1.13 7.06
CA THR A 150 15.30 1.12 6.38
C THR A 150 15.32 2.01 5.14
N TYR A 151 14.22 2.06 4.38
CA TYR A 151 14.09 2.82 3.13
C TYR A 151 12.94 3.83 3.15
N LEU A 152 13.21 5.00 2.58
CA LEU A 152 12.26 6.09 2.35
C LEU A 152 12.56 6.79 1.00
N ASP A 153 11.59 6.79 0.10
CA ASP A 153 11.68 7.32 -1.27
C ASP A 153 12.83 6.69 -2.10
N GLY A 154 12.95 5.36 -2.04
CA GLY A 154 13.94 4.57 -2.78
C GLY A 154 15.38 4.68 -2.26
N TYR A 155 15.65 5.57 -1.30
CA TYR A 155 16.93 5.77 -0.63
C TYR A 155 16.88 5.23 0.81
N ASP A 156 18.03 4.90 1.41
CA ASP A 156 18.13 4.31 2.73
C ASP A 156 18.34 5.34 3.87
N ARG A 157 18.54 4.85 5.10
CA ARG A 157 18.89 5.60 6.32
C ARG A 157 20.22 6.38 6.22
N GLU A 158 21.09 6.02 5.29
CA GLU A 158 22.37 6.68 4.99
C GLU A 158 22.29 7.63 3.79
N ASP A 159 21.10 7.86 3.23
CA ASP A 159 20.84 8.66 2.02
C ASP A 159 21.54 8.11 0.76
N GLN A 160 21.55 6.78 0.60
CA GLN A 160 22.06 6.06 -0.57
C GLN A 160 20.94 5.27 -1.26
N GLU A 161 20.94 5.20 -2.59
CA GLU A 161 19.87 4.54 -3.37
C GLU A 161 19.84 3.01 -3.17
N ALA A 162 18.65 2.42 -3.25
CA ALA A 162 18.44 0.98 -3.16
C ALA A 162 19.10 0.18 -4.30
N PRO A 163 19.45 -1.11 -4.07
CA PRO A 163 20.02 -1.99 -5.09
C PRO A 163 18.99 -2.40 -6.15
N ASP A 164 19.47 -2.66 -7.36
CA ASP A 164 18.65 -3.13 -8.49
C ASP A 164 18.34 -4.65 -8.40
N SER A 165 19.23 -5.43 -7.77
CA SER A 165 19.15 -6.89 -7.71
C SER A 165 18.29 -7.44 -6.55
N ASP A 166 17.95 -6.60 -5.56
CA ASP A 166 17.22 -6.99 -4.34
C ASP A 166 16.12 -5.94 -4.03
N ALA A 167 16.08 -5.43 -2.79
CA ALA A 167 15.09 -4.48 -2.25
C ALA A 167 13.60 -4.89 -2.41
N GLU A 168 13.32 -6.18 -2.61
CA GLU A 168 11.98 -6.74 -2.91
C GLU A 168 11.15 -7.17 -1.70
N GLY A 1 -14.24 -13.97 -26.21
CA GLY A 1 -13.46 -13.91 -24.95
C GLY A 1 -12.85 -12.52 -24.75
N SER A 2 -12.78 -12.08 -23.48
CA SER A 2 -12.32 -10.73 -23.09
C SER A 2 -11.34 -10.77 -21.91
N SER A 3 -10.48 -9.75 -21.81
CA SER A 3 -9.38 -9.65 -20.82
C SER A 3 -9.43 -8.39 -19.94
N GLY A 4 -10.51 -7.58 -20.05
CA GLY A 4 -10.70 -6.33 -19.30
C GLY A 4 -9.85 -5.14 -19.79
N SER A 5 -10.09 -3.97 -19.19
CA SER A 5 -9.41 -2.71 -19.51
C SER A 5 -9.47 -1.71 -18.34
N SER A 6 -8.79 -0.57 -18.45
CA SER A 6 -8.84 0.54 -17.48
C SER A 6 -10.26 1.06 -17.27
N GLY A 7 -10.58 1.50 -16.05
CA GLY A 7 -11.90 1.95 -15.64
C GLY A 7 -12.88 0.84 -15.23
N MET A 8 -12.45 -0.43 -15.28
CA MET A 8 -13.20 -1.60 -14.77
C MET A 8 -13.38 -1.51 -13.24
N ASP A 9 -14.55 -1.90 -12.73
CA ASP A 9 -14.80 -1.94 -11.28
C ASP A 9 -13.93 -3.00 -10.57
N MET A 10 -13.55 -2.74 -9.32
CA MET A 10 -12.73 -3.65 -8.51
C MET A 10 -13.36 -5.04 -8.38
N LYS A 11 -14.67 -5.11 -8.10
CA LYS A 11 -15.49 -6.35 -8.12
C LYS A 11 -15.42 -7.12 -9.44
N ARG A 12 -15.33 -6.41 -10.57
CA ARG A 12 -15.24 -7.01 -11.92
C ARG A 12 -13.84 -7.52 -12.21
N ARG A 13 -12.79 -6.78 -11.84
CA ARG A 13 -11.41 -7.23 -12.06
C ARG A 13 -11.04 -8.42 -11.18
N ILE A 14 -11.52 -8.44 -9.94
CA ILE A 14 -11.41 -9.60 -9.03
C ILE A 14 -12.17 -10.81 -9.59
N HIS A 15 -13.27 -10.61 -10.31
CA HIS A 15 -13.97 -11.71 -11.00
C HIS A 15 -13.15 -12.24 -12.19
N LEU A 16 -12.57 -11.33 -12.99
CA LEU A 16 -11.70 -11.68 -14.12
C LEU A 16 -10.44 -12.44 -13.70
N GLU A 17 -9.72 -12.00 -12.67
CA GLU A 17 -8.47 -12.66 -12.26
C GLU A 17 -8.73 -14.08 -11.67
N LEU A 18 -9.85 -14.27 -10.96
CA LEU A 18 -10.31 -15.57 -10.43
C LEU A 18 -10.60 -16.65 -11.50
N ARG A 19 -10.71 -16.29 -12.79
CA ARG A 19 -10.81 -17.26 -13.90
C ARG A 19 -9.62 -18.22 -13.98
N ASN A 20 -8.50 -17.87 -13.33
CA ASN A 20 -7.27 -18.65 -13.29
C ASN A 20 -7.22 -19.63 -12.11
N ARG A 21 -7.49 -19.13 -10.88
CA ARG A 21 -7.51 -19.89 -9.61
C ARG A 21 -8.25 -19.14 -8.50
N THR A 22 -8.71 -19.89 -7.49
CA THR A 22 -9.34 -19.46 -6.23
C THR A 22 -8.51 -18.36 -5.52
N PRO A 23 -9.12 -17.38 -4.80
CA PRO A 23 -8.39 -16.29 -4.12
C PRO A 23 -7.36 -16.75 -3.07
N ALA A 24 -7.55 -17.93 -2.47
CA ALA A 24 -6.60 -18.50 -1.51
C ALA A 24 -5.34 -19.10 -2.18
N ALA A 25 -5.37 -19.29 -3.51
CA ALA A 25 -4.26 -19.79 -4.31
C ALA A 25 -3.41 -18.66 -4.95
N VAL A 26 -3.74 -17.39 -4.67
CA VAL A 26 -3.14 -16.21 -5.31
C VAL A 26 -2.02 -15.65 -4.45
N ARG A 27 -0.82 -15.50 -5.02
CA ARG A 27 0.34 -14.84 -4.38
C ARG A 27 0.47 -13.37 -4.78
N GLU A 28 0.16 -13.04 -6.02
CA GLU A 28 0.36 -11.70 -6.60
C GLU A 28 -0.90 -11.24 -7.33
N LEU A 29 -1.42 -10.06 -6.96
CA LEU A 29 -2.56 -9.43 -7.64
C LEU A 29 -2.36 -7.92 -7.81
N VAL A 30 -2.72 -7.39 -8.98
CA VAL A 30 -2.77 -5.97 -9.30
C VAL A 30 -4.16 -5.57 -9.79
N LEU A 31 -4.68 -4.49 -9.21
CA LEU A 31 -5.97 -3.84 -9.45
C LEU A 31 -5.74 -2.37 -9.87
N ASP A 32 -4.61 -2.10 -10.53
CA ASP A 32 -4.22 -0.82 -11.13
C ASP A 32 -5.26 -0.35 -12.16
N ASN A 33 -5.53 0.97 -12.18
CA ASN A 33 -6.54 1.60 -13.06
C ASN A 33 -8.00 1.07 -12.90
N CYS A 34 -8.31 0.29 -11.85
CA CYS A 34 -9.67 -0.08 -11.51
C CYS A 34 -10.42 1.05 -10.77
N LYS A 35 -11.75 0.94 -10.69
CA LYS A 35 -12.63 1.83 -9.91
C LYS A 35 -13.07 1.22 -8.59
N SER A 36 -13.17 2.05 -7.56
CA SER A 36 -13.70 1.69 -6.22
C SER A 36 -15.13 2.20 -6.01
N ASN A 37 -15.78 1.77 -4.93
CA ASN A 37 -17.08 2.31 -4.53
C ASN A 37 -16.86 3.63 -3.75
N ASP A 38 -16.72 4.74 -4.49
CA ASP A 38 -16.51 6.09 -3.97
C ASP A 38 -15.36 6.20 -2.94
N GLY A 39 -14.21 5.57 -3.24
CA GLY A 39 -13.03 5.55 -2.38
C GLY A 39 -13.08 4.60 -1.20
N LYS A 40 -14.00 3.63 -1.22
CA LYS A 40 -14.07 2.48 -0.32
C LYS A 40 -13.98 1.17 -1.12
N ILE A 41 -13.19 0.22 -0.63
CA ILE A 41 -13.05 -1.12 -1.21
C ILE A 41 -14.36 -1.91 -1.02
N GLU A 42 -14.75 -2.72 -2.01
CA GLU A 42 -15.93 -3.59 -1.91
C GLU A 42 -15.64 -5.06 -2.28
N GLY A 43 -14.84 -5.31 -3.33
CA GLY A 43 -14.61 -6.66 -3.86
C GLY A 43 -13.53 -7.48 -3.15
N LEU A 44 -12.57 -6.83 -2.48
CA LEU A 44 -11.45 -7.51 -1.83
C LEU A 44 -11.91 -8.25 -0.56
N THR A 45 -11.37 -9.44 -0.33
CA THR A 45 -11.84 -10.40 0.70
C THR A 45 -10.71 -11.02 1.51
N ALA A 46 -11.01 -11.44 2.74
CA ALA A 46 -10.12 -12.20 3.62
C ALA A 46 -9.78 -13.60 3.09
N GLU A 47 -10.43 -14.08 2.02
CA GLU A 47 -10.03 -15.32 1.34
C GLU A 47 -8.66 -15.22 0.63
N PHE A 48 -8.12 -14.00 0.43
CA PHE A 48 -6.77 -13.75 -0.09
C PHE A 48 -5.63 -14.07 0.92
N VAL A 49 -5.80 -15.08 1.78
CA VAL A 49 -4.90 -15.35 2.92
C VAL A 49 -3.43 -15.57 2.55
N ASN A 50 -3.14 -16.07 1.34
CA ASN A 50 -1.79 -16.32 0.83
C ASN A 50 -1.25 -15.21 -0.10
N LEU A 51 -1.97 -14.11 -0.27
CA LEU A 51 -1.53 -12.97 -1.06
C LEU A 51 -0.33 -12.30 -0.39
N GLU A 52 0.78 -12.20 -1.11
CA GLU A 52 2.03 -11.56 -0.66
C GLU A 52 2.24 -10.17 -1.30
N PHE A 53 1.64 -9.94 -2.47
CA PHE A 53 1.64 -8.68 -3.21
C PHE A 53 0.23 -8.21 -3.60
N LEU A 54 -0.08 -6.94 -3.34
CA LEU A 54 -1.30 -6.25 -3.77
C LEU A 54 -0.97 -4.87 -4.35
N SER A 55 -1.49 -4.56 -5.54
CA SER A 55 -1.43 -3.22 -6.15
C SER A 55 -2.81 -2.59 -6.35
N LEU A 56 -2.97 -1.34 -5.91
CA LEU A 56 -4.19 -0.53 -5.96
C LEU A 56 -3.81 0.92 -6.36
N ILE A 57 -3.11 1.08 -7.50
CA ILE A 57 -2.60 2.38 -7.96
C ILE A 57 -3.61 3.13 -8.84
N ASN A 58 -3.71 4.45 -8.60
CA ASN A 58 -4.58 5.42 -9.25
C ASN A 58 -6.06 5.02 -9.34
N VAL A 59 -6.48 4.15 -8.41
CA VAL A 59 -7.89 3.78 -8.18
C VAL A 59 -8.63 4.92 -7.47
N GLY A 60 -7.87 5.86 -6.89
CA GLY A 60 -8.39 7.06 -6.24
C GLY A 60 -9.04 6.78 -4.89
N LEU A 61 -8.57 5.76 -4.16
CA LEU A 61 -9.16 5.35 -2.88
C LEU A 61 -8.95 6.42 -1.80
N ILE A 62 -9.89 6.53 -0.86
CA ILE A 62 -9.85 7.53 0.22
C ILE A 62 -9.69 6.84 1.58
N SER A 63 -10.29 5.65 1.75
CA SER A 63 -10.37 4.94 3.03
C SER A 63 -9.75 3.54 2.95
N VAL A 64 -8.65 3.33 3.69
CA VAL A 64 -8.00 2.00 3.86
C VAL A 64 -8.81 1.05 4.75
N SER A 65 -9.83 1.55 5.44
CA SER A 65 -10.60 0.83 6.47
C SER A 65 -11.36 -0.41 5.96
N ASN A 66 -11.59 -0.51 4.65
CA ASN A 66 -12.24 -1.66 4.01
C ASN A 66 -11.25 -2.75 3.53
N LEU A 67 -9.94 -2.60 3.76
CA LEU A 67 -8.97 -3.67 3.54
C LEU A 67 -9.28 -4.87 4.48
N PRO A 68 -9.30 -6.12 3.97
CA PRO A 68 -9.41 -7.32 4.80
C PRO A 68 -8.09 -7.61 5.54
N LYS A 69 -8.11 -8.51 6.53
CA LYS A 69 -6.88 -9.03 7.13
C LYS A 69 -6.15 -9.92 6.12
N LEU A 70 -4.88 -9.61 5.85
CA LEU A 70 -4.00 -10.35 4.96
C LEU A 70 -2.67 -10.62 5.69
N PRO A 71 -2.53 -11.78 6.35
CA PRO A 71 -1.40 -12.04 7.25
C PRO A 71 -0.07 -12.26 6.51
N LYS A 72 -0.11 -12.55 5.20
CA LYS A 72 1.06 -12.87 4.37
C LYS A 72 1.49 -11.74 3.44
N LEU A 73 0.67 -10.69 3.30
CA LEU A 73 0.96 -9.51 2.50
C LEU A 73 2.20 -8.77 3.01
N LYS A 74 3.30 -8.93 2.28
CA LYS A 74 4.55 -8.21 2.48
C LYS A 74 4.57 -6.87 1.76
N LYS A 75 3.90 -6.77 0.61
CA LYS A 75 3.93 -5.56 -0.23
C LYS A 75 2.55 -5.04 -0.60
N LEU A 76 2.32 -3.75 -0.31
CA LEU A 76 1.12 -3.01 -0.67
C LEU A 76 1.46 -1.73 -1.46
N GLU A 77 1.07 -1.71 -2.72
CA GLU A 77 1.17 -0.54 -3.60
C GLU A 77 -0.13 0.28 -3.55
N LEU A 78 -0.12 1.43 -2.85
CA LEU A 78 -1.28 2.34 -2.70
C LEU A 78 -1.00 3.76 -3.23
N SER A 79 -0.26 3.85 -4.34
CA SER A 79 0.14 5.12 -4.94
C SER A 79 -1.02 5.82 -5.67
N GLU A 80 -0.90 7.15 -5.82
CA GLU A 80 -1.82 8.00 -6.61
C GLU A 80 -3.29 7.99 -6.11
N ASN A 81 -3.49 7.73 -4.82
CA ASN A 81 -4.79 7.69 -4.15
C ASN A 81 -5.09 9.00 -3.38
N ARG A 82 -6.27 9.09 -2.76
CA ARG A 82 -6.81 10.27 -2.05
C ARG A 82 -6.70 10.16 -0.51
N ILE A 83 -6.02 9.12 -0.01
CA ILE A 83 -5.87 8.79 1.42
C ILE A 83 -5.15 9.95 2.14
N PHE A 84 -5.67 10.38 3.29
CA PHE A 84 -5.15 11.51 4.08
C PHE A 84 -4.75 11.13 5.53
N GLY A 85 -4.91 9.86 5.91
CA GLY A 85 -4.60 9.33 7.25
C GLY A 85 -5.25 7.97 7.49
N GLY A 86 -5.47 7.60 8.75
CA GLY A 86 -6.15 6.36 9.14
C GLY A 86 -5.31 5.07 8.97
N LEU A 87 -3.99 5.20 8.81
CA LEU A 87 -3.08 4.09 8.48
C LEU A 87 -2.89 3.08 9.63
N ASP A 88 -3.48 3.32 10.81
CA ASP A 88 -3.58 2.36 11.92
C ASP A 88 -4.35 1.08 11.53
N MET A 89 -5.20 1.18 10.50
CA MET A 89 -5.83 0.01 9.87
C MET A 89 -4.79 -0.92 9.22
N LEU A 90 -3.76 -0.36 8.54
CA LEU A 90 -2.69 -1.18 7.93
C LEU A 90 -1.94 -1.98 9.01
N ALA A 91 -1.72 -1.37 10.17
CA ALA A 91 -1.04 -2.00 11.31
C ALA A 91 -1.78 -3.23 11.87
N GLU A 92 -3.11 -3.24 11.87
CA GLU A 92 -3.91 -4.38 12.38
C GLU A 92 -4.34 -5.39 11.30
N LYS A 93 -4.47 -4.96 10.04
CA LYS A 93 -4.86 -5.82 8.91
C LYS A 93 -3.67 -6.57 8.28
N LEU A 94 -2.50 -5.95 8.24
CA LEU A 94 -1.31 -6.40 7.50
C LEU A 94 -0.09 -6.61 8.44
N PRO A 95 -0.16 -7.55 9.41
CA PRO A 95 0.84 -7.66 10.49
C PRO A 95 2.29 -7.95 10.05
N ASN A 96 2.49 -8.54 8.86
CA ASN A 96 3.81 -8.88 8.32
C ASN A 96 4.22 -8.01 7.10
N LEU A 97 3.63 -6.82 6.95
CA LEU A 97 3.93 -5.88 5.87
C LEU A 97 5.38 -5.35 5.98
N THR A 98 6.14 -5.48 4.90
CA THR A 98 7.55 -5.04 4.79
C THR A 98 7.74 -3.88 3.81
N HIS A 99 6.91 -3.78 2.78
CA HIS A 99 7.01 -2.78 1.72
C HIS A 99 5.67 -2.04 1.53
N LEU A 100 5.67 -0.71 1.58
CA LEU A 100 4.46 0.11 1.48
C LEU A 100 4.70 1.37 0.62
N ASN A 101 3.92 1.55 -0.44
CA ASN A 101 3.98 2.74 -1.29
C ASN A 101 2.81 3.68 -0.95
N LEU A 102 3.09 4.90 -0.49
CA LEU A 102 2.11 5.93 -0.15
C LEU A 102 2.25 7.21 -1.03
N SER A 103 3.08 7.16 -2.06
CA SER A 103 3.27 8.23 -3.05
C SER A 103 1.97 8.77 -3.65
N GLY A 104 1.92 10.08 -3.91
CA GLY A 104 0.76 10.79 -4.46
C GLY A 104 -0.48 10.86 -3.55
N ASN A 105 -0.44 10.27 -2.35
CA ASN A 105 -1.51 10.37 -1.34
C ASN A 105 -1.63 11.82 -0.81
N LYS A 106 -2.72 12.12 -0.10
CA LYS A 106 -3.03 13.43 0.53
C LYS A 106 -2.43 13.55 1.94
N LEU A 107 -1.34 12.83 2.20
CA LEU A 107 -0.62 12.82 3.46
C LEU A 107 0.14 14.15 3.63
N LYS A 108 -0.17 14.88 4.70
CA LYS A 108 0.25 16.27 4.94
C LYS A 108 1.24 16.41 6.11
N ASP A 109 1.29 15.42 6.99
CA ASP A 109 2.08 15.46 8.23
C ASP A 109 2.74 14.14 8.59
N ILE A 110 3.70 14.23 9.49
CA ILE A 110 4.38 13.09 10.14
C ILE A 110 3.41 12.31 11.04
N SER A 111 2.42 12.97 11.66
CA SER A 111 1.40 12.34 12.51
C SER A 111 0.50 11.35 11.77
N THR A 112 0.37 11.47 10.45
CA THR A 112 -0.29 10.46 9.59
C THR A 112 0.50 9.16 9.45
N LEU A 113 1.80 9.18 9.76
CA LEU A 113 2.75 8.08 9.58
C LEU A 113 3.08 7.40 10.92
N GLU A 114 2.79 8.07 12.05
CA GLU A 114 2.82 7.55 13.42
C GLU A 114 2.28 6.12 13.57
N PRO A 115 1.09 5.73 13.06
CA PRO A 115 0.60 4.36 13.22
C PRO A 115 1.44 3.28 12.53
N LEU A 116 2.35 3.63 11.61
CA LEU A 116 3.23 2.66 10.96
C LEU A 116 4.33 2.12 11.91
N LYS A 117 4.57 2.76 13.09
CA LYS A 117 5.54 2.26 14.09
C LYS A 117 5.07 0.99 14.82
N LYS A 118 3.77 0.65 14.72
CA LYS A 118 3.22 -0.63 15.20
C LYS A 118 3.81 -1.84 14.44
N LEU A 119 4.01 -1.71 13.14
CA LEU A 119 4.51 -2.76 12.24
C LEU A 119 6.01 -2.94 12.38
N GLU A 120 6.39 -3.88 13.24
CA GLU A 120 7.80 -4.26 13.48
C GLU A 120 8.51 -4.84 12.24
N CYS A 121 7.77 -5.11 11.17
CA CYS A 121 8.28 -5.65 9.90
C CYS A 121 8.55 -4.58 8.84
N LEU A 122 8.00 -3.37 8.96
CA LEU A 122 8.03 -2.37 7.88
C LEU A 122 9.47 -1.89 7.59
N LYS A 123 9.96 -2.26 6.39
CA LYS A 123 11.36 -2.15 5.96
C LYS A 123 11.54 -1.07 4.88
N SER A 124 10.56 -0.91 3.99
CA SER A 124 10.57 0.11 2.93
C SER A 124 9.24 0.87 2.83
N LEU A 125 9.33 2.18 2.61
CA LEU A 125 8.20 3.13 2.55
C LEU A 125 8.40 4.15 1.41
N ASP A 126 7.34 4.73 0.83
CA ASP A 126 7.49 5.87 -0.08
C ASP A 126 6.42 6.97 0.11
N LEU A 127 6.80 8.22 -0.17
CA LEU A 127 6.03 9.45 0.05
C LEU A 127 6.15 10.44 -1.13
N PHE A 128 6.63 10.01 -2.31
CA PHE A 128 6.82 10.90 -3.47
C PHE A 128 5.57 11.76 -3.74
N ASN A 129 5.76 13.07 -3.95
CA ASN A 129 4.70 14.05 -4.23
C ASN A 129 3.57 14.11 -3.16
N CYS A 130 3.83 13.74 -1.90
CA CYS A 130 2.90 13.93 -0.79
C CYS A 130 3.10 15.31 -0.16
N GLU A 131 2.05 15.91 0.41
CA GLU A 131 2.14 17.28 0.96
C GLU A 131 3.08 17.38 2.18
N VAL A 132 3.19 16.30 2.96
CA VAL A 132 4.16 16.09 4.05
C VAL A 132 5.63 16.28 3.63
N THR A 133 5.94 16.12 2.34
CA THR A 133 7.30 16.31 1.80
C THR A 133 7.74 17.79 1.73
N ASN A 134 6.83 18.72 2.04
CA ASN A 134 7.11 20.16 2.18
C ASN A 134 7.58 20.56 3.59
N LEU A 135 7.50 19.66 4.58
CA LEU A 135 8.02 19.89 5.92
C LEU A 135 9.56 19.97 5.93
N ASN A 136 10.11 20.75 6.86
CA ASN A 136 11.57 20.76 7.09
C ASN A 136 12.03 19.41 7.67
N ASP A 137 13.16 18.90 7.19
CA ASP A 137 13.80 17.66 7.66
C ASP A 137 12.86 16.42 7.67
N TYR A 138 11.84 16.40 6.79
CA TYR A 138 10.74 15.42 6.86
C TYR A 138 11.21 13.96 6.85
N ARG A 139 12.19 13.60 6.02
CA ARG A 139 12.75 12.23 5.95
C ARG A 139 13.31 11.75 7.29
N GLU A 140 14.03 12.62 8.01
CA GLU A 140 14.50 12.34 9.37
C GLU A 140 13.33 12.23 10.36
N SER A 141 12.30 13.07 10.22
CA SER A 141 11.07 13.00 11.02
C SER A 141 10.24 11.72 10.79
N VAL A 142 10.46 11.02 9.68
CA VAL A 142 9.90 9.68 9.43
C VAL A 142 10.82 8.59 10.00
N PHE A 143 12.13 8.62 9.73
CA PHE A 143 13.05 7.58 10.24
C PHE A 143 13.18 7.58 11.77
N LYS A 144 13.12 8.74 12.42
CA LYS A 144 13.14 8.84 13.89
C LYS A 144 11.88 8.28 14.55
N LEU A 145 10.75 8.39 13.84
CA LEU A 145 9.43 7.89 14.25
C LEU A 145 9.24 6.40 13.96
N LEU A 146 9.84 5.91 12.87
CA LEU A 146 9.80 4.52 12.41
C LEU A 146 11.22 3.90 12.55
N PRO A 147 11.70 3.61 13.78
CA PRO A 147 13.07 3.15 14.02
C PRO A 147 13.40 1.76 13.47
N GLN A 148 12.39 1.03 12.98
CA GLN A 148 12.51 -0.25 12.28
C GLN A 148 12.68 -0.12 10.75
N LEU A 149 12.42 1.06 10.17
CA LEU A 149 12.45 1.33 8.73
C LEU A 149 13.88 1.44 8.18
N THR A 150 14.18 0.73 7.09
CA THR A 150 15.48 0.79 6.40
C THR A 150 15.47 1.80 5.26
N TYR A 151 14.38 1.85 4.48
CA TYR A 151 14.26 2.67 3.28
C TYR A 151 13.03 3.59 3.27
N LEU A 152 13.24 4.77 2.68
CA LEU A 152 12.21 5.78 2.45
C LEU A 152 12.40 6.39 1.06
N ASP A 153 11.38 6.40 0.22
CA ASP A 153 11.48 6.81 -1.19
C ASP A 153 12.54 6.02 -1.99
N GLY A 154 12.79 4.76 -1.59
CA GLY A 154 13.89 3.92 -2.10
C GLY A 154 15.30 4.35 -1.67
N TYR A 155 15.44 5.35 -0.80
CA TYR A 155 16.70 5.87 -0.26
C TYR A 155 16.82 5.62 1.26
N ASP A 156 18.02 5.25 1.73
CA ASP A 156 18.24 4.89 3.14
C ASP A 156 18.37 6.11 4.09
N ARG A 157 18.67 5.85 5.36
CA ARG A 157 18.93 6.86 6.40
C ARG A 157 20.12 7.79 6.10
N GLU A 158 21.11 7.31 5.35
CA GLU A 158 22.24 8.10 4.81
C GLU A 158 21.94 8.73 3.44
N ASP A 159 20.69 8.64 2.96
CA ASP A 159 20.21 9.18 1.69
C ASP A 159 20.98 8.66 0.45
N GLN A 160 21.19 7.34 0.41
CA GLN A 160 21.72 6.60 -0.74
C GLN A 160 20.70 5.56 -1.24
N GLU A 161 20.62 5.34 -2.55
CA GLU A 161 19.60 4.50 -3.17
C GLU A 161 19.78 3.00 -2.88
N ALA A 162 18.65 2.29 -2.76
CA ALA A 162 18.55 0.86 -2.45
C ALA A 162 18.84 -0.07 -3.65
N PRO A 163 19.14 -1.37 -3.40
CA PRO A 163 19.27 -2.37 -4.45
C PRO A 163 17.92 -2.81 -5.03
N ASP A 164 17.90 -3.09 -6.34
CA ASP A 164 16.69 -3.40 -7.11
C ASP A 164 16.00 -4.73 -6.69
N SER A 165 16.76 -5.68 -6.15
CA SER A 165 16.27 -7.03 -5.80
C SER A 165 15.54 -7.11 -4.44
N ASP A 166 15.57 -6.04 -3.63
CA ASP A 166 15.12 -6.06 -2.23
C ASP A 166 14.31 -4.80 -1.80
N ALA A 167 14.17 -3.81 -2.68
CA ALA A 167 13.51 -2.53 -2.41
C ALA A 167 12.83 -1.93 -3.67
N GLU A 168 12.31 -0.71 -3.55
CA GLU A 168 11.60 0.03 -4.62
C GLU A 168 12.51 0.49 -5.79
N GLY A 1 -13.98 -14.54 -24.07
CA GLY A 1 -13.39 -14.19 -22.75
C GLY A 1 -13.73 -12.76 -22.34
N SER A 2 -12.91 -12.17 -21.47
CA SER A 2 -13.04 -10.78 -20.99
C SER A 2 -11.67 -10.15 -20.71
N SER A 3 -11.59 -8.81 -20.75
CA SER A 3 -10.36 -8.01 -20.62
C SER A 3 -10.56 -6.78 -19.73
N GLY A 4 -9.48 -6.33 -19.09
CA GLY A 4 -9.48 -5.13 -18.23
C GLY A 4 -9.59 -3.83 -19.04
N SER A 5 -10.23 -2.81 -18.44
CA SER A 5 -10.45 -1.48 -19.03
C SER A 5 -10.34 -0.38 -17.96
N SER A 6 -9.99 0.84 -18.38
CA SER A 6 -9.89 2.01 -17.50
C SER A 6 -11.21 2.27 -16.78
N GLY A 7 -11.16 2.31 -15.44
CA GLY A 7 -12.34 2.49 -14.57
C GLY A 7 -13.26 1.26 -14.42
N MET A 8 -12.79 0.05 -14.77
CA MET A 8 -13.50 -1.21 -14.42
C MET A 8 -13.70 -1.28 -12.89
N ASP A 9 -14.86 -1.70 -12.40
CA ASP A 9 -15.09 -1.80 -10.95
C ASP A 9 -14.16 -2.85 -10.30
N MET A 10 -13.70 -2.59 -9.07
CA MET A 10 -12.73 -3.43 -8.37
C MET A 10 -13.17 -4.90 -8.28
N LYS A 11 -14.44 -5.16 -7.94
CA LYS A 11 -15.06 -6.50 -7.89
C LYS A 11 -15.04 -7.23 -9.24
N ARG A 12 -15.18 -6.48 -10.34
CA ARG A 12 -15.13 -7.00 -11.72
C ARG A 12 -13.69 -7.30 -12.15
N ARG A 13 -12.72 -6.48 -11.73
CA ARG A 13 -11.30 -6.74 -11.99
C ARG A 13 -10.78 -7.93 -11.18
N ILE A 14 -11.18 -8.05 -9.92
CA ILE A 14 -10.87 -9.20 -9.05
C ILE A 14 -11.29 -10.52 -9.74
N HIS A 15 -12.40 -10.52 -10.48
CA HIS A 15 -12.83 -11.70 -11.23
C HIS A 15 -11.85 -12.03 -12.37
N LEU A 16 -11.40 -11.02 -13.11
CA LEU A 16 -10.42 -11.21 -14.19
C LEU A 16 -9.10 -11.76 -13.63
N GLU A 17 -8.61 -11.18 -12.53
CA GLU A 17 -7.30 -11.49 -11.94
C GLU A 17 -7.24 -12.87 -11.25
N LEU A 18 -8.39 -13.39 -10.79
CA LEU A 18 -8.54 -14.77 -10.34
C LEU A 18 -8.27 -15.80 -11.44
N ARG A 19 -8.38 -15.41 -12.73
CA ARG A 19 -8.01 -16.09 -13.99
C ARG A 19 -8.57 -17.50 -14.21
N ASN A 20 -8.18 -18.43 -13.34
CA ASN A 20 -8.53 -19.85 -13.39
C ASN A 20 -8.49 -20.55 -12.01
N ARG A 21 -8.36 -19.80 -10.90
CA ARG A 21 -8.18 -20.33 -9.53
C ARG A 21 -9.01 -19.62 -8.46
N THR A 22 -9.11 -20.25 -7.29
CA THR A 22 -9.65 -19.69 -6.04
C THR A 22 -8.89 -18.43 -5.60
N PRO A 23 -9.52 -17.47 -4.90
CA PRO A 23 -8.80 -16.33 -4.31
C PRO A 23 -7.74 -16.74 -3.29
N ALA A 24 -7.89 -17.92 -2.66
CA ALA A 24 -6.91 -18.48 -1.73
C ALA A 24 -5.67 -19.08 -2.42
N ALA A 25 -5.71 -19.25 -3.75
CA ALA A 25 -4.60 -19.71 -4.57
C ALA A 25 -3.81 -18.57 -5.24
N VAL A 26 -4.17 -17.31 -4.98
CA VAL A 26 -3.55 -16.12 -5.58
C VAL A 26 -2.45 -15.55 -4.68
N ARG A 27 -1.25 -15.38 -5.24
CA ARG A 27 -0.06 -14.86 -4.57
C ARG A 27 0.28 -13.41 -4.93
N GLU A 28 -0.17 -12.93 -6.09
CA GLU A 28 0.11 -11.59 -6.62
C GLU A 28 -1.16 -11.04 -7.31
N LEU A 29 -1.66 -9.89 -6.86
CA LEU A 29 -2.90 -9.27 -7.37
C LEU A 29 -2.71 -7.79 -7.73
N VAL A 30 -3.16 -7.39 -8.92
CA VAL A 30 -3.09 -6.03 -9.44
C VAL A 30 -4.50 -5.52 -9.77
N LEU A 31 -4.88 -4.39 -9.16
CA LEU A 31 -6.16 -3.71 -9.31
C LEU A 31 -5.95 -2.25 -9.79
N ASP A 32 -4.85 -2.00 -10.50
CA ASP A 32 -4.48 -0.69 -11.07
C ASP A 32 -5.60 -0.11 -11.96
N ASN A 33 -5.80 1.22 -11.90
CA ASN A 33 -6.77 2.00 -12.69
C ASN A 33 -8.26 1.57 -12.60
N CYS A 34 -8.61 0.74 -11.61
CA CYS A 34 -9.97 0.26 -11.38
C CYS A 34 -10.74 1.16 -10.40
N LYS A 35 -12.08 1.15 -10.49
CA LYS A 35 -12.98 1.99 -9.67
C LYS A 35 -13.32 1.35 -8.34
N SER A 36 -13.30 2.19 -7.31
CA SER A 36 -13.74 1.87 -5.94
C SER A 36 -15.15 2.42 -5.65
N ASN A 37 -15.76 1.97 -4.55
CA ASN A 37 -17.04 2.50 -4.07
C ASN A 37 -16.79 3.75 -3.22
N ASP A 38 -16.80 4.93 -3.84
CA ASP A 38 -16.61 6.23 -3.18
C ASP A 38 -15.31 6.32 -2.35
N GLY A 39 -14.20 5.73 -2.84
CA GLY A 39 -12.92 5.68 -2.12
C GLY A 39 -12.88 4.72 -0.95
N LYS A 40 -13.77 3.71 -0.94
CA LYS A 40 -13.75 2.55 -0.04
C LYS A 40 -13.72 1.26 -0.88
N ILE A 41 -12.93 0.28 -0.44
CA ILE A 41 -12.77 -1.02 -1.13
C ILE A 41 -14.10 -1.79 -1.13
N GLU A 42 -14.43 -2.41 -2.27
CA GLU A 42 -15.76 -3.01 -2.51
C GLU A 42 -15.73 -4.52 -2.78
N GLY A 43 -14.72 -5.03 -3.48
CA GLY A 43 -14.64 -6.44 -3.91
C GLY A 43 -13.63 -7.32 -3.16
N LEU A 44 -12.66 -6.73 -2.46
CA LEU A 44 -11.57 -7.48 -1.80
C LEU A 44 -12.07 -8.24 -0.56
N THR A 45 -11.49 -9.41 -0.29
CA THR A 45 -11.98 -10.37 0.71
C THR A 45 -10.85 -11.08 1.47
N ALA A 46 -11.12 -11.51 2.70
CA ALA A 46 -10.21 -12.28 3.54
C ALA A 46 -9.91 -13.69 3.00
N GLU A 47 -10.56 -14.14 1.93
CA GLU A 47 -10.19 -15.38 1.24
C GLU A 47 -8.81 -15.29 0.54
N PHE A 48 -8.25 -14.09 0.36
CA PHE A 48 -6.89 -13.85 -0.16
C PHE A 48 -5.76 -14.19 0.85
N VAL A 49 -5.94 -15.20 1.71
CA VAL A 49 -5.04 -15.50 2.84
C VAL A 49 -3.57 -15.73 2.45
N ASN A 50 -3.32 -16.25 1.24
CA ASN A 50 -1.98 -16.55 0.73
C ASN A 50 -1.38 -15.44 -0.17
N LEU A 51 -2.02 -14.27 -0.26
CA LEU A 51 -1.58 -13.16 -1.08
C LEU A 51 -0.28 -12.52 -0.52
N GLU A 52 0.77 -12.46 -1.33
CA GLU A 52 2.06 -11.81 -0.98
C GLU A 52 2.06 -10.32 -1.36
N PHE A 53 1.41 -10.00 -2.49
CA PHE A 53 1.45 -8.70 -3.17
C PHE A 53 0.06 -8.19 -3.55
N LEU A 54 -0.18 -6.89 -3.34
CA LEU A 54 -1.39 -6.19 -3.75
C LEU A 54 -1.06 -4.79 -4.31
N SER A 55 -1.51 -4.50 -5.53
CA SER A 55 -1.48 -3.16 -6.12
C SER A 55 -2.89 -2.57 -6.21
N LEU A 56 -3.07 -1.39 -5.61
CA LEU A 56 -4.26 -0.55 -5.62
C LEU A 56 -3.86 0.88 -6.03
N ILE A 57 -3.16 0.99 -7.16
CA ILE A 57 -2.63 2.27 -7.68
C ILE A 57 -3.63 2.95 -8.63
N ASN A 58 -3.72 4.28 -8.55
CA ASN A 58 -4.58 5.16 -9.35
C ASN A 58 -6.06 4.73 -9.41
N VAL A 59 -6.50 4.04 -8.36
CA VAL A 59 -7.92 3.71 -8.09
C VAL A 59 -8.65 4.91 -7.46
N GLY A 60 -7.88 5.87 -6.93
CA GLY A 60 -8.40 7.10 -6.33
C GLY A 60 -9.03 6.90 -4.94
N LEU A 61 -8.55 5.90 -4.19
CA LEU A 61 -9.09 5.53 -2.87
C LEU A 61 -8.90 6.65 -1.84
N ILE A 62 -9.73 6.67 -0.79
CA ILE A 62 -9.67 7.67 0.28
C ILE A 62 -9.49 6.99 1.66
N SER A 63 -10.02 5.77 1.82
CA SER A 63 -10.08 5.05 3.10
C SER A 63 -9.56 3.61 2.96
N VAL A 64 -8.52 3.26 3.74
CA VAL A 64 -7.97 1.90 3.85
C VAL A 64 -8.80 0.97 4.75
N SER A 65 -9.85 1.50 5.39
CA SER A 65 -10.68 0.84 6.42
C SER A 65 -11.31 -0.48 5.97
N ASN A 66 -11.60 -0.63 4.67
CA ASN A 66 -12.23 -1.82 4.08
C ASN A 66 -11.23 -2.92 3.66
N LEU A 67 -9.93 -2.77 3.91
CA LEU A 67 -8.96 -3.85 3.70
C LEU A 67 -9.29 -5.06 4.61
N PRO A 68 -9.32 -6.30 4.08
CA PRO A 68 -9.42 -7.51 4.88
C PRO A 68 -8.08 -7.83 5.57
N LYS A 69 -8.08 -8.73 6.56
CA LYS A 69 -6.84 -9.28 7.13
C LYS A 69 -6.16 -10.20 6.09
N LEU A 70 -4.88 -9.92 5.82
CA LEU A 70 -4.03 -10.66 4.88
C LEU A 70 -2.70 -10.96 5.57
N PRO A 71 -2.54 -12.14 6.18
CA PRO A 71 -1.41 -12.44 7.06
C PRO A 71 -0.08 -12.63 6.31
N LYS A 72 -0.12 -12.95 5.00
CA LYS A 72 1.09 -13.13 4.18
C LYS A 72 1.50 -11.89 3.38
N LEU A 73 0.62 -10.91 3.24
CA LEU A 73 0.87 -9.71 2.43
C LEU A 73 2.03 -8.89 3.02
N LYS A 74 3.22 -9.06 2.42
CA LYS A 74 4.42 -8.31 2.79
C LYS A 74 4.56 -7.02 2.01
N LYS A 75 3.91 -6.90 0.85
CA LYS A 75 3.99 -5.72 -0.02
C LYS A 75 2.62 -5.20 -0.48
N LEU A 76 2.35 -3.93 -0.19
CA LEU A 76 1.16 -3.20 -0.58
C LEU A 76 1.54 -1.91 -1.31
N GLU A 77 0.95 -1.67 -2.47
CA GLU A 77 1.06 -0.38 -3.17
C GLU A 77 -0.29 0.34 -3.24
N LEU A 78 -0.35 1.55 -2.67
CA LEU A 78 -1.55 2.39 -2.56
C LEU A 78 -1.32 3.79 -3.14
N SER A 79 -0.65 3.83 -4.29
CA SER A 79 -0.14 5.06 -4.91
C SER A 79 -1.20 5.81 -5.72
N GLU A 80 -0.99 7.12 -5.93
CA GLU A 80 -1.86 7.99 -6.74
C GLU A 80 -3.33 8.07 -6.24
N ASN A 81 -3.53 7.80 -4.95
CA ASN A 81 -4.82 7.83 -4.25
C ASN A 81 -5.01 9.16 -3.47
N ARG A 82 -6.16 9.33 -2.82
CA ARG A 82 -6.61 10.54 -2.12
C ARG A 82 -6.55 10.41 -0.59
N ILE A 83 -5.93 9.34 -0.07
CA ILE A 83 -5.84 8.99 1.35
C ILE A 83 -5.09 10.08 2.11
N PHE A 84 -5.62 10.52 3.26
CA PHE A 84 -5.07 11.64 4.06
C PHE A 84 -4.73 11.27 5.52
N GLY A 85 -4.93 10.01 5.92
CA GLY A 85 -4.62 9.50 7.26
C GLY A 85 -5.27 8.14 7.53
N GLY A 86 -5.41 7.78 8.81
CA GLY A 86 -6.15 6.58 9.24
C GLY A 86 -5.45 5.24 8.97
N LEU A 87 -4.12 5.22 8.84
CA LEU A 87 -3.34 4.03 8.45
C LEU A 87 -3.18 2.97 9.57
N ASP A 88 -3.96 3.05 10.66
CA ASP A 88 -3.93 2.12 11.80
C ASP A 88 -4.58 0.77 11.49
N MET A 89 -5.40 0.69 10.43
CA MET A 89 -5.90 -0.59 9.93
C MET A 89 -4.77 -1.43 9.33
N LEU A 90 -3.81 -0.82 8.62
CA LEU A 90 -2.67 -1.55 8.03
C LEU A 90 -1.89 -2.33 9.10
N ALA A 91 -1.76 -1.76 10.30
CA ALA A 91 -1.06 -2.36 11.43
C ALA A 91 -1.72 -3.65 11.96
N GLU A 92 -3.06 -3.79 11.87
CA GLU A 92 -3.80 -4.98 12.34
C GLU A 92 -4.15 -5.97 11.21
N LYS A 93 -4.47 -5.46 10.02
CA LYS A 93 -4.79 -6.27 8.83
C LYS A 93 -3.58 -6.97 8.21
N LEU A 94 -2.43 -6.30 8.20
CA LEU A 94 -1.21 -6.71 7.48
C LEU A 94 -0.03 -6.92 8.46
N PRO A 95 -0.08 -7.91 9.36
CA PRO A 95 0.87 -8.05 10.47
C PRO A 95 2.33 -8.32 10.04
N ASN A 96 2.56 -8.81 8.80
CA ASN A 96 3.88 -9.09 8.22
C ASN A 96 4.28 -8.11 7.10
N LEU A 97 3.67 -6.92 7.04
CA LEU A 97 3.95 -5.90 6.03
C LEU A 97 5.39 -5.37 6.14
N THR A 98 6.18 -5.52 5.08
CA THR A 98 7.57 -5.04 4.96
C THR A 98 7.73 -3.90 3.97
N HIS A 99 6.88 -3.82 2.95
CA HIS A 99 6.95 -2.83 1.87
C HIS A 99 5.61 -2.12 1.70
N LEU A 100 5.62 -0.79 1.68
CA LEU A 100 4.40 0.03 1.59
C LEU A 100 4.62 1.27 0.70
N ASN A 101 3.93 1.35 -0.44
CA ASN A 101 3.94 2.56 -1.28
C ASN A 101 2.75 3.46 -0.95
N LEU A 102 3.02 4.69 -0.50
CA LEU A 102 2.05 5.73 -0.19
C LEU A 102 2.18 6.96 -1.12
N SER A 103 2.88 6.85 -2.25
CA SER A 103 3.18 8.00 -3.12
C SER A 103 1.92 8.64 -3.72
N GLY A 104 1.94 9.96 -3.93
CA GLY A 104 0.82 10.74 -4.48
C GLY A 104 -0.39 10.90 -3.55
N ASN A 105 -0.38 10.30 -2.35
CA ASN A 105 -1.43 10.42 -1.34
C ASN A 105 -1.53 11.87 -0.78
N LYS A 106 -2.64 12.17 -0.11
CA LYS A 106 -2.92 13.46 0.56
C LYS A 106 -2.41 13.50 2.01
N LEU A 107 -1.42 12.66 2.32
CA LEU A 107 -0.72 12.62 3.60
C LEU A 107 0.06 13.94 3.74
N LYS A 108 -0.27 14.74 4.77
CA LYS A 108 0.20 16.13 4.95
C LYS A 108 1.12 16.34 6.17
N ASP A 109 1.12 15.38 7.08
CA ASP A 109 1.77 15.46 8.39
C ASP A 109 2.49 14.16 8.75
N ILE A 110 3.59 14.27 9.50
CA ILE A 110 4.31 13.11 10.06
C ILE A 110 3.39 12.27 10.97
N SER A 111 2.43 12.91 11.65
CA SER A 111 1.42 12.25 12.50
C SER A 111 0.48 11.32 11.73
N THR A 112 0.39 11.41 10.40
CA THR A 112 -0.34 10.42 9.56
C THR A 112 0.38 9.08 9.44
N LEU A 113 1.68 9.07 9.76
CA LEU A 113 2.58 7.91 9.63
C LEU A 113 2.81 7.24 11.01
N GLU A 114 2.35 7.89 12.08
CA GLU A 114 2.39 7.42 13.47
C GLU A 114 1.85 5.99 13.66
N PRO A 115 0.71 5.58 13.09
CA PRO A 115 0.23 4.19 13.22
C PRO A 115 1.13 3.14 12.55
N LEU A 116 2.08 3.52 11.69
CA LEU A 116 3.05 2.59 11.12
C LEU A 116 4.15 2.17 12.13
N LYS A 117 4.27 2.85 13.28
CA LYS A 117 5.15 2.44 14.40
C LYS A 117 4.83 1.03 14.91
N LYS A 118 3.56 0.60 14.81
CA LYS A 118 3.07 -0.72 15.27
C LYS A 118 3.73 -1.87 14.51
N LEU A 119 3.98 -1.69 13.22
CA LEU A 119 4.58 -2.67 12.32
C LEU A 119 6.10 -2.71 12.47
N GLU A 120 6.57 -3.56 13.37
CA GLU A 120 7.99 -3.84 13.58
C GLU A 120 8.66 -4.52 12.35
N CYS A 121 7.87 -4.90 11.36
CA CYS A 121 8.33 -5.51 10.11
C CYS A 121 8.63 -4.48 9.00
N LEU A 122 8.08 -3.26 9.09
CA LEU A 122 8.13 -2.28 8.00
C LEU A 122 9.56 -1.85 7.66
N LYS A 123 10.01 -2.22 6.46
CA LYS A 123 11.40 -2.14 5.97
C LYS A 123 11.55 -1.03 4.93
N SER A 124 10.58 -0.89 4.03
CA SER A 124 10.60 0.03 2.89
C SER A 124 9.27 0.80 2.77
N LEU A 125 9.37 2.13 2.63
CA LEU A 125 8.25 3.07 2.55
C LEU A 125 8.45 4.05 1.38
N ASP A 126 7.38 4.56 0.75
CA ASP A 126 7.50 5.57 -0.31
C ASP A 126 6.41 6.63 -0.16
N LEU A 127 6.79 7.90 -0.27
CA LEU A 127 5.95 9.09 -0.05
C LEU A 127 6.18 10.15 -1.14
N PHE A 128 6.63 9.76 -2.34
CA PHE A 128 6.87 10.68 -3.46
C PHE A 128 5.63 11.54 -3.74
N ASN A 129 5.82 12.85 -3.91
CA ASN A 129 4.77 13.84 -4.20
C ASN A 129 3.61 13.87 -3.17
N CYS A 130 3.81 13.42 -1.92
CA CYS A 130 2.84 13.61 -0.84
C CYS A 130 2.88 15.06 -0.33
N GLU A 131 1.77 15.54 0.23
CA GLU A 131 1.67 16.90 0.78
C GLU A 131 2.65 17.12 1.96
N VAL A 132 2.96 16.05 2.70
CA VAL A 132 3.95 15.99 3.80
C VAL A 132 5.40 16.21 3.33
N THR A 133 5.70 16.02 2.04
CA THR A 133 7.04 16.31 1.47
C THR A 133 7.37 17.80 1.41
N ASN A 134 6.38 18.67 1.70
CA ASN A 134 6.58 20.12 1.87
C ASN A 134 7.18 20.49 3.25
N LEU A 135 7.24 19.56 4.21
CA LEU A 135 7.88 19.77 5.51
C LEU A 135 9.41 19.84 5.39
N ASN A 136 10.04 20.62 6.27
CA ASN A 136 11.50 20.76 6.31
C ASN A 136 12.14 19.46 6.83
N ASP A 137 13.17 18.96 6.12
CA ASP A 137 13.86 17.68 6.39
C ASP A 137 12.90 16.49 6.63
N TYR A 138 11.79 16.41 5.88
CA TYR A 138 10.69 15.46 6.16
C TYR A 138 11.16 14.00 6.30
N ARG A 139 12.09 13.53 5.47
CA ARG A 139 12.61 12.15 5.51
C ARG A 139 13.24 11.79 6.87
N GLU A 140 14.00 12.70 7.47
CA GLU A 140 14.53 12.52 8.82
C GLU A 140 13.41 12.44 9.86
N SER A 141 12.35 13.23 9.71
CA SER A 141 11.16 13.20 10.55
C SER A 141 10.32 11.93 10.40
N VAL A 142 10.47 11.18 9.30
CA VAL A 142 9.89 9.84 9.12
C VAL A 142 10.77 8.75 9.73
N PHE A 143 12.10 8.79 9.52
CA PHE A 143 13.03 7.82 10.10
C PHE A 143 13.10 7.89 11.63
N LYS A 144 13.02 9.11 12.21
CA LYS A 144 13.00 9.29 13.67
C LYS A 144 11.69 8.81 14.31
N LEU A 145 10.59 8.90 13.56
CA LEU A 145 9.27 8.39 13.94
C LEU A 145 9.21 6.85 13.88
N LEU A 146 9.77 6.25 12.83
CA LEU A 146 9.74 4.82 12.54
C LEU A 146 11.17 4.23 12.57
N PRO A 147 11.75 4.01 13.77
CA PRO A 147 13.15 3.60 13.92
C PRO A 147 13.46 2.21 13.34
N GLN A 148 12.46 1.40 13.01
CA GLN A 148 12.59 0.11 12.32
C GLN A 148 12.79 0.23 10.80
N LEU A 149 12.45 1.39 10.21
CA LEU A 149 12.46 1.60 8.75
C LEU A 149 13.88 1.64 8.16
N THR A 150 14.11 0.90 7.07
CA THR A 150 15.40 0.88 6.35
C THR A 150 15.41 1.85 5.18
N TYR A 151 14.35 1.89 4.37
CA TYR A 151 14.25 2.72 3.17
C TYR A 151 13.04 3.66 3.16
N LEU A 152 13.26 4.83 2.59
CA LEU A 152 12.26 5.86 2.31
C LEU A 152 12.53 6.53 0.96
N ASP A 153 11.53 6.53 0.08
CA ASP A 153 11.64 7.01 -1.31
C ASP A 153 12.79 6.33 -2.08
N GLY A 154 13.05 5.05 -1.78
CA GLY A 154 14.16 4.26 -2.33
C GLY A 154 15.56 4.58 -1.77
N TYR A 155 15.70 5.51 -0.83
CA TYR A 155 16.95 5.89 -0.16
C TYR A 155 16.94 5.55 1.34
N ASP A 156 18.10 5.21 1.91
CA ASP A 156 18.24 4.91 3.34
C ASP A 156 18.49 6.16 4.21
N ARG A 157 18.55 5.96 5.53
CA ARG A 157 18.85 7.00 6.53
C ARG A 157 20.29 7.55 6.47
N GLU A 158 21.14 7.01 5.60
CA GLU A 158 22.48 7.50 5.27
C GLU A 158 22.54 8.20 3.89
N ASP A 159 21.37 8.46 3.28
CA ASP A 159 21.18 9.10 1.97
C ASP A 159 21.81 8.33 0.79
N GLN A 160 21.78 6.99 0.84
CA GLN A 160 22.23 6.10 -0.23
C GLN A 160 21.06 5.28 -0.81
N GLU A 161 21.07 5.01 -2.12
CA GLU A 161 19.97 4.33 -2.82
C GLU A 161 19.94 2.81 -2.57
N ALA A 162 18.74 2.24 -2.57
CA ALA A 162 18.45 0.83 -2.31
C ALA A 162 18.85 -0.13 -3.45
N PRO A 163 19.04 -1.43 -3.15
CA PRO A 163 19.17 -2.50 -4.14
C PRO A 163 17.80 -2.84 -4.75
N ASP A 164 17.71 -3.94 -5.51
CA ASP A 164 16.45 -4.55 -6.00
C ASP A 164 15.76 -5.38 -4.90
N SER A 165 15.82 -4.85 -3.67
CA SER A 165 15.38 -5.46 -2.41
C SER A 165 16.05 -6.82 -2.09
N ASP A 166 17.28 -7.02 -2.60
CA ASP A 166 18.07 -8.25 -2.36
C ASP A 166 18.63 -8.35 -0.94
N ALA A 167 18.87 -7.21 -0.28
CA ALA A 167 19.25 -7.14 1.13
C ALA A 167 18.03 -7.30 2.06
N GLU A 168 18.19 -8.01 3.17
CA GLU A 168 17.12 -8.31 4.16
C GLU A 168 16.72 -7.09 5.01
N GLY A 1 -20.29 -8.17 -23.26
CA GLY A 1 -18.89 -8.39 -22.85
C GLY A 1 -18.16 -7.07 -22.56
N SER A 2 -17.15 -7.11 -21.70
CA SER A 2 -16.35 -5.95 -21.27
C SER A 2 -14.85 -6.26 -21.20
N SER A 3 -14.00 -5.26 -21.41
CA SER A 3 -12.53 -5.37 -21.42
C SER A 3 -11.83 -4.06 -20.98
N GLY A 4 -10.53 -4.16 -20.68
CA GLY A 4 -9.70 -3.05 -20.18
C GLY A 4 -9.79 -2.81 -18.68
N SER A 5 -8.74 -2.23 -18.09
CA SER A 5 -8.61 -2.03 -16.64
C SER A 5 -9.21 -0.69 -16.15
N SER A 6 -9.13 0.37 -16.95
CA SER A 6 -9.81 1.64 -16.65
C SER A 6 -11.30 1.57 -17.01
N GLY A 7 -12.14 2.13 -16.15
CA GLY A 7 -13.61 2.06 -16.25
C GLY A 7 -14.21 0.76 -15.70
N MET A 8 -13.38 -0.21 -15.32
CA MET A 8 -13.78 -1.44 -14.62
C MET A 8 -13.85 -1.21 -13.11
N ASP A 9 -14.88 -1.73 -12.45
CA ASP A 9 -14.98 -1.73 -10.98
C ASP A 9 -13.95 -2.67 -10.35
N MET A 10 -13.48 -2.35 -9.14
CA MET A 10 -12.52 -3.18 -8.39
C MET A 10 -13.03 -4.62 -8.21
N LYS A 11 -14.32 -4.78 -7.86
CA LYS A 11 -15.02 -6.07 -7.76
C LYS A 11 -15.01 -6.89 -9.06
N ARG A 12 -15.11 -6.20 -10.21
CA ARG A 12 -15.07 -6.82 -11.54
C ARG A 12 -13.65 -7.26 -11.91
N ARG A 13 -12.63 -6.47 -11.58
CA ARG A 13 -11.23 -6.87 -11.79
C ARG A 13 -10.81 -8.04 -10.91
N ILE A 14 -11.24 -8.04 -9.64
CA ILE A 14 -11.09 -9.19 -8.73
C ILE A 14 -11.76 -10.43 -9.35
N HIS A 15 -12.95 -10.27 -9.95
CA HIS A 15 -13.66 -11.37 -10.62
C HIS A 15 -12.88 -11.92 -11.82
N LEU A 16 -12.32 -11.03 -12.66
CA LEU A 16 -11.48 -11.37 -13.80
C LEU A 16 -10.23 -12.19 -13.42
N GLU A 17 -9.65 -11.96 -12.24
CA GLU A 17 -8.56 -12.78 -11.70
C GLU A 17 -9.05 -14.09 -11.08
N LEU A 18 -10.19 -14.08 -10.39
CA LEU A 18 -10.81 -15.26 -9.78
C LEU A 18 -11.41 -16.26 -10.80
N ARG A 19 -11.73 -15.81 -12.02
CA ARG A 19 -12.11 -16.68 -13.15
C ARG A 19 -11.05 -17.74 -13.49
N ASN A 20 -9.81 -17.54 -13.04
CA ASN A 20 -8.67 -18.43 -13.32
C ASN A 20 -8.29 -19.32 -12.12
N ARG A 21 -8.31 -18.81 -10.89
CA ARG A 21 -7.96 -19.56 -9.66
C ARG A 21 -8.67 -19.05 -8.40
N THR A 22 -8.74 -19.88 -7.36
CA THR A 22 -9.25 -19.58 -6.02
C THR A 22 -8.46 -18.42 -5.38
N PRO A 23 -9.07 -17.48 -4.63
CA PRO A 23 -8.36 -16.37 -3.97
C PRO A 23 -7.26 -16.83 -3.00
N ALA A 24 -7.41 -18.02 -2.39
CA ALA A 24 -6.41 -18.59 -1.48
C ALA A 24 -5.17 -19.14 -2.22
N ALA A 25 -5.24 -19.31 -3.54
CA ALA A 25 -4.12 -19.76 -4.37
C ALA A 25 -3.19 -18.60 -4.81
N VAL A 26 -3.60 -17.35 -4.59
CA VAL A 26 -2.95 -16.16 -5.15
C VAL A 26 -1.89 -15.58 -4.24
N ARG A 27 -0.73 -15.32 -4.85
CA ARG A 27 0.47 -14.71 -4.24
C ARG A 27 0.71 -13.27 -4.72
N GLU A 28 0.23 -12.92 -5.91
CA GLU A 28 0.37 -11.59 -6.51
C GLU A 28 -0.93 -11.14 -7.18
N LEU A 29 -1.49 -10.01 -6.76
CA LEU A 29 -2.74 -9.45 -7.30
C LEU A 29 -2.60 -7.97 -7.66
N VAL A 30 -3.07 -7.61 -8.87
CA VAL A 30 -3.02 -6.26 -9.42
C VAL A 30 -4.44 -5.80 -9.78
N LEU A 31 -4.83 -4.65 -9.23
CA LEU A 31 -6.14 -4.00 -9.38
C LEU A 31 -5.99 -2.53 -9.84
N ASP A 32 -4.91 -2.24 -10.58
CA ASP A 32 -4.56 -0.92 -11.12
C ASP A 32 -5.65 -0.32 -12.03
N ASN A 33 -5.73 1.02 -12.11
CA ASN A 33 -6.69 1.77 -12.94
C ASN A 33 -8.19 1.54 -12.65
N CYS A 34 -8.56 0.54 -11.85
CA CYS A 34 -9.94 0.17 -11.56
C CYS A 34 -10.61 1.15 -10.58
N LYS A 35 -11.95 1.15 -10.59
CA LYS A 35 -12.80 2.13 -9.90
C LYS A 35 -13.29 1.59 -8.56
N SER A 36 -13.10 2.37 -7.49
CA SER A 36 -13.45 2.02 -6.12
C SER A 36 -14.88 2.46 -5.74
N ASN A 37 -15.38 1.99 -4.59
CA ASN A 37 -16.66 2.41 -4.02
C ASN A 37 -16.46 3.74 -3.25
N ASP A 38 -16.37 4.85 -4.00
CA ASP A 38 -16.09 6.21 -3.51
C ASP A 38 -14.85 6.29 -2.59
N GLY A 39 -13.71 5.73 -3.04
CA GLY A 39 -12.46 5.71 -2.30
C GLY A 39 -12.40 4.73 -1.15
N LYS A 40 -13.26 3.72 -1.16
CA LYS A 40 -13.23 2.54 -0.28
C LYS A 40 -13.15 1.28 -1.14
N ILE A 41 -12.36 0.29 -0.72
CA ILE A 41 -12.17 -0.97 -1.45
C ILE A 41 -13.49 -1.73 -1.57
N GLU A 42 -13.74 -2.33 -2.72
CA GLU A 42 -14.93 -3.13 -3.00
C GLU A 42 -14.51 -4.49 -3.58
N GLY A 43 -15.01 -5.58 -2.98
CA GLY A 43 -14.76 -6.96 -3.43
C GLY A 43 -13.61 -7.71 -2.77
N LEU A 44 -12.63 -7.02 -2.19
CA LEU A 44 -11.44 -7.69 -1.63
C LEU A 44 -11.80 -8.44 -0.34
N THR A 45 -11.30 -9.68 -0.23
CA THR A 45 -11.70 -10.65 0.80
C THR A 45 -10.52 -11.22 1.59
N ALA A 46 -10.77 -11.63 2.84
CA ALA A 46 -9.82 -12.34 3.70
C ALA A 46 -9.49 -13.76 3.19
N GLU A 47 -10.16 -14.26 2.15
CA GLU A 47 -9.75 -15.51 1.49
C GLU A 47 -8.42 -15.38 0.73
N PHE A 48 -7.91 -14.17 0.49
CA PHE A 48 -6.56 -13.89 -0.05
C PHE A 48 -5.41 -14.17 0.96
N VAL A 49 -5.54 -15.19 1.83
CA VAL A 49 -4.62 -15.42 2.96
C VAL A 49 -3.15 -15.60 2.57
N ASN A 50 -2.87 -16.13 1.38
CA ASN A 50 -1.52 -16.38 0.85
C ASN A 50 -0.97 -15.24 -0.03
N LEU A 51 -1.72 -14.13 -0.17
CA LEU A 51 -1.32 -12.99 -0.98
C LEU A 51 -0.08 -12.32 -0.39
N GLU A 52 1.01 -12.21 -1.16
CA GLU A 52 2.26 -11.56 -0.77
C GLU A 52 2.31 -10.10 -1.26
N PHE A 53 1.65 -9.85 -2.39
CA PHE A 53 1.65 -8.59 -3.13
C PHE A 53 0.25 -8.14 -3.53
N LEU A 54 -0.07 -6.86 -3.29
CA LEU A 54 -1.31 -6.21 -3.73
C LEU A 54 -1.01 -4.84 -4.35
N SER A 55 -1.49 -4.58 -5.57
CA SER A 55 -1.39 -3.27 -6.23
C SER A 55 -2.74 -2.63 -6.51
N LEU A 56 -2.90 -1.39 -6.06
CA LEU A 56 -4.10 -0.55 -6.13
C LEU A 56 -3.68 0.87 -6.57
N ILE A 57 -2.95 0.99 -7.68
CA ILE A 57 -2.41 2.28 -8.17
C ILE A 57 -3.40 3.03 -9.06
N ASN A 58 -3.46 4.35 -8.85
CA ASN A 58 -4.28 5.33 -9.56
C ASN A 58 -5.79 4.97 -9.64
N VAL A 59 -6.23 4.17 -8.67
CA VAL A 59 -7.65 3.84 -8.43
C VAL A 59 -8.37 5.02 -7.74
N GLY A 60 -7.59 5.97 -7.21
CA GLY A 60 -8.06 7.19 -6.57
C GLY A 60 -8.61 6.96 -5.14
N LEU A 61 -8.10 5.95 -4.43
CA LEU A 61 -8.60 5.55 -3.11
C LEU A 61 -8.40 6.64 -2.06
N ILE A 62 -9.27 6.72 -1.06
CA ILE A 62 -9.25 7.75 -0.01
C ILE A 62 -9.08 7.13 1.39
N SER A 63 -9.56 5.89 1.57
CA SER A 63 -9.59 5.16 2.84
C SER A 63 -9.12 3.71 2.72
N VAL A 64 -8.30 3.26 3.68
CA VAL A 64 -7.85 1.87 3.82
C VAL A 64 -8.78 1.01 4.69
N SER A 65 -9.86 1.58 5.25
CA SER A 65 -10.76 0.92 6.23
C SER A 65 -11.45 -0.35 5.73
N ASN A 66 -11.55 -0.55 4.41
CA ASN A 66 -12.13 -1.75 3.79
C ASN A 66 -11.11 -2.88 3.50
N LEU A 67 -9.83 -2.73 3.85
CA LEU A 67 -8.84 -3.80 3.71
C LEU A 67 -9.20 -5.03 4.58
N PRO A 68 -9.21 -6.25 4.03
CA PRO A 68 -9.33 -7.47 4.82
C PRO A 68 -7.99 -7.78 5.53
N LYS A 69 -8.00 -8.71 6.51
CA LYS A 69 -6.77 -9.24 7.11
C LYS A 69 -6.02 -10.10 6.08
N LEU A 70 -4.75 -9.80 5.85
CA LEU A 70 -3.84 -10.50 4.94
C LEU A 70 -2.51 -10.75 5.67
N PRO A 71 -2.37 -11.90 6.36
CA PRO A 71 -1.24 -12.14 7.28
C PRO A 71 0.11 -12.30 6.56
N LYS A 72 0.12 -12.60 5.25
CA LYS A 72 1.32 -12.90 4.46
C LYS A 72 1.70 -11.82 3.46
N LEU A 73 0.86 -10.80 3.31
CA LEU A 73 1.12 -9.61 2.49
C LEU A 73 2.36 -8.85 3.00
N LYS A 74 3.47 -8.97 2.27
CA LYS A 74 4.69 -8.22 2.54
C LYS A 74 4.72 -6.88 1.80
N LYS A 75 3.97 -6.73 0.71
CA LYS A 75 4.01 -5.53 -0.14
C LYS A 75 2.63 -5.01 -0.54
N LEU A 76 2.39 -3.72 -0.28
CA LEU A 76 1.18 -2.99 -0.65
C LEU A 76 1.51 -1.72 -1.46
N GLU A 77 1.11 -1.72 -2.72
CA GLU A 77 1.18 -0.57 -3.63
C GLU A 77 -0.13 0.24 -3.60
N LEU A 78 -0.10 1.44 -3.01
CA LEU A 78 -1.23 2.37 -2.91
C LEU A 78 -0.90 3.78 -3.44
N SER A 79 -0.11 3.82 -4.51
CA SER A 79 0.39 5.05 -5.13
C SER A 79 -0.68 5.75 -5.99
N GLU A 80 -0.51 7.06 -6.21
CA GLU A 80 -1.37 7.89 -7.07
C GLU A 80 -2.83 7.99 -6.62
N ASN A 81 -3.09 7.70 -5.34
CA ASN A 81 -4.38 7.76 -4.67
C ASN A 81 -4.58 9.11 -3.93
N ARG A 82 -5.66 9.24 -3.15
CA ARG A 82 -6.14 10.49 -2.50
C ARG A 82 -6.11 10.42 -0.97
N ILE A 83 -5.42 9.43 -0.38
CA ILE A 83 -5.47 9.11 1.05
C ILE A 83 -4.90 10.27 1.87
N PHE A 84 -5.62 10.74 2.90
CA PHE A 84 -5.18 11.86 3.76
C PHE A 84 -4.79 11.46 5.19
N GLY A 85 -5.01 10.19 5.58
CA GLY A 85 -4.69 9.65 6.90
C GLY A 85 -5.40 8.31 7.15
N GLY A 86 -5.60 7.97 8.42
CA GLY A 86 -6.37 6.78 8.81
C GLY A 86 -5.70 5.45 8.45
N LEU A 87 -4.37 5.38 8.49
CA LEU A 87 -3.57 4.20 8.10
C LEU A 87 -3.59 3.06 9.14
N ASP A 88 -4.41 3.18 10.19
CA ASP A 88 -4.45 2.29 11.35
C ASP A 88 -4.94 0.86 11.06
N MET A 89 -5.58 0.61 9.91
CA MET A 89 -5.83 -0.76 9.45
C MET A 89 -4.53 -1.51 9.17
N LEU A 90 -3.55 -0.85 8.57
CA LEU A 90 -2.35 -1.53 8.06
C LEU A 90 -1.58 -2.25 9.18
N ALA A 91 -1.56 -1.66 10.38
CA ALA A 91 -0.94 -2.22 11.57
C ALA A 91 -1.63 -3.49 12.12
N GLU A 92 -2.93 -3.69 11.86
CA GLU A 92 -3.72 -4.84 12.35
C GLU A 92 -4.00 -5.88 11.25
N LYS A 93 -4.30 -5.43 10.03
CA LYS A 93 -4.59 -6.25 8.84
C LYS A 93 -3.36 -6.91 8.24
N LEU A 94 -2.22 -6.21 8.21
CA LEU A 94 -1.01 -6.60 7.48
C LEU A 94 0.21 -6.76 8.43
N PRO A 95 0.18 -7.69 9.41
CA PRO A 95 1.17 -7.77 10.49
C PRO A 95 2.62 -8.05 10.02
N ASN A 96 2.81 -8.62 8.82
CA ASN A 96 4.11 -8.93 8.23
C ASN A 96 4.49 -8.02 7.03
N LEU A 97 3.86 -6.84 6.90
CA LEU A 97 4.13 -5.87 5.85
C LEU A 97 5.57 -5.33 5.94
N THR A 98 6.30 -5.38 4.82
CA THR A 98 7.68 -4.86 4.68
C THR A 98 7.79 -3.67 3.74
N HIS A 99 6.95 -3.60 2.71
CA HIS A 99 6.98 -2.57 1.68
C HIS A 99 5.61 -1.88 1.57
N LEU A 100 5.60 -0.55 1.68
CA LEU A 100 4.37 0.26 1.66
C LEU A 100 4.56 1.49 0.76
N ASN A 101 3.96 1.48 -0.43
CA ASN A 101 4.15 2.53 -1.42
C ASN A 101 2.97 3.51 -1.34
N LEU A 102 3.15 4.66 -0.67
CA LEU A 102 2.13 5.68 -0.38
C LEU A 102 2.35 7.01 -1.14
N SER A 103 3.18 7.02 -2.18
CA SER A 103 3.42 8.19 -3.04
C SER A 103 2.17 8.73 -3.72
N GLY A 104 2.11 10.05 -3.94
CA GLY A 104 1.00 10.74 -4.61
C GLY A 104 -0.24 11.06 -3.73
N ASN A 105 -0.31 10.48 -2.52
CA ASN A 105 -1.42 10.65 -1.59
C ASN A 105 -1.49 12.05 -0.96
N LYS A 106 -2.61 12.35 -0.30
CA LYS A 106 -2.87 13.63 0.41
C LYS A 106 -2.37 13.61 1.88
N LEU A 107 -1.47 12.68 2.20
CA LEU A 107 -0.79 12.57 3.49
C LEU A 107 -0.04 13.89 3.74
N LYS A 108 -0.45 14.64 4.77
CA LYS A 108 -0.02 16.04 5.03
C LYS A 108 0.86 16.21 6.27
N ASP A 109 0.87 15.21 7.14
CA ASP A 109 1.46 15.28 8.47
C ASP A 109 2.19 13.98 8.83
N ILE A 110 3.25 14.11 9.64
CA ILE A 110 3.94 12.96 10.26
C ILE A 110 2.96 12.12 11.11
N SER A 111 1.95 12.77 11.71
CA SER A 111 0.88 12.12 12.48
C SER A 111 0.02 11.14 11.67
N THR A 112 0.00 11.22 10.33
CA THR A 112 -0.67 10.21 9.48
C THR A 112 0.02 8.84 9.52
N LEU A 113 1.31 8.82 9.90
CA LEU A 113 2.20 7.66 9.88
C LEU A 113 2.34 6.99 11.25
N GLU A 114 1.69 7.53 12.29
CA GLU A 114 1.74 7.04 13.67
C GLU A 114 1.26 5.59 13.90
N PRO A 115 0.37 4.97 13.09
CA PRO A 115 0.11 3.53 13.23
C PRO A 115 1.23 2.65 12.64
N LEU A 116 2.06 3.17 11.74
CA LEU A 116 3.08 2.38 11.04
C LEU A 116 4.24 1.95 11.96
N LYS A 117 4.46 2.65 13.09
CA LYS A 117 5.49 2.29 14.09
C LYS A 117 5.21 0.98 14.83
N LYS A 118 3.97 0.45 14.76
CA LYS A 118 3.57 -0.84 15.35
C LYS A 118 3.99 -2.05 14.49
N LEU A 119 4.21 -1.86 13.19
CA LEU A 119 4.68 -2.90 12.26
C LEU A 119 6.18 -3.08 12.36
N GLU A 120 6.61 -4.04 13.19
CA GLU A 120 8.02 -4.36 13.41
C GLU A 120 8.74 -4.92 12.16
N CYS A 121 7.99 -5.20 11.09
CA CYS A 121 8.49 -5.73 9.81
C CYS A 121 8.74 -4.65 8.75
N LEU A 122 8.16 -3.44 8.90
CA LEU A 122 8.16 -2.41 7.87
C LEU A 122 9.59 -1.92 7.55
N LYS A 123 10.04 -2.20 6.32
CA LYS A 123 11.41 -2.03 5.84
C LYS A 123 11.55 -0.87 4.86
N SER A 124 10.57 -0.67 3.98
CA SER A 124 10.57 0.35 2.92
C SER A 124 9.23 1.09 2.79
N LEU A 125 9.31 2.41 2.57
CA LEU A 125 8.18 3.33 2.49
C LEU A 125 8.39 4.36 1.36
N ASP A 126 7.33 4.76 0.66
CA ASP A 126 7.36 5.88 -0.29
C ASP A 126 6.32 6.95 0.07
N LEU A 127 6.73 8.22 0.04
CA LEU A 127 5.91 9.41 0.27
C LEU A 127 6.19 10.51 -0.79
N PHE A 128 6.81 10.17 -1.93
CA PHE A 128 7.00 11.09 -3.06
C PHE A 128 5.69 11.82 -3.40
N ASN A 129 5.77 13.12 -3.71
CA ASN A 129 4.64 13.97 -4.09
C ASN A 129 3.51 14.07 -3.02
N CYS A 130 3.75 13.64 -1.78
CA CYS A 130 2.77 13.80 -0.69
C CYS A 130 2.83 15.21 -0.09
N GLU A 131 1.72 15.72 0.42
CA GLU A 131 1.63 17.07 1.00
C GLU A 131 2.57 17.25 2.21
N VAL A 132 2.85 16.17 2.94
CA VAL A 132 3.80 16.06 4.05
C VAL A 132 5.27 16.31 3.64
N THR A 133 5.60 16.17 2.35
CA THR A 133 6.94 16.47 1.83
C THR A 133 7.28 17.98 1.83
N ASN A 134 6.29 18.83 2.12
CA ASN A 134 6.47 20.27 2.34
C ASN A 134 6.99 20.60 3.77
N LEU A 135 6.98 19.64 4.71
CA LEU A 135 7.49 19.85 6.06
C LEU A 135 9.03 20.02 6.10
N ASN A 136 9.52 20.77 7.08
CA ASN A 136 10.96 20.91 7.33
C ASN A 136 11.58 19.56 7.73
N ASP A 137 12.66 19.15 7.07
CA ASP A 137 13.40 17.90 7.30
C ASP A 137 12.48 16.64 7.38
N TYR A 138 11.42 16.60 6.57
CA TYR A 138 10.36 15.58 6.68
C TYR A 138 10.88 14.14 6.72
N ARG A 139 11.90 13.82 5.91
CA ARG A 139 12.48 12.47 5.77
C ARG A 139 13.06 11.94 7.08
N GLU A 140 13.72 12.81 7.87
CA GLU A 140 14.20 12.46 9.21
C GLU A 140 13.04 12.40 10.22
N SER A 141 12.02 13.25 10.08
CA SER A 141 10.81 13.23 10.91
C SER A 141 9.92 11.99 10.72
N VAL A 142 10.13 11.24 9.64
CA VAL A 142 9.55 9.90 9.43
C VAL A 142 10.43 8.81 10.05
N PHE A 143 11.76 8.84 9.86
CA PHE A 143 12.65 7.83 10.44
C PHE A 143 12.69 7.88 11.98
N LYS A 144 12.58 9.06 12.59
CA LYS A 144 12.50 9.19 14.06
C LYS A 144 11.22 8.59 14.65
N LEU A 145 10.11 8.68 13.90
CA LEU A 145 8.83 8.06 14.24
C LEU A 145 8.85 6.54 14.00
N LEU A 146 9.51 6.09 12.93
CA LEU A 146 9.56 4.72 12.43
C LEU A 146 10.99 4.14 12.58
N PRO A 147 11.47 3.86 13.81
CA PRO A 147 12.86 3.46 14.05
C PRO A 147 13.23 2.11 13.44
N GLN A 148 12.25 1.29 13.04
CA GLN A 148 12.44 0.02 12.33
C GLN A 148 12.59 0.16 10.80
N LEU A 149 12.16 1.30 10.23
CA LEU A 149 12.18 1.58 8.79
C LEU A 149 13.61 1.80 8.27
N THR A 150 14.05 0.99 7.30
CA THR A 150 15.39 1.10 6.69
C THR A 150 15.41 2.06 5.49
N TYR A 151 14.32 2.08 4.70
CA TYR A 151 14.20 2.82 3.45
C TYR A 151 13.01 3.79 3.44
N LEU A 152 13.26 4.98 2.89
CA LEU A 152 12.26 6.02 2.65
C LEU A 152 12.54 6.74 1.33
N ASP A 153 11.54 6.79 0.45
CA ASP A 153 11.60 7.34 -0.91
C ASP A 153 12.67 6.62 -1.78
N GLY A 154 12.71 5.29 -1.70
CA GLY A 154 13.63 4.41 -2.44
C GLY A 154 15.10 4.44 -1.99
N TYR A 155 15.44 5.34 -1.06
CA TYR A 155 16.79 5.54 -0.50
C TYR A 155 16.84 5.14 0.98
N ASP A 156 18.03 4.83 1.50
CA ASP A 156 18.21 4.36 2.89
C ASP A 156 18.49 5.49 3.91
N ARG A 157 18.76 5.12 5.17
CA ARG A 157 19.24 6.02 6.24
C ARG A 157 20.46 6.85 5.85
N GLU A 158 21.42 6.25 5.12
CA GLU A 158 22.65 6.88 4.62
C GLU A 158 22.47 7.62 3.28
N ASP A 159 21.24 7.80 2.80
CA ASP A 159 20.90 8.49 1.55
C ASP A 159 21.52 7.86 0.28
N GLN A 160 21.54 6.53 0.23
CA GLN A 160 21.92 5.72 -0.94
C GLN A 160 20.73 4.88 -1.45
N GLU A 161 20.64 4.66 -2.75
CA GLU A 161 19.50 3.98 -3.40
C GLU A 161 19.43 2.48 -3.08
N ALA A 162 18.21 1.93 -3.05
CA ALA A 162 17.92 0.53 -2.75
C ALA A 162 18.44 -0.48 -3.81
N PRO A 163 18.70 -1.74 -3.41
CA PRO A 163 19.13 -2.80 -4.32
C PRO A 163 18.00 -3.30 -5.25
N ASP A 164 18.35 -3.62 -6.49
CA ASP A 164 17.40 -4.02 -7.55
C ASP A 164 16.55 -5.25 -7.18
N SER A 165 17.09 -6.16 -6.36
CA SER A 165 16.42 -7.38 -5.90
C SER A 165 15.27 -7.15 -4.91
N ASP A 166 15.15 -5.95 -4.32
CA ASP A 166 14.18 -5.63 -3.26
C ASP A 166 13.56 -4.22 -3.38
N ALA A 167 13.56 -3.65 -4.59
CA ALA A 167 13.11 -2.29 -4.91
C ALA A 167 12.18 -2.22 -6.14
N GLU A 168 11.58 -1.05 -6.36
CA GLU A 168 10.63 -0.71 -7.44
C GLU A 168 9.49 -1.74 -7.62
N GLY A 1 -9.78 -15.44 -28.24
CA GLY A 1 -10.00 -15.26 -26.79
C GLY A 1 -10.51 -13.86 -26.46
N SER A 2 -10.29 -13.41 -25.22
CA SER A 2 -10.70 -12.10 -24.70
C SER A 2 -9.69 -11.53 -23.68
N SER A 3 -9.78 -10.21 -23.44
CA SER A 3 -8.87 -9.45 -22.57
C SER A 3 -9.62 -8.46 -21.66
N GLY A 4 -9.01 -8.09 -20.53
CA GLY A 4 -9.52 -7.04 -19.62
C GLY A 4 -9.38 -5.62 -20.18
N SER A 5 -9.99 -4.66 -19.48
CA SER A 5 -9.97 -3.22 -19.84
C SER A 5 -9.99 -2.31 -18.60
N SER A 6 -9.57 -1.05 -18.76
CA SER A 6 -9.51 -0.05 -17.69
C SER A 6 -10.90 0.48 -17.28
N GLY A 7 -10.99 1.02 -16.07
CA GLY A 7 -12.20 1.57 -15.46
C GLY A 7 -13.26 0.53 -15.06
N MET A 8 -12.90 -0.75 -14.98
CA MET A 8 -13.72 -1.83 -14.41
C MET A 8 -13.94 -1.62 -12.90
N ASP A 9 -15.04 -2.12 -12.33
CA ASP A 9 -15.24 -2.10 -10.87
C ASP A 9 -14.33 -3.12 -10.16
N MET A 10 -13.92 -2.84 -8.92
CA MET A 10 -12.94 -3.65 -8.19
C MET A 10 -13.32 -5.14 -8.08
N LYS A 11 -14.56 -5.45 -7.65
CA LYS A 11 -15.11 -6.81 -7.58
C LYS A 11 -15.12 -7.53 -8.92
N ARG A 12 -15.32 -6.79 -10.02
CA ARG A 12 -15.31 -7.33 -11.37
C ARG A 12 -13.89 -7.56 -11.88
N ARG A 13 -12.95 -6.66 -11.59
CA ARG A 13 -11.53 -6.84 -11.91
C ARG A 13 -10.91 -8.02 -11.17
N ILE A 14 -11.26 -8.20 -9.89
CA ILE A 14 -10.87 -9.36 -9.07
C ILE A 14 -11.23 -10.67 -9.77
N HIS A 15 -12.34 -10.72 -10.52
CA HIS A 15 -12.70 -11.92 -11.31
C HIS A 15 -11.75 -12.12 -12.49
N LEU A 16 -11.44 -11.04 -13.22
CA LEU A 16 -10.52 -11.08 -14.38
C LEU A 16 -9.11 -11.55 -13.97
N GLU A 17 -8.66 -11.18 -12.76
CA GLU A 17 -7.38 -11.61 -12.19
C GLU A 17 -7.43 -13.07 -11.67
N LEU A 18 -8.48 -13.46 -10.96
CA LEU A 18 -8.65 -14.83 -10.44
C LEU A 18 -8.71 -15.87 -11.56
N ARG A 19 -9.56 -15.65 -12.57
CA ARG A 19 -9.76 -16.34 -13.86
C ARG A 19 -9.82 -17.88 -13.91
N ASN A 20 -8.81 -18.53 -13.34
CA ASN A 20 -8.53 -19.97 -13.39
C ASN A 20 -8.24 -20.60 -12.00
N ARG A 21 -8.07 -19.82 -10.92
CA ARG A 21 -7.84 -20.37 -9.56
C ARG A 21 -8.51 -19.57 -8.44
N THR A 22 -8.67 -20.21 -7.29
CA THR A 22 -9.20 -19.68 -6.01
C THR A 22 -8.39 -18.48 -5.51
N PRO A 23 -8.98 -17.46 -4.86
CA PRO A 23 -8.24 -16.33 -4.28
C PRO A 23 -7.19 -16.75 -3.23
N ALA A 24 -7.37 -17.91 -2.58
CA ALA A 24 -6.41 -18.45 -1.62
C ALA A 24 -5.16 -19.08 -2.29
N ALA A 25 -5.20 -19.28 -3.61
CA ALA A 25 -4.10 -19.77 -4.43
C ALA A 25 -3.33 -18.65 -5.16
N VAL A 26 -3.70 -17.38 -4.94
CA VAL A 26 -3.11 -16.20 -5.60
C VAL A 26 -2.01 -15.60 -4.72
N ARG A 27 -0.81 -15.39 -5.29
CA ARG A 27 0.33 -14.74 -4.62
C ARG A 27 0.46 -13.25 -4.97
N GLU A 28 0.14 -12.88 -6.21
CA GLU A 28 0.33 -11.54 -6.77
C GLU A 28 -0.98 -11.07 -7.43
N LEU A 29 -1.51 -9.94 -6.97
CA LEU A 29 -2.79 -9.38 -7.44
C LEU A 29 -2.66 -7.89 -7.75
N VAL A 30 -3.09 -7.45 -8.93
CA VAL A 30 -3.17 -6.03 -9.28
C VAL A 30 -4.57 -5.62 -9.73
N LEU A 31 -5.05 -4.53 -9.14
CA LEU A 31 -6.38 -3.94 -9.33
C LEU A 31 -6.26 -2.48 -9.84
N ASP A 32 -5.19 -2.22 -10.59
CA ASP A 32 -4.84 -0.94 -11.20
C ASP A 32 -5.94 -0.37 -12.11
N ASN A 33 -6.04 0.96 -12.21
CA ASN A 33 -6.96 1.66 -13.12
C ASN A 33 -8.46 1.31 -12.93
N CYS A 34 -8.86 0.72 -11.80
CA CYS A 34 -10.22 0.23 -11.53
C CYS A 34 -10.96 1.10 -10.49
N LYS A 35 -12.29 0.96 -10.43
CA LYS A 35 -13.21 1.78 -9.64
C LYS A 35 -13.52 1.14 -8.28
N SER A 36 -13.39 1.94 -7.22
CA SER A 36 -13.84 1.60 -5.85
C SER A 36 -15.28 2.09 -5.59
N ASN A 37 -15.87 1.71 -4.46
CA ASN A 37 -17.16 2.22 -3.99
C ASN A 37 -16.97 3.59 -3.32
N ASP A 38 -16.84 4.65 -4.13
CA ASP A 38 -16.61 6.03 -3.70
C ASP A 38 -15.44 6.18 -2.71
N GLY A 39 -14.29 5.57 -3.02
CA GLY A 39 -13.09 5.58 -2.20
C GLY A 39 -13.08 4.62 -1.00
N LYS A 40 -13.98 3.65 -0.99
CA LYS A 40 -13.99 2.50 -0.06
C LYS A 40 -13.89 1.19 -0.85
N ILE A 41 -13.09 0.24 -0.38
CA ILE A 41 -12.94 -1.10 -0.99
C ILE A 41 -14.26 -1.88 -0.85
N GLU A 42 -14.64 -2.62 -1.90
CA GLU A 42 -15.92 -3.34 -1.96
C GLU A 42 -15.78 -4.79 -2.49
N GLY A 43 -14.77 -5.06 -3.34
CA GLY A 43 -14.50 -6.39 -3.90
C GLY A 43 -13.51 -7.27 -3.14
N LEU A 44 -12.51 -6.66 -2.48
CA LEU A 44 -11.41 -7.40 -1.84
C LEU A 44 -11.89 -8.16 -0.59
N THR A 45 -11.32 -9.34 -0.35
CA THR A 45 -11.79 -10.31 0.67
C THR A 45 -10.65 -11.01 1.40
N ALA A 46 -10.91 -11.45 2.64
CA ALA A 46 -9.99 -12.23 3.48
C ALA A 46 -9.70 -13.64 2.94
N GLU A 47 -10.34 -14.07 1.86
CA GLU A 47 -9.96 -15.33 1.17
C GLU A 47 -8.59 -15.23 0.46
N PHE A 48 -8.03 -14.03 0.29
CA PHE A 48 -6.67 -13.78 -0.22
C PHE A 48 -5.54 -14.12 0.80
N VAL A 49 -5.71 -15.17 1.61
CA VAL A 49 -4.83 -15.47 2.77
C VAL A 49 -3.35 -15.69 2.41
N ASN A 50 -3.05 -16.16 1.20
CA ASN A 50 -1.69 -16.39 0.71
C ASN A 50 -1.17 -15.29 -0.23
N LEU A 51 -1.89 -14.18 -0.38
CA LEU A 51 -1.45 -13.03 -1.15
C LEU A 51 -0.24 -12.37 -0.49
N GLU A 52 0.85 -12.21 -1.24
CA GLU A 52 2.10 -11.56 -0.80
C GLU A 52 2.29 -10.17 -1.40
N PHE A 53 1.68 -9.92 -2.57
CA PHE A 53 1.71 -8.66 -3.31
C PHE A 53 0.31 -8.16 -3.71
N LEU A 54 0.03 -6.88 -3.49
CA LEU A 54 -1.21 -6.20 -3.87
C LEU A 54 -0.93 -4.82 -4.51
N SER A 55 -1.51 -4.54 -5.68
CA SER A 55 -1.49 -3.20 -6.32
C SER A 55 -2.89 -2.57 -6.36
N LEU A 56 -2.97 -1.32 -5.89
CA LEU A 56 -4.15 -0.45 -5.84
C LEU A 56 -3.74 0.98 -6.28
N ILE A 57 -3.15 1.10 -7.48
CA ILE A 57 -2.65 2.38 -8.02
C ILE A 57 -3.67 3.08 -8.94
N ASN A 58 -3.84 4.38 -8.72
CA ASN A 58 -4.76 5.30 -9.42
C ASN A 58 -6.22 4.84 -9.49
N VAL A 59 -6.62 4.04 -8.50
CA VAL A 59 -8.00 3.65 -8.20
C VAL A 59 -8.74 4.77 -7.44
N GLY A 60 -7.98 5.77 -6.99
CA GLY A 60 -8.51 7.01 -6.39
C GLY A 60 -9.14 6.83 -5.00
N LEU A 61 -8.71 5.78 -4.27
CA LEU A 61 -9.25 5.41 -2.96
C LEU A 61 -9.01 6.50 -1.90
N ILE A 62 -9.94 6.64 -0.95
CA ILE A 62 -9.90 7.67 0.09
C ILE A 62 -9.68 7.05 1.48
N SER A 63 -10.15 5.81 1.69
CA SER A 63 -10.10 5.10 2.98
C SER A 63 -9.55 3.68 2.84
N VAL A 64 -8.54 3.35 3.64
CA VAL A 64 -7.99 1.98 3.79
C VAL A 64 -8.80 1.12 4.77
N SER A 65 -9.88 1.65 5.37
CA SER A 65 -10.63 1.00 6.46
C SER A 65 -11.34 -0.30 6.06
N ASN A 66 -11.58 -0.50 4.76
CA ASN A 66 -12.23 -1.69 4.20
C ASN A 66 -11.26 -2.80 3.75
N LEU A 67 -9.94 -2.65 3.97
CA LEU A 67 -8.98 -3.74 3.72
C LEU A 67 -9.30 -4.97 4.58
N PRO A 68 -9.30 -6.20 4.02
CA PRO A 68 -9.37 -7.43 4.80
C PRO A 68 -8.04 -7.73 5.50
N LYS A 69 -8.04 -8.67 6.45
CA LYS A 69 -6.79 -9.20 7.03
C LYS A 69 -6.07 -10.06 5.97
N LEU A 70 -4.81 -9.73 5.70
CA LEU A 70 -3.92 -10.44 4.79
C LEU A 70 -2.60 -10.72 5.53
N PRO A 71 -2.47 -11.87 6.19
CA PRO A 71 -1.37 -12.15 7.10
C PRO A 71 -0.02 -12.33 6.38
N LYS A 72 -0.05 -12.62 5.07
CA LYS A 72 1.14 -12.92 4.24
C LYS A 72 1.56 -11.78 3.32
N LEU A 73 0.73 -10.74 3.18
CA LEU A 73 1.01 -9.55 2.38
C LEU A 73 2.22 -8.78 2.95
N LYS A 74 3.37 -8.95 2.29
CA LYS A 74 4.60 -8.22 2.61
C LYS A 74 4.71 -6.91 1.83
N LYS A 75 4.04 -6.78 0.68
CA LYS A 75 4.18 -5.61 -0.21
C LYS A 75 2.83 -5.07 -0.70
N LEU A 76 2.61 -3.77 -0.47
CA LEU A 76 1.41 -3.03 -0.85
C LEU A 76 1.77 -1.80 -1.70
N GLU A 77 1.37 -1.84 -2.97
CA GLU A 77 1.48 -0.73 -3.93
C GLU A 77 0.21 0.15 -3.87
N LEU A 78 0.25 1.19 -3.03
CA LEU A 78 -0.74 2.28 -2.99
C LEU A 78 -0.08 3.56 -3.49
N SER A 79 -0.49 4.03 -4.67
CA SER A 79 -0.05 5.30 -5.26
C SER A 79 -1.22 5.98 -5.97
N GLU A 80 -1.15 7.31 -6.12
CA GLU A 80 -2.16 8.13 -6.82
C GLU A 80 -3.56 8.04 -6.18
N ASN A 81 -3.61 7.83 -4.86
CA ASN A 81 -4.83 7.76 -4.05
C ASN A 81 -5.19 9.13 -3.45
N ARG A 82 -6.34 9.22 -2.79
CA ARG A 82 -6.90 10.41 -2.12
C ARG A 82 -6.80 10.35 -0.58
N ILE A 83 -6.13 9.32 -0.04
CA ILE A 83 -5.99 9.04 1.40
C ILE A 83 -5.26 10.21 2.08
N PHE A 84 -5.79 10.71 3.19
CA PHE A 84 -5.27 11.89 3.91
C PHE A 84 -4.77 11.59 5.34
N GLY A 85 -4.93 10.36 5.82
CA GLY A 85 -4.53 9.92 7.16
C GLY A 85 -5.23 8.62 7.56
N GLY A 86 -5.27 8.32 8.87
CA GLY A 86 -6.03 7.19 9.41
C GLY A 86 -5.50 5.80 9.00
N LEU A 87 -4.18 5.65 8.89
CA LEU A 87 -3.52 4.45 8.37
C LEU A 87 -3.48 3.25 9.35
N ASP A 88 -4.17 3.34 10.50
CA ASP A 88 -4.05 2.40 11.62
C ASP A 88 -4.62 0.99 11.35
N MET A 89 -5.48 0.82 10.33
CA MET A 89 -5.90 -0.52 9.90
C MET A 89 -4.74 -1.32 9.31
N LEU A 90 -3.78 -0.67 8.64
CA LEU A 90 -2.62 -1.35 8.04
C LEU A 90 -1.81 -2.12 9.11
N ALA A 91 -1.71 -1.56 10.33
CA ALA A 91 -1.00 -2.16 11.45
C ALA A 91 -1.64 -3.47 11.97
N GLU A 92 -2.96 -3.63 11.86
CA GLU A 92 -3.70 -4.82 12.34
C GLU A 92 -4.14 -5.79 11.23
N LYS A 93 -4.35 -5.29 10.00
CA LYS A 93 -4.74 -6.08 8.81
C LYS A 93 -3.55 -6.77 8.15
N LEU A 94 -2.40 -6.10 8.12
CA LEU A 94 -1.19 -6.52 7.40
C LEU A 94 0.02 -6.70 8.36
N PRO A 95 -0.04 -7.66 9.31
CA PRO A 95 0.93 -7.79 10.40
C PRO A 95 2.38 -8.06 9.96
N ASN A 96 2.59 -8.62 8.77
CA ASN A 96 3.91 -8.93 8.19
C ASN A 96 4.30 -8.00 7.02
N LEU A 97 3.70 -6.81 6.93
CA LEU A 97 4.00 -5.81 5.89
C LEU A 97 5.44 -5.30 6.02
N THR A 98 6.23 -5.40 4.94
CA THR A 98 7.61 -4.92 4.85
C THR A 98 7.77 -3.75 3.88
N HIS A 99 6.97 -3.69 2.83
CA HIS A 99 7.06 -2.68 1.77
C HIS A 99 5.71 -2.00 1.57
N LEU A 100 5.66 -0.68 1.73
CA LEU A 100 4.44 0.12 1.63
C LEU A 100 4.66 1.39 0.80
N ASN A 101 4.02 1.49 -0.35
CA ASN A 101 3.96 2.75 -1.08
C ASN A 101 2.83 3.62 -0.51
N LEU A 102 3.04 4.93 -0.37
CA LEU A 102 2.04 5.94 -0.02
C LEU A 102 2.13 7.19 -0.93
N SER A 103 2.81 7.13 -2.07
CA SER A 103 3.05 8.28 -2.96
C SER A 103 1.78 8.83 -3.61
N GLY A 104 1.78 10.14 -3.93
CA GLY A 104 0.63 10.84 -4.52
C GLY A 104 -0.62 10.96 -3.62
N ASN A 105 -0.59 10.38 -2.41
CA ASN A 105 -1.63 10.50 -1.40
C ASN A 105 -1.72 11.95 -0.88
N LYS A 106 -2.79 12.28 -0.15
CA LYS A 106 -3.06 13.60 0.45
C LYS A 106 -2.51 13.72 1.88
N LEU A 107 -1.42 13.00 2.18
CA LEU A 107 -0.73 13.01 3.47
C LEU A 107 0.06 14.32 3.62
N LYS A 108 -0.12 14.99 4.76
CA LYS A 108 0.33 16.39 4.99
C LYS A 108 1.27 16.57 6.18
N ASP A 109 1.35 15.56 7.04
CA ASP A 109 1.96 15.63 8.36
C ASP A 109 2.55 14.29 8.79
N ILE A 110 3.63 14.35 9.59
CA ILE A 110 4.24 13.17 10.22
C ILE A 110 3.24 12.40 11.10
N SER A 111 2.27 13.10 11.70
CA SER A 111 1.19 12.52 12.52
C SER A 111 0.28 11.57 11.73
N THR A 112 0.23 11.64 10.41
CA THR A 112 -0.49 10.66 9.57
C THR A 112 0.18 9.28 9.53
N LEU A 113 1.47 9.22 9.88
CA LEU A 113 2.34 8.04 9.81
C LEU A 113 2.54 7.38 11.18
N GLU A 114 1.98 7.98 12.24
CA GLU A 114 2.09 7.51 13.63
C GLU A 114 1.65 6.06 13.89
N PRO A 115 0.64 5.46 13.21
CA PRO A 115 0.30 4.05 13.45
C PRO A 115 1.21 3.07 12.69
N LEU A 116 2.15 3.53 11.86
CA LEU A 116 3.07 2.68 11.10
C LEU A 116 4.27 2.20 11.95
N LYS A 117 4.59 2.86 13.07
CA LYS A 117 5.62 2.41 14.04
C LYS A 117 5.24 1.11 14.78
N LYS A 118 3.96 0.72 14.69
CA LYS A 118 3.36 -0.51 15.23
C LYS A 118 3.89 -1.78 14.54
N LEU A 119 4.10 -1.69 13.23
CA LEU A 119 4.60 -2.76 12.36
C LEU A 119 6.10 -2.94 12.50
N GLU A 120 6.50 -3.92 13.32
CA GLU A 120 7.91 -4.26 13.55
C GLU A 120 8.61 -4.84 12.30
N CYS A 121 7.84 -5.13 11.23
CA CYS A 121 8.33 -5.67 9.96
C CYS A 121 8.60 -4.59 8.90
N LEU A 122 8.04 -3.38 9.04
CA LEU A 122 8.04 -2.36 7.99
C LEU A 122 9.48 -1.88 7.70
N LYS A 123 9.95 -2.15 6.48
CA LYS A 123 11.34 -2.01 6.03
C LYS A 123 11.53 -0.96 4.94
N SER A 124 10.53 -0.73 4.08
CA SER A 124 10.55 0.25 2.99
C SER A 124 9.23 1.02 2.87
N LEU A 125 9.33 2.33 2.65
CA LEU A 125 8.22 3.29 2.59
C LEU A 125 8.41 4.32 1.46
N ASP A 126 7.34 4.86 0.87
CA ASP A 126 7.43 5.91 -0.16
C ASP A 126 6.36 7.00 0.06
N LEU A 127 6.74 8.27 -0.09
CA LEU A 127 5.91 9.46 0.14
C LEU A 127 5.97 10.48 -1.03
N PHE A 128 6.56 10.12 -2.18
CA PHE A 128 6.73 11.03 -3.34
C PHE A 128 5.46 11.84 -3.65
N ASN A 129 5.62 13.14 -3.88
CA ASN A 129 4.55 14.10 -4.20
C ASN A 129 3.40 14.21 -3.17
N CYS A 130 3.62 13.79 -1.91
CA CYS A 130 2.69 14.04 -0.81
C CYS A 130 2.94 15.44 -0.21
N GLU A 131 1.92 16.09 0.36
CA GLU A 131 2.05 17.42 0.96
C GLU A 131 3.04 17.45 2.13
N VAL A 132 3.15 16.35 2.88
CA VAL A 132 4.12 16.11 3.97
C VAL A 132 5.59 16.22 3.53
N THR A 133 5.88 16.05 2.23
CA THR A 133 7.24 16.20 1.67
C THR A 133 7.74 17.65 1.61
N ASN A 134 6.87 18.62 1.93
CA ASN A 134 7.23 20.04 2.08
C ASN A 134 7.77 20.40 3.48
N LEU A 135 7.71 19.47 4.45
CA LEU A 135 8.28 19.66 5.79
C LEU A 135 9.82 19.71 5.76
N ASN A 136 10.41 20.46 6.69
CA ASN A 136 11.86 20.63 6.76
C ASN A 136 12.55 19.31 7.12
N ASP A 137 13.48 18.84 6.27
CA ASP A 137 14.14 17.52 6.37
C ASP A 137 13.16 16.35 6.64
N TYR A 138 12.00 16.32 5.95
CA TYR A 138 10.89 15.42 6.28
C TYR A 138 11.28 13.94 6.45
N ARG A 139 12.22 13.41 5.63
CA ARG A 139 12.69 12.02 5.73
C ARG A 139 13.29 11.68 7.10
N GLU A 140 14.01 12.61 7.72
CA GLU A 140 14.51 12.47 9.09
C GLU A 140 13.35 12.35 10.09
N SER A 141 12.32 13.20 9.96
CA SER A 141 11.14 13.22 10.83
C SER A 141 10.23 12.00 10.66
N VAL A 142 10.39 11.25 9.57
CA VAL A 142 9.77 9.92 9.38
C VAL A 142 10.65 8.81 9.95
N PHE A 143 11.98 8.84 9.75
CA PHE A 143 12.88 7.82 10.30
C PHE A 143 12.99 7.86 11.84
N LYS A 144 12.88 9.04 12.46
CA LYS A 144 12.83 9.16 13.93
C LYS A 144 11.54 8.60 14.54
N LEU A 145 10.43 8.73 13.81
CA LEU A 145 9.14 8.12 14.13
C LEU A 145 9.14 6.60 13.92
N LEU A 146 9.79 6.15 12.85
CA LEU A 146 9.85 4.76 12.38
C LEU A 146 11.28 4.20 12.52
N PRO A 147 11.75 3.84 13.73
CA PRO A 147 13.12 3.38 13.96
C PRO A 147 13.41 2.00 13.35
N GLN A 148 12.37 1.22 13.03
CA GLN A 148 12.46 -0.09 12.36
C GLN A 148 12.58 0.02 10.83
N LEU A 149 12.20 1.16 10.24
CA LEU A 149 12.24 1.43 8.81
C LEU A 149 13.68 1.60 8.30
N THR A 150 14.05 0.88 7.24
CA THR A 150 15.37 1.01 6.59
C THR A 150 15.32 2.00 5.43
N TYR A 151 14.29 1.96 4.59
CA TYR A 151 14.16 2.75 3.35
C TYR A 151 12.97 3.71 3.36
N LEU A 152 13.19 4.90 2.79
CA LEU A 152 12.20 5.94 2.59
C LEU A 152 12.47 6.69 1.27
N ASP A 153 11.49 6.71 0.37
CA ASP A 153 11.60 7.25 -1.00
C ASP A 153 12.74 6.60 -1.81
N GLY A 154 12.88 5.28 -1.67
CA GLY A 154 13.90 4.46 -2.34
C GLY A 154 15.32 4.59 -1.80
N TYR A 155 15.56 5.49 -0.83
CA TYR A 155 16.86 5.75 -0.19
C TYR A 155 16.84 5.39 1.30
N ASP A 156 17.93 4.88 1.85
CA ASP A 156 17.99 4.40 3.23
C ASP A 156 18.24 5.50 4.28
N ARG A 157 18.34 5.10 5.56
CA ARG A 157 18.71 5.96 6.70
C ARG A 157 20.08 6.65 6.52
N GLU A 158 21.00 6.03 5.79
CA GLU A 158 22.32 6.56 5.38
C GLU A 158 22.34 7.15 3.96
N ASP A 159 21.16 7.42 3.37
CA ASP A 159 20.99 8.06 2.06
C ASP A 159 21.65 7.34 0.87
N GLN A 160 21.69 6.00 0.90
CA GLN A 160 22.04 5.14 -0.23
C GLN A 160 20.78 4.57 -0.90
N GLU A 161 20.78 4.45 -2.23
CA GLU A 161 19.62 3.93 -2.99
C GLU A 161 19.45 2.41 -2.86
N ALA A 162 18.21 1.94 -2.94
CA ALA A 162 17.82 0.54 -2.81
C ALA A 162 18.26 -0.35 -4.01
N PRO A 163 18.38 -1.68 -3.80
CA PRO A 163 18.82 -2.63 -4.82
C PRO A 163 17.66 -3.19 -5.64
N ASP A 164 17.94 -3.60 -6.87
CA ASP A 164 16.96 -4.19 -7.80
C ASP A 164 16.31 -5.49 -7.26
N SER A 165 17.04 -6.24 -6.43
CA SER A 165 16.58 -7.48 -5.78
C SER A 165 15.55 -7.27 -4.66
N ASP A 166 15.29 -6.01 -4.24
CA ASP A 166 14.37 -5.66 -3.16
C ASP A 166 13.29 -4.65 -3.59
N ALA A 167 13.66 -3.66 -4.43
CA ALA A 167 12.77 -2.58 -4.82
C ALA A 167 11.64 -3.01 -5.79
N GLU A 168 11.85 -4.13 -6.47
CA GLU A 168 10.92 -4.79 -7.42
C GLU A 168 10.16 -5.96 -6.78
N GLY A 1 -12.60 -10.59 -26.64
CA GLY A 1 -12.87 -9.43 -25.78
C GLY A 1 -11.67 -9.06 -24.93
N SER A 2 -11.59 -7.79 -24.51
CA SER A 2 -10.49 -7.24 -23.68
C SER A 2 -10.53 -7.74 -22.23
N SER A 3 -9.37 -7.77 -21.57
CA SER A 3 -9.18 -8.19 -20.17
C SER A 3 -8.30 -7.19 -19.40
N GLY A 4 -8.55 -7.03 -18.10
CA GLY A 4 -7.83 -6.09 -17.23
C GLY A 4 -8.10 -4.60 -17.54
N SER A 5 -9.23 -4.30 -18.19
CA SER A 5 -9.58 -2.99 -18.74
C SER A 5 -9.70 -1.88 -17.67
N SER A 6 -9.30 -0.66 -18.03
CA SER A 6 -9.51 0.54 -17.21
C SER A 6 -10.99 0.92 -17.10
N GLY A 7 -11.37 1.59 -16.01
CA GLY A 7 -12.75 2.01 -15.72
C GLY A 7 -13.67 0.90 -15.17
N MET A 8 -13.19 -0.34 -15.11
CA MET A 8 -13.90 -1.49 -14.50
C MET A 8 -14.03 -1.33 -12.98
N ASP A 9 -15.12 -1.81 -12.38
CA ASP A 9 -15.29 -1.83 -10.92
C ASP A 9 -14.34 -2.83 -10.25
N MET A 10 -13.86 -2.54 -9.03
CA MET A 10 -12.91 -3.36 -8.31
C MET A 10 -13.41 -4.80 -8.10
N LYS A 11 -14.68 -4.96 -7.70
CA LYS A 11 -15.37 -6.27 -7.56
C LYS A 11 -15.35 -7.09 -8.86
N ARG A 12 -15.48 -6.42 -10.02
CA ARG A 12 -15.46 -7.04 -11.35
C ARG A 12 -14.04 -7.41 -11.76
N ARG A 13 -13.06 -6.54 -11.51
CA ARG A 13 -11.64 -6.81 -11.81
C ARG A 13 -11.08 -7.97 -10.99
N ILE A 14 -11.45 -8.05 -9.71
CA ILE A 14 -11.10 -9.18 -8.82
C ILE A 14 -11.50 -10.52 -9.45
N HIS A 15 -12.61 -10.58 -10.19
CA HIS A 15 -13.02 -11.80 -10.90
C HIS A 15 -12.14 -12.11 -12.11
N LEU A 16 -11.81 -11.09 -12.91
CA LEU A 16 -10.90 -11.20 -14.06
C LEU A 16 -9.46 -11.57 -13.65
N GLU A 17 -9.02 -11.18 -12.46
CA GLU A 17 -7.71 -11.56 -11.89
C GLU A 17 -7.73 -12.99 -11.32
N LEU A 18 -8.81 -13.40 -10.63
CA LEU A 18 -9.00 -14.77 -10.13
C LEU A 18 -9.02 -15.80 -11.27
N ARG A 19 -9.84 -15.56 -12.31
CA ARG A 19 -10.00 -16.24 -13.60
C ARG A 19 -10.13 -17.77 -13.66
N ASN A 20 -9.17 -18.47 -13.05
CA ASN A 20 -8.94 -19.91 -13.14
C ASN A 20 -8.59 -20.59 -11.81
N ARG A 21 -8.39 -19.84 -10.69
CA ARG A 21 -8.10 -20.41 -9.35
C ARG A 21 -8.76 -19.64 -8.20
N THR A 22 -8.87 -20.31 -7.05
CA THR A 22 -9.37 -19.82 -5.76
C THR A 22 -8.57 -18.60 -5.26
N PRO A 23 -9.17 -17.60 -4.57
CA PRO A 23 -8.43 -16.46 -4.00
C PRO A 23 -7.33 -16.87 -3.01
N ALA A 24 -7.47 -18.03 -2.35
CA ALA A 24 -6.46 -18.57 -1.43
C ALA A 24 -5.24 -19.16 -2.14
N ALA A 25 -5.30 -19.35 -3.47
CA ALA A 25 -4.21 -19.83 -4.31
C ALA A 25 -3.48 -18.69 -5.06
N VAL A 26 -3.86 -17.43 -4.84
CA VAL A 26 -3.30 -16.24 -5.50
C VAL A 26 -2.17 -15.66 -4.66
N ARG A 27 -1.00 -15.42 -5.27
CA ARG A 27 0.16 -14.76 -4.64
C ARG A 27 0.29 -13.28 -4.99
N GLU A 28 -0.06 -12.92 -6.22
CA GLU A 28 0.17 -11.59 -6.81
C GLU A 28 -1.12 -11.10 -7.48
N LEU A 29 -1.67 -9.98 -7.00
CA LEU A 29 -2.94 -9.42 -7.45
C LEU A 29 -2.80 -7.92 -7.76
N VAL A 30 -3.26 -7.47 -8.93
CA VAL A 30 -3.30 -6.05 -9.30
C VAL A 30 -4.69 -5.59 -9.72
N LEU A 31 -5.11 -4.45 -9.19
CA LEU A 31 -6.43 -3.84 -9.38
C LEU A 31 -6.29 -2.41 -9.96
N ASP A 32 -5.22 -2.19 -10.73
CA ASP A 32 -4.86 -0.93 -11.37
C ASP A 32 -5.96 -0.36 -12.27
N ASN A 33 -6.06 0.97 -12.35
CA ASN A 33 -7.00 1.71 -13.23
C ASN A 33 -8.50 1.38 -13.03
N CYS A 34 -8.86 0.71 -11.93
CA CYS A 34 -10.22 0.28 -11.61
C CYS A 34 -10.90 1.21 -10.59
N LYS A 35 -12.24 1.14 -10.53
CA LYS A 35 -13.12 2.03 -9.76
C LYS A 35 -13.52 1.38 -8.42
N SER A 36 -13.31 2.12 -7.33
CA SER A 36 -13.75 1.75 -5.98
C SER A 36 -15.20 2.19 -5.70
N ASN A 37 -15.78 1.71 -4.60
CA ASN A 37 -17.07 2.19 -4.11
C ASN A 37 -16.86 3.41 -3.19
N ASP A 38 -16.94 4.62 -3.76
CA ASP A 38 -16.78 5.89 -3.04
C ASP A 38 -15.46 5.98 -2.23
N GLY A 39 -14.34 5.55 -2.81
CA GLY A 39 -13.04 5.53 -2.15
C GLY A 39 -12.92 4.54 -0.99
N LYS A 40 -13.78 3.52 -0.97
CA LYS A 40 -13.71 2.35 -0.09
C LYS A 40 -13.70 1.09 -0.97
N ILE A 41 -12.86 0.12 -0.62
CA ILE A 41 -12.66 -1.13 -1.38
C ILE A 41 -13.96 -1.94 -1.42
N GLU A 42 -14.25 -2.56 -2.55
CA GLU A 42 -15.34 -3.52 -2.71
C GLU A 42 -14.81 -4.82 -3.37
N GLY A 43 -15.24 -5.97 -2.86
CA GLY A 43 -14.88 -7.30 -3.40
C GLY A 43 -13.66 -7.97 -2.78
N LEU A 44 -12.71 -7.23 -2.22
CA LEU A 44 -11.49 -7.79 -1.66
C LEU A 44 -11.81 -8.56 -0.36
N THR A 45 -11.35 -9.80 -0.26
CA THR A 45 -11.75 -10.76 0.78
C THR A 45 -10.58 -11.28 1.63
N ALA A 46 -10.86 -11.68 2.87
CA ALA A 46 -9.93 -12.38 3.75
C ALA A 46 -9.57 -13.79 3.27
N GLU A 47 -10.22 -14.31 2.21
CA GLU A 47 -9.79 -15.57 1.56
C GLU A 47 -8.45 -15.41 0.82
N PHE A 48 -7.95 -14.19 0.58
CA PHE A 48 -6.61 -13.90 0.02
C PHE A 48 -5.45 -14.17 1.02
N VAL A 49 -5.56 -15.17 1.89
CA VAL A 49 -4.62 -15.42 3.01
C VAL A 49 -3.16 -15.62 2.57
N ASN A 50 -2.94 -16.15 1.37
CA ASN A 50 -1.61 -16.39 0.79
C ASN A 50 -1.12 -15.29 -0.17
N LEU A 51 -1.89 -14.20 -0.33
CA LEU A 51 -1.49 -13.07 -1.14
C LEU A 51 -0.29 -12.37 -0.51
N GLU A 52 0.79 -12.23 -1.29
CA GLU A 52 2.04 -11.58 -0.88
C GLU A 52 2.20 -10.18 -1.50
N PHE A 53 1.55 -9.93 -2.64
CA PHE A 53 1.54 -8.66 -3.37
C PHE A 53 0.13 -8.18 -3.74
N LEU A 54 -0.13 -6.88 -3.51
CA LEU A 54 -1.37 -6.18 -3.92
C LEU A 54 -1.05 -4.83 -4.56
N SER A 55 -1.62 -4.53 -5.74
CA SER A 55 -1.58 -3.20 -6.37
C SER A 55 -2.95 -2.51 -6.41
N LEU A 56 -2.98 -1.25 -5.95
CA LEU A 56 -4.14 -0.35 -5.91
C LEU A 56 -3.69 1.07 -6.34
N ILE A 57 -3.12 1.19 -7.55
CA ILE A 57 -2.61 2.45 -8.10
C ILE A 57 -3.62 3.15 -9.02
N ASN A 58 -3.76 4.47 -8.81
CA ASN A 58 -4.66 5.39 -9.53
C ASN A 58 -6.13 4.95 -9.61
N VAL A 59 -6.53 4.14 -8.62
CA VAL A 59 -7.93 3.74 -8.33
C VAL A 59 -8.67 4.85 -7.58
N GLY A 60 -7.93 5.87 -7.11
CA GLY A 60 -8.49 7.08 -6.51
C GLY A 60 -9.12 6.88 -5.13
N LEU A 61 -8.69 5.83 -4.41
CA LEU A 61 -9.21 5.44 -3.09
C LEU A 61 -8.97 6.52 -2.03
N ILE A 62 -9.86 6.62 -1.04
CA ILE A 62 -9.83 7.65 0.01
C ILE A 62 -9.56 7.01 1.40
N SER A 63 -9.97 5.75 1.59
CA SER A 63 -9.86 5.02 2.86
C SER A 63 -9.36 3.58 2.70
N VAL A 64 -8.46 3.17 3.60
CA VAL A 64 -7.94 1.80 3.73
C VAL A 64 -8.74 0.91 4.70
N SER A 65 -9.85 1.40 5.28
CA SER A 65 -10.67 0.67 6.26
C SER A 65 -11.29 -0.63 5.75
N ASN A 66 -11.65 -0.68 4.46
CA ASN A 66 -12.23 -1.86 3.81
C ASN A 66 -11.18 -2.92 3.38
N LEU A 67 -9.89 -2.74 3.67
CA LEU A 67 -8.90 -3.81 3.49
C LEU A 67 -9.25 -5.01 4.41
N PRO A 68 -9.26 -6.25 3.91
CA PRO A 68 -9.37 -7.45 4.74
C PRO A 68 -8.04 -7.73 5.46
N LYS A 69 -8.05 -8.62 6.46
CA LYS A 69 -6.80 -9.13 7.07
C LYS A 69 -6.07 -10.02 6.05
N LEU A 70 -4.81 -9.68 5.76
CA LEU A 70 -3.92 -10.41 4.86
C LEU A 70 -2.59 -10.66 5.59
N PRO A 71 -2.44 -11.80 6.28
CA PRO A 71 -1.33 -12.03 7.20
C PRO A 71 0.02 -12.23 6.50
N LYS A 72 0.03 -12.53 5.19
CA LYS A 72 1.24 -12.84 4.40
C LYS A 72 1.59 -11.77 3.36
N LEU A 73 0.73 -10.76 3.18
CA LEU A 73 0.99 -9.59 2.34
C LEU A 73 2.20 -8.80 2.89
N LYS A 74 3.35 -8.99 2.23
CA LYS A 74 4.58 -8.26 2.55
C LYS A 74 4.70 -6.95 1.78
N LYS A 75 4.00 -6.81 0.64
CA LYS A 75 4.14 -5.65 -0.26
C LYS A 75 2.79 -5.09 -0.73
N LEU A 76 2.57 -3.79 -0.52
CA LEU A 76 1.38 -3.05 -0.93
C LEU A 76 1.75 -1.83 -1.77
N GLU A 77 1.33 -1.84 -3.04
CA GLU A 77 1.45 -0.72 -3.98
C GLU A 77 0.20 0.17 -3.92
N LEU A 78 0.24 1.21 -3.07
CA LEU A 78 -0.74 2.29 -3.04
C LEU A 78 -0.05 3.57 -3.56
N SER A 79 -0.47 4.04 -4.74
CA SER A 79 -0.02 5.31 -5.31
C SER A 79 -1.16 6.01 -6.03
N GLU A 80 -1.07 7.33 -6.18
CA GLU A 80 -2.05 8.17 -6.88
C GLU A 80 -3.48 8.09 -6.26
N ASN A 81 -3.54 7.89 -4.94
CA ASN A 81 -4.77 7.82 -4.14
C ASN A 81 -5.12 9.19 -3.51
N ARG A 82 -6.30 9.28 -2.89
CA ARG A 82 -6.85 10.46 -2.19
C ARG A 82 -6.74 10.35 -0.65
N ILE A 83 -6.09 9.30 -0.15
CA ILE A 83 -5.96 8.99 1.28
C ILE A 83 -5.23 10.12 2.01
N PHE A 84 -5.78 10.57 3.15
CA PHE A 84 -5.25 11.70 3.96
C PHE A 84 -4.84 11.31 5.39
N GLY A 85 -5.04 10.04 5.78
CA GLY A 85 -4.71 9.51 7.11
C GLY A 85 -5.33 8.13 7.34
N GLY A 86 -5.48 7.72 8.61
CA GLY A 86 -6.17 6.48 8.98
C GLY A 86 -5.39 5.18 8.70
N LEU A 87 -4.05 5.27 8.60
CA LEU A 87 -3.18 4.14 8.22
C LEU A 87 -3.05 3.05 9.31
N ASP A 88 -3.71 3.21 10.46
CA ASP A 88 -3.79 2.19 11.54
C ASP A 88 -4.51 0.91 11.11
N MET A 89 -5.28 0.95 10.02
CA MET A 89 -5.83 -0.25 9.39
C MET A 89 -4.69 -1.15 8.90
N LEU A 90 -3.66 -0.57 8.27
CA LEU A 90 -2.53 -1.34 7.73
C LEU A 90 -1.77 -2.06 8.87
N ALA A 91 -1.68 -1.43 10.04
CA ALA A 91 -1.05 -2.00 11.22
C ALA A 91 -1.78 -3.25 11.78
N GLU A 92 -3.11 -3.35 11.64
CA GLU A 92 -3.90 -4.50 12.12
C GLU A 92 -4.19 -5.55 11.02
N LYS A 93 -4.46 -5.10 9.78
CA LYS A 93 -4.75 -5.97 8.63
C LYS A 93 -3.52 -6.68 8.06
N LEU A 94 -2.37 -6.00 8.03
CA LEU A 94 -1.15 -6.43 7.32
C LEU A 94 0.04 -6.61 8.29
N PRO A 95 0.00 -7.55 9.26
CA PRO A 95 0.96 -7.64 10.36
C PRO A 95 2.41 -7.93 9.93
N ASN A 96 2.63 -8.53 8.76
CA ASN A 96 3.95 -8.86 8.20
C ASN A 96 4.35 -7.98 6.99
N LEU A 97 3.76 -6.79 6.86
CA LEU A 97 4.07 -5.82 5.80
C LEU A 97 5.52 -5.30 5.92
N THR A 98 6.29 -5.44 4.84
CA THR A 98 7.69 -4.95 4.73
C THR A 98 7.84 -3.78 3.77
N HIS A 99 7.03 -3.75 2.71
CA HIS A 99 7.10 -2.76 1.64
C HIS A 99 5.75 -2.06 1.47
N LEU A 100 5.76 -0.73 1.50
CA LEU A 100 4.54 0.08 1.43
C LEU A 100 4.77 1.35 0.60
N ASN A 101 4.07 1.48 -0.52
CA ASN A 101 4.01 2.75 -1.24
C ASN A 101 2.86 3.60 -0.63
N LEU A 102 3.08 4.91 -0.53
CA LEU A 102 2.10 5.92 -0.11
C LEU A 102 2.13 7.16 -1.03
N SER A 103 2.75 7.08 -2.22
CA SER A 103 3.01 8.25 -3.07
C SER A 103 1.75 8.85 -3.70
N GLY A 104 1.77 10.17 -3.94
CA GLY A 104 0.63 10.92 -4.47
C GLY A 104 -0.59 11.02 -3.54
N ASN A 105 -0.55 10.36 -2.38
CA ASN A 105 -1.59 10.45 -1.35
C ASN A 105 -1.63 11.88 -0.75
N LYS A 106 -2.74 12.24 -0.11
CA LYS A 106 -2.99 13.56 0.50
C LYS A 106 -2.46 13.65 1.94
N LEU A 107 -1.37 12.92 2.22
CA LEU A 107 -0.69 12.89 3.51
C LEU A 107 0.09 14.20 3.68
N LYS A 108 -0.23 14.96 4.73
CA LYS A 108 0.24 16.34 4.97
C LYS A 108 1.15 16.48 6.18
N ASP A 109 1.16 15.50 7.07
CA ASP A 109 1.80 15.56 8.38
C ASP A 109 2.49 14.25 8.76
N ILE A 110 3.58 14.34 9.52
CA ILE A 110 4.28 13.16 10.08
C ILE A 110 3.34 12.33 10.97
N SER A 111 2.39 12.96 11.65
CA SER A 111 1.36 12.30 12.47
C SER A 111 0.41 11.39 11.68
N THR A 112 0.34 11.50 10.34
CA THR A 112 -0.39 10.53 9.49
C THR A 112 0.33 9.17 9.36
N LEU A 113 1.63 9.15 9.68
CA LEU A 113 2.52 7.99 9.57
C LEU A 113 2.73 7.31 10.93
N GLU A 114 2.24 7.94 12.00
CA GLU A 114 2.32 7.49 13.38
C GLU A 114 1.82 6.06 13.65
N PRO A 115 0.81 5.49 12.96
CA PRO A 115 0.45 4.10 13.19
C PRO A 115 1.38 3.09 12.49
N LEU A 116 2.27 3.50 11.58
CA LEU A 116 3.16 2.59 10.88
C LEU A 116 4.28 2.03 11.79
N LYS A 117 4.57 2.67 12.93
CA LYS A 117 5.53 2.20 13.94
C LYS A 117 5.06 0.96 14.72
N LYS A 118 3.76 0.64 14.65
CA LYS A 118 3.21 -0.65 15.15
C LYS A 118 3.85 -1.85 14.42
N LEU A 119 4.10 -1.72 13.11
CA LEU A 119 4.59 -2.78 12.24
C LEU A 119 6.10 -2.95 12.35
N GLU A 120 6.52 -3.89 13.19
CA GLU A 120 7.93 -4.21 13.42
C GLU A 120 8.63 -4.81 12.18
N CYS A 121 7.87 -5.12 11.12
CA CYS A 121 8.36 -5.67 9.86
C CYS A 121 8.66 -4.61 8.79
N LEU A 122 8.10 -3.39 8.91
CA LEU A 122 8.16 -2.38 7.86
C LEU A 122 9.60 -1.92 7.56
N LYS A 123 10.05 -2.17 6.32
CA LYS A 123 11.44 -2.06 5.85
C LYS A 123 11.63 -0.95 4.81
N SER A 124 10.65 -0.76 3.91
CA SER A 124 10.70 0.24 2.84
C SER A 124 9.38 1.00 2.68
N LEU A 125 9.48 2.32 2.52
CA LEU A 125 8.36 3.27 2.44
C LEU A 125 8.54 4.28 1.28
N ASP A 126 7.48 4.71 0.60
CA ASP A 126 7.58 5.71 -0.48
C ASP A 126 6.51 6.80 -0.31
N LEU A 127 6.94 8.08 -0.33
CA LEU A 127 6.09 9.25 -0.07
C LEU A 127 6.31 10.36 -1.13
N PHE A 128 6.57 9.97 -2.38
CA PHE A 128 6.72 10.93 -3.49
C PHE A 128 5.44 11.77 -3.67
N ASN A 129 5.59 13.05 -4.03
CA ASN A 129 4.49 13.98 -4.33
C ASN A 129 3.38 14.06 -3.24
N CYS A 130 3.75 13.94 -1.96
CA CYS A 130 2.84 14.10 -0.81
C CYS A 130 3.05 15.48 -0.15
N GLU A 131 2.00 16.12 0.35
CA GLU A 131 2.08 17.41 1.07
C GLU A 131 3.09 17.39 2.21
N VAL A 132 3.16 16.28 2.95
CA VAL A 132 4.11 16.04 4.06
C VAL A 132 5.58 16.21 3.66
N THR A 133 5.92 16.12 2.37
CA THR A 133 7.28 16.38 1.86
C THR A 133 7.68 17.86 1.86
N ASN A 134 6.74 18.78 2.10
CA ASN A 134 7.00 20.22 2.19
C ASN A 134 7.45 20.69 3.60
N LEU A 135 7.35 19.81 4.59
CA LEU A 135 7.81 20.03 5.96
C LEU A 135 9.33 20.18 6.07
N ASN A 136 9.80 20.95 7.05
CA ASN A 136 11.21 21.07 7.37
C ASN A 136 11.75 19.75 7.97
N ASP A 137 12.90 19.27 7.49
CA ASP A 137 13.53 18.00 7.88
C ASP A 137 12.59 16.77 7.85
N TYR A 138 11.65 16.72 6.88
CA TYR A 138 10.59 15.70 6.85
C TYR A 138 11.15 14.27 6.82
N ARG A 139 12.19 14.01 6.02
CA ARG A 139 12.84 12.71 5.85
C ARG A 139 13.32 12.11 7.18
N GLU A 140 14.06 12.88 7.96
CA GLU A 140 14.50 12.49 9.31
C GLU A 140 13.32 12.40 10.28
N SER A 141 12.28 13.22 10.08
CA SER A 141 11.05 13.17 10.89
C SER A 141 10.20 11.93 10.65
N VAL A 142 10.37 11.24 9.51
CA VAL A 142 9.79 9.90 9.28
C VAL A 142 10.64 8.82 9.95
N PHE A 143 11.98 8.84 9.79
CA PHE A 143 12.85 7.83 10.40
C PHE A 143 12.88 7.87 11.94
N LYS A 144 12.74 9.05 12.56
CA LYS A 144 12.66 9.18 14.03
C LYS A 144 11.34 8.64 14.60
N LEU A 145 10.27 8.72 13.80
CA LEU A 145 8.94 8.17 14.09
C LEU A 145 8.87 6.66 13.87
N LEU A 146 9.54 6.17 12.81
CA LEU A 146 9.55 4.78 12.34
C LEU A 146 10.97 4.17 12.51
N PRO A 147 11.43 3.90 13.74
CA PRO A 147 12.82 3.50 14.01
C PRO A 147 13.20 2.14 13.39
N GLN A 148 12.22 1.30 13.04
CA GLN A 148 12.40 0.01 12.37
C GLN A 148 12.61 0.12 10.85
N LEU A 149 12.25 1.25 10.24
CA LEU A 149 12.34 1.49 8.80
C LEU A 149 13.80 1.61 8.31
N THR A 150 14.12 0.97 7.19
CA THR A 150 15.44 1.09 6.53
C THR A 150 15.40 2.12 5.39
N TYR A 151 14.41 2.04 4.51
CA TYR A 151 14.33 2.84 3.27
C TYR A 151 13.14 3.79 3.23
N LEU A 152 13.37 4.95 2.64
CA LEU A 152 12.39 6.02 2.41
C LEU A 152 12.65 6.68 1.05
N ASP A 153 11.63 6.73 0.19
CA ASP A 153 11.73 7.21 -1.21
C ASP A 153 12.87 6.55 -2.02
N GLY A 154 13.15 5.27 -1.71
CA GLY A 154 14.18 4.44 -2.35
C GLY A 154 15.59 4.56 -1.76
N TYR A 155 15.86 5.53 -0.89
CA TYR A 155 17.14 5.74 -0.20
C TYR A 155 17.05 5.41 1.29
N ASP A 156 18.15 4.91 1.85
CA ASP A 156 18.31 4.56 3.27
C ASP A 156 18.51 5.81 4.13
N ARG A 157 18.38 5.67 5.45
CA ARG A 157 18.80 6.70 6.42
C ARG A 157 20.32 6.89 6.44
N GLU A 158 21.08 5.96 5.85
CA GLU A 158 22.50 6.06 5.53
C GLU A 158 22.76 6.73 4.15
N ASP A 159 21.74 7.38 3.57
CA ASP A 159 21.78 8.18 2.33
C ASP A 159 22.30 7.43 1.09
N GLN A 160 21.98 6.13 1.01
CA GLN A 160 22.35 5.23 -0.10
C GLN A 160 21.12 4.49 -0.68
N GLU A 161 21.11 4.25 -2.00
CA GLU A 161 19.97 3.65 -2.70
C GLU A 161 19.77 2.16 -2.37
N ALA A 162 18.52 1.70 -2.43
CA ALA A 162 18.16 0.30 -2.23
C ALA A 162 18.69 -0.65 -3.33
N PRO A 163 18.89 -1.94 -3.02
CA PRO A 163 19.44 -2.93 -3.95
C PRO A 163 18.42 -3.40 -5.00
N ASP A 164 18.90 -3.68 -6.21
CA ASP A 164 18.06 -4.10 -7.35
C ASP A 164 17.25 -5.39 -7.09
N SER A 165 17.70 -6.24 -6.16
CA SER A 165 17.06 -7.47 -5.73
C SER A 165 15.85 -7.28 -4.78
N ASP A 166 15.68 -6.09 -4.17
CA ASP A 166 14.62 -5.82 -3.17
C ASP A 166 13.96 -4.43 -3.28
N ALA A 167 14.42 -3.57 -4.20
CA ALA A 167 13.82 -2.26 -4.51
C ALA A 167 12.60 -2.34 -5.47
N GLU A 168 12.27 -3.55 -5.93
CA GLU A 168 11.21 -3.87 -6.89
C GLU A 168 10.18 -4.86 -6.31
N GLY A 1 -18.21 -12.70 -24.14
CA GLY A 1 -16.81 -12.47 -23.74
C GLY A 1 -16.65 -11.14 -23.00
N SER A 2 -15.66 -11.05 -22.11
CA SER A 2 -15.38 -9.89 -21.25
C SER A 2 -13.88 -9.54 -21.22
N SER A 3 -13.57 -8.25 -21.04
CA SER A 3 -12.21 -7.68 -21.08
C SER A 3 -12.01 -6.62 -19.99
N GLY A 4 -10.74 -6.35 -19.64
CA GLY A 4 -10.36 -5.26 -18.72
C GLY A 4 -10.62 -3.86 -19.31
N SER A 5 -10.86 -2.89 -18.44
CA SER A 5 -11.17 -1.49 -18.79
C SER A 5 -10.76 -0.52 -17.67
N SER A 6 -10.38 0.71 -18.03
CA SER A 6 -10.16 1.80 -17.07
C SER A 6 -11.46 2.27 -16.38
N GLY A 7 -12.63 1.82 -16.85
CA GLY A 7 -13.93 2.00 -16.18
C GLY A 7 -14.38 0.82 -15.31
N MET A 8 -13.60 -0.27 -15.23
CA MET A 8 -13.98 -1.50 -14.52
C MET A 8 -14.04 -1.34 -13.00
N ASP A 9 -15.08 -1.85 -12.36
CA ASP A 9 -15.21 -1.86 -10.89
C ASP A 9 -14.19 -2.83 -10.24
N MET A 10 -13.77 -2.54 -9.00
CA MET A 10 -12.78 -3.31 -8.26
C MET A 10 -13.15 -4.79 -8.13
N LYS A 11 -14.39 -5.11 -7.74
CA LYS A 11 -14.95 -6.47 -7.70
C LYS A 11 -14.88 -7.21 -9.03
N ARG A 12 -15.07 -6.49 -10.14
CA ARG A 12 -15.00 -7.04 -11.51
C ARG A 12 -13.56 -7.27 -11.95
N ARG A 13 -12.62 -6.40 -11.55
CA ARG A 13 -11.20 -6.58 -11.83
C ARG A 13 -10.57 -7.70 -10.99
N ILE A 14 -10.99 -7.86 -9.74
CA ILE A 14 -10.64 -8.99 -8.87
C ILE A 14 -11.02 -10.32 -9.56
N HIS A 15 -12.14 -10.36 -10.30
CA HIS A 15 -12.52 -11.57 -11.05
C HIS A 15 -11.53 -11.86 -12.18
N LEU A 16 -11.11 -10.83 -12.93
CA LEU A 16 -10.15 -10.98 -14.03
C LEU A 16 -8.78 -11.48 -13.55
N GLU A 17 -8.38 -11.17 -12.33
CA GLU A 17 -7.13 -11.67 -11.74
C GLU A 17 -7.25 -13.06 -11.10
N LEU A 18 -8.43 -13.45 -10.61
CA LEU A 18 -8.70 -14.83 -10.19
C LEU A 18 -8.70 -15.77 -11.41
N ARG A 19 -9.48 -15.44 -12.46
CA ARG A 19 -9.67 -16.03 -13.81
C ARG A 19 -9.77 -17.55 -13.98
N ASN A 20 -8.90 -18.32 -13.33
CA ASN A 20 -8.77 -19.77 -13.40
C ASN A 20 -8.58 -20.43 -12.02
N ARG A 21 -8.34 -19.66 -10.95
CA ARG A 21 -8.02 -20.15 -9.59
C ARG A 21 -8.80 -19.47 -8.46
N THR A 22 -8.77 -20.10 -7.29
CA THR A 22 -9.24 -19.58 -5.99
C THR A 22 -8.48 -18.32 -5.58
N PRO A 23 -9.06 -17.41 -4.75
CA PRO A 23 -8.30 -16.31 -4.15
C PRO A 23 -7.17 -16.78 -3.22
N ALA A 24 -7.27 -17.99 -2.66
CA ALA A 24 -6.20 -18.62 -1.89
C ALA A 24 -5.17 -19.37 -2.78
N ALA A 25 -5.21 -19.18 -4.09
CA ALA A 25 -4.18 -19.62 -5.04
C ALA A 25 -3.49 -18.42 -5.74
N VAL A 26 -3.82 -17.19 -5.34
CA VAL A 26 -3.23 -15.95 -5.87
C VAL A 26 -2.18 -15.43 -4.90
N ARG A 27 -0.97 -15.16 -5.41
CA ARG A 27 0.17 -14.62 -4.64
C ARG A 27 0.49 -13.16 -4.97
N GLU A 28 0.21 -12.73 -6.19
CA GLU A 28 0.33 -11.35 -6.66
C GLU A 28 -1.01 -10.89 -7.26
N LEU A 29 -1.60 -9.82 -6.69
CA LEU A 29 -2.88 -9.27 -7.13
C LEU A 29 -2.73 -7.79 -7.53
N VAL A 30 -3.14 -7.46 -8.75
CA VAL A 30 -3.01 -6.12 -9.35
C VAL A 30 -4.39 -5.61 -9.76
N LEU A 31 -4.82 -4.52 -9.15
CA LEU A 31 -6.13 -3.88 -9.33
C LEU A 31 -5.97 -2.43 -9.82
N ASP A 32 -4.95 -2.18 -10.64
CA ASP A 32 -4.65 -0.87 -11.24
C ASP A 32 -5.84 -0.33 -12.07
N ASN A 33 -5.97 1.01 -12.13
CA ASN A 33 -6.99 1.72 -12.92
C ASN A 33 -8.47 1.41 -12.61
N CYS A 34 -8.79 0.52 -11.67
CA CYS A 34 -10.17 0.15 -11.36
C CYS A 34 -10.93 1.22 -10.56
N LYS A 35 -12.25 1.12 -10.55
CA LYS A 35 -13.19 2.00 -9.82
C LYS A 35 -13.54 1.39 -8.45
N SER A 36 -13.31 2.16 -7.39
CA SER A 36 -13.70 1.81 -6.02
C SER A 36 -15.16 2.22 -5.71
N ASN A 37 -15.70 1.74 -4.58
CA ASN A 37 -17.00 2.18 -4.08
C ASN A 37 -16.81 3.45 -3.23
N ASP A 38 -16.87 4.63 -3.86
CA ASP A 38 -16.74 5.94 -3.21
C ASP A 38 -15.44 6.10 -2.37
N GLY A 39 -14.31 5.56 -2.87
CA GLY A 39 -13.03 5.57 -2.16
C GLY A 39 -12.93 4.59 -0.99
N LYS A 40 -13.80 3.57 -0.96
CA LYS A 40 -13.72 2.39 -0.09
C LYS A 40 -13.64 1.15 -0.96
N ILE A 41 -12.80 0.18 -0.55
CA ILE A 41 -12.56 -1.07 -1.31
C ILE A 41 -13.86 -1.88 -1.46
N GLU A 42 -14.06 -2.46 -2.63
CA GLU A 42 -15.24 -3.27 -2.95
C GLU A 42 -14.77 -4.59 -3.60
N GLY A 43 -15.19 -5.74 -3.05
CA GLY A 43 -14.85 -7.07 -3.57
C GLY A 43 -13.67 -7.79 -2.93
N LEU A 44 -12.73 -7.06 -2.30
CA LEU A 44 -11.55 -7.69 -1.69
C LEU A 44 -11.93 -8.49 -0.43
N THR A 45 -11.34 -9.67 -0.26
CA THR A 45 -11.74 -10.66 0.75
C THR A 45 -10.57 -11.21 1.57
N ALA A 46 -10.84 -11.64 2.81
CA ALA A 46 -9.90 -12.34 3.66
C ALA A 46 -9.51 -13.73 3.13
N GLU A 47 -10.17 -14.25 2.09
CA GLU A 47 -9.76 -15.50 1.43
C GLU A 47 -8.41 -15.37 0.67
N PHE A 48 -7.87 -14.16 0.48
CA PHE A 48 -6.52 -13.89 0.00
C PHE A 48 -5.42 -14.18 1.06
N VAL A 49 -5.60 -15.18 1.93
CA VAL A 49 -4.76 -15.43 3.13
C VAL A 49 -3.26 -15.62 2.84
N ASN A 50 -2.90 -16.10 1.65
CA ASN A 50 -1.51 -16.34 1.23
C ASN A 50 -1.02 -15.41 0.10
N LEU A 51 -1.74 -14.31 -0.16
CA LEU A 51 -1.31 -13.22 -1.01
C LEU A 51 -0.08 -12.53 -0.40
N GLU A 52 0.98 -12.31 -1.17
CA GLU A 52 2.18 -11.58 -0.73
C GLU A 52 2.24 -10.13 -1.24
N PHE A 53 1.63 -9.89 -2.40
CA PHE A 53 1.60 -8.58 -3.10
C PHE A 53 0.18 -8.13 -3.46
N LEU A 54 -0.13 -6.85 -3.21
CA LEU A 54 -1.37 -6.18 -3.62
C LEU A 54 -1.06 -4.80 -4.22
N SER A 55 -1.57 -4.51 -5.43
CA SER A 55 -1.55 -3.16 -6.03
C SER A 55 -2.95 -2.61 -6.25
N LEU A 56 -3.15 -1.36 -5.83
CA LEU A 56 -4.37 -0.56 -5.90
C LEU A 56 -4.02 0.87 -6.36
N ILE A 57 -3.26 0.99 -7.46
CA ILE A 57 -2.73 2.27 -7.96
C ILE A 57 -3.73 3.00 -8.87
N ASN A 58 -3.82 4.32 -8.67
CA ASN A 58 -4.64 5.29 -9.41
C ASN A 58 -6.14 4.92 -9.50
N VAL A 59 -6.59 4.11 -8.55
CA VAL A 59 -8.01 3.77 -8.33
C VAL A 59 -8.75 4.93 -7.67
N GLY A 60 -7.98 5.87 -7.09
CA GLY A 60 -8.49 7.09 -6.46
C GLY A 60 -9.14 6.85 -5.10
N LEU A 61 -8.65 5.85 -4.35
CA LEU A 61 -9.17 5.46 -3.03
C LEU A 61 -8.99 6.58 -2.00
N ILE A 62 -9.82 6.61 -0.95
CA ILE A 62 -9.77 7.62 0.11
C ILE A 62 -9.56 6.95 1.48
N SER A 63 -10.05 5.72 1.66
CA SER A 63 -10.13 5.02 2.94
C SER A 63 -9.64 3.57 2.85
N VAL A 64 -8.65 3.23 3.68
CA VAL A 64 -8.11 1.85 3.83
C VAL A 64 -8.94 0.96 4.78
N SER A 65 -10.06 1.47 5.31
CA SER A 65 -10.93 0.81 6.30
C SER A 65 -11.61 -0.47 5.79
N ASN A 66 -11.79 -0.62 4.48
CA ASN A 66 -12.36 -1.82 3.85
C ASN A 66 -11.32 -2.91 3.50
N LEU A 67 -10.04 -2.74 3.85
CA LEU A 67 -9.04 -3.81 3.69
C LEU A 67 -9.40 -5.03 4.58
N PRO A 68 -9.37 -6.27 4.05
CA PRO A 68 -9.48 -7.48 4.85
C PRO A 68 -8.16 -7.76 5.60
N LYS A 69 -8.18 -8.69 6.56
CA LYS A 69 -6.95 -9.21 7.19
C LYS A 69 -6.18 -10.06 6.18
N LEU A 70 -4.91 -9.72 5.96
CA LEU A 70 -3.99 -10.44 5.06
C LEU A 70 -2.66 -10.67 5.80
N PRO A 71 -2.50 -11.83 6.48
CA PRO A 71 -1.38 -12.06 7.39
C PRO A 71 -0.04 -12.27 6.67
N LYS A 72 -0.05 -12.58 5.36
CA LYS A 72 1.13 -12.92 4.56
C LYS A 72 1.55 -11.85 3.55
N LEU A 73 0.70 -10.83 3.36
CA LEU A 73 0.98 -9.65 2.54
C LEU A 73 2.21 -8.89 3.08
N LYS A 74 3.34 -9.02 2.37
CA LYS A 74 4.55 -8.25 2.64
C LYS A 74 4.53 -6.90 1.92
N LYS A 75 3.81 -6.76 0.80
CA LYS A 75 3.81 -5.54 -0.02
C LYS A 75 2.42 -5.03 -0.40
N LEU A 76 2.20 -3.73 -0.18
CA LEU A 76 1.02 -2.98 -0.57
C LEU A 76 1.38 -1.72 -1.37
N GLU A 77 0.92 -1.63 -2.62
CA GLU A 77 1.03 -0.46 -3.49
C GLU A 77 -0.30 0.33 -3.50
N LEU A 78 -0.32 1.51 -2.87
CA LEU A 78 -1.49 2.39 -2.76
C LEU A 78 -1.22 3.81 -3.32
N SER A 79 -0.45 3.87 -4.41
CA SER A 79 -0.04 5.13 -5.04
C SER A 79 -1.14 5.81 -5.84
N GLU A 80 -1.03 7.13 -6.05
CA GLU A 80 -1.93 7.95 -6.87
C GLU A 80 -3.40 7.97 -6.38
N ASN A 81 -3.60 7.72 -5.08
CA ASN A 81 -4.89 7.75 -4.38
C ASN A 81 -5.09 9.07 -3.61
N ARG A 82 -6.26 9.23 -2.99
CA ARG A 82 -6.74 10.45 -2.30
C ARG A 82 -6.67 10.34 -0.76
N ILE A 83 -6.02 9.28 -0.25
CA ILE A 83 -5.94 8.93 1.18
C ILE A 83 -5.20 10.05 1.95
N PHE A 84 -5.75 10.48 3.09
CA PHE A 84 -5.23 11.58 3.91
C PHE A 84 -4.83 11.16 5.34
N GLY A 85 -5.07 9.89 5.72
CA GLY A 85 -4.75 9.33 7.04
C GLY A 85 -5.45 7.98 7.26
N GLY A 86 -5.67 7.60 8.53
CA GLY A 86 -6.37 6.36 8.90
C GLY A 86 -5.55 5.07 8.74
N LEU A 87 -4.22 5.19 8.58
CA LEU A 87 -3.31 4.06 8.29
C LEU A 87 -3.10 3.10 9.47
N ASP A 88 -3.73 3.35 10.63
CA ASP A 88 -3.77 2.42 11.77
C ASP A 88 -4.49 1.09 11.42
N MET A 89 -5.32 1.11 10.37
CA MET A 89 -5.89 -0.10 9.77
C MET A 89 -4.79 -1.04 9.23
N LEU A 90 -3.75 -0.49 8.60
CA LEU A 90 -2.66 -1.29 8.01
C LEU A 90 -1.90 -2.06 9.10
N ALA A 91 -1.71 -1.43 10.27
CA ALA A 91 -1.07 -2.04 11.42
C ALA A 91 -1.83 -3.28 11.97
N GLU A 92 -3.16 -3.28 11.92
CA GLU A 92 -3.98 -4.41 12.43
C GLU A 92 -4.37 -5.44 11.37
N LYS A 93 -4.49 -5.02 10.09
CA LYS A 93 -4.86 -5.91 8.97
C LYS A 93 -3.67 -6.65 8.36
N LEU A 94 -2.50 -6.01 8.30
CA LEU A 94 -1.31 -6.46 7.57
C LEU A 94 -0.09 -6.64 8.52
N PRO A 95 -0.13 -7.58 9.49
CA PRO A 95 0.85 -7.67 10.57
C PRO A 95 2.30 -7.94 10.13
N ASN A 96 2.52 -8.51 8.93
CA ASN A 96 3.84 -8.82 8.36
C ASN A 96 4.22 -7.93 7.16
N LEU A 97 3.61 -6.75 7.02
CA LEU A 97 3.90 -5.79 5.95
C LEU A 97 5.34 -5.26 6.04
N THR A 98 6.07 -5.33 4.93
CA THR A 98 7.47 -4.87 4.78
C THR A 98 7.62 -3.72 3.81
N HIS A 99 6.77 -3.62 2.78
CA HIS A 99 6.83 -2.59 1.74
C HIS A 99 5.48 -1.89 1.60
N LEU A 100 5.48 -0.55 1.68
CA LEU A 100 4.26 0.26 1.58
C LEU A 100 4.49 1.50 0.71
N ASN A 101 3.87 1.55 -0.47
CA ASN A 101 3.96 2.71 -1.36
C ASN A 101 2.76 3.63 -1.15
N LEU A 102 3.01 4.86 -0.67
CA LEU A 102 2.01 5.89 -0.38
C LEU A 102 2.13 7.12 -1.32
N SER A 103 2.81 7.00 -2.45
CA SER A 103 3.09 8.11 -3.37
C SER A 103 1.79 8.76 -3.90
N GLY A 104 1.80 10.07 -4.11
CA GLY A 104 0.66 10.84 -4.64
C GLY A 104 -0.54 10.97 -3.69
N ASN A 105 -0.50 10.35 -2.49
CA ASN A 105 -1.54 10.45 -1.47
C ASN A 105 -1.62 11.89 -0.89
N LYS A 106 -2.71 12.19 -0.19
CA LYS A 106 -3.01 13.50 0.44
C LYS A 106 -2.43 13.60 1.88
N LEU A 107 -1.41 12.81 2.17
CA LEU A 107 -0.72 12.76 3.46
C LEU A 107 0.11 14.05 3.63
N LYS A 108 -0.22 14.85 4.64
CA LYS A 108 0.30 16.22 4.85
C LYS A 108 1.04 16.47 6.15
N ASP A 109 1.23 15.43 6.97
CA ASP A 109 1.86 15.49 8.29
C ASP A 109 2.57 14.19 8.63
N ILE A 110 3.66 14.28 9.40
CA ILE A 110 4.34 13.12 10.01
C ILE A 110 3.36 12.32 10.90
N SER A 111 2.38 12.99 11.51
CA SER A 111 1.32 12.38 12.33
C SER A 111 0.45 11.38 11.57
N THR A 112 0.39 11.44 10.23
CA THR A 112 -0.29 10.43 9.40
C THR A 112 0.50 9.12 9.26
N LEU A 113 1.79 9.14 9.61
CA LEU A 113 2.75 8.03 9.48
C LEU A 113 3.03 7.38 10.84
N GLU A 114 2.70 8.08 11.93
CA GLU A 114 2.65 7.59 13.32
C GLU A 114 2.02 6.20 13.48
N PRO A 115 0.83 5.88 12.92
CA PRO A 115 0.24 4.54 13.07
C PRO A 115 1.09 3.39 12.48
N LEU A 116 2.06 3.67 11.61
CA LEU A 116 2.94 2.65 11.04
C LEU A 116 4.00 2.13 12.04
N LYS A 117 4.23 2.82 13.17
CA LYS A 117 5.24 2.41 14.18
C LYS A 117 4.89 1.11 14.92
N LYS A 118 3.64 0.66 14.81
CA LYS A 118 3.19 -0.67 15.28
C LYS A 118 3.87 -1.82 14.52
N LEU A 119 4.10 -1.65 13.22
CA LEU A 119 4.60 -2.69 12.32
C LEU A 119 6.11 -2.84 12.41
N GLU A 120 6.56 -3.76 13.26
CA GLU A 120 7.97 -4.10 13.44
C GLU A 120 8.62 -4.72 12.17
N CYS A 121 7.82 -5.04 11.16
CA CYS A 121 8.25 -5.62 9.88
C CYS A 121 8.52 -4.56 8.80
N LEU A 122 7.99 -3.33 8.94
CA LEU A 122 8.01 -2.32 7.88
C LEU A 122 9.44 -1.87 7.57
N LYS A 123 9.90 -2.18 6.35
CA LYS A 123 11.28 -2.06 5.87
C LYS A 123 11.46 -0.98 4.82
N SER A 124 10.46 -0.76 3.96
CA SER A 124 10.46 0.24 2.89
C SER A 124 9.14 1.01 2.80
N LEU A 125 9.24 2.33 2.60
CA LEU A 125 8.11 3.28 2.57
C LEU A 125 8.34 4.34 1.48
N ASP A 126 7.28 4.79 0.77
CA ASP A 126 7.42 5.81 -0.29
C ASP A 126 6.34 6.89 -0.18
N LEU A 127 6.72 8.15 -0.40
CA LEU A 127 5.91 9.35 -0.17
C LEU A 127 6.01 10.36 -1.34
N PHE A 128 6.45 9.93 -2.53
CA PHE A 128 6.68 10.82 -3.68
C PHE A 128 5.45 11.69 -3.96
N ASN A 129 5.66 13.01 -4.11
CA ASN A 129 4.62 14.02 -4.32
C ASN A 129 3.51 14.09 -3.23
N CYS A 130 3.79 13.68 -1.98
CA CYS A 130 2.89 13.89 -0.84
C CYS A 130 3.12 15.26 -0.19
N GLU A 131 2.09 15.88 0.36
CA GLU A 131 2.18 17.16 1.09
C GLU A 131 3.15 17.10 2.29
N VAL A 132 3.28 15.94 2.93
CA VAL A 132 4.23 15.69 4.03
C VAL A 132 5.69 15.84 3.59
N THR A 133 5.99 15.71 2.29
CA THR A 133 7.33 15.98 1.72
C THR A 133 7.67 17.48 1.60
N ASN A 134 6.69 18.37 1.86
CA ASN A 134 6.91 19.82 1.93
C ASN A 134 7.63 20.24 3.24
N LEU A 135 7.63 19.37 4.26
CA LEU A 135 8.18 19.65 5.59
C LEU A 135 9.71 19.68 5.61
N ASN A 136 10.28 20.46 6.54
CA ASN A 136 11.72 20.59 6.70
C ASN A 136 12.31 19.27 7.23
N ASP A 137 13.34 18.74 6.55
CA ASP A 137 14.01 17.47 6.86
C ASP A 137 13.04 16.28 7.10
N TYR A 138 11.93 16.21 6.35
CA TYR A 138 10.81 15.30 6.62
C TYR A 138 11.23 13.82 6.77
N ARG A 139 12.19 13.34 5.97
CA ARG A 139 12.68 11.95 6.03
C ARG A 139 13.27 11.59 7.40
N GLU A 140 13.97 12.51 8.06
CA GLU A 140 14.47 12.31 9.43
C GLU A 140 13.32 12.20 10.43
N SER A 141 12.27 13.02 10.27
CA SER A 141 11.04 12.99 11.08
C SER A 141 10.20 11.73 10.90
N VAL A 142 10.44 10.95 9.84
CA VAL A 142 9.88 9.61 9.66
C VAL A 142 10.80 8.52 10.22
N PHE A 143 12.12 8.58 9.98
CA PHE A 143 13.06 7.58 10.53
C PHE A 143 13.16 7.61 12.06
N LYS A 144 13.04 8.79 12.70
CA LYS A 144 12.98 8.91 14.17
C LYS A 144 11.72 8.27 14.76
N LEU A 145 10.62 8.31 14.01
CA LEU A 145 9.29 7.81 14.37
C LEU A 145 9.10 6.32 14.05
N LEU A 146 9.81 5.81 13.04
CA LEU A 146 9.82 4.42 12.58
C LEU A 146 11.26 3.86 12.66
N PRO A 147 11.81 3.53 13.86
CA PRO A 147 13.19 3.09 14.03
C PRO A 147 13.55 1.81 13.27
N GLN A 148 12.56 0.99 12.95
CA GLN A 148 12.67 -0.25 12.19
C GLN A 148 12.81 -0.06 10.66
N LEU A 149 12.47 1.11 10.13
CA LEU A 149 12.44 1.40 8.69
C LEU A 149 13.86 1.50 8.10
N THR A 150 14.12 0.78 7.00
CA THR A 150 15.41 0.84 6.28
C THR A 150 15.37 1.89 5.17
N TYR A 151 14.32 1.87 4.34
CA TYR A 151 14.18 2.72 3.15
C TYR A 151 13.00 3.69 3.24
N LEU A 152 13.24 4.90 2.74
CA LEU A 152 12.24 5.96 2.66
C LEU A 152 12.43 6.81 1.40
N ASP A 153 11.41 6.82 0.54
CA ASP A 153 11.44 7.47 -0.79
C ASP A 153 12.52 6.87 -1.71
N GLY A 154 12.71 5.55 -1.61
CA GLY A 154 13.70 4.76 -2.36
C GLY A 154 15.14 4.82 -1.82
N TYR A 155 15.43 5.72 -0.89
CA TYR A 155 16.76 5.93 -0.28
C TYR A 155 16.76 5.60 1.21
N ASP A 156 17.86 5.08 1.75
CA ASP A 156 18.00 4.75 3.17
C ASP A 156 18.36 5.95 4.06
N ARG A 157 18.48 5.71 5.38
CA ARG A 157 18.90 6.70 6.39
C ARG A 157 20.36 7.18 6.27
N GLU A 158 21.15 6.56 5.38
CA GLU A 158 22.50 7.00 4.99
C GLU A 158 22.50 7.70 3.62
N ASP A 159 21.31 7.97 3.06
CA ASP A 159 21.07 8.60 1.75
C ASP A 159 21.67 7.83 0.56
N GLN A 160 21.56 6.50 0.58
CA GLN A 160 21.91 5.60 -0.52
C GLN A 160 20.68 4.83 -1.05
N GLU A 161 20.60 4.61 -2.36
CA GLU A 161 19.41 4.03 -3.02
C GLU A 161 19.25 2.52 -2.78
N ALA A 162 18.00 2.06 -2.78
CA ALA A 162 17.59 0.66 -2.61
C ALA A 162 18.05 -0.28 -3.76
N PRO A 163 18.17 -1.59 -3.50
CA PRO A 163 18.43 -2.61 -4.51
C PRO A 163 17.21 -2.87 -5.41
N ASP A 164 17.43 -3.59 -6.51
CA ASP A 164 16.37 -4.10 -7.39
C ASP A 164 15.53 -5.24 -6.73
N SER A 165 16.11 -5.94 -5.74
CA SER A 165 15.51 -7.05 -5.01
C SER A 165 14.89 -6.63 -3.66
N ASP A 166 15.62 -6.80 -2.55
CA ASP A 166 15.16 -6.52 -1.18
C ASP A 166 16.34 -6.25 -0.22
N ALA A 167 17.36 -7.14 -0.24
CA ALA A 167 18.56 -7.15 0.61
C ALA A 167 18.32 -7.24 2.14
N GLU A 168 19.36 -7.65 2.87
CA GLU A 168 19.39 -7.81 4.35
C GLU A 168 20.75 -7.48 4.98
N GLY A 1 -13.86 -12.00 -25.37
CA GLY A 1 -14.13 -12.04 -23.92
C GLY A 1 -13.58 -10.83 -23.20
N SER A 2 -13.95 -10.66 -21.92
CA SER A 2 -13.53 -9.52 -21.08
C SER A 2 -12.03 -9.52 -20.76
N SER A 3 -11.44 -8.32 -20.59
CA SER A 3 -10.04 -8.11 -20.22
C SER A 3 -9.88 -6.86 -19.33
N GLY A 4 -8.81 -6.80 -18.54
CA GLY A 4 -8.55 -5.71 -17.59
C GLY A 4 -8.25 -4.37 -18.29
N SER A 5 -8.98 -3.32 -17.90
CA SER A 5 -8.89 -1.98 -18.50
C SER A 5 -9.25 -0.87 -17.51
N SER A 6 -8.85 0.37 -17.82
CA SER A 6 -9.17 1.56 -17.01
C SER A 6 -10.68 1.79 -16.89
N GLY A 7 -11.14 2.12 -15.69
CA GLY A 7 -12.56 2.37 -15.39
C GLY A 7 -13.42 1.13 -15.10
N MET A 8 -12.87 -0.09 -15.19
CA MET A 8 -13.51 -1.32 -14.71
C MET A 8 -13.71 -1.26 -13.19
N ASP A 9 -14.75 -1.87 -12.63
CA ASP A 9 -14.93 -1.90 -11.16
C ASP A 9 -13.91 -2.84 -10.49
N MET A 10 -13.52 -2.54 -9.26
CA MET A 10 -12.55 -3.34 -8.50
C MET A 10 -13.03 -4.79 -8.32
N LYS A 11 -14.29 -5.01 -7.95
CA LYS A 11 -14.93 -6.33 -7.86
C LYS A 11 -14.89 -7.12 -9.16
N ARG A 12 -15.05 -6.43 -10.30
CA ARG A 12 -14.98 -7.03 -11.64
C ARG A 12 -13.54 -7.44 -11.96
N ARG A 13 -12.57 -6.58 -11.66
CA ARG A 13 -11.14 -6.86 -11.86
C ARG A 13 -10.64 -8.00 -10.98
N ILE A 14 -11.08 -8.07 -9.72
CA ILE A 14 -10.83 -9.19 -8.81
C ILE A 14 -11.27 -10.52 -9.45
N HIS A 15 -12.41 -10.53 -10.18
CA HIS A 15 -12.88 -11.74 -10.87
C HIS A 15 -12.00 -12.08 -12.08
N LEU A 16 -11.68 -11.09 -12.91
CA LEU A 16 -10.78 -11.21 -14.06
C LEU A 16 -9.35 -11.65 -13.69
N GLU A 17 -8.85 -11.31 -12.50
CA GLU A 17 -7.54 -11.74 -12.00
C GLU A 17 -7.56 -13.10 -11.29
N LEU A 18 -8.69 -13.50 -10.68
CA LEU A 18 -8.90 -14.87 -10.19
C LEU A 18 -8.90 -15.86 -11.36
N ARG A 19 -9.79 -15.65 -12.34
CA ARG A 19 -10.05 -16.34 -13.64
C ARG A 19 -10.00 -17.88 -13.69
N ASN A 20 -8.89 -18.45 -13.25
CA ASN A 20 -8.54 -19.87 -13.33
C ASN A 20 -8.40 -20.54 -11.94
N ARG A 21 -8.34 -19.77 -10.84
CA ARG A 21 -8.08 -20.28 -9.48
C ARG A 21 -8.89 -19.58 -8.38
N THR A 22 -8.92 -20.22 -7.21
CA THR A 22 -9.42 -19.69 -5.93
C THR A 22 -8.64 -18.44 -5.50
N PRO A 23 -9.24 -17.49 -4.75
CA PRO A 23 -8.50 -16.37 -4.17
C PRO A 23 -7.37 -16.80 -3.22
N ALA A 24 -7.49 -17.98 -2.60
CA ALA A 24 -6.47 -18.54 -1.72
C ALA A 24 -5.26 -19.13 -2.47
N ALA A 25 -5.35 -19.27 -3.79
CA ALA A 25 -4.26 -19.74 -4.65
C ALA A 25 -3.45 -18.58 -5.28
N VAL A 26 -3.88 -17.32 -5.10
CA VAL A 26 -3.25 -16.14 -5.70
C VAL A 26 -2.16 -15.58 -4.80
N ARG A 27 -0.96 -15.34 -5.36
CA ARG A 27 0.20 -14.78 -4.65
C ARG A 27 0.46 -13.30 -4.98
N GLU A 28 0.16 -12.89 -6.20
CA GLU A 28 0.39 -11.54 -6.72
C GLU A 28 -0.89 -11.02 -7.42
N LEU A 29 -1.41 -9.87 -7.00
CA LEU A 29 -2.65 -9.29 -7.54
C LEU A 29 -2.50 -7.79 -7.84
N VAL A 30 -2.99 -7.37 -9.02
CA VAL A 30 -3.03 -5.99 -9.48
C VAL A 30 -4.48 -5.58 -9.77
N LEU A 31 -4.92 -4.48 -9.14
CA LEU A 31 -6.24 -3.87 -9.30
C LEU A 31 -6.15 -2.41 -9.77
N ASP A 32 -5.01 -2.04 -10.40
CA ASP A 32 -4.73 -0.68 -10.87
C ASP A 32 -5.73 -0.19 -11.92
N ASN A 33 -5.90 1.14 -12.02
CA ASN A 33 -6.80 1.84 -12.94
C ASN A 33 -8.31 1.53 -12.75
N CYS A 34 -8.68 0.70 -11.78
CA CYS A 34 -10.05 0.27 -11.53
C CYS A 34 -10.77 1.16 -10.51
N LYS A 35 -12.11 1.16 -10.54
CA LYS A 35 -12.95 2.01 -9.69
C LYS A 35 -13.32 1.35 -8.37
N SER A 36 -13.29 2.15 -7.30
CA SER A 36 -13.74 1.77 -5.96
C SER A 36 -15.17 2.24 -5.68
N ASN A 37 -15.78 1.79 -4.57
CA ASN A 37 -17.04 2.32 -4.09
C ASN A 37 -16.78 3.62 -3.29
N ASP A 38 -16.75 4.76 -3.99
CA ASP A 38 -16.56 6.10 -3.42
C ASP A 38 -15.32 6.24 -2.51
N GLY A 39 -14.20 5.60 -2.88
CA GLY A 39 -12.95 5.58 -2.10
C GLY A 39 -12.92 4.60 -0.95
N LYS A 40 -13.81 3.60 -0.95
CA LYS A 40 -13.78 2.42 -0.07
C LYS A 40 -13.73 1.15 -0.94
N ILE A 41 -12.88 0.20 -0.57
CA ILE A 41 -12.73 -1.07 -1.29
C ILE A 41 -14.02 -1.89 -1.21
N GLU A 42 -14.41 -2.55 -2.29
CA GLU A 42 -15.48 -3.54 -2.29
C GLU A 42 -15.09 -4.74 -3.18
N GLY A 43 -15.39 -5.96 -2.74
CA GLY A 43 -15.03 -7.21 -3.45
C GLY A 43 -13.79 -7.91 -2.90
N LEU A 44 -12.84 -7.19 -2.30
CA LEU A 44 -11.62 -7.78 -1.73
C LEU A 44 -11.96 -8.57 -0.45
N THR A 45 -11.35 -9.74 -0.29
CA THR A 45 -11.71 -10.72 0.74
C THR A 45 -10.50 -11.26 1.52
N ALA A 46 -10.73 -11.67 2.77
CA ALA A 46 -9.78 -12.39 3.61
C ALA A 46 -9.46 -13.80 3.09
N GLU A 47 -10.14 -14.30 2.06
CA GLU A 47 -9.76 -15.54 1.38
C GLU A 47 -8.45 -15.40 0.56
N PHE A 48 -7.93 -14.18 0.35
CA PHE A 48 -6.60 -13.90 -0.22
C PHE A 48 -5.44 -14.24 0.75
N VAL A 49 -5.56 -15.31 1.54
CA VAL A 49 -4.64 -15.63 2.66
C VAL A 49 -3.18 -15.85 2.23
N ASN A 50 -2.93 -16.28 0.99
CA ASN A 50 -1.59 -16.52 0.44
C ASN A 50 -1.07 -15.38 -0.47
N LEU A 51 -1.77 -14.24 -0.53
CA LEU A 51 -1.35 -13.07 -1.26
C LEU A 51 -0.15 -12.40 -0.57
N GLU A 52 0.97 -12.28 -1.28
CA GLU A 52 2.18 -11.57 -0.82
C GLU A 52 2.29 -10.15 -1.38
N PHE A 53 1.71 -9.92 -2.56
CA PHE A 53 1.67 -8.63 -3.27
C PHE A 53 0.25 -8.20 -3.66
N LEU A 54 -0.09 -6.93 -3.37
CA LEU A 54 -1.32 -6.28 -3.80
C LEU A 54 -1.01 -4.88 -4.37
N SER A 55 -1.56 -4.57 -5.56
CA SER A 55 -1.51 -3.22 -6.15
C SER A 55 -2.88 -2.60 -6.31
N LEU A 56 -3.03 -1.37 -5.82
CA LEU A 56 -4.22 -0.52 -5.84
C LEU A 56 -3.80 0.90 -6.24
N ILE A 57 -3.08 1.05 -7.36
CA ILE A 57 -2.58 2.34 -7.84
C ILE A 57 -3.61 3.02 -8.74
N ASN A 58 -3.75 4.35 -8.60
CA ASN A 58 -4.64 5.24 -9.37
C ASN A 58 -6.11 4.78 -9.45
N VAL A 59 -6.53 4.04 -8.42
CA VAL A 59 -7.93 3.67 -8.16
C VAL A 59 -8.67 4.84 -7.48
N GLY A 60 -7.92 5.81 -6.96
CA GLY A 60 -8.46 7.03 -6.34
C GLY A 60 -9.06 6.81 -4.95
N LEU A 61 -8.56 5.82 -4.20
CA LEU A 61 -9.10 5.43 -2.90
C LEU A 61 -8.90 6.53 -1.84
N ILE A 62 -9.76 6.58 -0.83
CA ILE A 62 -9.72 7.59 0.23
C ILE A 62 -9.54 6.92 1.62
N SER A 63 -10.05 5.69 1.80
CA SER A 63 -10.01 4.94 3.06
C SER A 63 -9.44 3.53 2.89
N VAL A 64 -8.44 3.20 3.71
CA VAL A 64 -7.82 1.86 3.79
C VAL A 64 -8.58 0.88 4.69
N SER A 65 -9.61 1.33 5.42
CA SER A 65 -10.31 0.54 6.46
C SER A 65 -11.03 -0.70 5.91
N ASN A 66 -11.43 -0.69 4.63
CA ASN A 66 -12.07 -1.82 3.96
C ASN A 66 -11.09 -2.89 3.47
N LEU A 67 -9.77 -2.74 3.67
CA LEU A 67 -8.81 -3.82 3.44
C LEU A 67 -9.14 -5.02 4.37
N PRO A 68 -9.22 -6.26 3.87
CA PRO A 68 -9.36 -7.45 4.71
C PRO A 68 -8.04 -7.79 5.42
N LYS A 69 -8.08 -8.69 6.40
CA LYS A 69 -6.86 -9.26 7.00
C LYS A 69 -6.13 -10.11 5.95
N LEU A 70 -4.86 -9.80 5.71
CA LEU A 70 -3.97 -10.51 4.78
C LEU A 70 -2.66 -10.83 5.52
N PRO A 71 -2.56 -12.02 6.13
CA PRO A 71 -1.47 -12.35 7.05
C PRO A 71 -0.12 -12.64 6.38
N LYS A 72 -0.09 -12.75 5.04
CA LYS A 72 1.12 -13.02 4.24
C LYS A 72 1.56 -11.86 3.35
N LEU A 73 0.73 -10.83 3.22
CA LEU A 73 1.01 -9.61 2.42
C LEU A 73 2.20 -8.84 3.01
N LYS A 74 3.33 -8.95 2.32
CA LYS A 74 4.56 -8.20 2.62
C LYS A 74 4.61 -6.88 1.86
N LYS A 75 3.96 -6.77 0.70
CA LYS A 75 4.04 -5.58 -0.16
C LYS A 75 2.67 -5.08 -0.62
N LEU A 76 2.41 -3.80 -0.36
CA LEU A 76 1.18 -3.08 -0.73
C LEU A 76 1.52 -1.78 -1.49
N GLU A 77 1.12 -1.71 -2.75
CA GLU A 77 1.17 -0.48 -3.53
C GLU A 77 -0.17 0.27 -3.48
N LEU A 78 -0.19 1.48 -2.91
CA LEU A 78 -1.38 2.34 -2.74
C LEU A 78 -1.15 3.76 -3.28
N SER A 79 -0.49 3.85 -4.43
CA SER A 79 -0.04 5.10 -5.04
C SER A 79 -1.14 5.83 -5.80
N GLU A 80 -0.96 7.13 -6.02
CA GLU A 80 -1.85 7.99 -6.83
C GLU A 80 -3.32 8.05 -6.31
N ASN A 81 -3.52 7.80 -5.02
CA ASN A 81 -4.81 7.79 -4.32
C ASN A 81 -5.08 9.11 -3.56
N ARG A 82 -6.24 9.22 -2.92
CA ARG A 82 -6.75 10.41 -2.20
C ARG A 82 -6.62 10.31 -0.67
N ILE A 83 -5.97 9.26 -0.16
CA ILE A 83 -5.83 8.94 1.27
C ILE A 83 -5.09 10.09 1.99
N PHE A 84 -5.65 10.56 3.12
CA PHE A 84 -5.11 11.71 3.87
C PHE A 84 -4.67 11.36 5.31
N GLY A 85 -4.84 10.10 5.73
CA GLY A 85 -4.51 9.60 7.07
C GLY A 85 -5.19 8.25 7.34
N GLY A 86 -5.39 7.91 8.62
CA GLY A 86 -6.16 6.72 9.03
C GLY A 86 -5.44 5.39 8.79
N LEU A 87 -4.10 5.37 8.74
CA LEU A 87 -3.30 4.19 8.41
C LEU A 87 -3.19 3.16 9.55
N ASP A 88 -3.91 3.36 10.68
CA ASP A 88 -3.89 2.45 11.84
C ASP A 88 -4.56 1.10 11.56
N MET A 89 -5.37 1.04 10.51
CA MET A 89 -5.98 -0.20 10.02
C MET A 89 -4.93 -1.10 9.34
N LEU A 90 -3.97 -0.54 8.59
CA LEU A 90 -2.86 -1.30 8.00
C LEU A 90 -2.09 -2.10 9.06
N ALA A 91 -1.92 -1.52 10.26
CA ALA A 91 -1.23 -2.15 11.38
C ALA A 91 -1.91 -3.44 11.91
N GLU A 92 -3.24 -3.56 11.81
CA GLU A 92 -3.98 -4.75 12.24
C GLU A 92 -4.28 -5.74 11.10
N LYS A 93 -4.62 -5.23 9.90
CA LYS A 93 -4.91 -6.05 8.72
C LYS A 93 -3.67 -6.76 8.15
N LEU A 94 -2.53 -6.08 8.16
CA LEU A 94 -1.28 -6.49 7.51
C LEU A 94 -0.12 -6.54 8.55
N PRO A 95 -0.20 -7.42 9.57
CA PRO A 95 0.67 -7.38 10.75
C PRO A 95 2.18 -7.55 10.50
N ASN A 96 2.58 -8.14 9.36
CA ASN A 96 3.98 -8.33 8.95
C ASN A 96 4.32 -7.69 7.58
N LEU A 97 3.59 -6.64 7.22
CA LEU A 97 3.88 -5.80 6.05
C LEU A 97 5.30 -5.22 6.13
N THR A 98 6.08 -5.38 5.05
CA THR A 98 7.46 -4.88 4.94
C THR A 98 7.62 -3.73 3.96
N HIS A 99 6.78 -3.66 2.91
CA HIS A 99 6.88 -2.66 1.86
C HIS A 99 5.53 -1.96 1.63
N LEU A 100 5.50 -0.63 1.68
CA LEU A 100 4.27 0.18 1.62
C LEU A 100 4.48 1.44 0.77
N ASN A 101 3.88 1.49 -0.43
CA ASN A 101 3.92 2.69 -1.29
C ASN A 101 2.69 3.57 -1.07
N LEU A 102 2.91 4.78 -0.59
CA LEU A 102 1.91 5.81 -0.33
C LEU A 102 2.20 7.12 -1.09
N SER A 103 2.90 7.04 -2.23
CA SER A 103 3.17 8.20 -3.10
C SER A 103 1.90 8.76 -3.77
N GLY A 104 1.90 10.06 -4.06
CA GLY A 104 0.77 10.79 -4.66
C GLY A 104 -0.49 10.90 -3.79
N ASN A 105 -0.46 10.36 -2.56
CA ASN A 105 -1.51 10.47 -1.55
C ASN A 105 -1.65 11.93 -1.05
N LYS A 106 -2.67 12.20 -0.23
CA LYS A 106 -2.96 13.51 0.40
C LYS A 106 -2.37 13.61 1.82
N LEU A 107 -1.32 12.83 2.09
CA LEU A 107 -0.61 12.78 3.38
C LEU A 107 0.16 14.08 3.56
N LYS A 108 -0.12 14.82 4.64
CA LYS A 108 0.36 16.20 4.85
C LYS A 108 1.04 16.50 6.19
N ASP A 109 1.19 15.50 7.04
CA ASP A 109 1.79 15.60 8.37
C ASP A 109 2.47 14.29 8.77
N ILE A 110 3.53 14.39 9.59
CA ILE A 110 4.20 13.23 10.21
C ILE A 110 3.23 12.42 11.10
N SER A 111 2.21 13.07 11.69
CA SER A 111 1.17 12.40 12.48
C SER A 111 0.31 11.40 11.69
N THR A 112 0.25 11.54 10.35
CA THR A 112 -0.38 10.53 9.47
C THR A 112 0.41 9.22 9.39
N LEU A 113 1.69 9.24 9.76
CA LEU A 113 2.64 8.13 9.66
C LEU A 113 2.89 7.48 11.03
N GLU A 114 2.53 8.17 12.12
CA GLU A 114 2.49 7.66 13.49
C GLU A 114 1.87 6.26 13.63
N PRO A 115 0.69 5.94 13.06
CA PRO A 115 0.12 4.60 13.13
C PRO A 115 0.95 3.47 12.47
N LEU A 116 1.94 3.79 11.64
CA LEU A 116 2.83 2.80 11.04
C LEU A 116 3.92 2.28 12.01
N LYS A 117 4.17 2.93 13.15
CA LYS A 117 5.17 2.47 14.13
C LYS A 117 4.75 1.19 14.87
N LYS A 118 3.47 0.80 14.76
CA LYS A 118 2.93 -0.50 15.25
C LYS A 118 3.56 -1.69 14.51
N LEU A 119 3.81 -1.54 13.20
CA LEU A 119 4.36 -2.57 12.33
C LEU A 119 5.86 -2.71 12.50
N GLU A 120 6.26 -3.63 13.39
CA GLU A 120 7.67 -3.93 13.67
C GLU A 120 8.43 -4.53 12.47
N CYS A 121 7.71 -4.83 11.37
CA CYS A 121 8.27 -5.39 10.13
C CYS A 121 8.49 -4.33 9.03
N LEU A 122 7.90 -3.13 9.13
CA LEU A 122 7.87 -2.15 8.04
C LEU A 122 9.28 -1.65 7.70
N LYS A 123 9.80 -2.08 6.54
CA LYS A 123 11.18 -1.91 6.08
C LYS A 123 11.32 -0.82 5.02
N SER A 124 10.32 -0.66 4.15
CA SER A 124 10.32 0.30 3.06
C SER A 124 9.00 1.07 2.96
N LEU A 125 9.09 2.39 2.79
CA LEU A 125 7.98 3.34 2.72
C LEU A 125 8.20 4.35 1.58
N ASP A 126 7.16 4.72 0.83
CA ASP A 126 7.28 5.75 -0.23
C ASP A 126 6.16 6.78 -0.09
N LEU A 127 6.49 8.05 -0.29
CA LEU A 127 5.63 9.22 -0.05
C LEU A 127 5.82 10.31 -1.13
N PHE A 128 6.46 10.00 -2.27
CA PHE A 128 6.73 10.98 -3.35
C PHE A 128 5.51 11.86 -3.68
N ASN A 129 5.72 13.16 -3.85
CA ASN A 129 4.70 14.17 -4.14
C ASN A 129 3.60 14.36 -3.06
N CYS A 130 3.79 13.82 -1.84
CA CYS A 130 2.91 14.11 -0.68
C CYS A 130 3.34 15.41 0.01
N GLU A 131 2.39 16.15 0.59
CA GLU A 131 2.67 17.37 1.38
C GLU A 131 3.57 17.09 2.60
N VAL A 132 3.50 15.88 3.16
CA VAL A 132 4.41 15.44 4.22
C VAL A 132 5.88 15.36 3.77
N THR A 133 6.15 15.22 2.45
CA THR A 133 7.51 15.34 1.88
C THR A 133 7.89 16.77 1.48
N ASN A 134 6.96 17.72 1.58
CA ASN A 134 7.22 19.16 1.44
C ASN A 134 7.62 19.81 2.79
N LEU A 135 7.56 19.06 3.90
CA LEU A 135 8.02 19.49 5.23
C LEU A 135 9.55 19.63 5.29
N ASN A 136 10.02 20.54 6.16
CA ASN A 136 11.44 20.71 6.43
C ASN A 136 12.04 19.46 7.14
N ASP A 137 13.17 18.97 6.65
CA ASP A 137 13.89 17.78 7.18
C ASP A 137 12.99 16.54 7.41
N TYR A 138 11.97 16.35 6.58
CA TYR A 138 10.90 15.35 6.79
C TYR A 138 11.43 13.92 7.00
N ARG A 139 12.49 13.53 6.29
CA ARG A 139 13.13 12.20 6.38
C ARG A 139 13.50 11.82 7.80
N GLU A 140 14.12 12.74 8.55
CA GLU A 140 14.50 12.52 9.94
C GLU A 140 13.25 12.35 10.83
N SER A 141 12.20 13.14 10.58
CA SER A 141 10.92 13.05 11.31
C SER A 141 10.14 11.77 11.03
N VAL A 142 10.42 11.07 9.92
CA VAL A 142 9.88 9.73 9.64
C VAL A 142 10.78 8.64 10.23
N PHE A 143 12.10 8.69 10.04
CA PHE A 143 13.02 7.67 10.57
C PHE A 143 13.10 7.64 12.10
N LYS A 144 12.96 8.80 12.77
CA LYS A 144 12.89 8.87 14.25
C LYS A 144 11.61 8.27 14.81
N LEU A 145 10.51 8.37 14.05
CA LEU A 145 9.18 7.87 14.38
C LEU A 145 9.01 6.37 14.06
N LEU A 146 9.65 5.91 12.99
CA LEU A 146 9.67 4.54 12.51
C LEU A 146 11.11 3.97 12.61
N PRO A 147 11.63 3.70 13.82
CA PRO A 147 13.02 3.27 14.03
C PRO A 147 13.35 1.90 13.42
N GLN A 148 12.35 1.15 12.96
CA GLN A 148 12.47 -0.12 12.23
C GLN A 148 12.60 0.04 10.69
N LEU A 149 12.35 1.24 10.14
CA LEU A 149 12.36 1.54 8.71
C LEU A 149 13.78 1.65 8.13
N THR A 150 14.08 0.92 7.05
CA THR A 150 15.36 1.01 6.32
C THR A 150 15.29 2.01 5.17
N TYR A 151 14.22 1.95 4.36
CA TYR A 151 14.05 2.77 3.15
C TYR A 151 12.90 3.76 3.23
N LEU A 152 13.14 4.94 2.68
CA LEU A 152 12.19 6.04 2.55
C LEU A 152 12.35 6.72 1.19
N ASP A 153 11.28 6.75 0.39
CA ASP A 153 11.31 7.24 -1.00
C ASP A 153 12.42 6.58 -1.84
N GLY A 154 12.58 5.25 -1.69
CA GLY A 154 13.60 4.44 -2.35
C GLY A 154 15.04 4.62 -1.85
N TYR A 155 15.30 5.54 -0.91
CA TYR A 155 16.63 5.85 -0.36
C TYR A 155 16.75 5.49 1.12
N ASP A 156 17.93 5.06 1.56
CA ASP A 156 18.21 4.71 2.96
C ASP A 156 18.67 5.91 3.83
N ARG A 157 18.92 5.62 5.12
CA ARG A 157 19.42 6.58 6.12
C ARG A 157 20.82 7.14 5.82
N GLU A 158 21.57 6.53 4.89
CA GLU A 158 22.88 6.98 4.40
C GLU A 158 22.79 7.74 3.05
N ASP A 159 21.57 8.08 2.62
CA ASP A 159 21.25 8.77 1.36
C ASP A 159 21.68 7.99 0.09
N GLN A 160 21.59 6.66 0.13
CA GLN A 160 21.87 5.76 -1.00
C GLN A 160 20.59 5.04 -1.48
N GLU A 161 20.43 4.84 -2.79
CA GLU A 161 19.25 4.21 -3.39
C GLU A 161 19.20 2.68 -3.16
N ALA A 162 17.98 2.14 -3.10
CA ALA A 162 17.70 0.73 -2.85
C ALA A 162 18.16 -0.22 -3.98
N PRO A 163 18.42 -1.50 -3.65
CA PRO A 163 18.76 -2.58 -4.59
C PRO A 163 17.52 -3.16 -5.25
N ASP A 164 17.71 -4.01 -6.27
CA ASP A 164 16.65 -4.73 -6.99
C ASP A 164 15.75 -5.60 -6.07
N SER A 165 16.26 -6.00 -4.89
CA SER A 165 15.51 -6.72 -3.86
C SER A 165 14.45 -5.88 -3.12
N ASP A 166 14.46 -4.55 -3.27
CA ASP A 166 13.59 -3.60 -2.56
C ASP A 166 12.98 -2.51 -3.47
N ALA A 167 13.74 -2.06 -4.46
CA ALA A 167 13.35 -1.03 -5.42
C ALA A 167 12.29 -1.53 -6.43
N GLU A 168 11.52 -0.59 -7.02
CA GLU A 168 10.40 -0.83 -7.94
C GLU A 168 9.37 -1.88 -7.43
N GLY A 1 -14.04 -12.98 -25.65
CA GLY A 1 -12.91 -13.01 -24.69
C GLY A 1 -12.69 -11.65 -24.04
N SER A 2 -12.20 -11.64 -22.80
CA SER A 2 -11.98 -10.42 -21.99
C SER A 2 -10.69 -10.51 -21.17
N SER A 3 -10.05 -9.36 -20.92
CA SER A 3 -8.80 -9.22 -20.15
C SER A 3 -8.82 -7.96 -19.25
N GLY A 4 -7.98 -7.95 -18.22
CA GLY A 4 -7.86 -6.83 -17.28
C GLY A 4 -7.36 -5.55 -17.96
N SER A 5 -8.07 -4.44 -17.77
CA SER A 5 -7.83 -3.15 -18.45
C SER A 5 -8.27 -1.95 -17.60
N SER A 6 -7.91 -0.74 -18.02
CA SER A 6 -8.28 0.51 -17.36
C SER A 6 -9.79 0.77 -17.37
N GLY A 7 -10.29 1.42 -16.33
CA GLY A 7 -11.71 1.76 -16.17
C GLY A 7 -12.59 0.63 -15.62
N MET A 8 -12.06 -0.59 -15.46
CA MET A 8 -12.76 -1.74 -14.89
C MET A 8 -12.98 -1.60 -13.38
N ASP A 9 -14.16 -1.98 -12.87
CA ASP A 9 -14.45 -1.95 -11.44
C ASP A 9 -13.63 -2.98 -10.64
N MET A 10 -13.35 -2.68 -9.37
CA MET A 10 -12.57 -3.52 -8.46
C MET A 10 -13.05 -4.98 -8.43
N LYS A 11 -14.34 -5.22 -8.15
CA LYS A 11 -14.96 -6.54 -8.12
C LYS A 11 -14.89 -7.26 -9.47
N ARG A 12 -14.97 -6.51 -10.59
CA ARG A 12 -14.89 -7.07 -11.94
C ARG A 12 -13.48 -7.55 -12.24
N ARG A 13 -12.45 -6.78 -11.88
CA ARG A 13 -11.05 -7.20 -12.06
C ARG A 13 -10.67 -8.38 -11.18
N ILE A 14 -11.09 -8.35 -9.92
CA ILE A 14 -10.94 -9.47 -8.99
C ILE A 14 -11.59 -10.73 -9.56
N HIS A 15 -12.75 -10.60 -10.23
CA HIS A 15 -13.40 -11.75 -10.87
C HIS A 15 -12.56 -12.28 -12.04
N LEU A 16 -12.04 -11.39 -12.90
CA LEU A 16 -11.16 -11.73 -14.01
C LEU A 16 -9.87 -12.45 -13.58
N GLU A 17 -9.26 -12.05 -12.46
CA GLU A 17 -8.06 -12.68 -11.90
C GLU A 17 -8.34 -14.04 -11.21
N LEU A 18 -9.58 -14.26 -10.75
CA LEU A 18 -10.05 -15.52 -10.14
C LEU A 18 -10.59 -16.56 -11.14
N ARG A 19 -10.71 -16.24 -12.44
CA ARG A 19 -11.20 -17.17 -13.49
C ARG A 19 -10.42 -18.50 -13.58
N ASN A 20 -9.20 -18.53 -13.07
CA ASN A 20 -8.27 -19.66 -13.14
C ASN A 20 -7.99 -20.33 -11.77
N ARG A 21 -8.08 -19.59 -10.66
CA ARG A 21 -7.77 -20.09 -9.30
C ARG A 21 -8.54 -19.36 -8.20
N THR A 22 -8.74 -20.03 -7.08
CA THR A 22 -9.31 -19.51 -5.81
C THR A 22 -8.52 -18.29 -5.32
N PRO A 23 -9.13 -17.28 -4.65
CA PRO A 23 -8.39 -16.16 -4.06
C PRO A 23 -7.32 -16.59 -3.05
N ALA A 24 -7.48 -17.75 -2.39
CA ALA A 24 -6.51 -18.31 -1.46
C ALA A 24 -5.28 -18.91 -2.16
N ALA A 25 -5.33 -19.10 -3.49
CA ALA A 25 -4.23 -19.59 -4.31
C ALA A 25 -3.38 -18.46 -4.91
N VAL A 26 -3.81 -17.20 -4.79
CA VAL A 26 -3.20 -16.03 -5.44
C VAL A 26 -2.07 -15.48 -4.58
N ARG A 27 -0.90 -15.28 -5.19
CA ARG A 27 0.28 -14.65 -4.54
C ARG A 27 0.46 -13.18 -4.92
N GLU A 28 0.12 -12.82 -6.14
CA GLU A 28 0.36 -11.50 -6.72
C GLU A 28 -0.91 -10.99 -7.42
N LEU A 29 -1.47 -9.87 -6.96
CA LEU A 29 -2.73 -9.30 -7.48
C LEU A 29 -2.61 -7.81 -7.80
N VAL A 30 -3.05 -7.41 -9.00
CA VAL A 30 -2.96 -6.05 -9.53
C VAL A 30 -4.35 -5.51 -9.91
N LEU A 31 -4.62 -4.29 -9.46
CA LEU A 31 -5.82 -3.50 -9.75
C LEU A 31 -5.46 -2.07 -10.20
N ASP A 32 -4.27 -1.88 -10.77
CA ASP A 32 -3.84 -0.59 -11.35
C ASP A 32 -4.83 -0.11 -12.43
N ASN A 33 -5.15 1.20 -12.42
CA ASN A 33 -6.17 1.82 -13.28
C ASN A 33 -7.61 1.25 -13.12
N CYS A 34 -7.89 0.43 -12.10
CA CYS A 34 -9.25 -0.04 -11.80
C CYS A 34 -10.02 0.97 -10.92
N LYS A 35 -11.34 0.83 -10.83
CA LYS A 35 -12.26 1.77 -10.17
C LYS A 35 -12.80 1.22 -8.84
N SER A 36 -12.65 2.00 -7.77
CA SER A 36 -13.27 1.75 -6.47
C SER A 36 -14.71 2.30 -6.42
N ASN A 37 -15.47 1.89 -5.40
CA ASN A 37 -16.80 2.44 -5.13
C ASN A 37 -16.66 3.71 -4.28
N ASP A 38 -16.51 4.88 -4.93
CA ASP A 38 -16.37 6.19 -4.28
C ASP A 38 -15.22 6.22 -3.23
N GLY A 39 -14.04 5.69 -3.59
CA GLY A 39 -12.88 5.59 -2.70
C GLY A 39 -13.06 4.68 -1.50
N LYS A 40 -14.00 3.74 -1.59
CA LYS A 40 -14.21 2.62 -0.68
C LYS A 40 -14.14 1.32 -1.49
N ILE A 41 -13.48 0.31 -0.93
CA ILE A 41 -13.37 -1.04 -1.52
C ILE A 41 -14.75 -1.70 -1.62
N GLU A 42 -14.94 -2.63 -2.56
CA GLU A 42 -16.15 -3.47 -2.59
C GLU A 42 -15.86 -4.97 -2.80
N GLY A 43 -14.97 -5.32 -3.73
CA GLY A 43 -14.72 -6.72 -4.13
C GLY A 43 -13.65 -7.48 -3.35
N LEU A 44 -12.74 -6.79 -2.65
CA LEU A 44 -11.61 -7.42 -1.97
C LEU A 44 -12.05 -8.17 -0.69
N THR A 45 -11.40 -9.29 -0.39
CA THR A 45 -11.82 -10.25 0.65
C THR A 45 -10.66 -10.85 1.45
N ALA A 46 -10.92 -11.26 2.69
CA ALA A 46 -9.99 -11.99 3.55
C ALA A 46 -9.69 -13.41 3.06
N GLU A 47 -10.36 -13.91 2.01
CA GLU A 47 -9.97 -15.17 1.37
C GLU A 47 -8.62 -15.09 0.64
N PHE A 48 -8.07 -13.90 0.40
CA PHE A 48 -6.71 -13.66 -0.13
C PHE A 48 -5.57 -13.97 0.88
N VAL A 49 -5.73 -14.97 1.75
CA VAL A 49 -4.83 -15.23 2.91
C VAL A 49 -3.36 -15.44 2.54
N ASN A 50 -3.07 -15.99 1.34
CA ASN A 50 -1.71 -16.25 0.85
C ASN A 50 -1.16 -15.14 -0.07
N LEU A 51 -1.90 -14.05 -0.28
CA LEU A 51 -1.46 -12.94 -1.09
C LEU A 51 -0.25 -12.26 -0.46
N GLU A 52 0.86 -12.17 -1.20
CA GLU A 52 2.12 -11.55 -0.78
C GLU A 52 2.32 -10.15 -1.39
N PHE A 53 1.69 -9.90 -2.55
CA PHE A 53 1.66 -8.62 -3.26
C PHE A 53 0.25 -8.17 -3.64
N LEU A 54 -0.06 -6.89 -3.38
CA LEU A 54 -1.30 -6.21 -3.77
C LEU A 54 -0.99 -4.83 -4.36
N SER A 55 -1.48 -4.54 -5.57
CA SER A 55 -1.39 -3.21 -6.18
C SER A 55 -2.76 -2.58 -6.41
N LEU A 56 -2.95 -1.39 -5.84
CA LEU A 56 -4.16 -0.56 -5.87
C LEU A 56 -3.79 0.87 -6.31
N ILE A 57 -3.02 1.02 -7.38
CA ILE A 57 -2.55 2.35 -7.84
C ILE A 57 -3.60 3.05 -8.71
N ASN A 58 -3.73 4.36 -8.51
CA ASN A 58 -4.62 5.29 -9.22
C ASN A 58 -6.10 4.86 -9.26
N VAL A 59 -6.49 4.06 -8.27
CA VAL A 59 -7.90 3.64 -8.03
C VAL A 59 -8.67 4.73 -7.29
N GLY A 60 -7.95 5.74 -6.79
CA GLY A 60 -8.51 6.92 -6.13
C GLY A 60 -9.04 6.67 -4.71
N LEU A 61 -8.54 5.63 -4.02
CA LEU A 61 -9.09 5.21 -2.73
C LEU A 61 -8.87 6.25 -1.62
N ILE A 62 -9.84 6.41 -0.73
CA ILE A 62 -9.79 7.36 0.38
C ILE A 62 -9.64 6.63 1.73
N SER A 63 -10.32 5.49 1.87
CA SER A 63 -10.47 4.77 3.15
C SER A 63 -9.77 3.40 3.14
N VAL A 64 -8.64 3.30 3.84
CA VAL A 64 -7.90 2.03 4.04
C VAL A 64 -8.63 1.05 4.97
N SER A 65 -9.62 1.53 5.73
CA SER A 65 -10.36 0.75 6.75
C SER A 65 -11.17 -0.41 6.18
N ASN A 66 -11.41 -0.41 4.87
CA ASN A 66 -12.12 -1.47 4.14
C ASN A 66 -11.17 -2.55 3.55
N LEU A 67 -9.85 -2.44 3.79
CA LEU A 67 -8.91 -3.52 3.47
C LEU A 67 -9.17 -4.74 4.37
N PRO A 68 -9.20 -5.98 3.82
CA PRO A 68 -9.31 -7.19 4.62
C PRO A 68 -8.01 -7.50 5.38
N LYS A 69 -8.08 -8.43 6.34
CA LYS A 69 -6.87 -8.98 6.99
C LYS A 69 -6.11 -9.85 5.98
N LEU A 70 -4.82 -9.55 5.77
CA LEU A 70 -3.92 -10.28 4.88
C LEU A 70 -2.60 -10.55 5.64
N PRO A 71 -2.48 -11.72 6.29
CA PRO A 71 -1.37 -11.99 7.22
C PRO A 71 -0.03 -12.21 6.52
N LYS A 72 -0.01 -12.49 5.21
CA LYS A 72 1.19 -12.85 4.44
C LYS A 72 1.60 -11.79 3.40
N LEU A 73 0.79 -10.74 3.24
CA LEU A 73 1.09 -9.57 2.42
C LEU A 73 2.33 -8.83 2.96
N LYS A 74 3.46 -8.96 2.25
CA LYS A 74 4.68 -8.21 2.54
C LYS A 74 4.68 -6.85 1.84
N LYS A 75 3.99 -6.69 0.71
CA LYS A 75 4.04 -5.48 -0.12
C LYS A 75 2.67 -4.99 -0.59
N LEU A 76 2.41 -3.70 -0.33
CA LEU A 76 1.19 -3.00 -0.69
C LEU A 76 1.49 -1.69 -1.43
N GLU A 77 1.11 -1.62 -2.71
CA GLU A 77 1.13 -0.38 -3.49
C GLU A 77 -0.22 0.35 -3.39
N LEU A 78 -0.22 1.56 -2.82
CA LEU A 78 -1.41 2.42 -2.65
C LEU A 78 -1.20 3.85 -3.19
N SER A 79 -0.45 3.94 -4.29
CA SER A 79 -0.03 5.21 -4.87
C SER A 79 -1.14 5.89 -5.69
N GLU A 80 -1.05 7.20 -5.88
CA GLU A 80 -1.95 8.03 -6.70
C GLU A 80 -3.43 8.01 -6.22
N ASN A 81 -3.64 7.68 -4.94
CA ASN A 81 -4.94 7.61 -4.27
C ASN A 81 -5.21 8.91 -3.46
N ARG A 82 -6.26 8.94 -2.63
CA ARG A 82 -6.80 10.13 -1.92
C ARG A 82 -6.66 10.03 -0.39
N ILE A 83 -5.83 9.12 0.12
CA ILE A 83 -5.73 8.77 1.55
C ILE A 83 -5.18 9.97 2.35
N PHE A 84 -5.84 10.35 3.44
CA PHE A 84 -5.42 11.47 4.31
C PHE A 84 -4.93 11.04 5.70
N GLY A 85 -5.04 9.75 6.04
CA GLY A 85 -4.64 9.19 7.34
C GLY A 85 -5.28 7.80 7.58
N GLY A 86 -5.48 7.45 8.84
CA GLY A 86 -6.14 6.19 9.24
C GLY A 86 -5.27 4.93 9.10
N LEU A 87 -3.95 5.08 8.94
CA LEU A 87 -3.02 3.97 8.65
C LEU A 87 -2.83 3.00 9.85
N ASP A 88 -3.43 3.28 11.01
CA ASP A 88 -3.52 2.36 12.16
C ASP A 88 -4.29 1.07 11.80
N MET A 89 -5.13 1.14 10.76
CA MET A 89 -5.77 -0.03 10.14
C MET A 89 -4.73 -0.96 9.47
N LEU A 90 -3.74 -0.41 8.76
CA LEU A 90 -2.70 -1.22 8.10
C LEU A 90 -1.89 -2.02 9.13
N ALA A 91 -1.62 -1.42 10.30
CA ALA A 91 -0.93 -2.05 11.41
C ALA A 91 -1.64 -3.30 11.97
N GLU A 92 -2.98 -3.36 11.94
CA GLU A 92 -3.76 -4.52 12.42
C GLU A 92 -4.18 -5.49 11.32
N LYS A 93 -4.40 -5.01 10.08
CA LYS A 93 -4.80 -5.83 8.92
C LYS A 93 -3.62 -6.57 8.28
N LEU A 94 -2.44 -5.95 8.25
CA LEU A 94 -1.26 -6.40 7.50
C LEU A 94 -0.04 -6.61 8.45
N PRO A 95 -0.10 -7.57 9.40
CA PRO A 95 0.89 -7.70 10.49
C PRO A 95 2.33 -7.98 10.05
N ASN A 96 2.55 -8.55 8.85
CA ASN A 96 3.87 -8.87 8.30
C ASN A 96 4.28 -7.98 7.10
N LEU A 97 3.67 -6.79 6.97
CA LEU A 97 3.96 -5.82 5.92
C LEU A 97 5.40 -5.28 6.04
N THR A 98 6.17 -5.35 4.95
CA THR A 98 7.54 -4.83 4.83
C THR A 98 7.67 -3.64 3.89
N HIS A 99 6.81 -3.55 2.88
CA HIS A 99 6.86 -2.53 1.83
C HIS A 99 5.50 -1.84 1.67
N LEU A 100 5.46 -0.52 1.79
CA LEU A 100 4.22 0.27 1.71
C LEU A 100 4.43 1.54 0.88
N ASN A 101 3.78 1.63 -0.28
CA ASN A 101 4.00 2.73 -1.22
C ASN A 101 2.81 3.71 -1.15
N LEU A 102 3.02 4.92 -0.61
CA LEU A 102 1.98 5.91 -0.30
C LEU A 102 2.04 7.18 -1.17
N SER A 103 2.81 7.19 -2.26
CA SER A 103 2.99 8.37 -3.13
C SER A 103 1.65 8.93 -3.66
N GLY A 104 1.56 10.26 -3.84
CA GLY A 104 0.39 10.93 -4.41
C GLY A 104 -0.81 11.14 -3.47
N ASN A 105 -0.80 10.52 -2.28
CA ASN A 105 -1.86 10.62 -1.28
C ASN A 105 -1.93 12.01 -0.61
N LYS A 106 -3.02 12.27 0.12
CA LYS A 106 -3.31 13.53 0.83
C LYS A 106 -2.67 13.57 2.23
N LEU A 107 -1.59 12.80 2.41
CA LEU A 107 -0.80 12.74 3.64
C LEU A 107 -0.04 14.05 3.81
N LYS A 108 -0.34 14.77 4.91
CA LYS A 108 0.09 16.17 5.16
C LYS A 108 1.04 16.34 6.35
N ASP A 109 1.09 15.35 7.24
CA ASP A 109 1.77 15.43 8.53
C ASP A 109 2.49 14.13 8.89
N ILE A 110 3.59 14.25 9.63
CA ILE A 110 4.29 13.10 10.24
C ILE A 110 3.35 12.30 11.16
N SER A 111 2.36 12.95 11.77
CA SER A 111 1.31 12.33 12.60
C SER A 111 0.43 11.32 11.83
N THR A 112 0.36 11.40 10.49
CA THR A 112 -0.31 10.39 9.65
C THR A 112 0.49 9.10 9.51
N LEU A 113 1.80 9.15 9.81
CA LEU A 113 2.77 8.06 9.65
C LEU A 113 3.12 7.41 11.00
N GLU A 114 2.83 8.10 12.11
CA GLU A 114 2.86 7.61 13.49
C GLU A 114 2.31 6.18 13.66
N PRO A 115 1.10 5.82 13.19
CA PRO A 115 0.57 4.47 13.37
C PRO A 115 1.40 3.35 12.70
N LEU A 116 2.28 3.67 11.74
CA LEU A 116 3.16 2.69 11.10
C LEU A 116 4.26 2.17 12.04
N LYS A 117 4.53 2.81 13.19
CA LYS A 117 5.54 2.35 14.17
C LYS A 117 5.13 1.07 14.91
N LYS A 118 3.85 0.67 14.83
CA LYS A 118 3.36 -0.65 15.31
C LYS A 118 3.98 -1.82 14.54
N LEU A 119 4.16 -1.67 13.22
CA LEU A 119 4.66 -2.72 12.33
C LEU A 119 6.17 -2.90 12.45
N GLU A 120 6.57 -3.85 13.28
CA GLU A 120 7.99 -4.21 13.51
C GLU A 120 8.69 -4.77 12.25
N CYS A 121 7.93 -5.04 11.19
CA CYS A 121 8.41 -5.60 9.92
C CYS A 121 8.59 -4.52 8.83
N LEU A 122 7.99 -3.33 8.97
CA LEU A 122 7.94 -2.31 7.92
C LEU A 122 9.34 -1.74 7.62
N LYS A 123 9.87 -2.09 6.45
CA LYS A 123 11.25 -1.84 6.03
C LYS A 123 11.37 -0.73 4.97
N SER A 124 10.37 -0.58 4.11
CA SER A 124 10.38 0.36 2.98
C SER A 124 9.08 1.16 2.85
N LEU A 125 9.20 2.47 2.60
CA LEU A 125 8.11 3.44 2.54
C LEU A 125 8.32 4.45 1.38
N ASP A 126 7.26 4.88 0.69
CA ASP A 126 7.33 5.97 -0.30
C ASP A 126 6.29 7.06 -0.03
N LEU A 127 6.67 8.32 -0.19
CA LEU A 127 5.86 9.51 0.09
C LEU A 127 5.89 10.54 -1.07
N PHE A 128 6.31 10.15 -2.29
CA PHE A 128 6.48 11.09 -3.40
C PHE A 128 5.21 11.91 -3.67
N ASN A 129 5.35 13.22 -3.90
CA ASN A 129 4.24 14.16 -4.14
C ASN A 129 3.15 14.19 -3.01
N CYS A 130 3.50 13.85 -1.77
CA CYS A 130 2.61 14.00 -0.61
C CYS A 130 2.86 15.36 0.06
N GLU A 131 1.82 16.00 0.61
CA GLU A 131 1.92 17.32 1.26
C GLU A 131 2.88 17.30 2.48
N VAL A 132 2.99 16.17 3.16
CA VAL A 132 3.96 15.91 4.25
C VAL A 132 5.42 16.08 3.82
N THR A 133 5.72 15.95 2.53
CA THR A 133 7.08 16.19 1.98
C THR A 133 7.44 17.67 1.85
N ASN A 134 6.48 18.58 2.09
CA ASN A 134 6.71 20.02 2.14
C ASN A 134 7.13 20.51 3.55
N LEU A 135 7.11 19.64 4.56
CA LEU A 135 7.61 19.94 5.91
C LEU A 135 9.15 20.08 5.93
N ASN A 136 9.66 20.89 6.86
CA ASN A 136 11.10 20.95 7.12
C ASN A 136 11.57 19.63 7.78
N ASP A 137 12.75 19.15 7.35
CA ASP A 137 13.41 17.94 7.88
C ASP A 137 12.55 16.66 7.87
N TYR A 138 11.52 16.59 7.00
CA TYR A 138 10.48 15.56 7.05
C TYR A 138 11.03 14.12 7.01
N ARG A 139 12.05 13.87 6.16
CA ARG A 139 12.66 12.55 5.96
C ARG A 139 13.25 11.99 7.25
N GLU A 140 13.95 12.82 8.02
CA GLU A 140 14.45 12.45 9.36
C GLU A 140 13.32 12.32 10.37
N SER A 141 12.26 13.14 10.27
CA SER A 141 11.05 13.06 11.10
C SER A 141 10.22 11.79 10.89
N VAL A 142 10.47 11.05 9.81
CA VAL A 142 9.94 9.71 9.57
C VAL A 142 10.89 8.63 10.10
N PHE A 143 12.20 8.71 9.84
CA PHE A 143 13.16 7.70 10.34
C PHE A 143 13.31 7.69 11.88
N LYS A 144 13.20 8.85 12.54
CA LYS A 144 13.20 8.94 14.01
C LYS A 144 11.97 8.27 14.64
N LEU A 145 10.83 8.32 13.93
CA LEU A 145 9.53 7.80 14.34
C LEU A 145 9.34 6.32 14.01
N LEU A 146 9.91 5.87 12.89
CA LEU A 146 9.92 4.50 12.40
C LEU A 146 11.35 3.94 12.44
N PRO A 147 11.93 3.65 13.62
CA PRO A 147 13.32 3.23 13.76
C PRO A 147 13.64 1.90 13.06
N GLN A 148 12.63 1.06 12.83
CA GLN A 148 12.71 -0.22 12.10
C GLN A 148 12.74 -0.06 10.57
N LEU A 149 12.41 1.13 10.04
CA LEU A 149 12.45 1.45 8.61
C LEU A 149 13.90 1.55 8.10
N THR A 150 14.20 0.90 6.98
CA THR A 150 15.49 1.04 6.28
C THR A 150 15.38 2.07 5.14
N TYR A 151 14.29 2.01 4.36
CA TYR A 151 14.11 2.77 3.12
C TYR A 151 12.96 3.77 3.18
N LEU A 152 13.22 4.94 2.62
CA LEU A 152 12.27 6.05 2.46
C LEU A 152 12.51 6.76 1.13
N ASP A 153 11.45 6.96 0.33
CA ASP A 153 11.52 7.51 -1.03
C ASP A 153 12.54 6.78 -1.95
N GLY A 154 12.65 5.46 -1.79
CA GLY A 154 13.52 4.56 -2.58
C GLY A 154 15.01 4.55 -2.17
N TYR A 155 15.43 5.41 -1.25
CA TYR A 155 16.79 5.50 -0.68
C TYR A 155 16.78 5.20 0.82
N ASP A 156 17.91 4.81 1.41
CA ASP A 156 18.02 4.56 2.85
C ASP A 156 18.39 5.82 3.66
N ARG A 157 18.53 5.66 4.98
CA ARG A 157 19.06 6.67 5.92
C ARG A 157 20.58 6.87 5.86
N GLU A 158 21.25 6.28 4.87
CA GLU A 158 22.66 6.50 4.49
C GLU A 158 22.79 7.08 3.05
N ASP A 159 21.68 7.53 2.45
CA ASP A 159 21.57 8.10 1.10
C ASP A 159 22.03 7.16 -0.05
N GLN A 160 21.73 5.86 0.08
CA GLN A 160 21.96 4.82 -0.95
C GLN A 160 20.63 4.19 -1.42
N GLU A 161 20.52 3.85 -2.71
CA GLU A 161 19.27 3.37 -3.33
C GLU A 161 18.93 1.90 -2.96
N ALA A 162 17.64 1.59 -2.94
CA ALA A 162 17.08 0.29 -2.55
C ALA A 162 17.31 -0.86 -3.57
N PRO A 163 17.26 -2.13 -3.10
CA PRO A 163 17.24 -3.33 -3.95
C PRO A 163 15.88 -3.54 -4.65
N ASP A 164 15.74 -4.66 -5.35
CA ASP A 164 14.55 -5.08 -6.11
C ASP A 164 13.46 -5.72 -5.23
N SER A 165 13.42 -5.32 -3.95
CA SER A 165 12.39 -5.59 -2.94
C SER A 165 12.17 -7.05 -2.47
N ASP A 166 12.85 -8.01 -3.10
CA ASP A 166 12.94 -9.41 -2.67
C ASP A 166 13.88 -9.58 -1.44
N ALA A 167 14.69 -8.56 -1.14
CA ALA A 167 15.63 -8.52 -0.02
C ALA A 167 14.95 -8.50 1.37
N GLU A 168 15.69 -8.94 2.39
CA GLU A 168 15.31 -8.92 3.81
C GLU A 168 15.81 -7.66 4.54
N GLY A 1 -12.73 -14.55 -27.06
CA GLY A 1 -11.72 -14.17 -26.06
C GLY A 1 -11.97 -12.76 -25.54
N SER A 2 -11.64 -12.52 -24.26
CA SER A 2 -11.86 -11.25 -23.54
C SER A 2 -10.67 -10.89 -22.63
N SER A 3 -10.48 -9.58 -22.39
CA SER A 3 -9.37 -9.03 -21.60
C SER A 3 -9.83 -7.90 -20.66
N GLY A 4 -9.08 -7.67 -19.56
CA GLY A 4 -9.32 -6.57 -18.63
C GLY A 4 -9.00 -5.18 -19.22
N SER A 5 -9.58 -4.13 -18.61
CA SER A 5 -9.47 -2.73 -19.06
C SER A 5 -9.56 -1.74 -17.89
N SER A 6 -9.11 -0.50 -18.13
CA SER A 6 -9.26 0.62 -17.19
C SER A 6 -10.72 1.08 -17.06
N GLY A 7 -11.06 1.67 -15.90
CA GLY A 7 -12.43 2.13 -15.59
C GLY A 7 -13.39 1.05 -15.07
N MET A 8 -12.97 -0.21 -15.05
CA MET A 8 -13.72 -1.34 -14.47
C MET A 8 -13.84 -1.20 -12.94
N ASP A 9 -14.94 -1.65 -12.35
CA ASP A 9 -15.11 -1.64 -10.88
C ASP A 9 -14.16 -2.63 -10.19
N MET A 10 -13.73 -2.35 -8.96
CA MET A 10 -12.79 -3.18 -8.20
C MET A 10 -13.31 -4.61 -8.01
N LYS A 11 -14.58 -4.77 -7.62
CA LYS A 11 -15.27 -6.08 -7.48
C LYS A 11 -15.24 -6.89 -8.79
N ARG A 12 -15.37 -6.21 -9.94
CA ARG A 12 -15.36 -6.80 -11.28
C ARG A 12 -13.95 -7.15 -11.73
N ARG A 13 -12.96 -6.30 -11.45
CA ARG A 13 -11.55 -6.57 -11.77
C ARG A 13 -11.00 -7.73 -10.94
N ILE A 14 -11.33 -7.79 -9.65
CA ILE A 14 -11.04 -8.94 -8.77
C ILE A 14 -11.59 -10.23 -9.39
N HIS A 15 -12.78 -10.19 -10.01
CA HIS A 15 -13.37 -11.37 -10.66
C HIS A 15 -12.59 -11.77 -11.92
N LEU A 16 -12.21 -10.79 -12.75
CA LEU A 16 -11.36 -11.00 -13.92
C LEU A 16 -9.97 -11.57 -13.60
N GLU A 17 -9.38 -11.23 -12.45
CA GLU A 17 -8.14 -11.87 -11.96
C GLU A 17 -8.41 -13.30 -11.42
N LEU A 18 -9.50 -13.49 -10.68
CA LEU A 18 -9.90 -14.80 -10.12
C LEU A 18 -10.33 -15.84 -11.17
N ARG A 19 -10.71 -15.40 -12.37
CA ARG A 19 -10.94 -16.28 -13.53
C ARG A 19 -9.69 -17.09 -13.93
N ASN A 20 -8.50 -16.71 -13.44
CA ASN A 20 -7.26 -17.45 -13.64
C ASN A 20 -7.00 -18.50 -12.54
N ARG A 21 -7.15 -18.13 -11.25
CA ARG A 21 -7.17 -19.07 -10.10
C ARG A 21 -7.94 -18.53 -8.88
N THR A 22 -8.42 -19.46 -8.04
CA THR A 22 -9.11 -19.26 -6.75
C THR A 22 -8.32 -18.31 -5.83
N PRO A 23 -8.95 -17.40 -5.05
CA PRO A 23 -8.26 -16.36 -4.27
C PRO A 23 -7.21 -16.86 -3.27
N ALA A 24 -7.38 -18.09 -2.74
CA ALA A 24 -6.41 -18.69 -1.81
C ALA A 24 -5.15 -19.23 -2.51
N ALA A 25 -5.18 -19.37 -3.85
CA ALA A 25 -4.04 -19.75 -4.68
C ALA A 25 -3.30 -18.54 -5.27
N VAL A 26 -3.83 -17.32 -5.09
CA VAL A 26 -3.23 -16.07 -5.58
C VAL A 26 -2.16 -15.58 -4.61
N ARG A 27 -0.94 -15.38 -5.13
CA ARG A 27 0.22 -14.84 -4.39
C ARG A 27 0.56 -13.40 -4.79
N GLU A 28 0.30 -13.03 -6.03
CA GLU A 28 0.46 -11.68 -6.58
C GLU A 28 -0.84 -11.20 -7.25
N LEU A 29 -1.39 -10.08 -6.78
CA LEU A 29 -2.62 -9.47 -7.32
C LEU A 29 -2.42 -7.98 -7.59
N VAL A 30 -2.81 -7.52 -8.78
CA VAL A 30 -2.86 -6.11 -9.17
C VAL A 30 -4.26 -5.77 -9.71
N LEU A 31 -4.79 -4.64 -9.24
CA LEU A 31 -6.11 -4.10 -9.53
C LEU A 31 -5.97 -2.66 -10.09
N ASP A 32 -5.00 -2.47 -10.97
CA ASP A 32 -4.62 -1.17 -11.55
C ASP A 32 -5.73 -0.53 -12.40
N ASN A 33 -5.85 0.80 -12.31
CA ASN A 33 -6.83 1.62 -13.03
C ASN A 33 -8.33 1.30 -12.73
N CYS A 34 -8.65 0.51 -11.70
CA CYS A 34 -10.02 0.16 -11.35
C CYS A 34 -10.73 1.26 -10.51
N LYS A 35 -12.05 1.16 -10.40
CA LYS A 35 -12.93 2.09 -9.67
C LYS A 35 -13.37 1.49 -8.33
N SER A 36 -13.10 2.22 -7.24
CA SER A 36 -13.51 1.86 -5.88
C SER A 36 -14.95 2.29 -5.56
N ASN A 37 -15.49 1.82 -4.43
CA ASN A 37 -16.78 2.26 -3.91
C ASN A 37 -16.60 3.58 -3.12
N ASP A 38 -16.49 4.69 -3.85
CA ASP A 38 -16.25 6.05 -3.34
C ASP A 38 -15.04 6.15 -2.40
N GLY A 39 -13.90 5.59 -2.81
CA GLY A 39 -12.65 5.57 -2.04
C GLY A 39 -12.61 4.55 -0.90
N LYS A 40 -13.51 3.57 -0.91
CA LYS A 40 -13.50 2.39 -0.05
C LYS A 40 -13.40 1.14 -0.94
N ILE A 41 -12.57 0.17 -0.55
CA ILE A 41 -12.38 -1.08 -1.31
C ILE A 41 -13.70 -1.84 -1.41
N GLU A 42 -13.95 -2.45 -2.57
CA GLU A 42 -15.09 -3.34 -2.81
C GLU A 42 -14.61 -4.67 -3.38
N GLY A 43 -15.12 -5.79 -2.85
CA GLY A 43 -14.84 -7.14 -3.35
C GLY A 43 -13.63 -7.86 -2.74
N LEU A 44 -12.66 -7.15 -2.16
CA LEU A 44 -11.45 -7.78 -1.62
C LEU A 44 -11.78 -8.59 -0.35
N THR A 45 -11.29 -9.82 -0.29
CA THR A 45 -11.69 -10.84 0.70
C THR A 45 -10.53 -11.40 1.51
N ALA A 46 -10.82 -11.86 2.74
CA ALA A 46 -9.89 -12.60 3.58
C ALA A 46 -9.53 -13.99 3.02
N GLU A 47 -10.18 -14.46 1.95
CA GLU A 47 -9.76 -15.67 1.24
C GLU A 47 -8.41 -15.52 0.51
N PHE A 48 -7.90 -14.28 0.34
CA PHE A 48 -6.55 -13.97 -0.17
C PHE A 48 -5.41 -14.29 0.84
N VAL A 49 -5.55 -15.35 1.65
CA VAL A 49 -4.63 -15.65 2.78
C VAL A 49 -3.17 -15.84 2.37
N ASN A 50 -2.90 -16.31 1.14
CA ASN A 50 -1.56 -16.56 0.60
C ASN A 50 -1.02 -15.41 -0.28
N LEU A 51 -1.71 -14.27 -0.34
CA LEU A 51 -1.28 -13.10 -1.06
C LEU A 51 -0.06 -12.44 -0.39
N GLU A 52 1.05 -12.30 -1.12
CA GLU A 52 2.25 -11.57 -0.66
C GLU A 52 2.33 -10.15 -1.23
N PHE A 53 1.75 -9.93 -2.41
CA PHE A 53 1.72 -8.66 -3.14
C PHE A 53 0.29 -8.22 -3.50
N LEU A 54 -0.04 -6.96 -3.21
CA LEU A 54 -1.29 -6.31 -3.61
C LEU A 54 -1.00 -4.93 -4.21
N SER A 55 -1.50 -4.66 -5.43
CA SER A 55 -1.44 -3.35 -6.08
C SER A 55 -2.83 -2.75 -6.31
N LEU A 56 -3.01 -1.52 -5.83
CA LEU A 56 -4.23 -0.71 -5.88
C LEU A 56 -3.86 0.73 -6.34
N ILE A 57 -3.09 0.86 -7.42
CA ILE A 57 -2.57 2.15 -7.91
C ILE A 57 -3.59 2.86 -8.81
N ASN A 58 -3.66 4.18 -8.68
CA ASN A 58 -4.53 5.12 -9.43
C ASN A 58 -6.02 4.72 -9.44
N VAL A 59 -6.44 3.99 -8.40
CA VAL A 59 -7.85 3.66 -8.14
C VAL A 59 -8.57 4.82 -7.44
N GLY A 60 -7.79 5.80 -6.97
CA GLY A 60 -8.30 7.01 -6.32
C GLY A 60 -8.80 6.80 -4.89
N LEU A 61 -8.29 5.77 -4.19
CA LEU A 61 -8.78 5.37 -2.87
C LEU A 61 -8.56 6.45 -1.81
N ILE A 62 -9.45 6.53 -0.81
CA ILE A 62 -9.40 7.54 0.25
C ILE A 62 -9.23 6.87 1.63
N SER A 63 -9.78 5.67 1.80
CA SER A 63 -9.89 4.95 3.08
C SER A 63 -9.40 3.51 2.96
N VAL A 64 -8.44 3.12 3.82
CA VAL A 64 -7.88 1.75 3.93
C VAL A 64 -8.73 0.82 4.82
N SER A 65 -9.86 1.30 5.33
CA SER A 65 -10.73 0.59 6.29
C SER A 65 -11.32 -0.73 5.79
N ASN A 66 -11.59 -0.84 4.49
CA ASN A 66 -12.17 -2.03 3.86
C ASN A 66 -11.13 -3.11 3.47
N LEU A 67 -9.84 -2.94 3.81
CA LEU A 67 -8.85 -4.01 3.64
C LEU A 67 -9.20 -5.23 4.52
N PRO A 68 -9.19 -6.46 3.98
CA PRO A 68 -9.29 -7.68 4.78
C PRO A 68 -7.96 -7.99 5.49
N LYS A 69 -7.96 -8.89 6.47
CA LYS A 69 -6.71 -9.41 7.07
C LYS A 69 -5.96 -10.28 6.07
N LEU A 70 -4.67 -10.00 5.87
CA LEU A 70 -3.78 -10.70 4.94
C LEU A 70 -2.44 -11.00 5.66
N PRO A 71 -2.33 -12.15 6.33
CA PRO A 71 -1.22 -12.47 7.25
C PRO A 71 0.11 -12.77 6.54
N LYS A 72 0.10 -12.86 5.21
CA LYS A 72 1.27 -13.13 4.34
C LYS A 72 1.68 -11.96 3.44
N LEU A 73 0.85 -10.91 3.38
CA LEU A 73 1.09 -9.70 2.57
C LEU A 73 2.27 -8.86 3.10
N LYS A 74 3.44 -9.06 2.47
CA LYS A 74 4.65 -8.26 2.75
C LYS A 74 4.62 -6.92 2.01
N LYS A 75 3.90 -6.79 0.89
CA LYS A 75 3.87 -5.56 0.07
C LYS A 75 2.47 -5.09 -0.32
N LEU A 76 2.21 -3.80 -0.07
CA LEU A 76 1.01 -3.08 -0.46
C LEU A 76 1.35 -1.79 -1.25
N GLU A 77 0.97 -1.77 -2.53
CA GLU A 77 1.04 -0.61 -3.41
C GLU A 77 -0.28 0.19 -3.39
N LEU A 78 -0.27 1.40 -2.83
CA LEU A 78 -1.42 2.32 -2.74
C LEU A 78 -1.10 3.73 -3.29
N SER A 79 -0.33 3.77 -4.38
CA SER A 79 0.14 5.00 -5.00
C SER A 79 -0.94 5.67 -5.86
N GLU A 80 -0.77 6.98 -6.13
CA GLU A 80 -1.64 7.78 -7.00
C GLU A 80 -3.12 7.88 -6.53
N ASN A 81 -3.36 7.59 -5.25
CA ASN A 81 -4.65 7.62 -4.58
C ASN A 81 -4.87 8.96 -3.84
N ARG A 82 -5.92 9.06 -2.99
CA ARG A 82 -6.40 10.28 -2.32
C ARG A 82 -6.29 10.22 -0.78
N ILE A 83 -5.53 9.26 -0.24
CA ILE A 83 -5.47 8.95 1.20
C ILE A 83 -4.91 10.14 1.98
N PHE A 84 -5.55 10.55 3.09
CA PHE A 84 -5.12 11.68 3.92
C PHE A 84 -4.65 11.32 5.34
N GLY A 85 -4.74 10.03 5.73
CA GLY A 85 -4.32 9.53 7.03
C GLY A 85 -5.03 8.22 7.41
N GLY A 86 -5.17 7.96 8.71
CA GLY A 86 -5.96 6.84 9.23
C GLY A 86 -5.36 5.45 9.01
N LEU A 87 -4.03 5.33 8.92
CA LEU A 87 -3.32 4.10 8.55
C LEU A 87 -3.29 3.01 9.65
N ASP A 88 -4.12 3.10 10.70
CA ASP A 88 -4.13 2.18 11.85
C ASP A 88 -4.80 0.83 11.54
N MET A 89 -5.57 0.73 10.46
CA MET A 89 -6.07 -0.56 9.98
C MET A 89 -4.93 -1.42 9.40
N LEU A 90 -3.95 -0.82 8.72
CA LEU A 90 -2.79 -1.55 8.18
C LEU A 90 -2.04 -2.31 9.29
N ALA A 91 -1.96 -1.72 10.48
CA ALA A 91 -1.30 -2.30 11.65
C ALA A 91 -1.98 -3.59 12.17
N GLU A 92 -3.28 -3.77 11.99
CA GLU A 92 -4.03 -4.98 12.41
C GLU A 92 -4.32 -5.96 11.28
N LYS A 93 -4.62 -5.46 10.07
CA LYS A 93 -4.88 -6.27 8.86
C LYS A 93 -3.61 -6.92 8.29
N LEU A 94 -2.49 -6.20 8.31
CA LEU A 94 -1.24 -6.56 7.64
C LEU A 94 -0.06 -6.64 8.65
N PRO A 95 -0.10 -7.54 9.65
CA PRO A 95 0.86 -7.55 10.77
C PRO A 95 2.31 -7.93 10.37
N ASN A 96 2.52 -8.27 9.10
CA ASN A 96 3.76 -8.75 8.49
C ASN A 96 4.30 -7.82 7.38
N LEU A 97 3.67 -6.65 7.17
CA LEU A 97 3.94 -5.74 6.07
C LEU A 97 5.37 -5.18 6.13
N THR A 98 6.12 -5.29 5.04
CA THR A 98 7.50 -4.78 4.87
C THR A 98 7.59 -3.61 3.92
N HIS A 99 6.74 -3.55 2.89
CA HIS A 99 6.74 -2.51 1.87
C HIS A 99 5.36 -1.84 1.76
N LEU A 100 5.33 -0.51 1.88
CA LEU A 100 4.10 0.30 1.82
C LEU A 100 4.30 1.51 0.91
N ASN A 101 3.76 1.46 -0.30
CA ASN A 101 3.97 2.52 -1.30
C ASN A 101 2.80 3.51 -1.26
N LEU A 102 3.03 4.72 -0.74
CA LEU A 102 2.01 5.75 -0.48
C LEU A 102 2.25 7.07 -1.23
N SER A 103 3.08 7.07 -2.27
CA SER A 103 3.29 8.22 -3.16
C SER A 103 2.00 8.73 -3.83
N GLY A 104 1.89 10.03 -4.08
CA GLY A 104 0.75 10.68 -4.74
C GLY A 104 -0.48 10.96 -3.87
N ASN A 105 -0.50 10.46 -2.64
CA ASN A 105 -1.60 10.62 -1.68
C ASN A 105 -1.68 12.05 -1.08
N LYS A 106 -2.76 12.33 -0.33
CA LYS A 106 -3.05 13.62 0.35
C LYS A 106 -2.42 13.68 1.75
N LEU A 107 -1.39 12.86 2.01
CA LEU A 107 -0.65 12.81 3.25
C LEU A 107 0.10 14.14 3.46
N LYS A 108 -0.19 14.84 4.55
CA LYS A 108 0.26 16.24 4.79
C LYS A 108 1.16 16.40 6.03
N ASP A 109 1.16 15.42 6.92
CA ASP A 109 1.78 15.50 8.25
C ASP A 109 2.45 14.19 8.64
N ILE A 110 3.51 14.27 9.46
CA ILE A 110 4.19 13.09 10.02
C ILE A 110 3.26 12.24 10.90
N SER A 111 2.27 12.87 11.56
CA SER A 111 1.24 12.18 12.35
C SER A 111 0.33 11.24 11.54
N THR A 112 0.23 11.42 10.23
CA THR A 112 -0.45 10.45 9.34
C THR A 112 0.26 9.09 9.28
N LEU A 113 1.54 9.04 9.67
CA LEU A 113 2.41 7.87 9.61
C LEU A 113 2.58 7.25 11.01
N GLU A 114 2.04 7.88 12.05
CA GLU A 114 2.15 7.48 13.45
C GLU A 114 1.67 6.04 13.75
N PRO A 115 0.52 5.55 13.23
CA PRO A 115 0.11 4.18 13.51
C PRO A 115 0.98 3.12 12.79
N LEU A 116 1.89 3.50 11.88
CA LEU A 116 2.85 2.57 11.30
C LEU A 116 3.94 2.15 12.32
N LYS A 117 4.07 2.85 13.46
CA LYS A 117 4.94 2.45 14.59
C LYS A 117 4.62 1.04 15.11
N LYS A 118 3.35 0.61 15.00
CA LYS A 118 2.87 -0.72 15.43
C LYS A 118 3.56 -1.87 14.67
N LEU A 119 3.82 -1.67 13.38
CA LEU A 119 4.37 -2.69 12.47
C LEU A 119 5.88 -2.79 12.59
N GLU A 120 6.34 -3.72 13.41
CA GLU A 120 7.76 -4.02 13.59
C GLU A 120 8.44 -4.61 12.34
N CYS A 121 7.65 -4.95 11.30
CA CYS A 121 8.13 -5.50 10.03
C CYS A 121 8.42 -4.42 8.96
N LEU A 122 7.84 -3.23 9.09
CA LEU A 122 7.86 -2.21 8.03
C LEU A 122 9.28 -1.71 7.74
N LYS A 123 9.75 -1.99 6.52
CA LYS A 123 11.15 -1.79 6.08
C LYS A 123 11.28 -0.69 5.04
N SER A 124 10.31 -0.55 4.14
CA SER A 124 10.33 0.40 3.03
C SER A 124 9.01 1.16 2.84
N LEU A 125 9.11 2.44 2.53
CA LEU A 125 8.00 3.39 2.39
C LEU A 125 8.23 4.36 1.22
N ASP A 126 7.17 4.79 0.53
CA ASP A 126 7.21 5.88 -0.45
C ASP A 126 6.18 6.96 -0.10
N LEU A 127 6.58 8.24 -0.25
CA LEU A 127 5.77 9.44 -0.02
C LEU A 127 5.89 10.47 -1.16
N PHE A 128 6.63 10.18 -2.25
CA PHE A 128 6.79 11.08 -3.41
C PHE A 128 5.50 11.83 -3.78
N ASN A 129 5.60 13.15 -4.00
CA ASN A 129 4.47 14.05 -4.33
C ASN A 129 3.35 14.15 -3.27
N CYS A 130 3.57 13.71 -2.03
CA CYS A 130 2.67 13.97 -0.89
C CYS A 130 3.00 15.32 -0.26
N GLU A 131 2.02 16.03 0.30
CA GLU A 131 2.21 17.36 0.89
C GLU A 131 3.14 17.34 2.12
N VAL A 132 3.20 16.20 2.84
CA VAL A 132 4.15 15.92 3.92
C VAL A 132 5.62 15.98 3.48
N THR A 133 5.91 15.80 2.18
CA THR A 133 7.26 15.92 1.61
C THR A 133 7.72 17.38 1.44
N ASN A 134 6.84 18.35 1.69
CA ASN A 134 7.18 19.78 1.74
C ASN A 134 7.71 20.22 3.13
N LEU A 135 7.66 19.35 4.15
CA LEU A 135 8.19 19.62 5.49
C LEU A 135 9.73 19.69 5.49
N ASN A 136 10.28 20.47 6.43
CA ASN A 136 11.73 20.57 6.61
C ASN A 136 12.32 19.22 7.05
N ASP A 137 13.37 18.75 6.34
CA ASP A 137 14.06 17.47 6.58
C ASP A 137 13.09 16.27 6.77
N TYR A 138 12.00 16.22 5.99
CA TYR A 138 10.87 15.29 6.22
C TYR A 138 11.29 13.82 6.37
N ARG A 139 12.26 13.33 5.58
CA ARG A 139 12.71 11.93 5.65
C ARG A 139 13.29 11.56 7.03
N GLU A 140 14.05 12.46 7.66
CA GLU A 140 14.53 12.30 9.02
C GLU A 140 13.37 12.30 10.03
N SER A 141 12.35 13.15 9.80
CA SER A 141 11.13 13.19 10.63
C SER A 141 10.24 11.94 10.50
N VAL A 142 10.40 11.14 9.44
CA VAL A 142 9.78 9.82 9.30
C VAL A 142 10.64 8.72 9.93
N PHE A 143 11.97 8.73 9.74
CA PHE A 143 12.86 7.74 10.36
C PHE A 143 12.92 7.85 11.89
N LYS A 144 12.84 9.07 12.45
CA LYS A 144 12.79 9.27 13.91
C LYS A 144 11.46 8.82 14.54
N LEU A 145 10.38 8.90 13.75
CA LEU A 145 9.04 8.39 14.10
C LEU A 145 8.99 6.86 14.04
N LEU A 146 9.57 6.27 13.00
CA LEU A 146 9.53 4.84 12.68
C LEU A 146 10.95 4.25 12.66
N PRO A 147 11.58 3.97 13.83
CA PRO A 147 12.97 3.54 13.91
C PRO A 147 13.23 2.17 13.26
N GLN A 148 12.19 1.37 13.00
CA GLN A 148 12.26 0.10 12.28
C GLN A 148 12.33 0.27 10.74
N LEU A 149 11.88 1.41 10.20
CA LEU A 149 11.94 1.76 8.78
C LEU A 149 13.39 2.00 8.34
N THR A 150 13.81 1.37 7.23
CA THR A 150 15.16 1.49 6.68
C THR A 150 15.19 2.21 5.32
N TYR A 151 14.13 2.11 4.52
CA TYR A 151 13.99 2.80 3.23
C TYR A 151 12.83 3.78 3.21
N LEU A 152 13.08 4.95 2.61
CA LEU A 152 12.09 6.00 2.39
C LEU A 152 12.37 6.72 1.06
N ASP A 153 11.40 6.70 0.15
CA ASP A 153 11.50 7.24 -1.21
C ASP A 153 12.66 6.61 -2.02
N GLY A 154 12.82 5.28 -1.90
CA GLY A 154 13.86 4.48 -2.57
C GLY A 154 15.28 4.62 -1.99
N TYR A 155 15.50 5.56 -1.07
CA TYR A 155 16.78 5.84 -0.42
C TYR A 155 16.77 5.41 1.06
N ASP A 156 17.92 4.99 1.57
CA ASP A 156 18.04 4.44 2.92
C ASP A 156 18.28 5.49 4.03
N ARG A 157 18.46 5.02 5.27
CA ARG A 157 18.87 5.79 6.46
C ARG A 157 20.14 6.64 6.25
N GLU A 158 21.10 6.12 5.48
CA GLU A 158 22.38 6.76 5.12
C GLU A 158 22.32 7.54 3.79
N ASP A 159 21.11 7.76 3.25
CA ASP A 159 20.83 8.53 2.04
C ASP A 159 21.50 7.97 0.76
N GLN A 160 21.55 6.64 0.64
CA GLN A 160 21.98 5.92 -0.57
C GLN A 160 20.80 5.12 -1.18
N GLU A 161 20.77 4.97 -2.51
CA GLU A 161 19.69 4.27 -3.21
C GLU A 161 19.68 2.75 -2.93
N ALA A 162 18.49 2.14 -2.97
CA ALA A 162 18.26 0.74 -2.64
C ALA A 162 18.95 -0.28 -3.59
N PRO A 163 19.23 -1.50 -3.10
CA PRO A 163 19.72 -2.63 -3.90
C PRO A 163 18.62 -3.23 -4.80
N ASP A 164 19.02 -4.18 -5.65
CA ASP A 164 18.11 -4.90 -6.56
C ASP A 164 17.19 -5.92 -5.83
N SER A 165 17.61 -6.44 -4.67
CA SER A 165 16.88 -7.43 -3.88
C SER A 165 16.05 -6.82 -2.74
N ASP A 166 14.84 -7.36 -2.52
CA ASP A 166 13.88 -6.94 -1.49
C ASP A 166 13.60 -5.42 -1.45
N ALA A 167 13.59 -4.77 -2.60
CA ALA A 167 13.20 -3.38 -2.81
C ALA A 167 12.60 -3.21 -4.23
N GLU A 168 11.38 -2.68 -4.30
CA GLU A 168 10.58 -2.53 -5.55
C GLU A 168 9.57 -1.38 -5.43
N GLY A 1 -16.37 -12.19 -24.34
CA GLY A 1 -14.99 -12.02 -23.83
C GLY A 1 -14.79 -10.67 -23.15
N SER A 2 -13.94 -10.62 -22.12
CA SER A 2 -13.65 -9.41 -21.31
C SER A 2 -12.17 -9.30 -20.96
N SER A 3 -11.71 -8.08 -20.65
CA SER A 3 -10.33 -7.76 -20.24
C SER A 3 -10.30 -6.72 -19.11
N GLY A 4 -9.17 -6.66 -18.39
CA GLY A 4 -8.95 -5.77 -17.24
C GLY A 4 -8.68 -4.30 -17.61
N SER A 5 -9.50 -3.74 -18.50
CA SER A 5 -9.39 -2.36 -18.99
C SER A 5 -9.71 -1.30 -17.93
N SER A 6 -9.29 -0.06 -18.17
CA SER A 6 -9.52 1.06 -17.25
C SER A 6 -11.01 1.39 -17.06
N GLY A 7 -11.37 1.82 -15.86
CA GLY A 7 -12.75 2.14 -15.47
C GLY A 7 -13.63 0.94 -15.06
N MET A 8 -13.11 -0.29 -15.14
CA MET A 8 -13.74 -1.50 -14.58
C MET A 8 -13.86 -1.39 -13.05
N ASP A 9 -14.96 -1.88 -12.46
CA ASP A 9 -15.13 -1.88 -11.00
C ASP A 9 -14.18 -2.90 -10.31
N MET A 10 -13.76 -2.61 -9.08
CA MET A 10 -12.81 -3.46 -8.33
C MET A 10 -13.33 -4.89 -8.15
N LYS A 11 -14.61 -5.05 -7.77
CA LYS A 11 -15.34 -6.33 -7.71
C LYS A 11 -15.28 -7.15 -9.01
N ARG A 12 -15.34 -6.48 -10.15
CA ARG A 12 -15.28 -7.09 -11.50
C ARG A 12 -13.84 -7.47 -11.85
N ARG A 13 -12.87 -6.61 -11.57
CA ARG A 13 -11.45 -6.90 -11.83
C ARG A 13 -10.93 -8.05 -10.98
N ILE A 14 -11.32 -8.12 -9.71
CA ILE A 14 -11.02 -9.23 -8.80
C ILE A 14 -11.45 -10.57 -9.42
N HIS A 15 -12.57 -10.60 -10.15
CA HIS A 15 -13.02 -11.82 -10.85
C HIS A 15 -12.14 -12.15 -12.06
N LEU A 16 -11.78 -11.15 -12.86
CA LEU A 16 -10.88 -11.30 -14.02
C LEU A 16 -9.44 -11.70 -13.63
N GLU A 17 -8.98 -11.30 -12.45
CA GLU A 17 -7.66 -11.70 -11.92
C GLU A 17 -7.69 -13.11 -11.29
N LEU A 18 -8.79 -13.50 -10.62
CA LEU A 18 -9.00 -14.87 -10.13
C LEU A 18 -9.06 -15.88 -11.27
N ARG A 19 -9.90 -15.63 -12.29
CA ARG A 19 -10.08 -16.29 -13.59
C ARG A 19 -10.26 -17.81 -13.65
N ASN A 20 -9.32 -18.55 -13.05
CA ASN A 20 -9.14 -19.99 -13.15
C ASN A 20 -8.77 -20.68 -11.82
N ARG A 21 -8.52 -19.93 -10.72
CA ARG A 21 -8.23 -20.51 -9.38
C ARG A 21 -8.83 -19.72 -8.21
N THR A 22 -8.92 -20.38 -7.06
CA THR A 22 -9.39 -19.88 -5.76
C THR A 22 -8.56 -18.67 -5.29
N PRO A 23 -9.14 -17.66 -4.59
CA PRO A 23 -8.38 -16.53 -4.05
C PRO A 23 -7.27 -16.94 -3.06
N ALA A 24 -7.41 -18.09 -2.39
CA ALA A 24 -6.39 -18.63 -1.49
C ALA A 24 -5.19 -19.23 -2.22
N ALA A 25 -5.30 -19.44 -3.55
CA ALA A 25 -4.23 -19.89 -4.43
C ALA A 25 -3.53 -18.72 -5.17
N VAL A 26 -3.81 -17.46 -4.80
CA VAL A 26 -3.25 -16.25 -5.44
C VAL A 26 -2.24 -15.55 -4.54
N ARG A 27 -1.12 -15.18 -5.16
CA ARG A 27 0.09 -14.63 -4.53
C ARG A 27 0.34 -13.17 -4.91
N GLU A 28 0.07 -12.80 -6.16
CA GLU A 28 0.35 -11.48 -6.73
C GLU A 28 -0.92 -10.99 -7.45
N LEU A 29 -1.55 -9.93 -6.91
CA LEU A 29 -2.83 -9.39 -7.41
C LEU A 29 -2.69 -7.89 -7.72
N VAL A 30 -3.13 -7.47 -8.90
CA VAL A 30 -3.18 -6.04 -9.28
C VAL A 30 -4.58 -5.60 -9.71
N LEU A 31 -5.00 -4.46 -9.18
CA LEU A 31 -6.31 -3.82 -9.35
C LEU A 31 -6.15 -2.37 -9.86
N ASP A 32 -5.01 -2.09 -10.51
CA ASP A 32 -4.67 -0.80 -11.13
C ASP A 32 -5.71 -0.33 -12.16
N ASN A 33 -5.90 0.99 -12.28
CA ASN A 33 -6.84 1.64 -13.22
C ASN A 33 -8.34 1.30 -13.02
N CYS A 34 -8.69 0.57 -11.95
CA CYS A 34 -10.07 0.15 -11.64
C CYS A 34 -10.77 1.10 -10.66
N LYS A 35 -12.11 1.07 -10.62
CA LYS A 35 -12.94 1.96 -9.79
C LYS A 35 -13.29 1.34 -8.44
N SER A 36 -13.27 2.17 -7.40
CA SER A 36 -13.66 1.80 -6.03
C SER A 36 -15.09 2.23 -5.69
N ASN A 37 -15.63 1.73 -4.56
CA ASN A 37 -16.93 2.15 -4.03
C ASN A 37 -16.76 3.46 -3.25
N ASP A 38 -16.70 4.58 -3.98
CA ASP A 38 -16.49 5.95 -3.47
C ASP A 38 -15.25 6.07 -2.54
N GLY A 39 -14.11 5.56 -3.01
CA GLY A 39 -12.84 5.58 -2.26
C GLY A 39 -12.77 4.61 -1.08
N LYS A 40 -13.60 3.56 -1.11
CA LYS A 40 -13.53 2.39 -0.23
C LYS A 40 -13.46 1.13 -1.10
N ILE A 41 -12.63 0.16 -0.70
CA ILE A 41 -12.42 -1.08 -1.46
C ILE A 41 -13.74 -1.87 -1.58
N GLU A 42 -13.96 -2.48 -2.74
CA GLU A 42 -15.09 -3.38 -2.98
C GLU A 42 -14.59 -4.72 -3.50
N GLY A 43 -15.14 -5.83 -2.99
CA GLY A 43 -14.84 -7.19 -3.47
C GLY A 43 -13.66 -7.91 -2.80
N LEU A 44 -12.69 -7.18 -2.24
CA LEU A 44 -11.49 -7.80 -1.65
C LEU A 44 -11.84 -8.56 -0.37
N THR A 45 -11.30 -9.76 -0.22
CA THR A 45 -11.69 -10.74 0.82
C THR A 45 -10.51 -11.30 1.62
N ALA A 46 -10.76 -11.70 2.86
CA ALA A 46 -9.82 -12.43 3.71
C ALA A 46 -9.50 -13.84 3.21
N GLU A 47 -10.17 -14.33 2.16
CA GLU A 47 -9.78 -15.57 1.48
C GLU A 47 -8.46 -15.44 0.68
N PHE A 48 -7.94 -14.22 0.47
CA PHE A 48 -6.61 -13.94 -0.09
C PHE A 48 -5.45 -14.26 0.89
N VAL A 49 -5.54 -15.34 1.67
CA VAL A 49 -4.62 -15.64 2.80
C VAL A 49 -3.16 -15.84 2.38
N ASN A 50 -2.91 -16.26 1.14
CA ASN A 50 -1.56 -16.47 0.59
C ASN A 50 -1.07 -15.34 -0.35
N LEU A 51 -1.78 -14.21 -0.38
CA LEU A 51 -1.39 -13.03 -1.14
C LEU A 51 -0.17 -12.36 -0.50
N GLU A 52 0.91 -12.20 -1.26
CA GLU A 52 2.13 -11.48 -0.85
C GLU A 52 2.22 -10.05 -1.40
N PHE A 53 1.58 -9.81 -2.56
CA PHE A 53 1.53 -8.52 -3.27
C PHE A 53 0.11 -8.07 -3.62
N LEU A 54 -0.19 -6.80 -3.37
CA LEU A 54 -1.43 -6.12 -3.75
C LEU A 54 -1.15 -4.74 -4.38
N SER A 55 -1.54 -4.55 -5.65
CA SER A 55 -1.52 -3.23 -6.32
C SER A 55 -2.91 -2.61 -6.36
N LEU A 56 -3.03 -1.37 -5.90
CA LEU A 56 -4.23 -0.53 -5.89
C LEU A 56 -3.87 0.90 -6.36
N ILE A 57 -3.18 1.00 -7.50
CA ILE A 57 -2.69 2.29 -8.04
C ILE A 57 -3.74 3.00 -8.91
N ASN A 58 -3.83 4.31 -8.76
CA ASN A 58 -4.71 5.23 -9.51
C ASN A 58 -6.18 4.80 -9.58
N VAL A 59 -6.60 4.03 -8.56
CA VAL A 59 -8.00 3.68 -8.29
C VAL A 59 -8.74 4.86 -7.65
N GLY A 60 -7.97 5.83 -7.13
CA GLY A 60 -8.50 7.02 -6.48
C GLY A 60 -9.10 6.74 -5.11
N LEU A 61 -8.50 5.82 -4.34
CA LEU A 61 -9.00 5.45 -3.02
C LEU A 61 -8.84 6.59 -2.03
N ILE A 62 -9.77 6.73 -1.08
CA ILE A 62 -9.73 7.80 -0.06
C ILE A 62 -9.43 7.18 1.32
N SER A 63 -9.88 5.93 1.55
CA SER A 63 -9.87 5.24 2.84
C SER A 63 -9.42 3.77 2.72
N VAL A 64 -8.46 3.36 3.55
CA VAL A 64 -7.95 1.97 3.65
C VAL A 64 -8.80 1.07 4.57
N SER A 65 -9.96 1.57 5.02
CA SER A 65 -10.84 0.94 6.02
C SER A 65 -11.48 -0.39 5.59
N ASN A 66 -11.65 -0.61 4.28
CA ASN A 66 -12.23 -1.84 3.72
C ASN A 66 -11.20 -2.94 3.39
N LEU A 67 -9.92 -2.78 3.75
CA LEU A 67 -8.93 -3.85 3.61
C LEU A 67 -9.29 -5.05 4.51
N PRO A 68 -9.27 -6.30 3.99
CA PRO A 68 -9.37 -7.51 4.79
C PRO A 68 -8.04 -7.81 5.51
N LYS A 69 -8.04 -8.75 6.45
CA LYS A 69 -6.78 -9.27 7.03
C LYS A 69 -6.05 -10.13 5.98
N LEU A 70 -4.79 -9.81 5.74
CA LEU A 70 -3.90 -10.51 4.81
C LEU A 70 -2.59 -10.84 5.55
N PRO A 71 -2.47 -12.02 6.17
CA PRO A 71 -1.39 -12.36 7.09
C PRO A 71 -0.04 -12.63 6.40
N LYS A 72 -0.01 -12.70 5.07
CA LYS A 72 1.19 -12.97 4.26
C LYS A 72 1.62 -11.81 3.35
N LEU A 73 0.79 -10.77 3.25
CA LEU A 73 1.07 -9.57 2.45
C LEU A 73 2.28 -8.80 3.00
N LYS A 74 3.39 -8.90 2.27
CA LYS A 74 4.60 -8.10 2.51
C LYS A 74 4.53 -6.74 1.83
N LYS A 75 3.84 -6.62 0.70
CA LYS A 75 3.89 -5.41 -0.14
C LYS A 75 2.51 -4.91 -0.57
N LEU A 76 2.23 -3.65 -0.24
CA LEU A 76 1.01 -2.93 -0.59
C LEU A 76 1.34 -1.67 -1.40
N GLU A 77 0.85 -1.60 -2.63
CA GLU A 77 1.08 -0.49 -3.56
C GLU A 77 -0.19 0.39 -3.66
N LEU A 78 -0.15 1.59 -3.09
CA LEU A 78 -1.31 2.49 -2.94
C LEU A 78 -1.06 3.90 -3.52
N SER A 79 -0.38 3.94 -4.66
CA SER A 79 0.03 5.18 -5.34
C SER A 79 -1.14 5.88 -6.04
N GLU A 80 -1.01 7.20 -6.24
CA GLU A 80 -1.97 8.02 -7.03
C GLU A 80 -3.41 8.04 -6.49
N ASN A 81 -3.57 7.83 -5.18
CA ASN A 81 -4.82 7.83 -4.42
C ASN A 81 -4.97 9.12 -3.58
N ARG A 82 -6.07 9.24 -2.83
CA ARG A 82 -6.53 10.45 -2.13
C ARG A 82 -6.45 10.34 -0.60
N ILE A 83 -5.76 9.31 -0.10
CA ILE A 83 -5.62 8.98 1.32
C ILE A 83 -4.88 10.10 2.04
N PHE A 84 -5.44 10.59 3.16
CA PHE A 84 -4.94 11.76 3.91
C PHE A 84 -4.48 11.43 5.34
N GLY A 85 -4.63 10.17 5.78
CA GLY A 85 -4.26 9.68 7.11
C GLY A 85 -5.00 8.40 7.47
N GLY A 86 -5.16 8.11 8.76
CA GLY A 86 -5.99 7.00 9.26
C GLY A 86 -5.43 5.60 8.95
N LEU A 87 -4.10 5.45 8.83
CA LEU A 87 -3.42 4.22 8.40
C LEU A 87 -3.38 3.11 9.48
N ASP A 88 -4.25 3.16 10.49
CA ASP A 88 -4.27 2.25 11.64
C ASP A 88 -4.84 0.87 11.33
N MET A 89 -5.64 0.74 10.27
CA MET A 89 -6.05 -0.57 9.76
C MET A 89 -4.85 -1.37 9.24
N LEU A 90 -3.87 -0.73 8.59
CA LEU A 90 -2.69 -1.41 8.06
C LEU A 90 -1.92 -2.14 9.17
N ALA A 91 -1.82 -1.53 10.37
CA ALA A 91 -1.14 -2.09 11.52
C ALA A 91 -1.80 -3.39 12.07
N GLU A 92 -3.11 -3.56 11.91
CA GLU A 92 -3.85 -4.75 12.40
C GLU A 92 -4.25 -5.77 11.30
N LYS A 93 -4.44 -5.32 10.06
CA LYS A 93 -4.78 -6.14 8.90
C LYS A 93 -3.56 -6.83 8.28
N LEU A 94 -2.41 -6.15 8.28
CA LEU A 94 -1.18 -6.53 7.58
C LEU A 94 0.00 -6.61 8.58
N PRO A 95 -0.06 -7.46 9.62
CA PRO A 95 0.86 -7.43 10.77
C PRO A 95 2.36 -7.59 10.46
N ASN A 96 2.72 -8.21 9.34
CA ASN A 96 4.12 -8.38 8.88
C ASN A 96 4.41 -7.74 7.51
N LEU A 97 3.68 -6.67 7.17
CA LEU A 97 3.95 -5.82 6.02
C LEU A 97 5.37 -5.23 6.11
N THR A 98 6.11 -5.31 5.00
CA THR A 98 7.49 -4.81 4.87
C THR A 98 7.61 -3.63 3.90
N HIS A 99 6.77 -3.58 2.88
CA HIS A 99 6.82 -2.57 1.82
C HIS A 99 5.47 -1.86 1.67
N LEU A 100 5.47 -0.53 1.67
CA LEU A 100 4.26 0.30 1.66
C LEU A 100 4.44 1.55 0.79
N ASN A 101 3.84 1.57 -0.39
CA ASN A 101 3.95 2.70 -1.32
C ASN A 101 2.76 3.64 -1.19
N LEU A 102 3.00 4.83 -0.65
CA LEU A 102 2.00 5.88 -0.40
C LEU A 102 2.30 7.17 -1.21
N SER A 103 2.94 7.05 -2.38
CA SER A 103 3.22 8.19 -3.27
C SER A 103 1.95 8.77 -3.91
N GLY A 104 1.95 10.09 -4.17
CA GLY A 104 0.83 10.83 -4.74
C GLY A 104 -0.40 10.96 -3.84
N ASN A 105 -0.36 10.42 -2.61
CA ASN A 105 -1.39 10.53 -1.59
C ASN A 105 -1.54 11.98 -1.07
N LYS A 106 -2.57 12.24 -0.26
CA LYS A 106 -2.87 13.55 0.37
C LYS A 106 -2.28 13.67 1.78
N LEU A 107 -1.22 12.89 2.06
CA LEU A 107 -0.52 12.85 3.34
C LEU A 107 0.22 14.18 3.54
N LYS A 108 -0.04 14.86 4.66
CA LYS A 108 0.39 16.25 4.95
C LYS A 108 1.31 16.40 6.16
N ASP A 109 1.29 15.43 7.07
CA ASP A 109 1.95 15.49 8.37
C ASP A 109 2.61 14.18 8.74
N ILE A 110 3.70 14.24 9.51
CA ILE A 110 4.37 13.07 10.11
C ILE A 110 3.39 12.29 11.01
N SER A 111 2.43 12.97 11.63
CA SER A 111 1.35 12.37 12.45
C SER A 111 0.44 11.42 11.67
N THR A 112 0.41 11.46 10.33
CA THR A 112 -0.30 10.46 9.50
C THR A 112 0.37 9.08 9.53
N LEU A 113 1.64 9.02 9.96
CA LEU A 113 2.50 7.83 9.97
C LEU A 113 2.65 7.25 11.39
N GLU A 114 2.09 7.92 12.40
CA GLU A 114 2.06 7.48 13.81
C GLU A 114 1.39 6.11 14.07
N PRO A 115 0.42 5.62 13.28
CA PRO A 115 -0.06 4.25 13.42
C PRO A 115 0.83 3.20 12.74
N LEU A 116 1.72 3.58 11.81
CA LEU A 116 2.61 2.65 11.10
C LEU A 116 3.71 2.09 11.99
N LYS A 117 4.11 2.79 13.07
CA LYS A 117 5.20 2.36 13.98
C LYS A 117 4.91 1.05 14.72
N LYS A 118 3.64 0.62 14.77
CA LYS A 118 3.20 -0.66 15.34
C LYS A 118 3.59 -1.87 14.47
N LEU A 119 3.84 -1.68 13.17
CA LEU A 119 4.38 -2.68 12.26
C LEU A 119 5.89 -2.81 12.43
N GLU A 120 6.30 -3.73 13.31
CA GLU A 120 7.72 -3.98 13.59
C GLU A 120 8.50 -4.58 12.40
N CYS A 121 7.80 -4.92 11.32
CA CYS A 121 8.38 -5.47 10.08
C CYS A 121 8.61 -4.40 8.99
N LEU A 122 8.03 -3.20 9.11
CA LEU A 122 8.04 -2.19 8.05
C LEU A 122 9.47 -1.73 7.71
N LYS A 123 9.87 -1.96 6.45
CA LYS A 123 11.26 -1.84 5.95
C LYS A 123 11.42 -0.82 4.82
N SER A 124 10.42 -0.66 3.97
CA SER A 124 10.42 0.29 2.84
C SER A 124 9.11 1.07 2.74
N LEU A 125 9.21 2.39 2.52
CA LEU A 125 8.10 3.34 2.47
C LEU A 125 8.28 4.35 1.31
N ASP A 126 7.20 4.82 0.69
CA ASP A 126 7.28 5.89 -0.32
C ASP A 126 6.20 6.96 -0.04
N LEU A 127 6.58 8.23 -0.19
CA LEU A 127 5.76 9.42 0.04
C LEU A 127 5.91 10.46 -1.10
N PHE A 128 6.54 10.11 -2.23
CA PHE A 128 6.77 11.04 -3.35
C PHE A 128 5.54 11.90 -3.69
N ASN A 129 5.74 13.21 -3.88
CA ASN A 129 4.69 14.19 -4.19
C ASN A 129 3.57 14.34 -3.13
N CYS A 130 3.77 13.87 -1.89
CA CYS A 130 2.86 14.14 -0.76
C CYS A 130 3.22 15.47 -0.08
N GLU A 131 2.23 16.18 0.47
CA GLU A 131 2.42 17.46 1.15
C GLU A 131 3.35 17.34 2.39
N VAL A 132 3.36 16.18 3.05
CA VAL A 132 4.29 15.83 4.14
C VAL A 132 5.77 15.88 3.72
N THR A 133 6.07 15.71 2.43
CA THR A 133 7.44 15.82 1.87
C THR A 133 7.92 17.27 1.69
N ASN A 134 7.05 18.25 1.92
CA ASN A 134 7.39 19.68 1.96
C ASN A 134 7.88 20.15 3.34
N LEU A 135 7.80 19.29 4.37
CA LEU A 135 8.27 19.58 5.73
C LEU A 135 9.80 19.66 5.81
N ASN A 136 10.31 20.45 6.76
CA ASN A 136 11.74 20.54 7.02
C ASN A 136 12.30 19.20 7.54
N ASP A 137 13.39 18.71 6.93
CA ASP A 137 14.05 17.42 7.25
C ASP A 137 13.07 16.23 7.38
N TYR A 138 12.02 16.18 6.53
CA TYR A 138 10.90 15.24 6.69
C TYR A 138 11.34 13.77 6.82
N ARG A 139 12.33 13.32 6.05
CA ARG A 139 12.82 11.93 6.07
C ARG A 139 13.34 11.52 7.45
N GLU A 140 14.08 12.38 8.13
CA GLU A 140 14.54 12.14 9.50
C GLU A 140 13.36 12.06 10.48
N SER A 141 12.33 12.88 10.30
CA SER A 141 11.10 12.84 11.09
C SER A 141 10.25 11.59 10.85
N VAL A 142 10.43 10.88 9.73
CA VAL A 142 9.86 9.55 9.49
C VAL A 142 10.73 8.44 10.09
N PHE A 143 12.05 8.47 9.91
CA PHE A 143 12.95 7.44 10.46
C PHE A 143 13.00 7.44 12.00
N LYS A 144 12.88 8.61 12.65
CA LYS A 144 12.80 8.70 14.12
C LYS A 144 11.50 8.14 14.68
N LEU A 145 10.40 8.28 13.92
CA LEU A 145 9.08 7.73 14.22
C LEU A 145 8.97 6.23 13.94
N LEU A 146 9.69 5.74 12.92
CA LEU A 146 9.74 4.34 12.47
C LEU A 146 11.17 3.77 12.57
N PRO A 147 11.71 3.49 13.78
CA PRO A 147 13.08 2.99 13.96
C PRO A 147 13.43 1.72 13.16
N GLN A 148 12.42 0.90 12.86
CA GLN A 148 12.53 -0.32 12.06
C GLN A 148 12.75 -0.07 10.54
N LEU A 149 12.43 1.12 10.03
CA LEU A 149 12.45 1.45 8.60
C LEU A 149 13.89 1.56 8.05
N THR A 150 14.14 0.96 6.89
CA THR A 150 15.44 1.07 6.18
C THR A 150 15.37 2.07 5.03
N TYR A 151 14.29 2.05 4.24
CA TYR A 151 14.11 2.85 3.03
C TYR A 151 12.92 3.81 3.09
N LEU A 152 13.14 5.00 2.55
CA LEU A 152 12.14 6.05 2.35
C LEU A 152 12.41 6.80 1.03
N ASP A 153 11.45 6.76 0.10
CA ASP A 153 11.55 7.35 -1.23
C ASP A 153 12.73 6.79 -2.06
N GLY A 154 12.92 5.46 -2.03
CA GLY A 154 13.97 4.73 -2.76
C GLY A 154 15.39 4.89 -2.22
N TYR A 155 15.63 5.84 -1.32
CA TYR A 155 16.88 6.07 -0.60
C TYR A 155 16.77 5.57 0.85
N ASP A 156 17.89 5.25 1.49
CA ASP A 156 17.94 4.76 2.86
C ASP A 156 18.05 5.86 3.93
N ARG A 157 18.11 5.43 5.19
CA ARG A 157 18.41 6.25 6.39
C ARG A 157 19.83 6.81 6.46
N GLU A 158 20.69 6.50 5.47
CA GLU A 158 22.03 7.07 5.26
C GLU A 158 22.09 7.94 3.98
N ASP A 159 20.94 8.27 3.40
CA ASP A 159 20.76 9.11 2.20
C ASP A 159 21.50 8.61 0.94
N GLN A 160 21.50 7.29 0.73
CA GLN A 160 21.96 6.64 -0.50
C GLN A 160 20.92 5.66 -1.09
N GLU A 161 20.96 5.45 -2.41
CA GLU A 161 19.94 4.71 -3.17
C GLU A 161 19.94 3.20 -2.88
N ALA A 162 18.77 2.57 -2.99
CA ALA A 162 18.57 1.13 -2.79
C ALA A 162 19.30 0.22 -3.82
N PRO A 163 19.60 -1.03 -3.45
CA PRO A 163 20.12 -2.06 -4.35
C PRO A 163 19.05 -2.58 -5.32
N ASP A 164 19.47 -3.43 -6.27
CA ASP A 164 18.60 -4.06 -7.27
C ASP A 164 17.64 -5.13 -6.68
N SER A 165 17.97 -5.70 -5.51
CA SER A 165 17.19 -6.72 -4.81
C SER A 165 16.33 -6.16 -3.66
N ASP A 166 15.16 -6.76 -3.44
CA ASP A 166 14.18 -6.40 -2.38
C ASP A 166 13.76 -4.91 -2.35
N ALA A 167 13.85 -4.22 -3.49
CA ALA A 167 13.45 -2.82 -3.70
C ALA A 167 13.11 -2.59 -5.20
N GLU A 168 12.36 -1.51 -5.48
CA GLU A 168 11.93 -1.09 -6.84
C GLU A 168 12.06 0.43 -7.05
N GLY A 1 -14.27 -9.46 -27.03
CA GLY A 1 -14.46 -8.39 -26.04
C GLY A 1 -13.20 -8.14 -25.22
N SER A 2 -13.01 -6.90 -24.76
CA SER A 2 -11.84 -6.48 -23.97
C SER A 2 -11.85 -7.03 -22.53
N SER A 3 -10.65 -7.22 -21.96
CA SER A 3 -10.43 -7.70 -20.58
C SER A 3 -9.34 -6.87 -19.88
N GLY A 4 -9.44 -6.74 -18.55
CA GLY A 4 -8.49 -5.96 -17.74
C GLY A 4 -8.61 -4.44 -17.92
N SER A 5 -9.76 -3.97 -18.41
CA SER A 5 -10.00 -2.58 -18.81
C SER A 5 -9.95 -1.57 -17.66
N SER A 6 -9.53 -0.34 -17.95
CA SER A 6 -9.63 0.80 -17.03
C SER A 6 -11.08 1.27 -16.84
N GLY A 7 -11.37 1.83 -15.66
CA GLY A 7 -12.73 2.27 -15.29
C GLY A 7 -13.68 1.15 -14.85
N MET A 8 -13.27 -0.11 -14.98
CA MET A 8 -13.97 -1.30 -14.44
C MET A 8 -14.03 -1.23 -12.90
N ASP A 9 -15.12 -1.68 -12.28
CA ASP A 9 -15.24 -1.75 -10.82
C ASP A 9 -14.27 -2.77 -10.19
N MET A 10 -13.79 -2.50 -8.98
CA MET A 10 -12.80 -3.33 -8.29
C MET A 10 -13.26 -4.79 -8.14
N LYS A 11 -14.51 -5.03 -7.72
CA LYS A 11 -15.13 -6.36 -7.66
C LYS A 11 -15.10 -7.09 -9.01
N ARG A 12 -15.32 -6.36 -10.11
CA ARG A 12 -15.32 -6.93 -11.47
C ARG A 12 -13.90 -7.28 -11.90
N ARG A 13 -12.91 -6.45 -11.56
CA ARG A 13 -11.49 -6.72 -11.86
C ARG A 13 -10.93 -7.88 -11.05
N ILE A 14 -11.37 -8.00 -9.78
CA ILE A 14 -11.11 -9.17 -8.92
C ILE A 14 -11.77 -10.42 -9.54
N HIS A 15 -12.99 -10.31 -10.08
CA HIS A 15 -13.70 -11.43 -10.71
C HIS A 15 -12.95 -11.97 -11.93
N LEU A 16 -12.40 -11.06 -12.76
CA LEU A 16 -11.56 -11.37 -13.91
C LEU A 16 -10.33 -12.22 -13.56
N GLU A 17 -9.73 -12.01 -12.38
CA GLU A 17 -8.61 -12.82 -11.89
C GLU A 17 -9.07 -14.12 -11.20
N LEU A 18 -10.18 -14.09 -10.47
CA LEU A 18 -10.77 -15.27 -9.80
C LEU A 18 -11.34 -16.30 -10.77
N ARG A 19 -11.79 -15.87 -11.96
CA ARG A 19 -12.18 -16.76 -13.07
C ARG A 19 -11.03 -17.60 -13.63
N ASN A 20 -9.78 -17.33 -13.22
CA ASN A 20 -8.61 -18.14 -13.57
C ASN A 20 -8.16 -19.06 -12.41
N ARG A 21 -8.15 -18.60 -11.15
CA ARG A 21 -7.78 -19.41 -9.97
C ARG A 21 -8.46 -18.95 -8.67
N THR A 22 -8.55 -19.84 -7.68
CA THR A 22 -9.10 -19.61 -6.32
C THR A 22 -8.39 -18.43 -5.63
N PRO A 23 -9.08 -17.57 -4.84
CA PRO A 23 -8.45 -16.44 -4.15
C PRO A 23 -7.36 -16.87 -3.15
N ALA A 24 -7.47 -18.07 -2.56
CA ALA A 24 -6.46 -18.63 -1.67
C ALA A 24 -5.21 -19.16 -2.39
N ALA A 25 -5.25 -19.28 -3.72
CA ALA A 25 -4.14 -19.74 -4.54
C ALA A 25 -3.22 -18.60 -5.01
N VAL A 26 -3.59 -17.35 -4.74
CA VAL A 26 -2.95 -16.16 -5.31
C VAL A 26 -1.86 -15.60 -4.39
N ARG A 27 -0.70 -15.34 -4.98
CA ARG A 27 0.48 -14.74 -4.33
C ARG A 27 0.69 -13.27 -4.73
N GLU A 28 0.40 -12.92 -5.98
CA GLU A 28 0.66 -11.62 -6.58
C GLU A 28 -0.57 -11.17 -7.38
N LEU A 29 -1.24 -10.09 -6.94
CA LEU A 29 -2.49 -9.58 -7.53
C LEU A 29 -2.38 -8.07 -7.79
N VAL A 30 -2.80 -7.63 -8.97
CA VAL A 30 -2.91 -6.21 -9.32
C VAL A 30 -4.33 -5.83 -9.76
N LEU A 31 -4.80 -4.69 -9.25
CA LEU A 31 -6.13 -4.11 -9.47
C LEU A 31 -6.00 -2.64 -9.92
N ASP A 32 -4.86 -2.27 -10.50
CA ASP A 32 -4.55 -0.91 -10.95
C ASP A 32 -5.58 -0.41 -11.99
N ASN A 33 -5.83 0.90 -12.02
CA ASN A 33 -6.78 1.59 -12.92
C ASN A 33 -8.27 1.16 -12.86
N CYS A 34 -8.66 0.32 -11.90
CA CYS A 34 -10.07 0.04 -11.59
C CYS A 34 -10.72 1.20 -10.80
N LYS A 35 -12.03 1.15 -10.58
CA LYS A 35 -12.79 2.07 -9.71
C LYS A 35 -13.19 1.43 -8.39
N SER A 36 -13.11 2.22 -7.32
CA SER A 36 -13.61 1.86 -5.99
C SER A 36 -15.05 2.33 -5.75
N ASN A 37 -15.69 1.85 -4.68
CA ASN A 37 -16.99 2.36 -4.24
C ASN A 37 -16.77 3.64 -3.40
N ASP A 38 -16.69 4.79 -4.07
CA ASP A 38 -16.48 6.12 -3.47
C ASP A 38 -15.28 6.18 -2.49
N GLY A 39 -14.14 5.59 -2.88
CA GLY A 39 -12.93 5.54 -2.06
C GLY A 39 -12.90 4.49 -0.96
N LYS A 40 -13.84 3.53 -0.98
CA LYS A 40 -13.83 2.31 -0.16
C LYS A 40 -13.76 1.08 -1.06
N ILE A 41 -12.91 0.12 -0.71
CA ILE A 41 -12.72 -1.14 -1.44
C ILE A 41 -14.01 -1.97 -1.43
N GLU A 42 -14.36 -2.58 -2.56
CA GLU A 42 -15.43 -3.57 -2.63
C GLU A 42 -14.97 -4.79 -3.44
N GLY A 43 -15.33 -6.00 -2.99
CA GLY A 43 -14.96 -7.27 -3.64
C GLY A 43 -13.73 -7.97 -3.06
N LEU A 44 -12.81 -7.24 -2.43
CA LEU A 44 -11.61 -7.84 -1.83
C LEU A 44 -11.96 -8.62 -0.55
N THR A 45 -11.36 -9.79 -0.38
CA THR A 45 -11.73 -10.78 0.65
C THR A 45 -10.54 -11.30 1.46
N ALA A 46 -10.79 -11.71 2.70
CA ALA A 46 -9.83 -12.40 3.57
C ALA A 46 -9.46 -13.80 3.06
N GLU A 47 -10.14 -14.34 2.02
CA GLU A 47 -9.71 -15.58 1.36
C GLU A 47 -8.37 -15.44 0.62
N PHE A 48 -7.89 -14.21 0.36
CA PHE A 48 -6.54 -13.91 -0.16
C PHE A 48 -5.40 -14.17 0.86
N VAL A 49 -5.53 -15.15 1.75
CA VAL A 49 -4.59 -15.37 2.89
C VAL A 49 -3.13 -15.54 2.47
N ASN A 50 -2.86 -16.13 1.29
CA ASN A 50 -1.52 -16.39 0.75
C ASN A 50 -0.96 -15.26 -0.12
N LEU A 51 -1.69 -14.15 -0.28
CA LEU A 51 -1.27 -13.01 -1.08
C LEU A 51 -0.10 -12.31 -0.42
N GLU A 52 1.06 -12.26 -1.09
CA GLU A 52 2.25 -11.52 -0.65
C GLU A 52 2.32 -10.11 -1.24
N PHE A 53 1.72 -9.91 -2.42
CA PHE A 53 1.64 -8.63 -3.13
C PHE A 53 0.22 -8.21 -3.55
N LEU A 54 -0.13 -6.96 -3.30
CA LEU A 54 -1.35 -6.29 -3.76
C LEU A 54 -1.03 -4.92 -4.38
N SER A 55 -1.44 -4.71 -5.63
CA SER A 55 -1.39 -3.40 -6.30
C SER A 55 -2.79 -2.79 -6.44
N LEU A 56 -2.93 -1.52 -6.03
CA LEU A 56 -4.13 -0.69 -6.08
C LEU A 56 -3.75 0.74 -6.49
N ILE A 57 -3.04 0.89 -7.62
CA ILE A 57 -2.55 2.19 -8.11
C ILE A 57 -3.57 2.87 -9.02
N ASN A 58 -3.67 4.20 -8.92
CA ASN A 58 -4.54 5.10 -9.69
C ASN A 58 -6.04 4.69 -9.69
N VAL A 59 -6.44 3.94 -8.66
CA VAL A 59 -7.85 3.58 -8.39
C VAL A 59 -8.58 4.73 -7.69
N GLY A 60 -7.84 5.70 -7.16
CA GLY A 60 -8.37 6.92 -6.55
C GLY A 60 -9.01 6.69 -5.17
N LEU A 61 -8.55 5.67 -4.43
CA LEU A 61 -9.10 5.29 -3.12
C LEU A 61 -8.86 6.39 -2.07
N ILE A 62 -9.73 6.48 -1.07
CA ILE A 62 -9.69 7.52 -0.02
C ILE A 62 -9.50 6.89 1.37
N SER A 63 -10.02 5.67 1.58
CA SER A 63 -10.03 4.95 2.86
C SER A 63 -9.48 3.54 2.74
N VAL A 64 -8.51 3.20 3.60
CA VAL A 64 -7.93 1.85 3.74
C VAL A 64 -8.78 0.91 4.60
N SER A 65 -9.84 1.42 5.26
CA SER A 65 -10.60 0.66 6.28
C SER A 65 -11.34 -0.57 5.75
N ASN A 66 -11.62 -0.61 4.45
CA ASN A 66 -12.25 -1.75 3.77
C ASN A 66 -11.25 -2.87 3.37
N LEU A 67 -9.94 -2.73 3.64
CA LEU A 67 -8.98 -3.81 3.44
C LEU A 67 -9.33 -5.02 4.36
N PRO A 68 -9.34 -6.26 3.84
CA PRO A 68 -9.45 -7.46 4.67
C PRO A 68 -8.12 -7.75 5.38
N LYS A 69 -8.12 -8.63 6.38
CA LYS A 69 -6.86 -9.14 6.97
C LYS A 69 -6.14 -10.02 5.94
N LEU A 70 -4.87 -9.70 5.69
CA LEU A 70 -3.97 -10.43 4.80
C LEU A 70 -2.65 -10.67 5.57
N PRO A 71 -2.52 -11.81 6.27
CA PRO A 71 -1.43 -12.04 7.22
C PRO A 71 -0.06 -12.26 6.54
N LYS A 72 -0.03 -12.56 5.24
CA LYS A 72 1.20 -12.87 4.47
C LYS A 72 1.58 -11.77 3.47
N LEU A 73 0.73 -10.77 3.29
CA LEU A 73 1.01 -9.56 2.49
C LEU A 73 2.21 -8.80 3.05
N LYS A 74 3.35 -8.94 2.35
CA LYS A 74 4.58 -8.20 2.65
C LYS A 74 4.65 -6.87 1.88
N LYS A 75 3.95 -6.74 0.74
CA LYS A 75 4.02 -5.55 -0.11
C LYS A 75 2.63 -5.03 -0.54
N LEU A 76 2.40 -3.74 -0.33
CA LEU A 76 1.18 -3.02 -0.73
C LEU A 76 1.54 -1.76 -1.53
N GLU A 77 1.00 -1.66 -2.74
CA GLU A 77 1.15 -0.49 -3.62
C GLU A 77 -0.15 0.29 -3.71
N LEU A 78 -0.21 1.45 -3.04
CA LEU A 78 -1.37 2.34 -2.97
C LEU A 78 -1.07 3.74 -3.54
N SER A 79 -0.35 3.77 -4.66
CA SER A 79 0.09 5.01 -5.31
C SER A 79 -1.04 5.72 -6.06
N GLU A 80 -0.92 7.03 -6.25
CA GLU A 80 -1.85 7.86 -7.04
C GLU A 80 -3.31 7.86 -6.51
N ASN A 81 -3.47 7.59 -5.21
CA ASN A 81 -4.74 7.58 -4.48
C ASN A 81 -4.96 8.90 -3.70
N ARG A 82 -6.14 9.05 -3.08
CA ARG A 82 -6.61 10.26 -2.36
C ARG A 82 -6.49 10.14 -0.83
N ILE A 83 -5.83 9.09 -0.33
CA ILE A 83 -5.72 8.77 1.10
C ILE A 83 -4.99 9.88 1.86
N PHE A 84 -5.51 10.30 3.02
CA PHE A 84 -4.97 11.40 3.84
C PHE A 84 -4.61 10.98 5.28
N GLY A 85 -4.80 9.71 5.65
CA GLY A 85 -4.48 9.17 6.97
C GLY A 85 -5.14 7.81 7.23
N GLY A 86 -5.37 7.47 8.50
CA GLY A 86 -6.09 6.25 8.90
C GLY A 86 -5.27 4.95 8.80
N LEU A 87 -3.93 5.04 8.71
CA LEU A 87 -3.04 3.90 8.43
C LEU A 87 -2.91 2.90 9.60
N ASP A 88 -3.57 3.14 10.74
CA ASP A 88 -3.71 2.18 11.85
C ASP A 88 -4.50 0.91 11.44
N MET A 89 -5.27 0.99 10.36
CA MET A 89 -5.88 -0.17 9.73
C MET A 89 -4.83 -1.10 9.12
N LEU A 90 -3.80 -0.57 8.46
CA LEU A 90 -2.71 -1.37 7.88
C LEU A 90 -1.97 -2.15 8.97
N ALA A 91 -1.80 -1.55 10.15
CA ALA A 91 -1.15 -2.18 11.30
C ALA A 91 -1.89 -3.43 11.82
N GLU A 92 -3.22 -3.50 11.73
CA GLU A 92 -4.02 -4.67 12.16
C GLU A 92 -4.35 -5.66 11.03
N LYS A 93 -4.61 -5.18 9.81
CA LYS A 93 -4.89 -6.01 8.63
C LYS A 93 -3.66 -6.72 8.06
N LEU A 94 -2.51 -6.04 8.06
CA LEU A 94 -1.29 -6.45 7.36
C LEU A 94 -0.10 -6.61 8.35
N PRO A 95 -0.16 -7.53 9.33
CA PRO A 95 0.80 -7.61 10.44
C PRO A 95 2.26 -7.89 10.02
N ASN A 96 2.50 -8.48 8.84
CA ASN A 96 3.82 -8.80 8.30
C ASN A 96 4.23 -7.90 7.11
N LEU A 97 3.63 -6.72 6.96
CA LEU A 97 3.93 -5.77 5.89
C LEU A 97 5.38 -5.23 6.01
N THR A 98 6.16 -5.35 4.94
CA THR A 98 7.54 -4.86 4.83
C THR A 98 7.70 -3.70 3.87
N HIS A 99 6.86 -3.61 2.83
CA HIS A 99 6.96 -2.62 1.76
C HIS A 99 5.62 -1.90 1.57
N LEU A 100 5.63 -0.57 1.60
CA LEU A 100 4.42 0.25 1.48
C LEU A 100 4.66 1.50 0.61
N ASN A 101 4.04 1.55 -0.57
CA ASN A 101 4.11 2.71 -1.47
C ASN A 101 2.91 3.63 -1.25
N LEU A 102 3.14 4.86 -0.76
CA LEU A 102 2.14 5.90 -0.52
C LEU A 102 2.33 7.11 -1.46
N SER A 103 3.01 6.94 -2.59
CA SER A 103 3.22 7.98 -3.60
C SER A 103 1.90 8.63 -4.08
N GLY A 104 1.91 9.94 -4.28
CA GLY A 104 0.76 10.72 -4.76
C GLY A 104 -0.43 10.82 -3.79
N ASN A 105 -0.35 10.22 -2.60
CA ASN A 105 -1.37 10.32 -1.55
C ASN A 105 -1.45 11.77 -1.01
N LYS A 106 -2.49 12.07 -0.21
CA LYS A 106 -2.76 13.39 0.38
C LYS A 106 -2.27 13.47 1.84
N LEU A 107 -1.21 12.73 2.15
CA LEU A 107 -0.57 12.68 3.47
C LEU A 107 0.17 14.00 3.70
N LYS A 108 -0.20 14.73 4.75
CA LYS A 108 0.24 16.13 5.00
C LYS A 108 0.94 16.41 6.33
N ASP A 109 1.12 15.37 7.15
CA ASP A 109 1.73 15.45 8.48
C ASP A 109 2.47 14.16 8.82
N ILE A 110 3.55 14.26 9.60
CA ILE A 110 4.27 13.10 10.16
C ILE A 110 3.34 12.24 11.03
N SER A 111 2.36 12.85 11.69
CA SER A 111 1.34 12.16 12.49
C SER A 111 0.43 11.21 11.68
N THR A 112 0.37 11.35 10.35
CA THR A 112 -0.31 10.34 9.49
C THR A 112 0.45 9.03 9.37
N LEU A 113 1.75 9.04 9.72
CA LEU A 113 2.68 7.91 9.62
C LEU A 113 2.92 7.27 11.00
N GLU A 114 2.44 7.92 12.06
CA GLU A 114 2.51 7.46 13.45
C GLU A 114 2.00 6.02 13.66
N PRO A 115 0.85 5.58 13.12
CA PRO A 115 0.42 4.20 13.29
C PRO A 115 1.31 3.16 12.59
N LEU A 116 2.20 3.56 11.67
CA LEU A 116 3.17 2.64 11.07
C LEU A 116 4.26 2.19 12.06
N LYS A 117 4.39 2.85 13.24
CA LYS A 117 5.23 2.39 14.36
C LYS A 117 4.86 0.99 14.85
N LYS A 118 3.57 0.60 14.74
CA LYS A 118 3.06 -0.71 15.19
C LYS A 118 3.69 -1.87 14.42
N LEU A 119 3.93 -1.68 13.12
CA LEU A 119 4.49 -2.68 12.20
C LEU A 119 6.00 -2.77 12.37
N GLU A 120 6.44 -3.68 13.24
CA GLU A 120 7.85 -4.00 13.46
C GLU A 120 8.55 -4.63 12.23
N CYS A 121 7.78 -4.94 11.18
CA CYS A 121 8.26 -5.52 9.93
C CYS A 121 8.53 -4.46 8.84
N LEU A 122 7.98 -3.24 8.95
CA LEU A 122 8.01 -2.25 7.89
C LEU A 122 9.44 -1.77 7.62
N LYS A 123 9.94 -2.09 6.41
CA LYS A 123 11.34 -1.96 5.99
C LYS A 123 11.52 -0.93 4.87
N SER A 124 10.51 -0.74 4.02
CA SER A 124 10.51 0.25 2.93
C SER A 124 9.19 1.02 2.85
N LEU A 125 9.28 2.34 2.68
CA LEU A 125 8.16 3.30 2.60
C LEU A 125 8.39 4.29 1.46
N ASP A 126 7.33 4.84 0.85
CA ASP A 126 7.46 5.93 -0.13
C ASP A 126 6.36 6.98 0.07
N LEU A 127 6.74 8.25 -0.02
CA LEU A 127 5.89 9.44 0.17
C LEU A 127 5.99 10.42 -1.02
N PHE A 128 6.46 10.00 -2.21
CA PHE A 128 6.71 10.92 -3.32
C PHE A 128 5.46 11.76 -3.66
N ASN A 129 5.64 13.08 -3.84
CA ASN A 129 4.58 14.05 -4.12
C ASN A 129 3.46 14.13 -3.05
N CYS A 130 3.73 13.77 -1.80
CA CYS A 130 2.82 14.01 -0.66
C CYS A 130 3.12 15.38 -0.01
N GLU A 131 2.10 16.07 0.48
CA GLU A 131 2.24 17.35 1.23
C GLU A 131 3.25 17.26 2.38
N VAL A 132 3.28 16.13 3.07
CA VAL A 132 4.23 15.83 4.18
C VAL A 132 5.71 15.92 3.77
N THR A 133 6.02 15.78 2.47
CA THR A 133 7.39 15.95 1.94
C THR A 133 7.82 17.41 1.76
N ASN A 134 6.91 18.37 1.97
CA ASN A 134 7.23 19.81 1.98
C ASN A 134 7.73 20.31 3.35
N LEU A 135 7.62 19.48 4.39
CA LEU A 135 8.10 19.76 5.74
C LEU A 135 9.63 19.88 5.81
N ASN A 136 10.13 20.68 6.74
CA ASN A 136 11.57 20.86 6.95
C ASN A 136 12.20 19.56 7.46
N ASP A 137 13.28 19.10 6.80
CA ASP A 137 13.97 17.83 7.08
C ASP A 137 13.03 16.61 7.22
N TYR A 138 11.98 16.52 6.38
CA TYR A 138 10.90 15.53 6.55
C TYR A 138 11.40 14.08 6.68
N ARG A 139 12.45 13.70 5.95
CA ARG A 139 13.02 12.34 5.97
C ARG A 139 13.50 11.93 7.36
N GLU A 140 14.22 12.82 8.06
CA GLU A 140 14.64 12.59 9.44
C GLU A 140 13.43 12.52 10.38
N SER A 141 12.39 13.33 10.13
CA SER A 141 11.14 13.28 10.89
C SER A 141 10.31 12.02 10.68
N VAL A 142 10.55 11.24 9.61
CA VAL A 142 9.97 9.91 9.40
C VAL A 142 10.87 8.81 9.99
N PHE A 143 12.20 8.89 9.85
CA PHE A 143 13.11 7.89 10.40
C PHE A 143 13.22 7.94 11.93
N LYS A 144 13.10 9.13 12.55
CA LYS A 144 13.04 9.27 14.02
C LYS A 144 11.72 8.73 14.59
N LEU A 145 10.65 8.80 13.79
CA LEU A 145 9.33 8.25 14.10
C LEU A 145 9.31 6.72 13.99
N LEU A 146 9.92 6.17 12.94
CA LEU A 146 9.93 4.74 12.60
C LEU A 146 11.38 4.19 12.64
N PRO A 147 11.90 3.80 13.81
CA PRO A 147 13.27 3.33 13.96
C PRO A 147 13.55 1.97 13.29
N GLN A 148 12.50 1.20 12.97
CA GLN A 148 12.57 -0.08 12.26
C GLN A 148 12.70 0.06 10.72
N LEU A 149 12.35 1.23 10.17
CA LEU A 149 12.36 1.51 8.73
C LEU A 149 13.79 1.66 8.19
N THR A 150 14.16 0.87 7.16
CA THR A 150 15.43 1.05 6.44
C THR A 150 15.29 2.12 5.35
N TYR A 151 14.30 1.98 4.48
CA TYR A 151 14.16 2.78 3.27
C TYR A 151 12.97 3.72 3.28
N LEU A 152 13.22 4.91 2.74
CA LEU A 152 12.22 5.96 2.51
C LEU A 152 12.46 6.58 1.13
N ASP A 153 11.45 6.60 0.27
CA ASP A 153 11.56 7.10 -1.11
C ASP A 153 12.66 6.38 -1.93
N GLY A 154 12.95 5.11 -1.61
CA GLY A 154 14.05 4.32 -2.17
C GLY A 154 15.45 4.62 -1.61
N TYR A 155 15.58 5.57 -0.67
CA TYR A 155 16.83 5.98 -0.02
C TYR A 155 16.87 5.57 1.46
N ASP A 156 18.01 5.09 1.93
CA ASP A 156 18.24 4.54 3.28
C ASP A 156 18.19 5.64 4.37
N ARG A 157 18.33 5.23 5.65
CA ARG A 157 18.54 6.11 6.81
C ARG A 157 19.82 6.94 6.69
N GLU A 158 20.76 6.48 5.86
CA GLU A 158 22.02 7.16 5.48
C GLU A 158 21.88 8.06 4.23
N ASP A 159 20.66 8.23 3.71
CA ASP A 159 20.34 9.06 2.53
C ASP A 159 21.16 8.72 1.27
N GLN A 160 21.27 7.42 1.00
CA GLN A 160 21.81 6.83 -0.23
C GLN A 160 20.84 5.78 -0.80
N GLU A 161 20.82 5.64 -2.13
CA GLU A 161 19.82 4.80 -2.82
C GLU A 161 20.01 3.30 -2.57
N ALA A 162 18.89 2.58 -2.53
CA ALA A 162 18.83 1.15 -2.27
C ALA A 162 19.29 0.26 -3.45
N PRO A 163 19.72 -0.99 -3.19
CA PRO A 163 20.20 -1.93 -4.20
C PRO A 163 19.07 -2.76 -4.82
N ASP A 164 19.26 -3.19 -6.07
CA ASP A 164 18.30 -4.05 -6.81
C ASP A 164 18.08 -5.44 -6.17
N SER A 165 19.00 -5.87 -5.31
CA SER A 165 18.95 -7.14 -4.57
C SER A 165 18.09 -7.11 -3.31
N ASP A 166 17.70 -5.93 -2.80
CA ASP A 166 16.98 -5.77 -1.52
C ASP A 166 15.85 -4.72 -1.53
N ALA A 167 15.66 -4.01 -2.65
CA ALA A 167 14.57 -3.05 -2.87
C ALA A 167 14.07 -3.07 -4.33
N GLU A 168 12.93 -2.43 -4.58
CA GLU A 168 12.24 -2.34 -5.88
C GLU A 168 11.69 -0.93 -6.17
N GLY A 1 -10.39 -11.20 -25.89
CA GLY A 1 -10.51 -10.97 -24.44
C GLY A 1 -9.96 -9.61 -24.03
N SER A 2 -10.38 -9.11 -22.87
CA SER A 2 -9.97 -7.79 -22.33
C SER A 2 -8.51 -7.76 -21.84
N SER A 3 -7.87 -6.60 -21.96
CA SER A 3 -6.51 -6.32 -21.47
C SER A 3 -6.44 -4.92 -20.84
N GLY A 4 -5.63 -4.77 -19.78
CA GLY A 4 -5.46 -3.52 -19.01
C GLY A 4 -6.64 -3.16 -18.08
N SER A 5 -7.88 -3.37 -18.56
CA SER A 5 -9.13 -3.29 -17.78
C SER A 5 -9.38 -1.96 -17.05
N SER A 6 -8.91 -0.86 -17.63
CA SER A 6 -9.07 0.50 -17.06
C SER A 6 -10.55 0.89 -16.94
N GLY A 7 -10.93 1.50 -15.81
CA GLY A 7 -12.29 1.95 -15.51
C GLY A 7 -13.28 0.85 -15.08
N MET A 8 -12.87 -0.42 -15.08
CA MET A 8 -13.64 -1.55 -14.51
C MET A 8 -13.77 -1.41 -12.98
N ASP A 9 -14.85 -1.90 -12.38
CA ASP A 9 -15.01 -1.92 -10.92
C ASP A 9 -14.07 -2.94 -10.25
N MET A 10 -13.61 -2.65 -9.02
CA MET A 10 -12.68 -3.49 -8.25
C MET A 10 -13.14 -4.95 -8.14
N LYS A 11 -14.40 -5.20 -7.76
CA LYS A 11 -15.01 -6.53 -7.67
C LYS A 11 -15.02 -7.29 -8.99
N ARG A 12 -15.19 -6.57 -10.11
CA ARG A 12 -15.21 -7.14 -11.46
C ARG A 12 -13.79 -7.49 -11.91
N ARG A 13 -12.82 -6.61 -11.62
CA ARG A 13 -11.40 -6.85 -11.93
C ARG A 13 -10.82 -8.03 -11.16
N ILE A 14 -11.18 -8.16 -9.89
CA ILE A 14 -10.79 -9.28 -9.03
C ILE A 14 -11.20 -10.63 -9.66
N HIS A 15 -12.32 -10.67 -10.37
CA HIS A 15 -12.75 -11.89 -11.09
C HIS A 15 -11.85 -12.17 -12.30
N LEU A 16 -11.51 -11.14 -13.09
CA LEU A 16 -10.58 -11.22 -14.21
C LEU A 16 -9.15 -11.61 -13.78
N GLU A 17 -8.69 -11.16 -12.61
CA GLU A 17 -7.37 -11.49 -12.06
C GLU A 17 -7.31 -12.92 -11.48
N LEU A 18 -8.41 -13.40 -10.86
CA LEU A 18 -8.57 -14.80 -10.42
C LEU A 18 -8.60 -15.76 -11.63
N ARG A 19 -9.54 -15.54 -12.57
CA ARG A 19 -9.82 -16.24 -13.84
C ARG A 19 -9.96 -17.78 -13.89
N ASN A 20 -9.13 -18.53 -13.14
CA ASN A 20 -9.00 -19.98 -13.20
C ASN A 20 -8.70 -20.67 -11.84
N ARG A 21 -8.41 -19.90 -10.77
CA ARG A 21 -8.16 -20.45 -9.41
C ARG A 21 -8.81 -19.60 -8.30
N THR A 22 -8.94 -20.22 -7.13
CA THR A 22 -9.42 -19.65 -5.86
C THR A 22 -8.56 -18.45 -5.41
N PRO A 23 -9.12 -17.40 -4.76
CA PRO A 23 -8.32 -16.30 -4.20
C PRO A 23 -7.26 -16.74 -3.18
N ALA A 24 -7.46 -17.89 -2.50
CA ALA A 24 -6.50 -18.46 -1.56
C ALA A 24 -5.29 -19.11 -2.27
N ALA A 25 -5.38 -19.33 -3.59
CA ALA A 25 -4.30 -19.83 -4.44
C ALA A 25 -3.53 -18.69 -5.16
N VAL A 26 -3.77 -17.42 -4.82
CA VAL A 26 -3.17 -16.25 -5.47
C VAL A 26 -2.16 -15.56 -4.57
N ARG A 27 -1.02 -15.22 -5.17
CA ARG A 27 0.19 -14.67 -4.54
C ARG A 27 0.45 -13.21 -4.93
N GLU A 28 0.15 -12.84 -6.17
CA GLU A 28 0.33 -11.49 -6.71
C GLU A 28 -0.98 -11.01 -7.35
N LEU A 29 -1.50 -9.86 -6.91
CA LEU A 29 -2.74 -9.27 -7.43
C LEU A 29 -2.52 -7.78 -7.78
N VAL A 30 -2.85 -7.41 -9.02
CA VAL A 30 -2.89 -6.03 -9.50
C VAL A 30 -4.34 -5.67 -9.78
N LEU A 31 -4.82 -4.58 -9.17
CA LEU A 31 -6.12 -3.98 -9.47
C LEU A 31 -6.02 -2.47 -9.78
N ASP A 32 -4.82 -2.04 -10.18
CA ASP A 32 -4.50 -0.73 -10.75
C ASP A 32 -5.45 -0.31 -11.89
N ASN A 33 -5.70 1.00 -12.00
CA ASN A 33 -6.62 1.63 -12.96
C ASN A 33 -8.13 1.24 -12.84
N CYS A 34 -8.52 0.44 -11.85
CA CYS A 34 -9.92 0.08 -11.58
C CYS A 34 -10.58 1.01 -10.55
N LYS A 35 -11.92 1.00 -10.48
CA LYS A 35 -12.74 1.90 -9.66
C LYS A 35 -13.15 1.31 -8.31
N SER A 36 -13.22 2.17 -7.30
CA SER A 36 -13.70 1.85 -5.95
C SER A 36 -15.11 2.42 -5.69
N ASN A 37 -15.78 1.96 -4.63
CA ASN A 37 -17.07 2.49 -4.20
C ASN A 37 -16.85 3.68 -3.24
N ASP A 38 -16.94 4.90 -3.75
CA ASP A 38 -16.76 6.15 -2.98
C ASP A 38 -15.45 6.18 -2.15
N GLY A 39 -14.34 5.72 -2.75
CA GLY A 39 -13.04 5.66 -2.09
C GLY A 39 -12.97 4.72 -0.89
N LYS A 40 -13.83 3.69 -0.88
CA LYS A 40 -13.82 2.55 0.03
C LYS A 40 -13.84 1.24 -0.78
N ILE A 41 -13.09 0.24 -0.31
CA ILE A 41 -13.00 -1.09 -0.94
C ILE A 41 -14.34 -1.84 -0.82
N GLU A 42 -14.72 -2.59 -1.85
CA GLU A 42 -15.91 -3.47 -1.82
C GLU A 42 -15.61 -4.92 -2.27
N GLY A 43 -14.75 -5.12 -3.26
CA GLY A 43 -14.50 -6.44 -3.88
C GLY A 43 -13.45 -7.31 -3.17
N LEU A 44 -12.49 -6.70 -2.45
CA LEU A 44 -11.39 -7.43 -1.82
C LEU A 44 -11.86 -8.18 -0.56
N THR A 45 -11.26 -9.35 -0.30
CA THR A 45 -11.72 -10.32 0.72
C THR A 45 -10.57 -11.00 1.46
N ALA A 46 -10.83 -11.43 2.71
CA ALA A 46 -9.91 -12.20 3.55
C ALA A 46 -9.61 -13.61 3.03
N GLU A 47 -10.26 -14.06 1.95
CA GLU A 47 -9.89 -15.32 1.27
C GLU A 47 -8.52 -15.23 0.56
N PHE A 48 -7.96 -14.03 0.36
CA PHE A 48 -6.60 -13.79 -0.17
C PHE A 48 -5.47 -14.14 0.83
N VAL A 49 -5.62 -15.18 1.64
CA VAL A 49 -4.72 -15.49 2.78
C VAL A 49 -3.25 -15.74 2.38
N ASN A 50 -2.99 -16.18 1.15
CA ASN A 50 -1.64 -16.44 0.62
C ASN A 50 -1.10 -15.33 -0.32
N LEU A 51 -1.78 -14.19 -0.40
CA LEU A 51 -1.36 -13.04 -1.17
C LEU A 51 -0.13 -12.38 -0.52
N GLU A 52 0.97 -12.22 -1.28
CA GLU A 52 2.19 -11.53 -0.84
C GLU A 52 2.31 -10.10 -1.42
N PHE A 53 1.71 -9.87 -2.60
CA PHE A 53 1.67 -8.59 -3.31
C PHE A 53 0.26 -8.13 -3.67
N LEU A 54 -0.04 -6.84 -3.47
CA LEU A 54 -1.29 -6.18 -3.85
C LEU A 54 -1.01 -4.78 -4.46
N SER A 55 -1.65 -4.43 -5.60
CA SER A 55 -1.59 -3.07 -6.16
C SER A 55 -2.96 -2.41 -6.23
N LEU A 56 -3.09 -1.28 -5.54
CA LEU A 56 -4.26 -0.41 -5.45
C LEU A 56 -3.97 0.97 -6.09
N ILE A 57 -3.18 1.02 -7.17
CA ILE A 57 -2.67 2.30 -7.71
C ILE A 57 -3.70 3.01 -8.58
N ASN A 58 -3.81 4.33 -8.41
CA ASN A 58 -4.65 5.27 -9.16
C ASN A 58 -6.13 4.84 -9.27
N VAL A 59 -6.58 4.05 -8.29
CA VAL A 59 -7.99 3.69 -8.09
C VAL A 59 -8.77 4.83 -7.45
N GLY A 60 -8.04 5.82 -6.91
CA GLY A 60 -8.60 7.03 -6.30
C GLY A 60 -9.25 6.79 -4.94
N LEU A 61 -8.75 5.81 -4.18
CA LEU A 61 -9.26 5.46 -2.85
C LEU A 61 -9.06 6.61 -1.86
N ILE A 62 -9.93 6.74 -0.85
CA ILE A 62 -9.87 7.81 0.15
C ILE A 62 -9.60 7.23 1.55
N SER A 63 -9.99 5.98 1.79
CA SER A 63 -9.84 5.29 3.09
C SER A 63 -9.41 3.83 2.96
N VAL A 64 -8.51 3.39 3.84
CA VAL A 64 -8.06 1.98 3.97
C VAL A 64 -8.97 1.14 4.88
N SER A 65 -10.03 1.72 5.46
CA SER A 65 -10.95 1.11 6.45
C SER A 65 -11.52 -0.27 6.05
N ASN A 66 -11.71 -0.51 4.75
CA ASN A 66 -12.32 -1.74 4.21
C ASN A 66 -11.31 -2.81 3.75
N LEU A 67 -10.00 -2.64 4.01
CA LEU A 67 -9.02 -3.70 3.76
C LEU A 67 -9.34 -4.97 4.59
N PRO A 68 -9.26 -6.18 4.00
CA PRO A 68 -9.33 -7.43 4.75
C PRO A 68 -8.02 -7.74 5.48
N LYS A 69 -8.03 -8.71 6.40
CA LYS A 69 -6.80 -9.24 7.01
C LYS A 69 -6.04 -10.10 5.98
N LEU A 70 -4.78 -9.77 5.76
CA LEU A 70 -3.87 -10.46 4.84
C LEU A 70 -2.54 -10.72 5.57
N PRO A 71 -2.39 -11.88 6.24
CA PRO A 71 -1.28 -12.14 7.14
C PRO A 71 0.06 -12.35 6.40
N LYS A 72 0.01 -12.63 5.09
CA LYS A 72 1.20 -12.94 4.26
C LYS A 72 1.62 -11.79 3.33
N LEU A 73 0.79 -10.76 3.20
CA LEU A 73 1.06 -9.57 2.38
C LEU A 73 2.28 -8.80 2.93
N LYS A 74 3.41 -8.95 2.24
CA LYS A 74 4.65 -8.22 2.55
C LYS A 74 4.76 -6.90 1.79
N LYS A 75 4.07 -6.75 0.64
CA LYS A 75 4.16 -5.58 -0.22
C LYS A 75 2.80 -5.05 -0.66
N LEU A 76 2.55 -3.78 -0.37
CA LEU A 76 1.33 -3.05 -0.76
C LEU A 76 1.69 -1.77 -1.52
N GLU A 77 1.29 -1.71 -2.79
CA GLU A 77 1.35 -0.47 -3.56
C GLU A 77 0.00 0.27 -3.44
N LEU A 78 0.00 1.45 -2.81
CA LEU A 78 -1.18 2.24 -2.47
C LEU A 78 -1.17 3.66 -3.09
N SER A 79 -0.46 3.78 -4.22
CA SER A 79 -0.09 5.05 -4.84
C SER A 79 -1.21 5.77 -5.61
N GLU A 80 -1.03 7.07 -5.83
CA GLU A 80 -1.90 7.93 -6.66
C GLU A 80 -3.38 8.00 -6.18
N ASN A 81 -3.60 7.79 -4.89
CA ASN A 81 -4.91 7.80 -4.22
C ASN A 81 -5.20 9.14 -3.51
N ARG A 82 -6.39 9.28 -2.94
CA ARG A 82 -6.92 10.49 -2.29
C ARG A 82 -6.78 10.47 -0.75
N ILE A 83 -6.11 9.45 -0.21
CA ILE A 83 -5.98 9.18 1.24
C ILE A 83 -5.23 10.32 1.93
N PHE A 84 -5.78 10.86 3.02
CA PHE A 84 -5.21 11.99 3.78
C PHE A 84 -4.79 11.62 5.22
N GLY A 85 -5.05 10.39 5.65
CA GLY A 85 -4.76 9.86 6.99
C GLY A 85 -5.50 8.55 7.24
N GLY A 86 -5.69 8.19 8.52
CA GLY A 86 -6.47 7.01 8.91
C GLY A 86 -5.84 5.67 8.50
N LEU A 87 -4.51 5.59 8.48
CA LEU A 87 -3.74 4.41 8.03
C LEU A 87 -3.72 3.26 9.05
N ASP A 88 -4.46 3.38 10.15
CA ASP A 88 -4.43 2.46 11.31
C ASP A 88 -4.93 1.04 11.03
N MET A 89 -5.61 0.78 9.91
CA MET A 89 -5.89 -0.60 9.47
C MET A 89 -4.62 -1.35 9.12
N LEU A 90 -3.63 -0.70 8.50
CA LEU A 90 -2.46 -1.38 7.93
C LEU A 90 -1.65 -2.12 9.00
N ALA A 91 -1.57 -1.54 10.21
CA ALA A 91 -0.91 -2.15 11.37
C ALA A 91 -1.59 -3.42 11.91
N GLU A 92 -2.93 -3.54 11.75
CA GLU A 92 -3.71 -4.67 12.30
C GLU A 92 -4.14 -5.70 11.23
N LYS A 93 -4.34 -5.27 9.99
CA LYS A 93 -4.69 -6.09 8.82
C LYS A 93 -3.49 -6.81 8.20
N LEU A 94 -2.33 -6.15 8.16
CA LEU A 94 -1.13 -6.58 7.42
C LEU A 94 0.09 -6.78 8.36
N PRO A 95 0.04 -7.71 9.33
CA PRO A 95 1.03 -7.83 10.40
C PRO A 95 2.48 -8.11 9.95
N ASN A 96 2.67 -8.66 8.74
CA ASN A 96 3.99 -8.96 8.15
C ASN A 96 4.36 -8.04 6.97
N LEU A 97 3.76 -6.85 6.88
CA LEU A 97 4.06 -5.85 5.84
C LEU A 97 5.49 -5.32 5.97
N THR A 98 6.27 -5.41 4.89
CA THR A 98 7.65 -4.92 4.78
C THR A 98 7.81 -3.74 3.83
N HIS A 99 6.97 -3.65 2.80
CA HIS A 99 7.04 -2.63 1.76
C HIS A 99 5.69 -1.94 1.59
N LEU A 100 5.66 -0.61 1.71
CA LEU A 100 4.42 0.19 1.59
C LEU A 100 4.66 1.46 0.76
N ASN A 101 4.00 1.58 -0.39
CA ASN A 101 4.09 2.78 -1.23
C ASN A 101 2.87 3.69 -1.01
N LEU A 102 3.11 4.88 -0.45
CA LEU A 102 2.09 5.91 -0.18
C LEU A 102 2.23 7.13 -1.10
N SER A 103 2.95 7.02 -2.22
CA SER A 103 3.21 8.15 -3.13
C SER A 103 1.92 8.70 -3.76
N GLY A 104 1.88 10.00 -4.02
CA GLY A 104 0.72 10.71 -4.61
C GLY A 104 -0.50 10.82 -3.70
N ASN A 105 -0.50 10.19 -2.51
CA ASN A 105 -1.54 10.36 -1.48
C ASN A 105 -1.58 11.81 -0.97
N LYS A 106 -2.68 12.20 -0.33
CA LYS A 106 -2.94 13.55 0.22
C LYS A 106 -2.42 13.71 1.65
N LEU A 107 -1.40 12.92 2.01
CA LEU A 107 -0.76 12.91 3.33
C LEU A 107 0.00 14.22 3.54
N LYS A 108 -0.24 14.89 4.68
CA LYS A 108 0.22 16.28 4.97
C LYS A 108 1.10 16.40 6.21
N ASP A 109 1.06 15.43 7.11
CA ASP A 109 1.68 15.48 8.43
C ASP A 109 2.36 14.17 8.80
N ILE A 110 3.45 14.24 9.58
CA ILE A 110 4.15 13.07 10.14
C ILE A 110 3.20 12.22 11.01
N SER A 111 2.24 12.84 11.69
CA SER A 111 1.21 12.18 12.50
C SER A 111 0.27 11.27 11.69
N THR A 112 0.21 11.38 10.35
CA THR A 112 -0.50 10.41 9.49
C THR A 112 0.19 9.04 9.46
N LEU A 113 1.48 8.98 9.81
CA LEU A 113 2.33 7.79 9.73
C LEU A 113 2.47 7.09 11.09
N GLU A 114 1.84 7.64 12.13
CA GLU A 114 1.88 7.13 13.51
C GLU A 114 1.39 5.68 13.72
N PRO A 115 0.44 5.10 12.94
CA PRO A 115 0.13 3.68 13.06
C PRO A 115 1.22 2.77 12.47
N LEU A 116 2.07 3.28 11.56
CA LEU A 116 3.14 2.48 10.94
C LEU A 116 4.24 2.09 11.95
N LYS A 117 4.33 2.78 13.11
CA LYS A 117 5.20 2.41 14.23
C LYS A 117 4.99 0.95 14.71
N LYS A 118 3.75 0.47 14.63
CA LYS A 118 3.32 -0.83 15.19
C LYS A 118 3.71 -2.02 14.29
N LEU A 119 4.01 -1.78 13.02
CA LEU A 119 4.56 -2.77 12.09
C LEU A 119 6.07 -2.92 12.31
N GLU A 120 6.43 -3.86 13.17
CA GLU A 120 7.83 -4.18 13.49
C GLU A 120 8.62 -4.80 12.31
N CYS A 121 7.94 -5.06 11.19
CA CYS A 121 8.49 -5.65 9.97
C CYS A 121 8.74 -4.61 8.85
N LEU A 122 8.19 -3.40 8.96
CA LEU A 122 8.23 -2.39 7.89
C LEU A 122 9.68 -1.96 7.58
N LYS A 123 10.14 -2.30 6.38
CA LYS A 123 11.51 -2.11 5.86
C LYS A 123 11.60 -0.89 4.96
N SER A 124 10.63 -0.70 4.06
CA SER A 124 10.61 0.34 3.03
C SER A 124 9.28 1.09 2.95
N LEU A 125 9.37 2.40 2.74
CA LEU A 125 8.26 3.35 2.66
C LEU A 125 8.47 4.36 1.51
N ASP A 126 7.42 4.84 0.85
CA ASP A 126 7.53 5.87 -0.19
C ASP A 126 6.41 6.91 -0.05
N LEU A 127 6.74 8.18 -0.22
CA LEU A 127 5.87 9.34 -0.04
C LEU A 127 6.01 10.39 -1.17
N PHE A 128 6.54 9.99 -2.35
CA PHE A 128 6.76 10.91 -3.47
C PHE A 128 5.50 11.72 -3.81
N ASN A 129 5.65 13.03 -4.04
CA ASN A 129 4.58 13.97 -4.40
C ASN A 129 3.41 14.07 -3.37
N CYS A 130 3.66 13.79 -2.08
CA CYS A 130 2.72 14.09 -0.99
C CYS A 130 2.83 15.57 -0.57
N GLU A 131 2.07 15.99 0.44
CA GLU A 131 2.21 17.31 1.09
C GLU A 131 3.13 17.23 2.32
N VAL A 132 3.17 16.09 3.02
CA VAL A 132 4.06 15.79 4.15
C VAL A 132 5.55 15.86 3.76
N THR A 133 5.87 15.65 2.49
CA THR A 133 7.23 15.78 1.94
C THR A 133 7.68 17.23 1.69
N ASN A 134 6.78 18.19 1.91
CA ASN A 134 7.07 19.63 1.86
C ASN A 134 7.48 20.19 3.25
N LEU A 135 7.43 19.37 4.31
CA LEU A 135 7.85 19.74 5.66
C LEU A 135 9.37 19.93 5.77
N ASN A 136 9.80 20.75 6.74
CA ASN A 136 11.21 20.93 7.06
C ASN A 136 11.83 19.60 7.56
N ASP A 137 12.96 19.19 6.97
CA ASP A 137 13.69 17.95 7.30
C ASP A 137 12.80 16.68 7.37
N TYR A 138 11.76 16.60 6.53
CA TYR A 138 10.70 15.57 6.61
C TYR A 138 11.24 14.14 6.70
N ARG A 139 12.30 13.82 5.94
CA ARG A 139 12.84 12.46 5.81
C ARG A 139 13.38 11.93 7.15
N GLU A 140 14.07 12.77 7.91
CA GLU A 140 14.50 12.46 9.27
C GLU A 140 13.31 12.43 10.25
N SER A 141 12.28 13.27 10.04
CA SER A 141 11.06 13.28 10.86
C SER A 141 10.20 12.01 10.68
N VAL A 142 10.34 11.29 9.56
CA VAL A 142 9.75 9.96 9.37
C VAL A 142 10.61 8.86 10.02
N PHE A 143 11.93 8.88 9.86
CA PHE A 143 12.80 7.88 10.49
C PHE A 143 12.84 7.97 12.02
N LYS A 144 12.74 9.17 12.59
CA LYS A 144 12.66 9.36 14.06
C LYS A 144 11.32 8.88 14.63
N LEU A 145 10.25 8.99 13.85
CA LEU A 145 8.94 8.41 14.15
C LEU A 145 8.96 6.88 14.05
N LEU A 146 9.59 6.32 13.01
CA LEU A 146 9.59 4.90 12.64
C LEU A 146 11.01 4.31 12.75
N PRO A 147 11.51 4.03 13.98
CA PRO A 147 12.90 3.60 14.20
C PRO A 147 13.23 2.22 13.61
N GLN A 148 12.22 1.40 13.28
CA GLN A 148 12.38 0.10 12.62
C GLN A 148 12.55 0.21 11.09
N LEU A 149 12.13 1.32 10.48
CA LEU A 149 12.23 1.58 9.05
C LEU A 149 13.70 1.67 8.58
N THR A 150 14.01 1.14 7.41
CA THR A 150 15.37 1.19 6.83
C THR A 150 15.43 2.07 5.57
N TYR A 151 14.35 2.07 4.76
CA TYR A 151 14.24 2.78 3.49
C TYR A 151 13.08 3.78 3.46
N LEU A 152 13.33 4.94 2.85
CA LEU A 152 12.36 6.00 2.60
C LEU A 152 12.66 6.68 1.26
N ASP A 153 11.66 6.72 0.38
CA ASP A 153 11.72 7.28 -0.99
C ASP A 153 12.80 6.60 -1.86
N GLY A 154 12.88 5.27 -1.81
CA GLY A 154 13.81 4.43 -2.59
C GLY A 154 15.27 4.44 -2.11
N TYR A 155 15.60 5.29 -1.15
CA TYR A 155 16.93 5.45 -0.53
C TYR A 155 16.92 4.98 0.94
N ASP A 156 18.07 4.63 1.49
CA ASP A 156 18.19 4.18 2.89
C ASP A 156 18.54 5.31 3.88
N ARG A 157 18.76 4.96 5.15
CA ARG A 157 19.19 5.89 6.22
C ARG A 157 20.60 6.44 6.05
N GLU A 158 21.47 5.75 5.31
CA GLU A 158 22.78 6.23 4.83
C GLU A 158 22.71 6.95 3.47
N ASP A 159 21.49 7.26 2.97
CA ASP A 159 21.23 7.98 1.73
C ASP A 159 21.84 7.33 0.46
N GLN A 160 21.83 5.99 0.42
CA GLN A 160 22.16 5.17 -0.75
C GLN A 160 20.87 4.60 -1.39
N GLU A 161 20.84 4.45 -2.71
CA GLU A 161 19.67 3.91 -3.43
C GLU A 161 19.52 2.39 -3.23
N ALA A 162 18.28 1.90 -3.26
CA ALA A 162 17.94 0.48 -3.15
C ALA A 162 18.44 -0.37 -4.35
N PRO A 163 18.66 -1.68 -4.14
CA PRO A 163 19.10 -2.60 -5.18
C PRO A 163 17.97 -2.97 -6.15
N ASP A 164 18.31 -3.29 -7.41
CA ASP A 164 17.33 -3.63 -8.46
C ASP A 164 16.43 -4.83 -8.11
N SER A 165 16.91 -5.74 -7.26
CA SER A 165 16.17 -6.91 -6.74
C SER A 165 15.07 -6.56 -5.73
N ASP A 166 15.05 -5.34 -5.18
CA ASP A 166 14.11 -4.89 -4.14
C ASP A 166 13.39 -3.57 -4.48
N ALA A 167 13.96 -2.73 -5.35
CA ALA A 167 13.44 -1.43 -5.79
C ALA A 167 12.28 -1.52 -6.81
N GLU A 168 11.39 -2.51 -6.66
CA GLU A 168 10.26 -2.80 -7.55
C GLU A 168 9.04 -1.88 -7.32
N GLY A 1 -17.78 -6.78 -26.41
CA GLY A 1 -18.04 -6.82 -24.96
C GLY A 1 -17.40 -5.63 -24.25
N SER A 2 -18.05 -5.11 -23.21
CA SER A 2 -17.64 -3.89 -22.48
C SER A 2 -16.50 -4.09 -21.47
N SER A 3 -16.19 -5.34 -21.10
CA SER A 3 -15.16 -5.69 -20.10
C SER A 3 -13.73 -5.33 -20.55
N GLY A 4 -12.89 -4.94 -19.60
CA GLY A 4 -11.48 -4.60 -19.81
C GLY A 4 -10.75 -4.31 -18.49
N SER A 5 -9.43 -4.10 -18.56
CA SER A 5 -8.57 -3.93 -17.37
C SER A 5 -8.71 -2.57 -16.67
N SER A 6 -9.26 -1.56 -17.34
CA SER A 6 -9.41 -0.17 -16.85
C SER A 6 -10.86 0.32 -16.88
N GLY A 7 -11.21 1.20 -15.93
CA GLY A 7 -12.58 1.71 -15.68
C GLY A 7 -13.57 0.68 -15.12
N MET A 8 -13.14 -0.59 -14.99
CA MET A 8 -13.90 -1.70 -14.42
C MET A 8 -14.06 -1.54 -12.90
N ASP A 9 -15.14 -2.05 -12.32
CA ASP A 9 -15.30 -2.09 -10.86
C ASP A 9 -14.30 -3.08 -10.23
N MET A 10 -13.80 -2.77 -9.03
CA MET A 10 -12.78 -3.57 -8.33
C MET A 10 -13.19 -5.04 -8.17
N LYS A 11 -14.43 -5.30 -7.74
CA LYS A 11 -15.05 -6.63 -7.63
C LYS A 11 -15.02 -7.42 -8.94
N ARG A 12 -15.15 -6.73 -10.08
CA ARG A 12 -15.11 -7.34 -11.41
C ARG A 12 -13.67 -7.54 -11.90
N ARG A 13 -12.76 -6.59 -11.68
CA ARG A 13 -11.33 -6.76 -12.01
C ARG A 13 -10.68 -7.89 -11.21
N ILE A 14 -11.07 -8.09 -9.95
CA ILE A 14 -10.67 -9.24 -9.13
C ILE A 14 -10.98 -10.57 -9.84
N HIS A 15 -12.04 -10.63 -10.64
CA HIS A 15 -12.41 -11.83 -11.40
C HIS A 15 -11.57 -11.96 -12.69
N LEU A 16 -11.21 -10.83 -13.30
CA LEU A 16 -10.25 -10.73 -14.41
C LEU A 16 -8.81 -11.11 -14.01
N GLU A 17 -8.46 -11.01 -12.72
CA GLU A 17 -7.19 -11.51 -12.19
C GLU A 17 -7.27 -13.00 -11.77
N LEU A 18 -8.36 -13.42 -11.13
CA LEU A 18 -8.56 -14.81 -10.66
C LEU A 18 -8.66 -15.81 -11.82
N ARG A 19 -9.64 -15.65 -12.72
CA ARG A 19 -10.01 -16.43 -13.93
C ARG A 19 -10.12 -17.97 -13.85
N ASN A 20 -9.16 -18.64 -13.23
CA ASN A 20 -8.95 -20.09 -13.25
C ASN A 20 -8.66 -20.71 -11.86
N ARG A 21 -8.27 -19.90 -10.86
CA ARG A 21 -7.96 -20.38 -9.49
C ARG A 21 -8.59 -19.54 -8.37
N THR A 22 -8.72 -20.15 -7.20
CA THR A 22 -9.21 -19.58 -5.93
C THR A 22 -8.36 -18.38 -5.49
N PRO A 23 -8.90 -17.35 -4.79
CA PRO A 23 -8.09 -16.27 -4.19
C PRO A 23 -7.04 -16.76 -3.19
N ALA A 24 -7.23 -17.94 -2.57
CA ALA A 24 -6.21 -18.58 -1.72
C ALA A 24 -5.20 -19.43 -2.52
N ALA A 25 -5.13 -19.24 -3.84
CA ALA A 25 -4.08 -19.74 -4.72
C ALA A 25 -3.35 -18.59 -5.45
N VAL A 26 -3.68 -17.33 -5.13
CA VAL A 26 -3.10 -16.12 -5.74
C VAL A 26 -2.06 -15.52 -4.81
N ARG A 27 -0.83 -15.38 -5.32
CA ARG A 27 0.31 -14.80 -4.60
C ARG A 27 0.54 -13.32 -4.94
N GLU A 28 0.19 -12.91 -6.14
CA GLU A 28 0.37 -11.55 -6.66
C GLU A 28 -0.92 -11.05 -7.33
N LEU A 29 -1.46 -9.92 -6.86
CA LEU A 29 -2.73 -9.34 -7.33
C LEU A 29 -2.59 -7.84 -7.60
N VAL A 30 -2.94 -7.39 -8.80
CA VAL A 30 -2.96 -5.97 -9.19
C VAL A 30 -4.33 -5.59 -9.77
N LEU A 31 -4.86 -4.47 -9.29
CA LEU A 31 -6.21 -3.93 -9.53
C LEU A 31 -6.13 -2.46 -10.00
N ASP A 32 -5.11 -2.14 -10.78
CA ASP A 32 -4.81 -0.81 -11.32
C ASP A 32 -5.92 -0.25 -12.23
N ASN A 33 -6.02 1.08 -12.32
CA ASN A 33 -6.96 1.79 -13.21
C ASN A 33 -8.46 1.43 -13.03
N CYS A 34 -8.83 0.74 -11.95
CA CYS A 34 -10.20 0.30 -11.66
C CYS A 34 -10.93 1.24 -10.70
N LYS A 35 -12.24 1.01 -10.52
CA LYS A 35 -13.13 1.85 -9.73
C LYS A 35 -13.51 1.24 -8.39
N SER A 36 -13.59 2.10 -7.38
CA SER A 36 -14.05 1.78 -6.02
C SER A 36 -15.46 2.33 -5.74
N ASN A 37 -16.10 1.87 -4.66
CA ASN A 37 -17.37 2.42 -4.21
C ASN A 37 -17.11 3.64 -3.30
N ASP A 38 -17.11 4.85 -3.88
CA ASP A 38 -16.91 6.12 -3.16
C ASP A 38 -15.60 6.14 -2.32
N GLY A 39 -14.50 5.64 -2.88
CA GLY A 39 -13.20 5.55 -2.19
C GLY A 39 -13.17 4.59 -1.01
N LYS A 40 -14.08 3.61 -0.99
CA LYS A 40 -14.10 2.46 -0.08
C LYS A 40 -14.12 1.15 -0.90
N ILE A 41 -13.34 0.17 -0.45
CA ILE A 41 -13.22 -1.15 -1.10
C ILE A 41 -14.51 -1.96 -0.92
N GLU A 42 -14.93 -2.70 -1.95
CA GLU A 42 -16.10 -3.60 -1.89
C GLU A 42 -15.80 -5.04 -2.34
N GLY A 43 -14.88 -5.23 -3.30
CA GLY A 43 -14.57 -6.53 -3.90
C GLY A 43 -13.53 -7.38 -3.16
N LEU A 44 -12.56 -6.74 -2.50
CA LEU A 44 -11.44 -7.45 -1.87
C LEU A 44 -11.89 -8.22 -0.61
N THR A 45 -11.29 -9.38 -0.35
CA THR A 45 -11.73 -10.34 0.67
C THR A 45 -10.57 -10.98 1.44
N ALA A 46 -10.83 -11.40 2.67
CA ALA A 46 -9.89 -12.14 3.52
C ALA A 46 -9.55 -13.55 2.98
N GLU A 47 -10.23 -14.03 1.93
CA GLU A 47 -9.84 -15.29 1.25
C GLU A 47 -8.48 -15.20 0.53
N PHE A 48 -7.93 -13.99 0.34
CA PHE A 48 -6.55 -13.75 -0.13
C PHE A 48 -5.48 -14.04 0.95
N VAL A 49 -5.68 -15.02 1.85
CA VAL A 49 -4.85 -15.27 3.06
C VAL A 49 -3.35 -15.43 2.80
N ASN A 50 -2.98 -15.91 1.61
CA ASN A 50 -1.61 -16.21 1.20
C ASN A 50 -1.08 -15.32 0.06
N LEU A 51 -1.77 -14.21 -0.23
CA LEU A 51 -1.31 -13.14 -1.08
C LEU A 51 -0.09 -12.45 -0.46
N GLU A 52 1.00 -12.26 -1.21
CA GLU A 52 2.18 -11.53 -0.76
C GLU A 52 2.26 -10.09 -1.31
N PHE A 53 1.68 -9.87 -2.49
CA PHE A 53 1.65 -8.58 -3.20
C PHE A 53 0.22 -8.13 -3.56
N LEU A 54 -0.09 -6.87 -3.25
CA LEU A 54 -1.35 -6.20 -3.64
C LEU A 54 -1.05 -4.82 -4.24
N SER A 55 -1.62 -4.53 -5.42
CA SER A 55 -1.52 -3.22 -6.09
C SER A 55 -2.88 -2.61 -6.40
N LEU A 56 -3.07 -1.35 -6.05
CA LEU A 56 -4.29 -0.56 -6.20
C LEU A 56 -3.92 0.86 -6.67
N ILE A 57 -3.43 0.98 -7.91
CA ILE A 57 -2.94 2.26 -8.46
C ILE A 57 -4.05 3.06 -9.13
N ASN A 58 -4.08 4.37 -8.86
CA ASN A 58 -4.96 5.37 -9.47
C ASN A 58 -6.46 4.97 -9.49
N VAL A 59 -6.84 4.14 -8.52
CA VAL A 59 -8.23 3.79 -8.19
C VAL A 59 -8.91 4.93 -7.44
N GLY A 60 -8.10 5.90 -6.96
CA GLY A 60 -8.60 7.11 -6.32
C GLY A 60 -9.21 6.87 -4.93
N LEU A 61 -8.81 5.77 -4.27
CA LEU A 61 -9.37 5.35 -2.98
C LEU A 61 -9.10 6.38 -1.88
N ILE A 62 -10.02 6.54 -0.93
CA ILE A 62 -9.95 7.56 0.12
C ILE A 62 -9.73 6.92 1.50
N SER A 63 -10.24 5.70 1.71
CA SER A 63 -10.22 4.98 2.98
C SER A 63 -9.59 3.59 2.88
N VAL A 64 -8.59 3.32 3.71
CA VAL A 64 -7.97 1.98 3.89
C VAL A 64 -8.80 1.05 4.79
N SER A 65 -9.84 1.57 5.46
CA SER A 65 -10.58 0.84 6.51
C SER A 65 -11.37 -0.38 6.02
N ASN A 66 -11.61 -0.50 4.71
CA ASN A 66 -12.25 -1.66 4.08
C ASN A 66 -11.26 -2.73 3.59
N LEU A 67 -9.93 -2.57 3.79
CA LEU A 67 -8.97 -3.64 3.55
C LEU A 67 -9.24 -4.84 4.48
N PRO A 68 -9.26 -6.09 3.95
CA PRO A 68 -9.40 -7.29 4.78
C PRO A 68 -8.11 -7.62 5.54
N LYS A 69 -8.18 -8.53 6.51
CA LYS A 69 -6.99 -9.10 7.15
C LYS A 69 -6.24 -9.97 6.14
N LEU A 70 -4.96 -9.67 5.91
CA LEU A 70 -4.06 -10.40 5.02
C LEU A 70 -2.74 -10.65 5.77
N PRO A 71 -2.59 -11.80 6.44
CA PRO A 71 -1.47 -12.05 7.36
C PRO A 71 -0.12 -12.25 6.63
N LYS A 72 -0.13 -12.56 5.33
CA LYS A 72 1.06 -12.89 4.53
C LYS A 72 1.48 -11.80 3.53
N LEU A 73 0.64 -10.79 3.35
CA LEU A 73 0.92 -9.62 2.52
C LEU A 73 2.14 -8.86 3.05
N LYS A 74 3.26 -8.97 2.34
CA LYS A 74 4.48 -8.21 2.63
C LYS A 74 4.51 -6.88 1.89
N LYS A 75 3.82 -6.74 0.75
CA LYS A 75 3.94 -5.57 -0.14
C LYS A 75 2.59 -5.00 -0.59
N LEU A 76 2.40 -3.71 -0.35
CA LEU A 76 1.19 -2.95 -0.70
C LEU A 76 1.53 -1.69 -1.53
N GLU A 77 0.98 -1.63 -2.74
CA GLU A 77 1.10 -0.52 -3.68
C GLU A 77 -0.19 0.32 -3.72
N LEU A 78 -0.14 1.55 -3.18
CA LEU A 78 -1.29 2.48 -3.11
C LEU A 78 -0.94 3.87 -3.68
N SER A 79 -0.42 3.93 -4.90
CA SER A 79 -0.06 5.18 -5.56
C SER A 79 -1.27 5.89 -6.19
N GLU A 80 -1.22 7.21 -6.29
CA GLU A 80 -2.19 8.06 -7.02
C GLU A 80 -3.61 8.06 -6.42
N ASN A 81 -3.74 7.73 -5.13
CA ASN A 81 -5.01 7.66 -4.38
C ASN A 81 -5.23 8.92 -3.51
N ARG A 82 -6.41 9.03 -2.87
CA ARG A 82 -6.90 10.21 -2.13
C ARG A 82 -6.76 10.07 -0.60
N ILE A 83 -6.05 9.04 -0.13
CA ILE A 83 -5.90 8.71 1.30
C ILE A 83 -5.19 9.85 2.04
N PHE A 84 -5.74 10.28 3.18
CA PHE A 84 -5.23 11.40 4.00
C PHE A 84 -4.81 11.00 5.43
N GLY A 85 -4.99 9.74 5.81
CA GLY A 85 -4.65 9.20 7.14
C GLY A 85 -5.31 7.83 7.38
N GLY A 86 -5.49 7.47 8.66
CA GLY A 86 -6.16 6.22 9.07
C GLY A 86 -5.30 4.95 8.90
N LEU A 87 -3.98 5.10 8.72
CA LEU A 87 -3.06 4.00 8.40
C LEU A 87 -2.83 3.01 9.58
N ASP A 88 -3.42 3.28 10.75
CA ASP A 88 -3.47 2.34 11.89
C ASP A 88 -4.25 1.06 11.52
N MET A 89 -5.13 1.13 10.51
CA MET A 89 -5.77 -0.03 9.90
C MET A 89 -4.75 -0.96 9.23
N LEU A 90 -3.74 -0.42 8.54
CA LEU A 90 -2.69 -1.23 7.90
C LEU A 90 -1.90 -2.02 8.96
N ALA A 91 -1.61 -1.38 10.11
CA ALA A 91 -0.90 -2.00 11.22
C ALA A 91 -1.62 -3.23 11.82
N GLU A 92 -2.96 -3.24 11.86
CA GLU A 92 -3.75 -4.37 12.40
C GLU A 92 -4.20 -5.39 11.33
N LYS A 93 -4.45 -4.97 10.08
CA LYS A 93 -4.89 -5.84 8.98
C LYS A 93 -3.73 -6.61 8.35
N LEU A 94 -2.56 -5.98 8.26
CA LEU A 94 -1.38 -6.46 7.52
C LEU A 94 -0.17 -6.63 8.48
N PRO A 95 -0.22 -7.55 9.47
CA PRO A 95 0.75 -7.63 10.57
C PRO A 95 2.20 -7.91 10.13
N ASN A 96 2.42 -8.51 8.96
CA ASN A 96 3.74 -8.82 8.39
C ASN A 96 4.12 -7.93 7.19
N LEU A 97 3.51 -6.75 7.05
CA LEU A 97 3.81 -5.80 5.97
C LEU A 97 5.25 -5.27 6.07
N THR A 98 6.01 -5.40 4.98
CA THR A 98 7.41 -4.95 4.85
C THR A 98 7.58 -3.78 3.88
N HIS A 99 6.73 -3.67 2.87
CA HIS A 99 6.83 -2.66 1.82
C HIS A 99 5.50 -1.94 1.62
N LEU A 100 5.51 -0.61 1.70
CA LEU A 100 4.31 0.22 1.58
C LEU A 100 4.59 1.47 0.72
N ASN A 101 3.97 1.56 -0.46
CA ASN A 101 4.01 2.79 -1.25
C ASN A 101 2.79 3.67 -0.95
N LEU A 102 3.04 4.94 -0.58
CA LEU A 102 2.05 5.96 -0.30
C LEU A 102 2.12 7.16 -1.28
N SER A 103 2.81 7.05 -2.42
CA SER A 103 3.02 8.19 -3.34
C SER A 103 1.72 8.78 -3.91
N GLY A 104 1.70 10.10 -4.13
CA GLY A 104 0.54 10.84 -4.65
C GLY A 104 -0.67 10.94 -3.69
N ASN A 105 -0.58 10.37 -2.48
CA ASN A 105 -1.61 10.44 -1.45
C ASN A 105 -1.76 11.87 -0.89
N LYS A 106 -2.84 12.12 -0.15
CA LYS A 106 -3.19 13.40 0.49
C LYS A 106 -2.61 13.53 1.91
N LEU A 107 -1.51 12.82 2.18
CA LEU A 107 -0.78 12.83 3.44
C LEU A 107 -0.04 14.16 3.61
N LYS A 108 -0.27 14.86 4.72
CA LYS A 108 0.17 16.25 4.97
C LYS A 108 1.10 16.43 6.16
N ASP A 109 1.15 15.43 7.05
CA ASP A 109 1.81 15.52 8.36
C ASP A 109 2.52 14.22 8.73
N ILE A 110 3.63 14.34 9.47
CA ILE A 110 4.32 13.20 10.09
C ILE A 110 3.36 12.38 11.00
N SER A 111 2.37 13.05 11.61
CA SER A 111 1.33 12.42 12.43
C SER A 111 0.45 11.41 11.67
N THR A 112 0.39 11.49 10.33
CA THR A 112 -0.29 10.46 9.50
C THR A 112 0.54 9.18 9.33
N LEU A 113 1.83 9.24 9.63
CA LEU A 113 2.82 8.17 9.47
C LEU A 113 3.16 7.50 10.81
N GLU A 114 2.83 8.17 11.93
CA GLU A 114 2.86 7.64 13.30
C GLU A 114 2.31 6.22 13.43
N PRO A 115 1.11 5.84 12.93
CA PRO A 115 0.62 4.47 13.09
C PRO A 115 1.47 3.39 12.41
N LEU A 116 2.40 3.73 11.53
CA LEU A 116 3.33 2.78 10.92
C LEU A 116 4.43 2.30 11.90
N LYS A 117 4.61 2.94 13.07
CA LYS A 117 5.58 2.50 14.09
C LYS A 117 5.15 1.21 14.80
N LYS A 118 3.88 0.79 14.65
CA LYS A 118 3.35 -0.49 15.16
C LYS A 118 3.96 -1.70 14.42
N LEU A 119 4.16 -1.58 13.10
CA LEU A 119 4.67 -2.63 12.23
C LEU A 119 6.18 -2.82 12.39
N GLU A 120 6.56 -3.76 13.24
CA GLU A 120 7.96 -4.14 13.47
C GLU A 120 8.62 -4.78 12.24
N CYS A 121 7.84 -5.08 11.18
CA CYS A 121 8.29 -5.69 9.94
C CYS A 121 8.61 -4.67 8.83
N LEU A 122 8.16 -3.41 8.96
CA LEU A 122 8.22 -2.42 7.89
C LEU A 122 9.67 -2.08 7.52
N LYS A 123 10.06 -2.43 6.29
CA LYS A 123 11.41 -2.34 5.71
C LYS A 123 11.53 -1.16 4.75
N SER A 124 10.51 -0.89 3.94
CA SER A 124 10.50 0.18 2.93
C SER A 124 9.18 0.95 2.89
N LEU A 125 9.29 2.28 2.74
CA LEU A 125 8.18 3.24 2.70
C LEU A 125 8.42 4.30 1.61
N ASP A 126 7.38 4.75 0.89
CA ASP A 126 7.56 5.76 -0.17
C ASP A 126 6.47 6.83 -0.09
N LEU A 127 6.87 8.12 -0.18
CA LEU A 127 6.01 9.28 0.10
C LEU A 127 5.96 10.29 -1.07
N PHE A 128 6.44 9.93 -2.27
CA PHE A 128 6.64 10.87 -3.38
C PHE A 128 5.38 11.72 -3.69
N ASN A 129 5.57 13.01 -3.94
CA ASN A 129 4.51 13.99 -4.25
C ASN A 129 3.40 14.15 -3.18
N CYS A 130 3.60 13.70 -1.93
CA CYS A 130 2.67 13.96 -0.83
C CYS A 130 2.92 15.33 -0.21
N GLU A 131 1.90 15.98 0.35
CA GLU A 131 2.02 17.31 0.97
C GLU A 131 2.96 17.30 2.20
N VAL A 132 3.05 16.17 2.91
CA VAL A 132 4.01 15.93 4.01
C VAL A 132 5.48 16.05 3.57
N THR A 133 5.78 15.90 2.27
CA THR A 133 7.14 16.08 1.71
C THR A 133 7.59 17.54 1.62
N ASN A 134 6.69 18.51 1.86
CA ASN A 134 7.03 19.94 1.89
C ASN A 134 7.49 20.45 3.27
N LEU A 135 7.36 19.61 4.31
CA LEU A 135 7.83 19.88 5.67
C LEU A 135 9.37 20.00 5.74
N ASN A 136 9.86 20.80 6.68
CA ASN A 136 11.28 20.91 6.98
C ASN A 136 11.84 19.57 7.49
N ASP A 137 12.95 19.10 6.90
CA ASP A 137 13.65 17.84 7.25
C ASP A 137 12.71 16.61 7.35
N TYR A 138 11.65 16.54 6.52
CA TYR A 138 10.59 15.52 6.66
C TYR A 138 11.13 14.08 6.67
N ARG A 139 12.14 13.78 5.83
CA ARG A 139 12.81 12.47 5.70
C ARG A 139 13.41 12.00 7.03
N GLU A 140 14.05 12.90 7.78
CA GLU A 140 14.52 12.64 9.14
C GLU A 140 13.35 12.45 10.12
N SER A 141 12.31 13.27 10.02
CA SER A 141 11.13 13.25 10.90
C SER A 141 10.26 11.99 10.76
N VAL A 142 10.45 11.23 9.68
CA VAL A 142 9.87 9.88 9.49
C VAL A 142 10.82 8.80 10.03
N PHE A 143 12.13 8.86 9.75
CA PHE A 143 13.08 7.86 10.25
C PHE A 143 13.24 7.87 11.77
N LYS A 144 13.18 9.05 12.42
CA LYS A 144 13.22 9.16 13.90
C LYS A 144 11.99 8.53 14.57
N LEU A 145 10.85 8.59 13.88
CA LEU A 145 9.56 8.05 14.30
C LEU A 145 9.40 6.55 14.01
N LEU A 146 10.02 6.08 12.91
CA LEU A 146 10.01 4.69 12.45
C LEU A 146 11.45 4.11 12.55
N PRO A 147 11.93 3.74 13.75
CA PRO A 147 13.30 3.28 13.96
C PRO A 147 13.59 1.90 13.33
N GLN A 148 12.55 1.12 13.01
CA GLN A 148 12.63 -0.17 12.32
C GLN A 148 12.79 -0.04 10.80
N LEU A 149 12.39 1.11 10.22
CA LEU A 149 12.37 1.35 8.77
C LEU A 149 13.78 1.41 8.17
N THR A 150 14.07 0.57 7.18
CA THR A 150 15.36 0.56 6.48
C THR A 150 15.41 1.62 5.38
N TYR A 151 14.34 1.75 4.59
CA TYR A 151 14.24 2.61 3.40
C TYR A 151 13.09 3.62 3.47
N LEU A 152 13.37 4.84 3.00
CA LEU A 152 12.38 5.89 2.78
C LEU A 152 12.66 6.58 1.44
N ASP A 153 11.62 6.86 0.65
CA ASP A 153 11.74 7.54 -0.65
C ASP A 153 12.81 6.93 -1.61
N GLY A 154 13.02 5.60 -1.51
CA GLY A 154 14.00 4.82 -2.26
C GLY A 154 15.44 4.83 -1.72
N TYR A 155 15.72 5.57 -0.64
CA TYR A 155 17.04 5.73 0.00
C TYR A 155 17.05 5.31 1.47
N ASP A 156 18.08 4.60 1.90
CA ASP A 156 18.19 4.03 3.25
C ASP A 156 18.50 5.07 4.36
N ARG A 157 18.61 4.60 5.62
CA ARG A 157 18.96 5.44 6.79
C ARG A 157 20.35 6.12 6.71
N GLU A 158 21.18 5.73 5.74
CA GLU A 158 22.52 6.27 5.47
C GLU A 158 22.58 7.08 4.15
N ASP A 159 21.42 7.40 3.56
CA ASP A 159 21.28 8.12 2.28
C ASP A 159 21.91 7.39 1.07
N GLN A 160 21.80 6.07 1.02
CA GLN A 160 22.20 5.22 -0.11
C GLN A 160 20.98 4.55 -0.78
N GLU A 161 20.95 4.49 -2.11
CA GLU A 161 19.78 4.06 -2.88
C GLU A 161 19.50 2.53 -2.81
N ALA A 162 18.24 2.15 -2.94
CA ALA A 162 17.74 0.77 -2.85
C ALA A 162 18.25 -0.19 -3.95
N PRO A 163 18.26 -1.52 -3.67
CA PRO A 163 18.57 -2.56 -4.64
C PRO A 163 17.49 -2.75 -5.72
N ASP A 164 17.85 -3.43 -6.81
CA ASP A 164 16.99 -3.70 -7.98
C ASP A 164 15.93 -4.80 -7.75
N SER A 165 16.01 -5.53 -6.63
CA SER A 165 15.09 -6.60 -6.21
C SER A 165 14.55 -6.35 -4.79
N ASP A 166 13.39 -6.94 -4.47
CA ASP A 166 12.59 -6.76 -3.23
C ASP A 166 12.05 -5.33 -3.03
N ALA A 167 12.94 -4.34 -2.98
CA ALA A 167 12.66 -2.91 -2.93
C ALA A 167 12.34 -2.27 -4.31
N GLU A 168 12.05 -3.11 -5.32
CA GLU A 168 11.64 -2.72 -6.68
C GLU A 168 10.35 -1.87 -6.71
N GLY A 1 -14.15 -14.49 -24.09
CA GLY A 1 -13.78 -14.28 -22.66
C GLY A 1 -13.70 -12.80 -22.32
N SER A 2 -13.03 -12.49 -21.19
CA SER A 2 -12.89 -11.12 -20.64
C SER A 2 -11.44 -10.83 -20.23
N SER A 3 -11.03 -9.56 -20.33
CA SER A 3 -9.68 -9.07 -20.00
C SER A 3 -9.73 -7.77 -19.20
N GLY A 4 -8.75 -7.54 -18.32
CA GLY A 4 -8.67 -6.34 -17.49
C GLY A 4 -8.43 -5.06 -18.31
N SER A 5 -9.12 -3.97 -17.94
CA SER A 5 -9.03 -2.66 -18.60
C SER A 5 -9.34 -1.51 -17.63
N SER A 6 -8.86 -0.30 -17.95
CA SER A 6 -9.08 0.91 -17.14
C SER A 6 -10.56 1.25 -16.98
N GLY A 7 -10.96 1.70 -15.79
CA GLY A 7 -12.34 2.06 -15.45
C GLY A 7 -13.25 0.89 -15.06
N MET A 8 -12.76 -0.35 -15.08
CA MET A 8 -13.46 -1.53 -14.53
C MET A 8 -13.61 -1.40 -13.01
N ASP A 9 -14.74 -1.81 -12.43
CA ASP A 9 -14.93 -1.81 -10.96
C ASP A 9 -14.01 -2.84 -10.28
N MET A 10 -13.58 -2.55 -9.05
CA MET A 10 -12.60 -3.37 -8.31
C MET A 10 -13.07 -4.83 -8.15
N LYS A 11 -14.32 -5.05 -7.73
CA LYS A 11 -14.97 -6.37 -7.65
C LYS A 11 -14.99 -7.11 -8.98
N ARG A 12 -15.20 -6.38 -10.09
CA ARG A 12 -15.26 -6.95 -11.44
C ARG A 12 -13.88 -7.39 -11.92
N ARG A 13 -12.82 -6.65 -11.58
CA ARG A 13 -11.45 -7.06 -11.89
C ARG A 13 -10.96 -8.20 -11.01
N ILE A 14 -11.26 -8.17 -9.71
CA ILE A 14 -11.03 -9.30 -8.79
C ILE A 14 -11.67 -10.57 -9.35
N HIS A 15 -12.86 -10.46 -9.96
CA HIS A 15 -13.59 -11.59 -10.53
C HIS A 15 -12.89 -12.14 -11.77
N LEU A 16 -12.35 -11.27 -12.64
CA LEU A 16 -11.57 -11.69 -13.82
C LEU A 16 -10.34 -12.52 -13.43
N GLU A 17 -9.61 -12.10 -12.38
CA GLU A 17 -8.42 -12.82 -11.91
C GLU A 17 -8.79 -14.12 -11.17
N LEU A 18 -9.91 -14.14 -10.44
CA LEU A 18 -10.42 -15.35 -9.77
C LEU A 18 -10.92 -16.42 -10.74
N ARG A 19 -11.31 -16.06 -11.97
CA ARG A 19 -11.59 -17.03 -13.05
C ARG A 19 -10.34 -17.79 -13.51
N ASN A 20 -9.14 -17.42 -13.05
CA ASN A 20 -7.92 -18.21 -13.24
C ASN A 20 -7.75 -19.26 -12.11
N ARG A 21 -7.82 -18.82 -10.83
CA ARG A 21 -7.90 -19.71 -9.64
C ARG A 21 -8.52 -19.02 -8.41
N THR A 22 -8.99 -19.83 -7.46
CA THR A 22 -9.52 -19.48 -6.13
C THR A 22 -8.62 -18.46 -5.39
N PRO A 23 -9.14 -17.48 -4.64
CA PRO A 23 -8.35 -16.41 -4.00
C PRO A 23 -7.26 -16.91 -3.04
N ALA A 24 -7.42 -18.09 -2.44
CA ALA A 24 -6.43 -18.69 -1.55
C ALA A 24 -5.22 -19.28 -2.30
N ALA A 25 -5.30 -19.37 -3.63
CA ALA A 25 -4.27 -19.88 -4.53
C ALA A 25 -3.61 -18.77 -5.38
N VAL A 26 -3.71 -17.51 -4.94
CA VAL A 26 -3.17 -16.32 -5.61
C VAL A 26 -2.02 -15.74 -4.77
N ARG A 27 -0.87 -15.48 -5.41
CA ARG A 27 0.32 -14.87 -4.78
C ARG A 27 0.50 -13.39 -5.09
N GLU A 28 0.17 -12.99 -6.32
CA GLU A 28 0.43 -11.66 -6.87
C GLU A 28 -0.83 -11.16 -7.58
N LEU A 29 -1.41 -10.04 -7.11
CA LEU A 29 -2.66 -9.48 -7.63
C LEU A 29 -2.52 -7.97 -7.89
N VAL A 30 -2.98 -7.50 -9.05
CA VAL A 30 -3.09 -6.07 -9.36
C VAL A 30 -4.51 -5.66 -9.76
N LEU A 31 -4.94 -4.53 -9.19
CA LEU A 31 -6.24 -3.89 -9.35
C LEU A 31 -6.03 -2.39 -9.71
N ASP A 32 -4.90 -2.07 -10.32
CA ASP A 32 -4.55 -0.74 -10.81
C ASP A 32 -5.51 -0.27 -11.92
N ASN A 33 -5.70 1.04 -12.06
CA ASN A 33 -6.64 1.68 -13.00
C ASN A 33 -8.13 1.27 -12.84
N CYS A 34 -8.50 0.48 -11.83
CA CYS A 34 -9.89 0.13 -11.51
C CYS A 34 -10.59 1.25 -10.73
N LYS A 35 -11.92 1.20 -10.68
CA LYS A 35 -12.77 2.09 -9.86
C LYS A 35 -13.07 1.48 -8.49
N SER A 36 -13.10 2.34 -7.48
CA SER A 36 -13.50 1.99 -6.09
C SER A 36 -14.93 2.45 -5.78
N ASN A 37 -15.51 1.93 -4.69
CA ASN A 37 -16.80 2.39 -4.19
C ASN A 37 -16.58 3.59 -3.24
N ASP A 38 -16.64 4.82 -3.79
CA ASP A 38 -16.47 6.07 -3.03
C ASP A 38 -15.15 6.11 -2.22
N GLY A 39 -14.04 5.69 -2.82
CA GLY A 39 -12.73 5.62 -2.15
C GLY A 39 -12.64 4.61 -1.01
N LYS A 40 -13.50 3.59 -1.04
CA LYS A 40 -13.46 2.39 -0.19
C LYS A 40 -13.45 1.15 -1.09
N ILE A 41 -12.67 0.14 -0.71
CA ILE A 41 -12.49 -1.11 -1.48
C ILE A 41 -13.82 -1.88 -1.55
N GLU A 42 -14.09 -2.50 -2.69
CA GLU A 42 -15.19 -3.46 -2.86
C GLU A 42 -14.67 -4.75 -3.51
N GLY A 43 -15.16 -5.91 -3.04
CA GLY A 43 -14.83 -7.23 -3.60
C GLY A 43 -13.63 -7.95 -2.98
N LEU A 44 -12.69 -7.24 -2.35
CA LEU A 44 -11.50 -7.85 -1.76
C LEU A 44 -11.86 -8.60 -0.47
N THR A 45 -11.26 -9.78 -0.27
CA THR A 45 -11.63 -10.74 0.77
C THR A 45 -10.44 -11.28 1.56
N ALA A 46 -10.68 -11.69 2.81
CA ALA A 46 -9.72 -12.38 3.67
C ALA A 46 -9.38 -13.80 3.18
N GLU A 47 -10.05 -14.32 2.15
CA GLU A 47 -9.67 -15.58 1.50
C GLU A 47 -8.34 -15.45 0.71
N PHE A 48 -7.83 -14.25 0.46
CA PHE A 48 -6.50 -13.97 -0.11
C PHE A 48 -5.33 -14.26 0.87
N VAL A 49 -5.45 -15.28 1.74
CA VAL A 49 -4.51 -15.54 2.85
C VAL A 49 -3.05 -15.78 2.42
N ASN A 50 -2.85 -16.28 1.20
CA ASN A 50 -1.53 -16.59 0.63
C ASN A 50 -0.95 -15.49 -0.28
N LEU A 51 -1.67 -14.37 -0.46
CA LEU A 51 -1.26 -13.23 -1.26
C LEU A 51 -0.04 -12.54 -0.61
N GLU A 52 1.04 -12.37 -1.37
CA GLU A 52 2.25 -11.64 -0.94
C GLU A 52 2.33 -10.21 -1.49
N PHE A 53 1.72 -9.98 -2.66
CA PHE A 53 1.69 -8.70 -3.38
C PHE A 53 0.28 -8.24 -3.77
N LEU A 54 -0.04 -6.97 -3.52
CA LEU A 54 -1.28 -6.31 -3.94
C LEU A 54 -0.99 -4.91 -4.52
N SER A 55 -1.53 -4.63 -5.72
CA SER A 55 -1.50 -3.28 -6.34
C SER A 55 -2.89 -2.64 -6.41
N LEU A 56 -2.99 -1.40 -5.95
CA LEU A 56 -4.18 -0.54 -5.95
C LEU A 56 -3.81 0.89 -6.38
N ILE A 57 -3.12 1.02 -7.53
CA ILE A 57 -2.59 2.31 -8.03
C ILE A 57 -3.61 3.07 -8.89
N ASN A 58 -3.67 4.38 -8.68
CA ASN A 58 -4.52 5.36 -9.39
C ASN A 58 -6.00 4.99 -9.47
N VAL A 59 -6.45 4.19 -8.50
CA VAL A 59 -7.86 3.85 -8.26
C VAL A 59 -8.59 5.01 -7.57
N GLY A 60 -7.81 5.96 -7.02
CA GLY A 60 -8.32 7.16 -6.37
C GLY A 60 -8.92 6.89 -4.99
N LEU A 61 -8.41 5.88 -4.27
CA LEU A 61 -8.91 5.48 -2.95
C LEU A 61 -8.71 6.59 -1.92
N ILE A 62 -9.56 6.64 -0.89
CA ILE A 62 -9.50 7.66 0.17
C ILE A 62 -9.28 7.01 1.54
N SER A 63 -9.77 5.78 1.73
CA SER A 63 -9.83 5.06 3.00
C SER A 63 -9.34 3.61 2.89
N VAL A 64 -8.44 3.20 3.79
CA VAL A 64 -7.94 1.81 3.90
C VAL A 64 -8.85 0.89 4.75
N SER A 65 -9.94 1.43 5.32
CA SER A 65 -10.94 0.75 6.17
C SER A 65 -11.43 -0.61 5.64
N ASN A 66 -11.66 -0.71 4.33
CA ASN A 66 -12.18 -1.92 3.69
C ASN A 66 -11.11 -2.96 3.28
N LEU A 67 -9.83 -2.77 3.64
CA LEU A 67 -8.81 -3.82 3.49
C LEU A 67 -9.16 -5.03 4.38
N PRO A 68 -9.20 -6.26 3.86
CA PRO A 68 -9.30 -7.46 4.69
C PRO A 68 -7.97 -7.77 5.40
N LYS A 69 -7.99 -8.65 6.40
CA LYS A 69 -6.76 -9.19 6.99
C LYS A 69 -6.04 -10.09 5.98
N LEU A 70 -4.78 -9.80 5.70
CA LEU A 70 -3.90 -10.54 4.79
C LEU A 70 -2.59 -10.84 5.53
N PRO A 71 -2.48 -12.01 6.20
CA PRO A 71 -1.40 -12.31 7.12
C PRO A 71 -0.04 -12.59 6.46
N LYS A 72 0.02 -12.73 5.13
CA LYS A 72 1.26 -13.00 4.36
C LYS A 72 1.63 -11.91 3.35
N LEU A 73 0.77 -10.92 3.15
CA LEU A 73 1.05 -9.73 2.33
C LEU A 73 2.21 -8.93 2.91
N LYS A 74 3.39 -9.04 2.27
CA LYS A 74 4.58 -8.26 2.63
C LYS A 74 4.64 -6.93 1.88
N LYS A 75 3.98 -6.79 0.72
CA LYS A 75 4.03 -5.60 -0.12
C LYS A 75 2.66 -5.10 -0.59
N LEU A 76 2.38 -3.82 -0.33
CA LEU A 76 1.15 -3.12 -0.73
C LEU A 76 1.47 -1.82 -1.48
N GLU A 77 1.08 -1.78 -2.76
CA GLU A 77 1.10 -0.57 -3.58
C GLU A 77 -0.24 0.18 -3.49
N LEU A 78 -0.23 1.39 -2.93
CA LEU A 78 -1.39 2.29 -2.81
C LEU A 78 -1.09 3.70 -3.35
N SER A 79 -0.37 3.76 -4.48
CA SER A 79 0.11 5.00 -5.09
C SER A 79 -0.99 5.75 -5.86
N GLU A 80 -0.79 7.06 -6.05
CA GLU A 80 -1.65 7.94 -6.86
C GLU A 80 -3.12 8.02 -6.37
N ASN A 81 -3.34 7.76 -5.08
CA ASN A 81 -4.64 7.78 -4.40
C ASN A 81 -4.88 9.11 -3.65
N ARG A 82 -6.07 9.27 -3.05
CA ARG A 82 -6.55 10.48 -2.35
C ARG A 82 -6.38 10.41 -0.82
N ILE A 83 -5.72 9.37 -0.31
CA ILE A 83 -5.58 9.08 1.13
C ILE A 83 -4.83 10.21 1.83
N PHE A 84 -5.37 10.76 2.91
CA PHE A 84 -4.80 11.89 3.66
C PHE A 84 -4.41 11.55 5.11
N GLY A 85 -4.65 10.30 5.54
CA GLY A 85 -4.34 9.79 6.88
C GLY A 85 -5.11 8.48 7.14
N GLY A 86 -5.34 8.15 8.42
CA GLY A 86 -6.17 6.99 8.80
C GLY A 86 -5.55 5.63 8.45
N LEU A 87 -4.22 5.52 8.49
CA LEU A 87 -3.46 4.31 8.10
C LEU A 87 -3.52 3.19 9.15
N ASP A 88 -4.33 3.34 10.20
CA ASP A 88 -4.40 2.45 11.37
C ASP A 88 -4.94 1.03 11.08
N MET A 89 -5.56 0.80 9.92
CA MET A 89 -5.88 -0.55 9.45
C MET A 89 -4.62 -1.35 9.14
N LEU A 90 -3.60 -0.74 8.54
CA LEU A 90 -2.45 -1.46 7.99
C LEU A 90 -1.69 -2.24 9.08
N ALA A 91 -1.61 -1.66 10.29
CA ALA A 91 -1.01 -2.28 11.47
C ALA A 91 -1.76 -3.53 11.98
N GLU A 92 -3.08 -3.66 11.73
CA GLU A 92 -3.90 -4.81 12.20
C GLU A 92 -4.24 -5.80 11.08
N LYS A 93 -4.48 -5.33 9.86
CA LYS A 93 -4.76 -6.13 8.66
C LYS A 93 -3.51 -6.82 8.09
N LEU A 94 -2.37 -6.13 8.12
CA LEU A 94 -1.12 -6.54 7.47
C LEU A 94 0.05 -6.56 8.50
N PRO A 95 -0.04 -7.37 9.58
CA PRO A 95 0.85 -7.28 10.74
C PRO A 95 2.35 -7.46 10.47
N ASN A 96 2.75 -8.10 9.37
CA ASN A 96 4.14 -8.28 8.94
C ASN A 96 4.46 -7.66 7.57
N LEU A 97 3.73 -6.60 7.20
CA LEU A 97 4.01 -5.77 6.02
C LEU A 97 5.45 -5.20 6.07
N THR A 98 6.19 -5.35 4.97
CA THR A 98 7.58 -4.87 4.81
C THR A 98 7.71 -3.70 3.85
N HIS A 99 6.85 -3.62 2.83
CA HIS A 99 6.91 -2.58 1.80
C HIS A 99 5.54 -1.91 1.62
N LEU A 100 5.50 -0.58 1.76
CA LEU A 100 4.27 0.22 1.72
C LEU A 100 4.43 1.44 0.81
N ASN A 101 3.82 1.42 -0.37
CA ASN A 101 4.02 2.47 -1.37
C ASN A 101 2.85 3.46 -1.33
N LEU A 102 3.06 4.62 -0.70
CA LEU A 102 2.07 5.70 -0.48
C LEU A 102 2.43 7.00 -1.24
N SER A 103 3.13 6.86 -2.37
CA SER A 103 3.43 7.96 -3.29
C SER A 103 2.16 8.56 -3.94
N GLY A 104 2.18 9.86 -4.24
CA GLY A 104 1.05 10.60 -4.83
C GLY A 104 -0.18 10.74 -3.92
N ASN A 105 -0.15 10.22 -2.70
CA ASN A 105 -1.18 10.39 -1.68
C ASN A 105 -1.25 11.86 -1.18
N LYS A 106 -2.26 12.17 -0.37
CA LYS A 106 -2.51 13.50 0.21
C LYS A 106 -2.02 13.62 1.66
N LEU A 107 -1.03 12.81 2.02
CA LEU A 107 -0.44 12.71 3.35
C LEU A 107 0.29 14.02 3.67
N LYS A 108 -0.17 14.75 4.69
CA LYS A 108 0.25 16.14 4.97
C LYS A 108 0.96 16.40 6.32
N ASP A 109 1.16 15.35 7.12
CA ASP A 109 1.81 15.41 8.44
C ASP A 109 2.56 14.11 8.75
N ILE A 110 3.59 14.20 9.58
CA ILE A 110 4.28 13.03 10.14
C ILE A 110 3.32 12.17 10.99
N SER A 111 2.37 12.80 11.68
CA SER A 111 1.32 12.14 12.46
C SER A 111 0.37 11.26 11.63
N THR A 112 0.34 11.39 10.30
CA THR A 112 -0.38 10.44 9.42
C THR A 112 0.25 9.05 9.40
N LEU A 113 1.54 8.96 9.77
CA LEU A 113 2.37 7.75 9.70
C LEU A 113 2.49 7.07 11.07
N GLU A 114 1.89 7.65 12.11
CA GLU A 114 1.96 7.19 13.50
C GLU A 114 1.52 5.73 13.74
N PRO A 115 0.43 5.18 13.13
CA PRO A 115 0.09 3.78 13.32
C PRO A 115 1.12 2.81 12.73
N LEU A 116 1.97 3.25 11.79
CA LEU A 116 3.00 2.40 11.17
C LEU A 116 4.11 2.02 12.17
N LYS A 117 4.21 2.70 13.32
CA LYS A 117 5.10 2.31 14.45
C LYS A 117 4.86 0.87 14.91
N LYS A 118 3.60 0.39 14.83
CA LYS A 118 3.17 -0.94 15.28
C LYS A 118 3.69 -2.07 14.37
N LEU A 119 3.95 -1.78 13.09
CA LEU A 119 4.51 -2.74 12.13
C LEU A 119 6.01 -2.92 12.34
N GLU A 120 6.37 -3.87 13.19
CA GLU A 120 7.75 -4.20 13.53
C GLU A 120 8.56 -4.81 12.34
N CYS A 121 7.89 -5.03 11.20
CA CYS A 121 8.49 -5.59 9.97
C CYS A 121 8.71 -4.53 8.87
N LEU A 122 8.14 -3.33 8.99
CA LEU A 122 8.13 -2.32 7.93
C LEU A 122 9.56 -1.85 7.61
N LYS A 123 10.03 -2.17 6.40
CA LYS A 123 11.40 -1.95 5.91
C LYS A 123 11.47 -0.76 4.97
N SER A 124 10.49 -0.61 4.08
CA SER A 124 10.44 0.42 3.03
C SER A 124 9.09 1.12 2.92
N LEU A 125 9.14 2.43 2.68
CA LEU A 125 7.98 3.33 2.57
C LEU A 125 8.19 4.31 1.40
N ASP A 126 7.12 4.76 0.73
CA ASP A 126 7.19 5.85 -0.27
C ASP A 126 6.21 6.97 0.05
N LEU A 127 6.67 8.23 -0.07
CA LEU A 127 5.87 9.45 0.14
C LEU A 127 6.12 10.50 -0.96
N PHE A 128 6.55 10.09 -2.16
CA PHE A 128 6.76 11.02 -3.29
C PHE A 128 5.52 11.90 -3.54
N ASN A 129 5.74 13.19 -3.81
CA ASN A 129 4.69 14.18 -4.08
C ASN A 129 3.59 14.30 -3.00
N CYS A 130 3.90 13.94 -1.74
CA CYS A 130 2.98 14.12 -0.60
C CYS A 130 3.23 15.46 0.09
N GLU A 131 2.19 16.14 0.56
CA GLU A 131 2.28 17.43 1.27
C GLU A 131 3.27 17.43 2.45
N VAL A 132 3.36 16.30 3.16
CA VAL A 132 4.31 16.04 4.25
C VAL A 132 5.78 16.20 3.85
N THR A 133 6.12 16.06 2.56
CA THR A 133 7.49 16.26 2.04
C THR A 133 7.92 17.74 1.97
N ASN A 134 7.00 18.68 2.25
CA ASN A 134 7.33 20.11 2.41
C ASN A 134 7.93 20.44 3.79
N LEU A 135 7.87 19.51 4.76
CA LEU A 135 8.41 19.72 6.11
C LEU A 135 9.95 19.79 6.13
N ASN A 136 10.50 20.51 7.10
CA ASN A 136 11.95 20.65 7.27
C ASN A 136 12.57 19.30 7.68
N ASP A 137 13.60 18.85 6.95
CA ASP A 137 14.26 17.54 7.11
C ASP A 137 13.27 16.36 7.21
N TYR A 138 12.20 16.35 6.40
CA TYR A 138 11.07 15.42 6.54
C TYR A 138 11.49 13.94 6.62
N ARG A 139 12.50 13.52 5.84
CA ARG A 139 12.99 12.12 5.85
C ARG A 139 13.39 11.66 7.24
N GLU A 140 14.20 12.46 7.95
CA GLU A 140 14.61 12.18 9.34
C GLU A 140 13.41 12.23 10.30
N SER A 141 12.41 13.08 10.03
CA SER A 141 11.16 13.12 10.81
C SER A 141 10.28 11.88 10.63
N VAL A 142 10.44 11.12 9.55
CA VAL A 142 9.81 9.80 9.38
C VAL A 142 10.65 8.71 10.04
N PHE A 143 11.98 8.70 9.90
CA PHE A 143 12.84 7.68 10.52
C PHE A 143 12.91 7.80 12.05
N LYS A 144 12.78 9.00 12.63
CA LYS A 144 12.69 9.19 14.10
C LYS A 144 11.34 8.74 14.67
N LEU A 145 10.27 8.87 13.88
CA LEU A 145 8.95 8.35 14.20
C LEU A 145 8.91 6.81 14.12
N LEU A 146 9.51 6.25 13.07
CA LEU A 146 9.49 4.83 12.72
C LEU A 146 10.92 4.25 12.81
N PRO A 147 11.45 3.97 14.02
CA PRO A 147 12.85 3.57 14.21
C PRO A 147 13.20 2.21 13.57
N GLN A 148 12.22 1.38 13.23
CA GLN A 148 12.38 0.11 12.51
C GLN A 148 12.52 0.28 10.99
N LEU A 149 12.08 1.41 10.42
CA LEU A 149 12.13 1.70 9.00
C LEU A 149 13.58 1.87 8.51
N THR A 150 13.90 1.30 7.35
CA THR A 150 15.24 1.42 6.73
C THR A 150 15.23 2.33 5.49
N TYR A 151 14.14 2.30 4.72
CA TYR A 151 13.96 3.03 3.46
C TYR A 151 12.75 3.96 3.44
N LEU A 152 12.91 5.11 2.79
CA LEU A 152 11.89 6.08 2.46
C LEU A 152 12.13 6.65 1.05
N ASP A 153 11.09 6.79 0.23
CA ASP A 153 11.19 7.34 -1.13
C ASP A 153 12.27 6.66 -2.01
N GLY A 154 12.44 5.34 -1.84
CA GLY A 154 13.44 4.52 -2.54
C GLY A 154 14.90 4.68 -2.07
N TYR A 155 15.16 5.54 -1.08
CA TYR A 155 16.47 5.82 -0.48
C TYR A 155 16.51 5.41 0.98
N ASP A 156 17.66 5.01 1.52
CA ASP A 156 17.80 4.62 2.92
C ASP A 156 17.91 5.82 3.88
N ARG A 157 18.01 5.52 5.18
CA ARG A 157 18.28 6.47 6.27
C ARG A 157 19.71 7.05 6.31
N GLU A 158 20.51 6.79 5.28
CA GLU A 158 21.82 7.40 4.99
C GLU A 158 21.83 8.10 3.60
N ASP A 159 20.66 8.32 3.00
CA ASP A 159 20.46 8.96 1.69
C ASP A 159 21.14 8.21 0.51
N GLN A 160 21.20 6.89 0.55
CA GLN A 160 21.66 6.01 -0.55
C GLN A 160 20.48 5.28 -1.22
N GLU A 161 20.51 5.09 -2.53
CA GLU A 161 19.40 4.46 -3.28
C GLU A 161 19.33 2.93 -3.08
N ALA A 162 18.12 2.37 -3.16
CA ALA A 162 17.84 0.95 -2.99
C ALA A 162 18.40 0.04 -4.10
N PRO A 163 18.64 -1.26 -3.81
CA PRO A 163 19.14 -2.24 -4.76
C PRO A 163 18.05 -2.78 -5.68
N ASP A 164 18.41 -3.14 -6.92
CA ASP A 164 17.50 -3.69 -7.93
C ASP A 164 16.81 -5.00 -7.47
N SER A 165 17.46 -5.75 -6.58
CA SER A 165 16.95 -7.00 -5.98
C SER A 165 15.76 -6.80 -5.01
N ASP A 166 15.51 -5.57 -4.55
CA ASP A 166 14.43 -5.25 -3.59
C ASP A 166 13.54 -4.07 -4.02
N ALA A 167 14.02 -3.20 -4.91
CA ALA A 167 13.30 -2.02 -5.42
C ALA A 167 12.24 -2.35 -6.52
N GLU A 168 12.03 -3.63 -6.82
CA GLU A 168 11.03 -4.14 -7.79
C GLU A 168 9.62 -4.26 -7.19
N GLY A 1 -13.86 -4.80 -25.20
CA GLY A 1 -12.80 -5.75 -24.76
C GLY A 1 -13.28 -6.57 -23.58
N SER A 2 -12.96 -7.87 -23.57
CA SER A 2 -13.38 -8.84 -22.55
C SER A 2 -12.56 -8.80 -21.24
N SER A 3 -11.35 -8.23 -21.27
CA SER A 3 -10.43 -8.11 -20.14
C SER A 3 -9.51 -6.88 -20.27
N GLY A 4 -8.84 -6.50 -19.18
CA GLY A 4 -7.80 -5.46 -19.16
C GLY A 4 -8.29 -4.00 -19.23
N SER A 5 -9.60 -3.75 -19.08
CA SER A 5 -10.16 -2.39 -19.08
C SER A 5 -9.76 -1.61 -17.83
N SER A 6 -9.31 -0.36 -18.01
CA SER A 6 -8.90 0.54 -16.92
C SER A 6 -10.08 1.11 -16.12
N GLY A 7 -11.24 1.29 -16.75
CA GLY A 7 -12.48 1.76 -16.11
C GLY A 7 -13.31 0.69 -15.41
N MET A 8 -12.82 -0.57 -15.37
CA MET A 8 -13.48 -1.69 -14.70
C MET A 8 -13.61 -1.46 -13.19
N ASP A 9 -14.68 -1.95 -12.57
CA ASP A 9 -14.85 -1.86 -11.11
C ASP A 9 -13.89 -2.81 -10.37
N MET A 10 -13.52 -2.48 -9.14
CA MET A 10 -12.54 -3.25 -8.36
C MET A 10 -12.98 -4.71 -8.15
N LYS A 11 -14.23 -4.94 -7.70
CA LYS A 11 -14.87 -6.27 -7.59
C LYS A 11 -14.87 -7.04 -8.91
N ARG A 12 -15.08 -6.34 -10.02
CA ARG A 12 -15.11 -6.94 -11.36
C ARG A 12 -13.70 -7.37 -11.79
N ARG A 13 -12.67 -6.57 -11.53
CA ARG A 13 -11.29 -6.96 -11.81
C ARG A 13 -10.81 -8.11 -10.92
N ILE A 14 -11.14 -8.08 -9.63
CA ILE A 14 -10.93 -9.20 -8.70
C ILE A 14 -11.56 -10.48 -9.26
N HIS A 15 -12.75 -10.37 -9.87
CA HIS A 15 -13.45 -11.52 -10.46
C HIS A 15 -12.72 -12.06 -11.70
N LEU A 16 -12.28 -11.17 -12.60
CA LEU A 16 -11.50 -11.49 -13.78
C LEU A 16 -10.14 -12.14 -13.47
N GLU A 17 -9.43 -11.69 -12.43
CA GLU A 17 -8.17 -12.31 -11.98
C GLU A 17 -8.43 -13.71 -11.37
N LEU A 18 -9.53 -13.89 -10.63
CA LEU A 18 -9.94 -15.17 -10.04
C LEU A 18 -10.42 -16.21 -11.07
N ARG A 19 -10.64 -15.84 -12.34
CA ARG A 19 -10.87 -16.82 -13.42
C ARG A 19 -9.66 -17.74 -13.64
N ASN A 20 -8.49 -17.38 -13.13
CA ASN A 20 -7.28 -18.19 -13.22
C ASN A 20 -7.18 -19.21 -12.07
N ARG A 21 -7.35 -18.77 -10.82
CA ARG A 21 -7.52 -19.64 -9.62
C ARG A 21 -8.22 -18.94 -8.45
N THR A 22 -8.73 -19.76 -7.51
CA THR A 22 -9.33 -19.39 -6.21
C THR A 22 -8.43 -18.43 -5.41
N PRO A 23 -8.96 -17.43 -4.67
CA PRO A 23 -8.17 -16.36 -4.02
C PRO A 23 -7.10 -16.85 -3.02
N ALA A 24 -7.28 -18.03 -2.40
CA ALA A 24 -6.29 -18.61 -1.48
C ALA A 24 -5.07 -19.19 -2.23
N ALA A 25 -5.21 -19.45 -3.53
CA ALA A 25 -4.16 -19.96 -4.42
C ALA A 25 -3.49 -18.83 -5.24
N VAL A 26 -3.72 -17.56 -4.89
CA VAL A 26 -3.15 -16.36 -5.51
C VAL A 26 -1.98 -15.86 -4.65
N ARG A 27 -0.95 -15.30 -5.28
CA ARG A 27 0.26 -14.76 -4.62
C ARG A 27 0.51 -13.28 -4.95
N GLU A 28 0.30 -12.91 -6.22
CA GLU A 28 0.54 -11.59 -6.76
C GLU A 28 -0.74 -11.11 -7.48
N LEU A 29 -1.36 -10.03 -6.99
CA LEU A 29 -2.63 -9.49 -7.51
C LEU A 29 -2.50 -7.98 -7.76
N VAL A 30 -2.93 -7.52 -8.95
CA VAL A 30 -3.00 -6.10 -9.28
C VAL A 30 -4.39 -5.67 -9.72
N LEU A 31 -4.83 -4.54 -9.18
CA LEU A 31 -6.16 -3.93 -9.35
C LEU A 31 -6.01 -2.45 -9.75
N ASP A 32 -4.89 -2.10 -10.38
CA ASP A 32 -4.53 -0.73 -10.77
C ASP A 32 -5.56 -0.12 -11.74
N ASN A 33 -5.72 1.20 -11.71
CA ASN A 33 -6.73 1.99 -12.44
C ASN A 33 -8.20 1.72 -12.05
N CYS A 34 -8.52 0.53 -11.55
CA CYS A 34 -9.88 0.05 -11.36
C CYS A 34 -10.68 0.90 -10.37
N LYS A 35 -11.98 1.02 -10.63
CA LYS A 35 -12.85 1.97 -9.92
C LYS A 35 -13.30 1.44 -8.56
N SER A 36 -13.17 2.29 -7.56
CA SER A 36 -13.55 2.00 -6.16
C SER A 36 -14.98 2.40 -5.84
N ASN A 37 -15.53 1.90 -4.73
CA ASN A 37 -16.82 2.34 -4.20
C ASN A 37 -16.63 3.59 -3.32
N ASP A 38 -16.64 4.77 -3.94
CA ASP A 38 -16.47 6.08 -3.26
C ASP A 38 -15.16 6.15 -2.44
N GLY A 39 -14.03 5.70 -3.01
CA GLY A 39 -12.73 5.66 -2.33
C GLY A 39 -12.65 4.70 -1.16
N LYS A 40 -13.50 3.68 -1.16
CA LYS A 40 -13.45 2.50 -0.28
C LYS A 40 -13.41 1.25 -1.16
N ILE A 41 -12.58 0.26 -0.78
CA ILE A 41 -12.38 -0.99 -1.53
C ILE A 41 -13.70 -1.75 -1.65
N GLU A 42 -13.94 -2.35 -2.81
CA GLU A 42 -15.08 -3.24 -3.04
C GLU A 42 -14.57 -4.60 -3.59
N GLY A 43 -15.15 -5.70 -3.11
CA GLY A 43 -14.85 -7.05 -3.60
C GLY A 43 -13.68 -7.79 -2.93
N LEU A 44 -12.71 -7.08 -2.33
CA LEU A 44 -11.54 -7.72 -1.73
C LEU A 44 -11.93 -8.48 -0.45
N THR A 45 -11.36 -9.66 -0.27
CA THR A 45 -11.75 -10.64 0.76
C THR A 45 -10.58 -11.21 1.55
N ALA A 46 -10.84 -11.62 2.80
CA ALA A 46 -9.90 -12.34 3.65
C ALA A 46 -9.55 -13.74 3.12
N GLU A 47 -10.24 -14.25 2.09
CA GLU A 47 -9.84 -15.50 1.41
C GLU A 47 -8.50 -15.38 0.65
N PHE A 48 -7.98 -14.16 0.43
CA PHE A 48 -6.63 -13.88 -0.08
C PHE A 48 -5.50 -14.18 0.95
N VAL A 49 -5.68 -15.17 1.84
CA VAL A 49 -4.79 -15.41 3.00
C VAL A 49 -3.31 -15.59 2.65
N ASN A 50 -2.99 -16.09 1.46
CA ASN A 50 -1.64 -16.36 0.97
C ASN A 50 -1.09 -15.30 -0.01
N LEU A 51 -1.82 -14.20 -0.24
CA LEU A 51 -1.37 -13.11 -1.08
C LEU A 51 -0.14 -12.43 -0.46
N GLU A 52 0.94 -12.27 -1.22
CA GLU A 52 2.16 -11.57 -0.80
C GLU A 52 2.26 -10.14 -1.37
N PHE A 53 1.67 -9.91 -2.54
CA PHE A 53 1.66 -8.62 -3.26
C PHE A 53 0.25 -8.17 -3.64
N LEU A 54 -0.08 -6.90 -3.35
CA LEU A 54 -1.31 -6.23 -3.76
C LEU A 54 -1.01 -4.84 -4.35
N SER A 55 -1.39 -4.62 -5.60
CA SER A 55 -1.33 -3.31 -6.27
C SER A 55 -2.71 -2.66 -6.39
N LEU A 56 -2.84 -1.43 -5.91
CA LEU A 56 -4.03 -0.58 -5.94
C LEU A 56 -3.63 0.86 -6.33
N ILE A 57 -2.92 1.04 -7.44
CA ILE A 57 -2.40 2.34 -7.89
C ILE A 57 -3.39 3.06 -8.81
N ASN A 58 -3.50 4.38 -8.65
CA ASN A 58 -4.34 5.31 -9.42
C ASN A 58 -5.82 4.87 -9.57
N VAL A 59 -6.29 4.12 -8.56
CA VAL A 59 -7.70 3.75 -8.33
C VAL A 59 -8.46 4.90 -7.67
N GLY A 60 -7.74 5.92 -7.17
CA GLY A 60 -8.29 7.13 -6.57
C GLY A 60 -8.85 6.93 -5.15
N LEU A 61 -8.35 5.92 -4.41
CA LEU A 61 -8.88 5.53 -3.11
C LEU A 61 -8.69 6.63 -2.04
N ILE A 62 -9.59 6.70 -1.05
CA ILE A 62 -9.56 7.72 0.00
C ILE A 62 -9.36 7.09 1.38
N SER A 63 -9.84 5.86 1.57
CA SER A 63 -9.85 5.12 2.84
C SER A 63 -9.36 3.68 2.69
N VAL A 64 -8.44 3.28 3.57
CA VAL A 64 -7.93 1.90 3.72
C VAL A 64 -8.84 1.01 4.58
N SER A 65 -9.96 1.53 5.10
CA SER A 65 -10.79 0.86 6.11
C SER A 65 -11.53 -0.39 5.61
N ASN A 66 -11.64 -0.57 4.29
CA ASN A 66 -12.24 -1.76 3.66
C ASN A 66 -11.20 -2.86 3.30
N LEU A 67 -9.92 -2.70 3.66
CA LEU A 67 -8.94 -3.80 3.53
C LEU A 67 -9.33 -4.99 4.42
N PRO A 68 -9.32 -6.23 3.90
CA PRO A 68 -9.46 -7.43 4.73
C PRO A 68 -8.14 -7.73 5.48
N LYS A 69 -8.17 -8.63 6.47
CA LYS A 69 -6.93 -9.14 7.10
C LYS A 69 -6.20 -10.04 6.11
N LEU A 70 -4.91 -9.74 5.87
CA LEU A 70 -4.02 -10.48 4.98
C LEU A 70 -2.70 -10.73 5.74
N PRO A 71 -2.55 -11.89 6.39
CA PRO A 71 -1.42 -12.15 7.30
C PRO A 71 -0.08 -12.35 6.59
N LYS A 72 -0.10 -12.65 5.28
CA LYS A 72 1.08 -12.98 4.46
C LYS A 72 1.50 -11.85 3.51
N LEU A 73 0.67 -10.81 3.36
CA LEU A 73 0.96 -9.64 2.52
C LEU A 73 2.17 -8.87 3.07
N LYS A 74 3.30 -9.02 2.37
CA LYS A 74 4.53 -8.27 2.63
C LYS A 74 4.53 -6.93 1.90
N LYS A 75 3.85 -6.80 0.76
CA LYS A 75 3.95 -5.63 -0.10
C LYS A 75 2.59 -5.09 -0.57
N LEU A 76 2.33 -3.83 -0.26
CA LEU A 76 1.13 -3.08 -0.64
C LEU A 76 1.52 -1.79 -1.36
N GLU A 77 0.98 -1.58 -2.57
CA GLU A 77 1.10 -0.32 -3.30
C GLU A 77 -0.26 0.39 -3.39
N LEU A 78 -0.32 1.60 -2.82
CA LEU A 78 -1.51 2.46 -2.73
C LEU A 78 -1.20 3.88 -3.25
N SER A 79 -0.39 3.95 -4.30
CA SER A 79 0.11 5.20 -4.87
C SER A 79 -0.92 5.88 -5.78
N GLU A 80 -0.72 7.18 -6.03
CA GLU A 80 -1.56 8.01 -6.91
C GLU A 80 -3.05 8.11 -6.49
N ASN A 81 -3.33 7.80 -5.23
CA ASN A 81 -4.65 7.82 -4.61
C ASN A 81 -4.87 9.16 -3.83
N ARG A 82 -5.95 9.25 -3.03
CA ARG A 82 -6.43 10.47 -2.35
C ARG A 82 -6.38 10.35 -0.81
N ILE A 83 -5.63 9.37 -0.27
CA ILE A 83 -5.64 8.99 1.15
C ILE A 83 -5.08 10.14 2.01
N PHE A 84 -5.76 10.48 3.11
CA PHE A 84 -5.32 11.56 4.03
C PHE A 84 -4.94 11.07 5.44
N GLY A 85 -5.12 9.78 5.73
CA GLY A 85 -4.78 9.16 7.02
C GLY A 85 -5.46 7.80 7.21
N GLY A 86 -5.73 7.41 8.46
CA GLY A 86 -6.40 6.15 8.80
C GLY A 86 -5.52 4.90 8.71
N LEU A 87 -4.19 5.07 8.62
CA LEU A 87 -3.22 3.99 8.37
C LEU A 87 -3.06 3.01 9.56
N ASP A 88 -3.72 3.27 10.69
CA ASP A 88 -3.85 2.35 11.83
C ASP A 88 -4.57 1.04 11.44
N MET A 89 -5.38 1.07 10.38
CA MET A 89 -5.94 -0.15 9.76
C MET A 89 -4.83 -1.07 9.23
N LEU A 90 -3.78 -0.53 8.61
CA LEU A 90 -2.68 -1.33 8.05
C LEU A 90 -1.95 -2.10 9.17
N ALA A 91 -1.79 -1.47 10.35
CA ALA A 91 -1.16 -2.07 11.52
C ALA A 91 -1.93 -3.31 12.07
N GLU A 92 -3.26 -3.37 11.92
CA GLU A 92 -4.09 -4.48 12.40
C GLU A 92 -4.50 -5.50 11.31
N LYS A 93 -4.56 -5.08 10.04
CA LYS A 93 -4.92 -5.93 8.90
C LYS A 93 -3.73 -6.68 8.30
N LEU A 94 -2.55 -6.05 8.27
CA LEU A 94 -1.35 -6.51 7.55
C LEU A 94 -0.15 -6.70 8.52
N PRO A 95 -0.21 -7.64 9.47
CA PRO A 95 0.76 -7.76 10.57
C PRO A 95 2.22 -8.04 10.14
N ASN A 96 2.44 -8.61 8.95
CA ASN A 96 3.77 -8.93 8.41
C ASN A 96 4.18 -8.03 7.22
N LEU A 97 3.57 -6.85 7.06
CA LEU A 97 3.88 -5.89 5.99
C LEU A 97 5.33 -5.37 6.11
N THR A 98 6.10 -5.50 5.05
CA THR A 98 7.49 -5.01 4.93
C THR A 98 7.64 -3.83 3.97
N HIS A 99 6.78 -3.75 2.95
CA HIS A 99 6.84 -2.73 1.90
C HIS A 99 5.49 -2.03 1.73
N LEU A 100 5.48 -0.70 1.79
CA LEU A 100 4.26 0.13 1.75
C LEU A 100 4.47 1.40 0.91
N ASN A 101 3.93 1.44 -0.31
CA ASN A 101 4.11 2.59 -1.21
C ASN A 101 2.87 3.49 -1.16
N LEU A 102 3.07 4.74 -0.76
CA LEU A 102 2.04 5.74 -0.42
C LEU A 102 2.19 7.08 -1.19
N SER A 103 3.00 7.12 -2.26
CA SER A 103 3.22 8.31 -3.07
C SER A 103 1.93 8.89 -3.69
N GLY A 104 1.86 10.20 -3.89
CA GLY A 104 0.74 10.90 -4.53
C GLY A 104 -0.48 11.17 -3.66
N ASN A 105 -0.54 10.58 -2.46
CA ASN A 105 -1.64 10.71 -1.51
C ASN A 105 -1.72 12.11 -0.85
N LYS A 106 -2.83 12.38 -0.15
CA LYS A 106 -3.12 13.62 0.59
C LYS A 106 -2.55 13.59 2.02
N LEU A 107 -1.56 12.73 2.27
CA LEU A 107 -0.82 12.63 3.52
C LEU A 107 -0.05 13.95 3.72
N LYS A 108 -0.39 14.69 4.78
CA LYS A 108 0.05 16.08 5.02
C LYS A 108 0.96 16.26 6.24
N ASP A 109 0.99 15.27 7.13
CA ASP A 109 1.63 15.35 8.44
C ASP A 109 2.37 14.05 8.79
N ILE A 110 3.45 14.19 9.55
CA ILE A 110 4.17 13.06 10.16
C ILE A 110 3.22 12.23 11.05
N SER A 111 2.21 12.86 11.66
CA SER A 111 1.17 12.22 12.46
C SER A 111 0.30 11.22 11.68
N THR A 112 0.23 11.31 10.35
CA THR A 112 -0.43 10.28 9.51
C THR A 112 0.36 8.97 9.44
N LEU A 113 1.64 9.01 9.80
CA LEU A 113 2.62 7.92 9.69
C LEU A 113 2.91 7.29 11.07
N GLU A 114 2.52 7.98 12.16
CA GLU A 114 2.55 7.48 13.54
C GLU A 114 2.00 6.05 13.73
N PRO A 115 0.85 5.63 13.14
CA PRO A 115 0.36 4.25 13.29
C PRO A 115 1.22 3.18 12.59
N LEU A 116 2.23 3.55 11.81
CA LEU A 116 3.11 2.62 11.08
C LEU A 116 4.29 2.12 11.93
N LYS A 117 4.63 2.77 13.06
CA LYS A 117 5.66 2.27 14.00
C LYS A 117 5.24 0.99 14.74
N LYS A 118 3.93 0.68 14.67
CA LYS A 118 3.27 -0.52 15.20
C LYS A 118 3.72 -1.81 14.50
N LEU A 119 3.92 -1.72 13.19
CA LEU A 119 4.40 -2.79 12.32
C LEU A 119 5.91 -3.00 12.47
N GLU A 120 6.29 -3.94 13.32
CA GLU A 120 7.70 -4.25 13.61
C GLU A 120 8.48 -4.81 12.39
N CYS A 121 7.78 -5.08 11.29
CA CYS A 121 8.34 -5.61 10.04
C CYS A 121 8.55 -4.53 8.95
N LEU A 122 7.93 -3.35 9.07
CA LEU A 122 7.89 -2.35 8.00
C LEU A 122 9.28 -1.77 7.67
N LYS A 123 9.81 -2.14 6.52
CA LYS A 123 11.17 -1.84 6.04
C LYS A 123 11.23 -0.69 5.04
N SER A 124 10.26 -0.64 4.12
CA SER A 124 10.31 0.26 2.96
C SER A 124 9.04 1.08 2.81
N LEU A 125 9.18 2.39 2.65
CA LEU A 125 8.09 3.37 2.56
C LEU A 125 8.37 4.39 1.43
N ASP A 126 7.35 4.77 0.65
CA ASP A 126 7.48 5.83 -0.36
C ASP A 126 6.33 6.84 -0.21
N LEU A 127 6.65 8.14 -0.28
CA LEU A 127 5.76 9.28 -0.06
C LEU A 127 5.99 10.39 -1.10
N PHE A 128 6.50 10.05 -2.28
CA PHE A 128 6.76 11.02 -3.36
C PHE A 128 5.51 11.85 -3.67
N ASN A 129 5.66 13.17 -3.88
CA ASN A 129 4.57 14.10 -4.16
C ASN A 129 3.42 14.12 -3.11
N CYS A 130 3.67 13.70 -1.86
CA CYS A 130 2.73 13.87 -0.75
C CYS A 130 2.90 15.26 -0.11
N GLU A 131 1.84 15.85 0.42
CA GLU A 131 1.88 17.18 1.07
C GLU A 131 2.81 17.20 2.29
N VAL A 132 2.94 16.08 3.01
CA VAL A 132 3.90 15.87 4.11
C VAL A 132 5.37 16.07 3.69
N THR A 133 5.69 15.97 2.40
CA THR A 133 7.05 16.24 1.87
C THR A 133 7.41 17.72 1.83
N ASN A 134 6.46 18.63 2.08
CA ASN A 134 6.72 20.08 2.18
C ASN A 134 7.26 20.52 3.56
N LEU A 135 7.17 19.63 4.57
CA LEU A 135 7.63 19.87 5.93
C LEU A 135 9.17 19.99 6.03
N ASN A 136 9.64 20.75 7.01
CA ASN A 136 11.07 20.92 7.26
C ASN A 136 11.70 19.60 7.76
N ASP A 137 12.79 19.16 7.13
CA ASP A 137 13.48 17.87 7.40
C ASP A 137 12.55 16.64 7.47
N TYR A 138 11.48 16.60 6.66
CA TYR A 138 10.39 15.61 6.78
C TYR A 138 10.90 14.16 6.79
N ARG A 139 11.87 13.82 5.93
CA ARG A 139 12.42 12.47 5.75
C ARG A 139 13.10 11.96 7.02
N GLU A 140 13.78 12.82 7.76
CA GLU A 140 14.31 12.50 9.10
C GLU A 140 13.19 12.38 10.14
N SER A 141 12.15 13.22 10.07
CA SER A 141 10.96 13.16 10.95
C SER A 141 10.10 11.90 10.76
N VAL A 142 10.29 11.17 9.67
CA VAL A 142 9.73 9.82 9.45
C VAL A 142 10.70 8.75 9.95
N PHE A 143 12.00 8.83 9.65
CA PHE A 143 12.99 7.84 10.09
C PHE A 143 13.16 7.77 11.62
N LYS A 144 13.04 8.90 12.32
CA LYS A 144 13.05 8.96 13.80
C LYS A 144 11.82 8.31 14.43
N LEU A 145 10.67 8.44 13.77
CA LEU A 145 9.37 7.90 14.20
C LEU A 145 9.20 6.41 13.88
N LEU A 146 9.77 5.96 12.77
CA LEU A 146 9.77 4.58 12.29
C LEU A 146 11.19 3.99 12.40
N PRO A 147 11.70 3.67 13.61
CA PRO A 147 13.08 3.23 13.82
C PRO A 147 13.40 1.85 13.20
N GLN A 148 12.38 1.08 12.83
CA GLN A 148 12.48 -0.22 12.16
C GLN A 148 12.58 -0.12 10.61
N LEU A 149 12.36 1.07 10.04
CA LEU A 149 12.42 1.36 8.61
C LEU A 149 13.87 1.40 8.10
N THR A 150 14.16 0.79 6.94
CA THR A 150 15.44 0.94 6.22
C THR A 150 15.35 1.99 5.12
N TYR A 151 14.28 1.95 4.31
CA TYR A 151 14.12 2.76 3.10
C TYR A 151 12.98 3.77 3.18
N LEU A 152 13.27 4.99 2.70
CA LEU A 152 12.32 6.08 2.60
C LEU A 152 12.58 6.94 1.35
N ASP A 153 11.57 7.02 0.47
CA ASP A 153 11.63 7.67 -0.84
C ASP A 153 12.77 7.12 -1.72
N GLY A 154 12.81 5.79 -1.85
CA GLY A 154 13.77 5.04 -2.67
C GLY A 154 15.21 4.97 -2.13
N TYR A 155 15.54 5.68 -1.06
CA TYR A 155 16.89 5.79 -0.47
C TYR A 155 16.88 5.42 1.02
N ASP A 156 18.00 4.91 1.54
CA ASP A 156 18.15 4.53 2.95
C ASP A 156 18.65 5.67 3.87
N ARG A 157 18.82 5.35 5.16
CA ARG A 157 19.36 6.25 6.21
C ARG A 157 20.80 6.74 5.95
N GLU A 158 21.54 6.06 5.07
CA GLU A 158 22.90 6.43 4.64
C GLU A 158 22.90 7.15 3.28
N ASP A 159 21.72 7.51 2.76
CA ASP A 159 21.50 8.17 1.47
C ASP A 159 22.03 7.37 0.26
N GLN A 160 21.84 6.05 0.29
CA GLN A 160 22.11 5.13 -0.82
C GLN A 160 20.81 4.49 -1.34
N GLU A 161 20.71 4.25 -2.66
CA GLU A 161 19.47 3.85 -3.32
C GLU A 161 19.10 2.36 -3.10
N ALA A 162 17.80 2.07 -3.10
CA ALA A 162 17.23 0.76 -2.88
C ALA A 162 17.51 -0.28 -4.00
N PRO A 163 17.44 -1.58 -3.70
CA PRO A 163 17.49 -2.67 -4.67
C PRO A 163 16.20 -2.78 -5.51
N ASP A 164 16.15 -3.76 -6.41
CA ASP A 164 14.97 -4.19 -7.16
C ASP A 164 14.02 -5.06 -6.30
N SER A 165 13.80 -4.60 -5.06
CA SER A 165 12.88 -5.17 -4.06
C SER A 165 13.24 -6.59 -3.56
N ASP A 166 14.49 -7.01 -3.75
CA ASP A 166 14.96 -8.39 -3.45
C ASP A 166 15.47 -8.58 -2.01
N ALA A 167 15.83 -7.50 -1.31
CA ALA A 167 16.44 -7.54 0.02
C ALA A 167 15.43 -7.68 1.19
N GLU A 168 15.95 -8.09 2.36
CA GLU A 168 15.23 -8.23 3.65
C GLU A 168 15.82 -7.30 4.73
N GLY A 1 -13.66 -9.81 -25.78
CA GLY A 1 -14.77 -10.36 -24.98
C GLY A 1 -14.37 -10.55 -23.52
N SER A 2 -15.20 -10.09 -22.58
CA SER A 2 -14.89 -10.03 -21.14
C SER A 2 -13.57 -9.29 -20.81
N SER A 3 -13.26 -8.27 -21.62
CA SER A 3 -11.97 -7.56 -21.65
C SER A 3 -11.86 -6.48 -20.57
N GLY A 4 -10.63 -6.20 -20.11
CA GLY A 4 -10.33 -5.13 -19.16
C GLY A 4 -10.42 -3.72 -19.77
N SER A 5 -10.65 -2.71 -18.94
CA SER A 5 -10.70 -1.30 -19.33
C SER A 5 -10.26 -0.36 -18.20
N SER A 6 -9.92 0.89 -18.55
CA SER A 6 -9.59 1.96 -17.58
C SER A 6 -10.77 2.37 -16.67
N GLY A 7 -12.00 2.02 -17.06
CA GLY A 7 -13.23 2.28 -16.27
C GLY A 7 -13.70 1.10 -15.41
N MET A 8 -12.99 -0.03 -15.40
CA MET A 8 -13.43 -1.29 -14.77
C MET A 8 -13.56 -1.18 -13.24
N ASP A 9 -14.67 -1.68 -12.68
CA ASP A 9 -14.89 -1.73 -11.22
C ASP A 9 -13.95 -2.72 -10.51
N MET A 10 -13.68 -2.52 -9.22
CA MET A 10 -12.83 -3.40 -8.40
C MET A 10 -13.32 -4.85 -8.40
N LYS A 11 -14.62 -5.08 -8.19
CA LYS A 11 -15.25 -6.42 -8.26
C LYS A 11 -15.11 -7.11 -9.62
N ARG A 12 -15.06 -6.33 -10.70
CA ARG A 12 -14.86 -6.81 -12.09
C ARG A 12 -13.39 -7.12 -12.36
N ARG A 13 -12.47 -6.26 -11.91
CA ARG A 13 -11.03 -6.48 -12.09
C ARG A 13 -10.51 -7.65 -11.27
N ILE A 14 -10.99 -7.82 -10.04
CA ILE A 14 -10.72 -9.00 -9.20
C ILE A 14 -11.08 -10.29 -9.95
N HIS A 15 -12.16 -10.29 -10.74
CA HIS A 15 -12.55 -11.47 -11.53
C HIS A 15 -11.56 -11.75 -12.67
N LEU A 16 -11.14 -10.70 -13.40
CA LEU A 16 -10.13 -10.78 -14.46
C LEU A 16 -8.73 -11.18 -13.95
N GLU A 17 -8.37 -10.83 -12.71
CA GLU A 17 -7.12 -11.28 -12.09
C GLU A 17 -7.19 -12.75 -11.64
N LEU A 18 -8.32 -13.18 -11.05
CA LEU A 18 -8.55 -14.58 -10.63
C LEU A 18 -8.60 -15.51 -11.83
N ARG A 19 -9.58 -15.33 -12.73
CA ARG A 19 -9.83 -15.93 -14.06
C ARG A 19 -9.79 -17.47 -14.25
N ASN A 20 -9.04 -18.19 -13.43
CA ASN A 20 -8.73 -19.62 -13.55
C ASN A 20 -8.54 -20.32 -12.18
N ARG A 21 -8.22 -19.58 -11.10
CA ARG A 21 -8.00 -20.13 -9.74
C ARG A 21 -8.68 -19.33 -8.62
N THR A 22 -8.86 -19.98 -7.48
CA THR A 22 -9.39 -19.44 -6.21
C THR A 22 -8.55 -18.27 -5.69
N PRO A 23 -9.11 -17.25 -5.02
CA PRO A 23 -8.34 -16.16 -4.40
C PRO A 23 -7.31 -16.65 -3.36
N ALA A 24 -7.53 -17.83 -2.75
CA ALA A 24 -6.59 -18.44 -1.81
C ALA A 24 -5.36 -19.06 -2.49
N ALA A 25 -5.40 -19.23 -3.82
CA ALA A 25 -4.30 -19.73 -4.64
C ALA A 25 -3.48 -18.60 -5.33
N VAL A 26 -3.79 -17.34 -5.03
CA VAL A 26 -3.17 -16.14 -5.65
C VAL A 26 -2.07 -15.59 -4.74
N ARG A 27 -0.87 -15.39 -5.30
CA ARG A 27 0.29 -14.78 -4.60
C ARG A 27 0.44 -13.28 -4.90
N GLU A 28 0.14 -12.87 -6.12
CA GLU A 28 0.31 -11.50 -6.62
C GLU A 28 -0.99 -11.00 -7.26
N LEU A 29 -1.52 -9.87 -6.77
CA LEU A 29 -2.77 -9.28 -7.27
C LEU A 29 -2.60 -7.80 -7.63
N VAL A 30 -2.97 -7.43 -8.85
CA VAL A 30 -2.90 -6.06 -9.37
C VAL A 30 -4.30 -5.58 -9.71
N LEU A 31 -4.75 -4.56 -8.99
CA LEU A 31 -6.04 -3.88 -9.17
C LEU A 31 -5.84 -2.42 -9.62
N ASP A 32 -4.72 -2.14 -10.31
CA ASP A 32 -4.38 -0.82 -10.86
C ASP A 32 -5.54 -0.22 -11.68
N ASN A 33 -5.75 1.10 -11.56
CA ASN A 33 -6.76 1.92 -12.23
C ASN A 33 -8.25 1.50 -12.06
N CYS A 34 -8.56 0.45 -11.29
CA CYS A 34 -9.94 0.01 -11.08
C CYS A 34 -10.76 1.03 -10.26
N LYS A 35 -12.08 0.97 -10.40
CA LYS A 35 -13.03 1.90 -9.79
C LYS A 35 -13.58 1.35 -8.47
N SER A 36 -13.40 2.14 -7.42
CA SER A 36 -13.90 1.86 -6.06
C SER A 36 -15.29 2.46 -5.81
N ASN A 37 -16.04 1.92 -4.85
CA ASN A 37 -17.28 2.51 -4.37
C ASN A 37 -16.97 3.65 -3.39
N ASP A 38 -16.94 4.89 -3.89
CA ASP A 38 -16.68 6.11 -3.10
C ASP A 38 -15.37 6.06 -2.28
N GLY A 39 -14.31 5.45 -2.85
CA GLY A 39 -12.99 5.33 -2.19
C GLY A 39 -12.99 4.46 -0.93
N LYS A 40 -13.91 3.50 -0.86
CA LYS A 40 -13.98 2.42 0.14
C LYS A 40 -14.10 1.08 -0.60
N ILE A 41 -13.20 0.15 -0.28
CA ILE A 41 -13.12 -1.18 -0.93
C ILE A 41 -14.42 -1.96 -0.74
N GLU A 42 -14.90 -2.65 -1.78
CA GLU A 42 -16.07 -3.54 -1.70
C GLU A 42 -15.80 -4.98 -2.18
N GLY A 43 -14.90 -5.17 -3.16
CA GLY A 43 -14.65 -6.48 -3.77
C GLY A 43 -13.59 -7.35 -3.09
N LEU A 44 -12.60 -6.74 -2.43
CA LEU A 44 -11.48 -7.46 -1.83
C LEU A 44 -11.93 -8.25 -0.58
N THR A 45 -11.39 -9.45 -0.39
CA THR A 45 -11.85 -10.44 0.61
C THR A 45 -10.71 -11.10 1.38
N ALA A 46 -10.99 -11.54 2.61
CA ALA A 46 -10.09 -12.33 3.45
C ALA A 46 -9.79 -13.72 2.88
N GLU A 47 -10.45 -14.16 1.80
CA GLU A 47 -10.08 -15.39 1.08
C GLU A 47 -8.70 -15.28 0.37
N PHE A 48 -8.14 -14.08 0.22
CA PHE A 48 -6.76 -13.83 -0.26
C PHE A 48 -5.66 -14.21 0.76
N VAL A 49 -5.85 -15.28 1.55
CA VAL A 49 -4.97 -15.62 2.70
C VAL A 49 -3.50 -15.85 2.34
N ASN A 50 -3.20 -16.31 1.13
CA ASN A 50 -1.83 -16.56 0.63
C ASN A 50 -1.27 -15.43 -0.24
N LEU A 51 -1.97 -14.29 -0.34
CA LEU A 51 -1.51 -13.13 -1.08
C LEU A 51 -0.29 -12.50 -0.39
N GLU A 52 0.80 -12.34 -1.12
CA GLU A 52 2.06 -11.72 -0.66
C GLU A 52 2.27 -10.31 -1.23
N PHE A 53 1.68 -10.03 -2.40
CA PHE A 53 1.68 -8.74 -3.09
C PHE A 53 0.26 -8.25 -3.46
N LEU A 54 -0.03 -6.98 -3.20
CA LEU A 54 -1.26 -6.29 -3.60
C LEU A 54 -0.95 -4.90 -4.18
N SER A 55 -1.44 -4.59 -5.38
CA SER A 55 -1.43 -3.23 -5.94
C SER A 55 -2.84 -2.68 -6.10
N LEU A 56 -3.04 -1.46 -5.60
CA LEU A 56 -4.24 -0.62 -5.65
C LEU A 56 -3.82 0.81 -6.05
N ILE A 57 -3.00 0.94 -7.11
CA ILE A 57 -2.50 2.23 -7.60
C ILE A 57 -3.52 2.90 -8.53
N ASN A 58 -3.64 4.23 -8.42
CA ASN A 58 -4.50 5.12 -9.24
C ASN A 58 -5.97 4.68 -9.33
N VAL A 59 -6.43 3.93 -8.32
CA VAL A 59 -7.83 3.57 -8.09
C VAL A 59 -8.60 4.73 -7.45
N GLY A 60 -7.87 5.69 -6.88
CA GLY A 60 -8.43 6.88 -6.25
C GLY A 60 -9.11 6.61 -4.90
N LEU A 61 -8.61 5.62 -4.14
CA LEU A 61 -9.16 5.24 -2.84
C LEU A 61 -8.96 6.36 -1.81
N ILE A 62 -9.88 6.48 -0.85
CA ILE A 62 -9.84 7.54 0.18
C ILE A 62 -9.59 6.94 1.57
N SER A 63 -10.03 5.70 1.81
CA SER A 63 -9.90 5.00 3.09
C SER A 63 -9.36 3.58 2.97
N VAL A 64 -8.43 3.22 3.87
CA VAL A 64 -7.89 1.85 4.03
C VAL A 64 -8.77 0.96 4.93
N SER A 65 -9.85 1.49 5.51
CA SER A 65 -10.65 0.81 6.56
C SER A 65 -11.30 -0.51 6.13
N ASN A 66 -11.58 -0.68 4.83
CA ASN A 66 -12.21 -1.87 4.26
C ASN A 66 -11.21 -2.94 3.75
N LEU A 67 -9.90 -2.78 3.95
CA LEU A 67 -8.94 -3.85 3.67
C LEU A 67 -9.21 -5.08 4.57
N PRO A 68 -9.23 -6.31 4.02
CA PRO A 68 -9.37 -7.53 4.80
C PRO A 68 -8.06 -7.89 5.53
N LYS A 69 -8.11 -8.85 6.47
CA LYS A 69 -6.91 -9.43 7.06
C LYS A 69 -6.16 -10.25 6.00
N LEU A 70 -4.87 -9.96 5.81
CA LEU A 70 -3.99 -10.65 4.87
C LEU A 70 -2.69 -10.98 5.62
N PRO A 71 -2.60 -12.17 6.25
CA PRO A 71 -1.52 -12.52 7.17
C PRO A 71 -0.19 -12.82 6.49
N LYS A 72 -0.16 -12.91 5.16
CA LYS A 72 1.03 -13.22 4.34
C LYS A 72 1.51 -12.06 3.46
N LEU A 73 0.71 -10.98 3.38
CA LEU A 73 1.03 -9.77 2.60
C LEU A 73 2.25 -9.05 3.18
N LYS A 74 3.37 -9.14 2.46
CA LYS A 74 4.58 -8.37 2.73
C LYS A 74 4.58 -7.02 2.00
N LYS A 75 3.90 -6.92 0.86
CA LYS A 75 3.91 -5.69 0.04
C LYS A 75 2.52 -5.19 -0.34
N LEU A 76 2.28 -3.90 -0.08
CA LEU A 76 1.09 -3.16 -0.46
C LEU A 76 1.46 -1.87 -1.22
N GLU A 77 1.04 -1.78 -2.47
CA GLU A 77 1.17 -0.58 -3.31
C GLU A 77 -0.15 0.20 -3.33
N LEU A 78 -0.18 1.38 -2.68
CA LEU A 78 -1.36 2.25 -2.55
C LEU A 78 -1.11 3.68 -3.08
N SER A 79 -0.37 3.77 -4.18
CA SER A 79 0.05 5.05 -4.77
C SER A 79 -1.06 5.76 -5.57
N GLU A 80 -0.91 7.07 -5.79
CA GLU A 80 -1.81 7.91 -6.62
C GLU A 80 -3.27 7.97 -6.12
N ASN A 81 -3.48 7.77 -4.81
CA ASN A 81 -4.79 7.72 -4.15
C ASN A 81 -5.13 9.03 -3.41
N ARG A 82 -6.32 9.09 -2.79
CA ARG A 82 -6.88 10.24 -2.06
C ARG A 82 -6.75 10.11 -0.53
N ILE A 83 -6.01 9.12 -0.06
CA ILE A 83 -5.83 8.79 1.37
C ILE A 83 -5.10 9.94 2.08
N PHE A 84 -5.62 10.40 3.21
CA PHE A 84 -5.11 11.57 3.95
C PHE A 84 -4.65 11.26 5.39
N GLY A 85 -4.78 10.01 5.85
CA GLY A 85 -4.37 9.55 7.19
C GLY A 85 -5.06 8.25 7.60
N GLY A 86 -5.13 8.00 8.92
CA GLY A 86 -5.92 6.90 9.48
C GLY A 86 -5.36 5.49 9.22
N LEU A 87 -4.03 5.35 9.03
CA LEU A 87 -3.38 4.10 8.60
C LEU A 87 -3.30 2.98 9.67
N ASP A 88 -4.08 3.08 10.75
CA ASP A 88 -4.02 2.15 11.91
C ASP A 88 -4.66 0.78 11.63
N MET A 89 -5.47 0.67 10.58
CA MET A 89 -5.98 -0.62 10.11
C MET A 89 -4.88 -1.46 9.47
N LEU A 90 -3.93 -0.84 8.75
CA LEU A 90 -2.80 -1.56 8.13
C LEU A 90 -1.99 -2.33 9.19
N ALA A 91 -1.81 -1.72 10.37
CA ALA A 91 -1.09 -2.31 11.50
C ALA A 91 -1.70 -3.62 12.03
N GLU A 92 -3.03 -3.77 11.99
CA GLU A 92 -3.74 -4.96 12.50
C GLU A 92 -4.17 -5.96 11.40
N LYS A 93 -4.44 -5.48 10.18
CA LYS A 93 -4.83 -6.31 9.02
C LYS A 93 -3.62 -7.01 8.37
N LEU A 94 -2.48 -6.33 8.36
CA LEU A 94 -1.23 -6.72 7.67
C LEU A 94 -0.06 -6.78 8.69
N PRO A 95 -0.13 -7.63 9.73
CA PRO A 95 0.78 -7.58 10.90
C PRO A 95 2.28 -7.75 10.60
N ASN A 96 2.66 -8.37 9.47
CA ASN A 96 4.05 -8.57 9.04
C ASN A 96 4.38 -7.90 7.68
N LEU A 97 3.66 -6.84 7.33
CA LEU A 97 3.92 -5.99 6.18
C LEU A 97 5.35 -5.40 6.26
N THR A 98 6.11 -5.52 5.17
CA THR A 98 7.49 -5.01 5.04
C THR A 98 7.63 -3.86 4.06
N HIS A 99 6.78 -3.81 3.03
CA HIS A 99 6.81 -2.78 1.99
C HIS A 99 5.44 -2.09 1.86
N LEU A 100 5.42 -0.75 1.92
CA LEU A 100 4.20 0.05 1.81
C LEU A 100 4.45 1.31 0.95
N ASN A 101 3.88 1.37 -0.25
CA ASN A 101 4.02 2.54 -1.13
C ASN A 101 2.84 3.49 -0.92
N LEU A 102 3.10 4.72 -0.47
CA LEU A 102 2.11 5.77 -0.19
C LEU A 102 2.32 7.03 -1.05
N SER A 103 3.08 6.93 -2.15
CA SER A 103 3.35 8.06 -3.06
C SER A 103 2.07 8.62 -3.70
N GLY A 104 2.03 9.93 -3.95
CA GLY A 104 0.87 10.62 -4.53
C GLY A 104 -0.38 10.69 -3.63
N ASN A 105 -0.34 10.14 -2.41
CA ASN A 105 -1.42 10.26 -1.42
C ASN A 105 -1.54 11.71 -0.90
N LYS A 106 -2.63 12.01 -0.18
CA LYS A 106 -2.96 13.33 0.40
C LYS A 106 -2.41 13.48 1.83
N LEU A 107 -1.33 12.77 2.12
CA LEU A 107 -0.64 12.75 3.41
C LEU A 107 0.11 14.07 3.59
N LYS A 108 -0.24 14.86 4.61
CA LYS A 108 0.20 16.25 4.81
C LYS A 108 1.14 16.45 6.01
N ASP A 109 1.17 15.49 6.93
CA ASP A 109 1.83 15.58 8.23
C ASP A 109 2.51 14.27 8.63
N ILE A 110 3.60 14.36 9.40
CA ILE A 110 4.31 13.18 9.95
C ILE A 110 3.38 12.35 10.86
N SER A 111 2.43 12.98 11.55
CA SER A 111 1.43 12.33 12.41
C SER A 111 0.47 11.39 11.63
N THR A 112 0.38 11.50 10.31
CA THR A 112 -0.36 10.51 9.48
C THR A 112 0.33 9.15 9.40
N LEU A 113 1.63 9.11 9.72
CA LEU A 113 2.51 7.95 9.64
C LEU A 113 2.71 7.32 11.03
N GLU A 114 2.23 7.99 12.09
CA GLU A 114 2.29 7.53 13.47
C GLU A 114 1.71 6.12 13.69
N PRO A 115 0.54 5.74 13.14
CA PRO A 115 0.05 4.36 13.24
C PRO A 115 0.92 3.30 12.56
N LEU A 116 1.89 3.67 11.72
CA LEU A 116 2.85 2.72 11.13
C LEU A 116 3.95 2.28 12.12
N LYS A 117 4.11 2.96 13.27
CA LYS A 117 5.03 2.54 14.34
C LYS A 117 4.71 1.13 14.88
N LYS A 118 3.44 0.72 14.80
CA LYS A 118 2.94 -0.59 15.27
C LYS A 118 3.57 -1.76 14.51
N LEU A 119 3.83 -1.58 13.21
CA LEU A 119 4.43 -2.58 12.33
C LEU A 119 5.93 -2.67 12.55
N GLU A 120 6.32 -3.57 13.45
CA GLU A 120 7.73 -3.89 13.73
C GLU A 120 8.46 -4.52 12.53
N CYS A 121 7.72 -4.87 11.46
CA CYS A 121 8.25 -5.45 10.23
C CYS A 121 8.47 -4.41 9.11
N LEU A 122 7.88 -3.21 9.19
CA LEU A 122 7.89 -2.25 8.08
C LEU A 122 9.31 -1.76 7.78
N LYS A 123 9.82 -2.13 6.60
CA LYS A 123 11.22 -1.99 6.19
C LYS A 123 11.43 -1.01 5.04
N SER A 124 10.44 -0.84 4.16
CA SER A 124 10.47 0.11 3.04
C SER A 124 9.16 0.89 2.88
N LEU A 125 9.28 2.19 2.61
CA LEU A 125 8.19 3.17 2.53
C LEU A 125 8.41 4.14 1.36
N ASP A 126 7.35 4.68 0.74
CA ASP A 126 7.47 5.71 -0.31
C ASP A 126 6.43 6.82 -0.10
N LEU A 127 6.85 8.08 -0.21
CA LEU A 127 6.04 9.29 0.03
C LEU A 127 6.27 10.38 -1.03
N PHE A 128 6.76 10.03 -2.23
CA PHE A 128 6.91 10.96 -3.35
C PHE A 128 5.62 11.77 -3.60
N ASN A 129 5.74 13.06 -3.89
CA ASN A 129 4.64 13.98 -4.23
C ASN A 129 3.48 14.05 -3.20
N CYS A 130 3.73 13.70 -1.94
CA CYS A 130 2.78 13.90 -0.83
C CYS A 130 2.91 15.33 -0.26
N GLU A 131 1.85 15.87 0.34
CA GLU A 131 1.87 17.22 0.93
C GLU A 131 2.89 17.35 2.09
N VAL A 132 3.11 16.25 2.81
CA VAL A 132 4.10 16.10 3.88
C VAL A 132 5.55 16.30 3.42
N THR A 133 5.83 16.18 2.11
CA THR A 133 7.16 16.46 1.53
C THR A 133 7.54 17.95 1.53
N ASN A 134 6.60 18.84 1.87
CA ASN A 134 6.84 20.29 2.04
C ASN A 134 7.39 20.66 3.43
N LEU A 135 7.42 19.72 4.39
CA LEU A 135 7.99 19.94 5.72
C LEU A 135 9.53 20.05 5.69
N ASN A 136 10.09 20.81 6.63
CA ASN A 136 11.54 20.93 6.78
C ASN A 136 12.17 19.57 7.16
N ASP A 137 13.20 19.15 6.43
CA ASP A 137 13.92 17.87 6.62
C ASP A 137 12.99 16.64 6.78
N TYR A 138 11.87 16.61 6.05
CA TYR A 138 10.79 15.64 6.27
C TYR A 138 11.24 14.17 6.28
N ARG A 139 12.20 13.79 5.43
CA ARG A 139 12.75 12.41 5.36
C ARG A 139 13.36 11.96 6.70
N GLU A 140 14.06 12.85 7.40
CA GLU A 140 14.57 12.59 8.75
C GLU A 140 13.42 12.46 9.76
N SER A 141 12.38 13.27 9.61
CA SER A 141 11.18 13.23 10.47
C SER A 141 10.33 11.97 10.28
N VAL A 142 10.41 11.29 9.13
CA VAL A 142 9.82 9.96 8.92
C VAL A 142 10.71 8.86 9.51
N PHE A 143 12.03 8.89 9.26
CA PHE A 143 12.97 7.89 9.75
C PHE A 143 13.11 7.87 11.28
N LYS A 144 13.01 9.03 11.93
CA LYS A 144 13.04 9.17 13.41
C LYS A 144 11.73 8.71 14.06
N LEU A 145 10.61 8.87 13.36
CA LEU A 145 9.28 8.41 13.79
C LEU A 145 9.18 6.87 13.76
N LEU A 146 9.72 6.26 12.70
CA LEU A 146 9.68 4.82 12.44
C LEU A 146 11.11 4.24 12.52
N PRO A 147 11.68 4.01 13.72
CA PRO A 147 13.07 3.58 13.88
C PRO A 147 13.37 2.18 13.31
N GLN A 148 12.34 1.37 13.04
CA GLN A 148 12.43 0.06 12.41
C GLN A 148 12.57 0.12 10.87
N LEU A 149 12.27 1.26 10.24
CA LEU A 149 12.32 1.47 8.80
C LEU A 149 13.78 1.53 8.29
N THR A 150 14.08 0.85 7.18
CA THR A 150 15.40 0.90 6.52
C THR A 150 15.40 1.85 5.31
N TYR A 151 14.32 1.84 4.52
CA TYR A 151 14.19 2.59 3.27
C TYR A 151 13.01 3.55 3.25
N LEU A 152 13.24 4.71 2.64
CA LEU A 152 12.26 5.76 2.38
C LEU A 152 12.48 6.35 0.99
N ASP A 153 11.45 6.40 0.15
CA ASP A 153 11.53 6.84 -1.24
C ASP A 153 12.56 6.03 -2.09
N GLY A 154 12.76 4.76 -1.74
CA GLY A 154 13.79 3.89 -2.32
C GLY A 154 15.24 4.18 -1.85
N TYR A 155 15.44 5.15 -0.96
CA TYR A 155 16.74 5.56 -0.40
C TYR A 155 16.86 5.20 1.09
N ASP A 156 18.04 4.80 1.55
CA ASP A 156 18.27 4.36 2.93
C ASP A 156 18.51 5.52 3.92
N ARG A 157 18.77 5.20 5.20
CA ARG A 157 19.14 6.19 6.24
C ARG A 157 20.43 6.97 5.97
N GLU A 158 21.39 6.39 5.23
CA GLU A 158 22.57 7.10 4.70
C GLU A 158 22.31 7.88 3.40
N ASP A 159 21.05 7.95 2.95
CA ASP A 159 20.57 8.65 1.75
C ASP A 159 21.22 8.16 0.44
N GLN A 160 21.37 6.85 0.31
CA GLN A 160 21.79 6.14 -0.90
C GLN A 160 20.70 5.17 -1.41
N GLU A 161 20.60 4.99 -2.73
CA GLU A 161 19.53 4.18 -3.35
C GLU A 161 19.64 2.68 -3.04
N ALA A 162 18.50 2.00 -2.96
CA ALA A 162 18.38 0.57 -2.71
C ALA A 162 18.98 -0.31 -3.83
N PRO A 163 19.38 -1.56 -3.50
CA PRO A 163 19.85 -2.54 -4.48
C PRO A 163 18.73 -3.09 -5.38
N ASP A 164 19.11 -3.57 -6.56
CA ASP A 164 18.17 -4.16 -7.55
C ASP A 164 17.92 -5.67 -7.34
N SER A 165 18.90 -6.39 -6.78
CA SER A 165 18.91 -7.85 -6.62
C SER A 165 19.71 -8.31 -5.39
N ASP A 166 19.59 -9.59 -5.03
CA ASP A 166 20.31 -10.26 -3.92
C ASP A 166 20.15 -9.57 -2.55
N ALA A 167 18.99 -8.92 -2.33
CA ALA A 167 18.71 -8.05 -1.19
C ALA A 167 18.09 -8.76 0.01
N GLU A 168 18.19 -8.14 1.20
CA GLU A 168 17.65 -8.62 2.49
C GLU A 168 17.06 -7.46 3.31
N GLY A 1 -6.21 -13.14 -30.38
CA GLY A 1 -6.59 -13.32 -28.95
C GLY A 1 -7.34 -12.11 -28.42
N SER A 2 -7.38 -11.97 -27.08
CA SER A 2 -8.05 -10.86 -26.37
C SER A 2 -7.31 -10.47 -25.07
N SER A 3 -7.61 -9.27 -24.56
CA SER A 3 -6.96 -8.65 -23.38
C SER A 3 -7.96 -7.94 -22.46
N GLY A 4 -7.57 -7.74 -21.20
CA GLY A 4 -8.31 -6.87 -20.25
C GLY A 4 -8.23 -5.38 -20.60
N SER A 5 -9.01 -4.55 -19.88
CA SER A 5 -9.10 -3.10 -20.10
C SER A 5 -9.26 -2.31 -18.80
N SER A 6 -8.91 -1.02 -18.86
CA SER A 6 -8.99 -0.06 -17.73
C SER A 6 -10.41 0.42 -17.45
N GLY A 7 -10.65 1.00 -16.27
CA GLY A 7 -11.94 1.57 -15.87
C GLY A 7 -12.97 0.56 -15.34
N MET A 8 -12.62 -0.72 -15.27
CA MET A 8 -13.45 -1.79 -14.69
C MET A 8 -13.66 -1.58 -13.18
N ASP A 9 -14.80 -2.01 -12.63
CA ASP A 9 -15.04 -2.00 -11.18
C ASP A 9 -14.13 -3.01 -10.46
N MET A 10 -13.71 -2.72 -9.22
CA MET A 10 -12.74 -3.53 -8.49
C MET A 10 -13.20 -4.99 -8.32
N LYS A 11 -14.46 -5.22 -7.90
CA LYS A 11 -15.08 -6.56 -7.79
C LYS A 11 -15.07 -7.33 -9.11
N ARG A 12 -15.22 -6.62 -10.24
CA ARG A 12 -15.20 -7.20 -11.59
C ARG A 12 -13.78 -7.51 -12.04
N ARG A 13 -12.82 -6.62 -11.78
CA ARG A 13 -11.39 -6.84 -12.05
C ARG A 13 -10.83 -8.02 -11.27
N ILE A 14 -11.21 -8.15 -10.00
CA ILE A 14 -10.84 -9.29 -9.14
C ILE A 14 -11.24 -10.63 -9.80
N HIS A 15 -12.34 -10.66 -10.55
CA HIS A 15 -12.74 -11.88 -11.29
C HIS A 15 -11.83 -12.14 -12.50
N LEU A 16 -11.46 -11.09 -13.25
CA LEU A 16 -10.50 -11.16 -14.36
C LEU A 16 -9.09 -11.56 -13.89
N GLU A 17 -8.67 -11.13 -12.69
CA GLU A 17 -7.38 -11.52 -12.10
C GLU A 17 -7.38 -12.96 -11.57
N LEU A 18 -8.47 -13.40 -10.93
CA LEU A 18 -8.65 -14.78 -10.47
C LEU A 18 -8.69 -15.77 -11.64
N ARG A 19 -9.66 -15.63 -12.55
CA ARG A 19 -9.98 -16.34 -13.81
C ARG A 19 -9.91 -17.89 -13.87
N ASN A 20 -8.88 -18.49 -13.28
CA ASN A 20 -8.54 -19.92 -13.35
C ASN A 20 -8.23 -20.57 -11.98
N ARG A 21 -8.09 -19.79 -10.89
CA ARG A 21 -7.86 -20.31 -9.52
C ARG A 21 -8.57 -19.52 -8.43
N THR A 22 -8.74 -20.15 -7.27
CA THR A 22 -9.29 -19.62 -6.01
C THR A 22 -8.48 -18.41 -5.51
N PRO A 23 -9.08 -17.39 -4.85
CA PRO A 23 -8.35 -16.27 -4.26
C PRO A 23 -7.30 -16.70 -3.21
N ALA A 24 -7.49 -17.85 -2.55
CA ALA A 24 -6.53 -18.40 -1.60
C ALA A 24 -5.29 -19.05 -2.26
N ALA A 25 -5.33 -19.26 -3.58
CA ALA A 25 -4.21 -19.74 -4.39
C ALA A 25 -3.42 -18.59 -5.07
N VAL A 26 -3.86 -17.34 -4.91
CA VAL A 26 -3.23 -16.15 -5.53
C VAL A 26 -2.15 -15.57 -4.62
N ARG A 27 -0.94 -15.33 -5.17
CA ARG A 27 0.22 -14.75 -4.47
C ARG A 27 0.44 -13.27 -4.82
N GLU A 28 0.10 -12.87 -6.03
CA GLU A 28 0.28 -11.51 -6.57
C GLU A 28 -1.01 -11.02 -7.22
N LEU A 29 -1.52 -9.85 -6.80
CA LEU A 29 -2.77 -9.26 -7.31
C LEU A 29 -2.57 -7.78 -7.68
N VAL A 30 -3.02 -7.42 -8.90
CA VAL A 30 -2.94 -6.07 -9.44
C VAL A 30 -4.35 -5.59 -9.82
N LEU A 31 -4.73 -4.40 -9.34
CA LEU A 31 -6.05 -3.78 -9.52
C LEU A 31 -5.91 -2.36 -10.10
N ASP A 32 -4.87 -2.14 -10.92
CA ASP A 32 -4.54 -0.85 -11.55
C ASP A 32 -5.67 -0.27 -12.40
N ASN A 33 -5.86 1.05 -12.34
CA ASN A 33 -6.82 1.84 -13.14
C ASN A 33 -8.31 1.52 -12.88
N CYS A 34 -8.63 0.61 -11.95
CA CYS A 34 -9.97 0.14 -11.65
C CYS A 34 -10.71 1.03 -10.63
N LYS A 35 -12.04 0.91 -10.59
CA LYS A 35 -12.95 1.82 -9.87
C LYS A 35 -13.47 1.21 -8.57
N SER A 36 -13.41 2.01 -7.50
CA SER A 36 -13.92 1.69 -6.15
C SER A 36 -15.35 2.20 -5.94
N ASN A 37 -15.99 1.81 -4.83
CA ASN A 37 -17.26 2.38 -4.40
C ASN A 37 -16.99 3.70 -3.64
N ASP A 38 -16.88 4.81 -4.39
CA ASP A 38 -16.64 6.17 -3.88
C ASP A 38 -15.44 6.27 -2.89
N GLY A 39 -14.32 5.62 -3.25
CA GLY A 39 -13.11 5.57 -2.41
C GLY A 39 -13.15 4.58 -1.24
N LYS A 40 -14.10 3.65 -1.24
CA LYS A 40 -14.16 2.50 -0.34
C LYS A 40 -14.11 1.19 -1.15
N ILE A 41 -13.31 0.23 -0.68
CA ILE A 41 -13.18 -1.11 -1.27
C ILE A 41 -14.48 -1.90 -1.06
N GLU A 42 -14.90 -2.68 -2.06
CA GLU A 42 -16.07 -3.57 -1.97
C GLU A 42 -15.80 -5.02 -2.38
N GLY A 43 -14.92 -5.25 -3.37
CA GLY A 43 -14.66 -6.59 -3.93
C GLY A 43 -13.58 -7.41 -3.23
N LEU A 44 -12.61 -6.77 -2.55
CA LEU A 44 -11.49 -7.46 -1.91
C LEU A 44 -11.95 -8.21 -0.65
N THR A 45 -11.34 -9.37 -0.37
CA THR A 45 -11.79 -10.33 0.65
C THR A 45 -10.63 -10.97 1.43
N ALA A 46 -10.90 -11.39 2.66
CA ALA A 46 -9.98 -12.14 3.51
C ALA A 46 -9.68 -13.56 2.98
N GLU A 47 -10.33 -14.03 1.92
CA GLU A 47 -9.96 -15.27 1.23
C GLU A 47 -8.60 -15.17 0.51
N PHE A 48 -8.04 -13.98 0.32
CA PHE A 48 -6.68 -13.74 -0.19
C PHE A 48 -5.56 -14.08 0.84
N VAL A 49 -5.72 -15.13 1.65
CA VAL A 49 -4.85 -15.42 2.80
C VAL A 49 -3.37 -15.67 2.44
N ASN A 50 -3.08 -16.15 1.23
CA ASN A 50 -1.72 -16.42 0.73
C ASN A 50 -1.17 -15.31 -0.21
N LEU A 51 -1.85 -14.18 -0.31
CA LEU A 51 -1.41 -13.02 -1.07
C LEU A 51 -0.20 -12.36 -0.40
N GLU A 52 0.93 -12.25 -1.11
CA GLU A 52 2.13 -11.55 -0.66
C GLU A 52 2.26 -10.13 -1.23
N PHE A 53 1.67 -9.90 -2.41
CA PHE A 53 1.68 -8.64 -3.16
C PHE A 53 0.27 -8.16 -3.55
N LEU A 54 -0.02 -6.87 -3.32
CA LEU A 54 -1.25 -6.19 -3.74
C LEU A 54 -0.92 -4.81 -4.35
N SER A 55 -1.46 -4.50 -5.53
CA SER A 55 -1.37 -3.17 -6.16
C SER A 55 -2.75 -2.54 -6.40
N LEU A 56 -2.92 -1.30 -5.94
CA LEU A 56 -4.13 -0.46 -5.98
C LEU A 56 -3.73 0.97 -6.39
N ILE A 57 -3.38 1.16 -7.67
CA ILE A 57 -2.84 2.43 -8.20
C ILE A 57 -3.82 3.14 -9.14
N ASN A 58 -3.91 4.47 -8.96
CA ASN A 58 -4.85 5.40 -9.60
C ASN A 58 -6.33 4.92 -9.58
N VAL A 59 -6.65 4.09 -8.59
CA VAL A 59 -8.01 3.67 -8.22
C VAL A 59 -8.73 4.76 -7.43
N GLY A 60 -7.98 5.79 -6.99
CA GLY A 60 -8.52 7.01 -6.38
C GLY A 60 -9.15 6.81 -5.01
N LEU A 61 -8.69 5.79 -4.28
CA LEU A 61 -9.25 5.36 -2.99
C LEU A 61 -8.99 6.40 -1.88
N ILE A 62 -9.88 6.44 -0.89
CA ILE A 62 -9.82 7.38 0.25
C ILE A 62 -9.71 6.61 1.58
N SER A 63 -10.42 5.47 1.70
CA SER A 63 -10.58 4.69 2.94
C SER A 63 -9.82 3.36 2.89
N VAL A 64 -8.73 3.25 3.65
CA VAL A 64 -8.02 1.97 3.88
C VAL A 64 -8.80 1.00 4.79
N SER A 65 -9.83 1.48 5.48
CA SER A 65 -10.59 0.74 6.49
C SER A 65 -11.40 -0.45 5.95
N ASN A 66 -11.63 -0.52 4.64
CA ASN A 66 -12.26 -1.65 3.96
C ASN A 66 -11.25 -2.71 3.47
N LEU A 67 -9.95 -2.56 3.71
CA LEU A 67 -8.97 -3.63 3.46
C LEU A 67 -9.25 -4.83 4.39
N PRO A 68 -9.26 -6.08 3.88
CA PRO A 68 -9.40 -7.29 4.69
C PRO A 68 -8.10 -7.61 5.45
N LYS A 69 -8.16 -8.54 6.41
CA LYS A 69 -6.96 -9.10 7.04
C LYS A 69 -6.19 -9.96 6.03
N LEU A 70 -4.92 -9.64 5.81
CA LEU A 70 -4.01 -10.37 4.92
C LEU A 70 -2.71 -10.64 5.68
N PRO A 71 -2.57 -11.80 6.35
CA PRO A 71 -1.47 -12.06 7.27
C PRO A 71 -0.13 -12.28 6.56
N LYS A 72 -0.15 -12.58 5.26
CA LYS A 72 1.04 -12.90 4.44
C LYS A 72 1.49 -11.77 3.52
N LEU A 73 0.68 -10.72 3.38
CA LEU A 73 0.98 -9.54 2.56
C LEU A 73 2.22 -8.80 3.09
N LYS A 74 3.34 -8.96 2.38
CA LYS A 74 4.57 -8.23 2.62
C LYS A 74 4.60 -6.90 1.88
N LYS A 75 3.94 -6.79 0.72
CA LYS A 75 4.06 -5.64 -0.17
C LYS A 75 2.70 -5.07 -0.60
N LEU A 76 2.48 -3.80 -0.28
CA LEU A 76 1.28 -3.03 -0.65
C LEU A 76 1.67 -1.81 -1.49
N GLU A 77 1.31 -1.86 -2.77
CA GLU A 77 1.40 -0.72 -3.69
C GLU A 77 0.11 0.11 -3.64
N LEU A 78 0.16 1.23 -2.91
CA LEU A 78 -0.86 2.27 -2.88
C LEU A 78 -0.20 3.57 -3.37
N SER A 79 -0.43 3.89 -4.64
CA SER A 79 0.01 5.14 -5.26
C SER A 79 -1.14 5.83 -5.99
N GLU A 80 -1.07 7.16 -6.12
CA GLU A 80 -2.07 8.00 -6.79
C GLU A 80 -3.49 7.89 -6.17
N ASN A 81 -3.56 7.75 -4.84
CA ASN A 81 -4.79 7.68 -4.04
C ASN A 81 -5.11 9.04 -3.38
N ARG A 82 -6.25 9.12 -2.68
CA ARG A 82 -6.78 10.31 -1.99
C ARG A 82 -6.77 10.17 -0.46
N ILE A 83 -6.14 9.12 0.06
CA ILE A 83 -6.02 8.79 1.50
C ILE A 83 -5.30 9.93 2.23
N PHE A 84 -5.83 10.35 3.39
CA PHE A 84 -5.31 11.48 4.19
C PHE A 84 -4.90 11.09 5.62
N GLY A 85 -5.06 9.83 6.01
CA GLY A 85 -4.72 9.29 7.34
C GLY A 85 -5.36 7.92 7.57
N GLY A 86 -5.53 7.53 8.85
CA GLY A 86 -6.19 6.27 9.23
C GLY A 86 -5.36 4.99 9.02
N LEU A 87 -4.03 5.13 8.86
CA LEU A 87 -3.13 4.02 8.52
C LEU A 87 -2.92 3.00 9.66
N ASP A 88 -3.54 3.21 10.84
CA ASP A 88 -3.63 2.23 11.93
C ASP A 88 -4.38 0.96 11.50
N MET A 89 -5.24 1.08 10.47
CA MET A 89 -5.85 -0.07 9.81
C MET A 89 -4.80 -0.96 9.15
N LEU A 90 -3.79 -0.40 8.47
CA LEU A 90 -2.73 -1.19 7.84
C LEU A 90 -1.95 -1.99 8.88
N ALA A 91 -1.68 -1.38 10.04
CA ALA A 91 -0.99 -2.02 11.16
C ALA A 91 -1.72 -3.26 11.71
N GLU A 92 -3.06 -3.25 11.80
CA GLU A 92 -3.83 -4.39 12.32
C GLU A 92 -4.26 -5.42 11.25
N LYS A 93 -4.45 -4.99 9.99
CA LYS A 93 -4.85 -5.85 8.87
C LYS A 93 -3.67 -6.61 8.25
N LEU A 94 -2.50 -5.99 8.20
CA LEU A 94 -1.31 -6.45 7.48
C LEU A 94 -0.11 -6.65 8.44
N PRO A 95 -0.18 -7.58 9.42
CA PRO A 95 0.78 -7.68 10.52
C PRO A 95 2.24 -7.97 10.11
N ASN A 96 2.46 -8.57 8.93
CA ASN A 96 3.80 -8.90 8.40
C ASN A 96 4.22 -8.01 7.21
N LEU A 97 3.63 -6.82 7.06
CA LEU A 97 3.95 -5.87 6.00
C LEU A 97 5.39 -5.33 6.12
N THR A 98 6.17 -5.46 5.04
CA THR A 98 7.56 -5.01 4.95
C THR A 98 7.75 -3.85 3.98
N HIS A 99 6.97 -3.81 2.90
CA HIS A 99 7.07 -2.81 1.84
C HIS A 99 5.74 -2.09 1.65
N LEU A 100 5.74 -0.76 1.68
CA LEU A 100 4.52 0.05 1.61
C LEU A 100 4.71 1.35 0.80
N ASN A 101 3.98 1.47 -0.31
CA ASN A 101 3.87 2.76 -1.00
C ASN A 101 2.72 3.56 -0.37
N LEU A 102 2.91 4.87 -0.29
CA LEU A 102 1.91 5.88 0.08
C LEU A 102 1.97 7.07 -0.92
N SER A 103 2.51 6.85 -2.12
CA SER A 103 2.85 7.90 -3.10
C SER A 103 1.62 8.63 -3.64
N GLY A 104 1.70 9.95 -3.83
CA GLY A 104 0.61 10.78 -4.33
C GLY A 104 -0.61 10.92 -3.40
N ASN A 105 -0.59 10.31 -2.20
CA ASN A 105 -1.64 10.39 -1.19
C ASN A 105 -1.74 11.83 -0.62
N LYS A 106 -2.84 12.13 0.07
CA LYS A 106 -3.15 13.44 0.70
C LYS A 106 -2.58 13.57 2.12
N LEU A 107 -1.49 12.85 2.40
CA LEU A 107 -0.77 12.86 3.67
C LEU A 107 -0.01 14.18 3.83
N LYS A 108 -0.23 14.89 4.94
CA LYS A 108 0.23 16.28 5.18
C LYS A 108 1.13 16.45 6.41
N ASP A 109 1.14 15.48 7.32
CA ASP A 109 1.77 15.56 8.63
C ASP A 109 2.49 14.26 9.00
N ILE A 110 3.59 14.36 9.75
CA ILE A 110 4.31 13.21 10.32
C ILE A 110 3.38 12.36 11.21
N SER A 111 2.41 12.98 11.89
CA SER A 111 1.40 12.29 12.72
C SER A 111 0.47 11.36 11.93
N THR A 112 0.38 11.49 10.59
CA THR A 112 -0.34 10.50 9.75
C THR A 112 0.44 9.19 9.56
N LEU A 113 1.74 9.20 9.87
CA LEU A 113 2.68 8.08 9.70
C LEU A 113 2.96 7.40 11.05
N GLU A 114 2.54 8.03 12.14
CA GLU A 114 2.60 7.55 13.52
C GLU A 114 2.08 6.11 13.71
N PRO A 115 0.93 5.69 13.17
CA PRO A 115 0.47 4.31 13.33
C PRO A 115 1.36 3.26 12.65
N LEU A 116 2.25 3.64 11.73
CA LEU A 116 3.22 2.71 11.13
C LEU A 116 4.28 2.22 12.13
N LYS A 117 4.43 2.89 13.30
CA LYS A 117 5.27 2.43 14.42
C LYS A 117 4.92 1.02 14.91
N LYS A 118 3.64 0.63 14.79
CA LYS A 118 3.11 -0.68 15.23
C LYS A 118 3.73 -1.85 14.45
N LEU A 119 4.01 -1.65 13.16
CA LEU A 119 4.58 -2.66 12.26
C LEU A 119 6.09 -2.78 12.46
N GLU A 120 6.48 -3.69 13.34
CA GLU A 120 7.89 -4.02 13.61
C GLU A 120 8.60 -4.65 12.40
N CYS A 121 7.86 -4.98 11.33
CA CYS A 121 8.37 -5.58 10.10
C CYS A 121 8.69 -4.54 9.01
N LEU A 122 8.18 -3.30 9.11
CA LEU A 122 8.22 -2.32 8.03
C LEU A 122 9.66 -1.91 7.67
N LYS A 123 10.09 -2.29 6.46
CA LYS A 123 11.45 -2.12 5.91
C LYS A 123 11.54 -0.89 5.01
N SER A 124 10.54 -0.68 4.15
CA SER A 124 10.47 0.46 3.20
C SER A 124 9.16 1.23 3.23
N LEU A 125 9.25 2.51 2.88
CA LEU A 125 8.13 3.46 2.77
C LEU A 125 8.34 4.39 1.56
N ASP A 126 7.28 4.87 0.90
CA ASP A 126 7.39 5.82 -0.22
C ASP A 126 6.30 6.89 -0.14
N LEU A 127 6.69 8.16 -0.18
CA LEU A 127 5.82 9.33 0.03
C LEU A 127 5.97 10.38 -1.10
N PHE A 128 6.42 9.97 -2.30
CA PHE A 128 6.59 10.87 -3.45
C PHE A 128 5.33 11.72 -3.68
N ASN A 129 5.52 13.03 -3.88
CA ASN A 129 4.45 14.01 -4.11
C ASN A 129 3.36 14.08 -2.99
N CYS A 130 3.68 13.71 -1.74
CA CYS A 130 2.78 13.90 -0.59
C CYS A 130 3.07 15.26 0.07
N GLU A 131 2.04 15.94 0.60
CA GLU A 131 2.19 17.27 1.20
C GLU A 131 3.09 17.26 2.44
N VAL A 132 3.15 16.14 3.17
CA VAL A 132 4.08 15.87 4.28
C VAL A 132 5.56 15.96 3.87
N THR A 133 5.88 15.79 2.58
CA THR A 133 7.26 15.91 2.05
C THR A 133 7.71 17.35 1.83
N ASN A 134 6.82 18.33 2.02
CA ASN A 134 7.17 19.77 1.97
C ASN A 134 7.65 20.33 3.33
N LEU A 135 7.53 19.53 4.39
CA LEU A 135 8.00 19.84 5.75
C LEU A 135 9.52 19.99 5.82
N ASN A 136 10.00 20.81 6.76
CA ASN A 136 11.42 20.95 7.06
C ASN A 136 12.01 19.61 7.54
N ASP A 137 13.13 19.18 6.94
CA ASP A 137 13.84 17.93 7.25
C ASP A 137 12.92 16.68 7.32
N TYR A 138 11.89 16.59 6.45
CA TYR A 138 10.84 15.57 6.54
C TYR A 138 11.41 14.14 6.60
N ARG A 139 12.47 13.85 5.84
CA ARG A 139 13.13 12.54 5.76
C ARG A 139 13.61 12.05 7.13
N GLU A 140 14.28 12.91 7.89
CA GLU A 140 14.68 12.64 9.26
C GLU A 140 13.47 12.52 10.20
N SER A 141 12.43 13.35 9.99
CA SER A 141 11.21 13.34 10.81
C SER A 141 10.35 12.08 10.63
N VAL A 142 10.54 11.32 9.54
CA VAL A 142 9.94 9.99 9.35
C VAL A 142 10.84 8.88 9.91
N PHE A 143 12.16 8.93 9.69
CA PHE A 143 13.09 7.92 10.20
C PHE A 143 13.25 7.93 11.72
N LYS A 144 13.14 9.11 12.35
CA LYS A 144 13.14 9.25 13.83
C LYS A 144 11.84 8.77 14.47
N LEU A 145 10.73 8.90 13.74
CA LEU A 145 9.40 8.41 14.12
C LEU A 145 9.31 6.88 14.05
N LEU A 146 9.88 6.29 13.00
CA LEU A 146 9.82 4.86 12.67
C LEU A 146 11.23 4.24 12.73
N PRO A 147 11.77 3.95 13.94
CA PRO A 147 13.16 3.49 14.11
C PRO A 147 13.43 2.11 13.49
N GLN A 148 12.39 1.32 13.18
CA GLN A 148 12.50 0.05 12.47
C GLN A 148 12.63 0.22 10.94
N LEU A 149 12.20 1.36 10.39
CA LEU A 149 12.24 1.66 8.96
C LEU A 149 13.69 1.83 8.47
N THR A 150 14.04 1.15 7.37
CA THR A 150 15.38 1.24 6.76
C THR A 150 15.39 2.12 5.50
N TYR A 151 14.29 2.11 4.74
CA TYR A 151 14.15 2.82 3.46
C TYR A 151 12.98 3.82 3.45
N LEU A 152 13.22 4.95 2.79
CA LEU A 152 12.24 6.00 2.51
C LEU A 152 12.49 6.57 1.11
N ASP A 153 11.45 6.63 0.27
CA ASP A 153 11.51 7.12 -1.12
C ASP A 153 12.56 6.38 -1.98
N GLY A 154 12.69 5.06 -1.80
CA GLY A 154 13.62 4.19 -2.51
C GLY A 154 15.08 4.27 -2.05
N TYR A 155 15.41 5.19 -1.13
CA TYR A 155 16.75 5.42 -0.56
C TYR A 155 16.79 5.08 0.93
N ASP A 156 17.93 4.67 1.47
CA ASP A 156 18.11 4.29 2.87
C ASP A 156 18.48 5.47 3.80
N ARG A 157 18.69 5.17 5.09
CA ARG A 157 19.17 6.12 6.13
C ARG A 157 20.55 6.75 5.83
N GLU A 158 21.35 6.13 4.97
CA GLU A 158 22.66 6.62 4.50
C GLU A 158 22.58 7.32 3.13
N ASP A 159 21.37 7.61 2.65
CA ASP A 159 21.07 8.23 1.34
C ASP A 159 21.61 7.44 0.13
N GLN A 160 21.60 6.11 0.22
CA GLN A 160 21.92 5.17 -0.87
C GLN A 160 20.65 4.52 -1.43
N GLU A 161 20.59 4.32 -2.75
CA GLU A 161 19.42 3.72 -3.41
C GLU A 161 19.30 2.21 -3.14
N ALA A 162 18.07 1.68 -3.16
CA ALA A 162 17.77 0.27 -2.98
C ALA A 162 18.37 -0.65 -4.08
N PRO A 163 18.64 -1.92 -3.77
CA PRO A 163 19.22 -2.88 -4.71
C PRO A 163 18.21 -3.35 -5.76
N ASP A 164 18.72 -3.71 -6.95
CA ASP A 164 17.92 -4.16 -8.11
C ASP A 164 17.02 -5.38 -7.80
N SER A 165 17.44 -6.22 -6.85
CA SER A 165 16.68 -7.40 -6.39
C SER A 165 15.44 -7.07 -5.54
N ASP A 166 15.30 -5.82 -5.06
CA ASP A 166 14.23 -5.39 -4.14
C ASP A 166 13.50 -4.11 -4.57
N ALA A 167 14.11 -3.28 -5.41
CA ALA A 167 13.61 -1.98 -5.88
C ALA A 167 12.51 -2.05 -6.97
N GLU A 168 11.99 -3.25 -7.27
CA GLU A 168 10.94 -3.51 -8.28
C GLU A 168 9.59 -2.82 -7.98
N GLY A 1 -15.57 -13.59 -24.51
CA GLY A 1 -15.55 -13.57 -23.02
C GLY A 1 -15.39 -12.15 -22.48
N SER A 2 -14.97 -12.04 -21.21
CA SER A 2 -14.70 -10.75 -20.55
C SER A 2 -13.33 -10.16 -20.93
N SER A 3 -13.23 -8.82 -20.91
CA SER A 3 -12.02 -8.04 -21.23
C SER A 3 -11.82 -6.90 -20.23
N GLY A 4 -10.56 -6.52 -19.99
CA GLY A 4 -10.18 -5.41 -19.11
C GLY A 4 -10.55 -4.03 -19.66
N SER A 5 -10.71 -3.04 -18.77
CA SER A 5 -11.01 -1.64 -19.09
C SER A 5 -10.45 -0.68 -18.03
N SER A 6 -10.07 0.53 -18.44
CA SER A 6 -9.71 1.61 -17.51
C SER A 6 -10.90 2.13 -16.70
N GLY A 7 -12.14 1.88 -17.14
CA GLY A 7 -13.38 2.18 -16.41
C GLY A 7 -13.89 1.05 -15.50
N MET A 8 -13.16 -0.08 -15.40
CA MET A 8 -13.60 -1.29 -14.70
C MET A 8 -13.71 -1.09 -13.18
N ASP A 9 -14.77 -1.65 -12.56
CA ASP A 9 -14.95 -1.63 -11.11
C ASP A 9 -14.04 -2.64 -10.39
N MET A 10 -13.66 -2.35 -9.14
CA MET A 10 -12.73 -3.17 -8.36
C MET A 10 -13.20 -4.63 -8.21
N LYS A 11 -14.48 -4.84 -7.88
CA LYS A 11 -15.12 -6.17 -7.79
C LYS A 11 -14.99 -6.97 -9.10
N ARG A 12 -15.08 -6.29 -10.25
CA ARG A 12 -14.94 -6.87 -11.59
C ARG A 12 -13.49 -7.17 -11.94
N ARG A 13 -12.55 -6.28 -11.60
CA ARG A 13 -11.12 -6.49 -11.85
C ARG A 13 -10.57 -7.63 -10.99
N ILE A 14 -11.01 -7.75 -9.74
CA ILE A 14 -10.74 -8.90 -8.87
C ILE A 14 -11.15 -10.21 -9.55
N HIS A 15 -12.27 -10.23 -10.27
CA HIS A 15 -12.74 -11.43 -10.98
C HIS A 15 -11.83 -11.79 -12.17
N LEU A 16 -11.38 -10.78 -12.94
CA LEU A 16 -10.40 -10.96 -14.01
C LEU A 16 -9.04 -11.43 -13.48
N GLU A 17 -8.55 -10.85 -12.39
CA GLU A 17 -7.24 -11.17 -11.79
C GLU A 17 -7.19 -12.56 -11.13
N LEU A 18 -8.34 -13.12 -10.71
CA LEU A 18 -8.46 -14.52 -10.28
C LEU A 18 -8.14 -15.53 -11.39
N ARG A 19 -8.15 -15.09 -12.67
CA ARG A 19 -7.74 -15.75 -13.93
C ARG A 19 -8.31 -17.15 -14.20
N ASN A 20 -7.93 -18.11 -13.37
CA ASN A 20 -8.31 -19.52 -13.45
C ASN A 20 -8.30 -20.29 -12.11
N ARG A 21 -8.17 -19.63 -10.95
CA ARG A 21 -8.16 -20.29 -9.62
C ARG A 21 -8.82 -19.51 -8.47
N THR A 22 -9.00 -20.21 -7.35
CA THR A 22 -9.50 -19.74 -6.05
C THR A 22 -8.65 -18.57 -5.50
N PRO A 23 -9.23 -17.56 -4.79
CA PRO A 23 -8.46 -16.45 -4.21
C PRO A 23 -7.40 -16.88 -3.19
N ALA A 24 -7.53 -18.06 -2.58
CA ALA A 24 -6.53 -18.62 -1.66
C ALA A 24 -5.30 -19.19 -2.38
N ALA A 25 -5.36 -19.34 -3.71
CA ALA A 25 -4.30 -19.85 -4.58
C ALA A 25 -3.70 -18.73 -5.47
N VAL A 26 -3.73 -17.48 -4.98
CA VAL A 26 -3.20 -16.28 -5.63
C VAL A 26 -2.11 -15.68 -4.75
N ARG A 27 -0.89 -15.50 -5.32
CA ARG A 27 0.25 -14.85 -4.65
C ARG A 27 0.35 -13.35 -4.95
N GLU A 28 -0.01 -12.94 -6.16
CA GLU A 28 0.21 -11.59 -6.69
C GLU A 28 -1.07 -11.06 -7.35
N LEU A 29 -1.58 -9.92 -6.86
CA LEU A 29 -2.82 -9.29 -7.33
C LEU A 29 -2.60 -7.79 -7.57
N VAL A 30 -3.00 -7.30 -8.75
CA VAL A 30 -2.96 -5.88 -9.10
C VAL A 30 -4.32 -5.40 -9.62
N LEU A 31 -4.80 -4.32 -9.03
CA LEU A 31 -6.10 -3.68 -9.27
C LEU A 31 -5.90 -2.24 -9.79
N ASP A 32 -4.87 -2.03 -10.61
CA ASP A 32 -4.48 -0.71 -11.13
C ASP A 32 -5.61 0.00 -11.88
N ASN A 33 -5.71 1.32 -11.72
CA ASN A 33 -6.63 2.23 -12.42
C ASN A 33 -8.15 1.95 -12.21
N CYS A 34 -8.53 0.90 -11.44
CA CYS A 34 -9.92 0.45 -11.30
C CYS A 34 -10.75 1.38 -10.40
N LYS A 35 -12.08 1.25 -10.49
CA LYS A 35 -13.05 2.13 -9.82
C LYS A 35 -13.50 1.52 -8.49
N SER A 36 -13.21 2.23 -7.39
CA SER A 36 -13.64 1.89 -6.03
C SER A 36 -15.09 2.33 -5.76
N ASN A 37 -15.69 1.84 -4.68
CA ASN A 37 -17.00 2.31 -4.21
C ASN A 37 -16.79 3.52 -3.27
N ASP A 38 -16.83 4.73 -3.85
CA ASP A 38 -16.68 6.00 -3.11
C ASP A 38 -15.39 6.05 -2.25
N GLY A 39 -14.26 5.61 -2.81
CA GLY A 39 -12.97 5.56 -2.09
C GLY A 39 -12.92 4.57 -0.93
N LYS A 40 -13.76 3.55 -0.97
CA LYS A 40 -13.75 2.37 -0.10
C LYS A 40 -13.68 1.12 -0.98
N ILE A 41 -12.86 0.15 -0.59
CA ILE A 41 -12.65 -1.10 -1.35
C ILE A 41 -13.96 -1.90 -1.43
N GLU A 42 -14.24 -2.48 -2.60
CA GLU A 42 -15.33 -3.43 -2.80
C GLU A 42 -14.80 -4.71 -3.47
N GLY A 43 -15.23 -5.87 -2.99
CA GLY A 43 -14.89 -7.18 -3.57
C GLY A 43 -13.68 -7.88 -2.95
N LEU A 44 -12.74 -7.16 -2.32
CA LEU A 44 -11.54 -7.76 -1.74
C LEU A 44 -11.90 -8.55 -0.48
N THR A 45 -11.35 -9.76 -0.37
CA THR A 45 -11.76 -10.76 0.64
C THR A 45 -10.59 -11.31 1.48
N ALA A 46 -10.88 -11.74 2.71
CA ALA A 46 -9.97 -12.47 3.59
C ALA A 46 -9.63 -13.87 3.06
N GLU A 47 -10.28 -14.36 2.01
CA GLU A 47 -9.87 -15.60 1.33
C GLU A 47 -8.52 -15.46 0.59
N PHE A 48 -8.00 -14.24 0.39
CA PHE A 48 -6.65 -13.96 -0.13
C PHE A 48 -5.51 -14.28 0.87
N VAL A 49 -5.65 -15.35 1.68
CA VAL A 49 -4.74 -15.65 2.80
C VAL A 49 -3.27 -15.87 2.41
N ASN A 50 -3.01 -16.32 1.17
CA ASN A 50 -1.66 -16.56 0.63
C ASN A 50 -1.15 -15.43 -0.27
N LEU A 51 -1.86 -14.30 -0.37
CA LEU A 51 -1.44 -13.14 -1.13
C LEU A 51 -0.22 -12.49 -0.46
N GLU A 52 0.87 -12.33 -1.22
CA GLU A 52 2.12 -11.68 -0.79
C GLU A 52 2.28 -10.26 -1.36
N PHE A 53 1.66 -10.00 -2.52
CA PHE A 53 1.63 -8.70 -3.20
C PHE A 53 0.21 -8.23 -3.53
N LEU A 54 -0.08 -6.96 -3.23
CA LEU A 54 -1.31 -6.26 -3.61
C LEU A 54 -1.00 -4.86 -4.18
N SER A 55 -1.57 -4.55 -5.34
CA SER A 55 -1.57 -3.19 -5.91
C SER A 55 -2.99 -2.64 -5.98
N LEU A 56 -3.18 -1.43 -5.45
CA LEU A 56 -4.40 -0.62 -5.47
C LEU A 56 -4.05 0.81 -5.95
N ILE A 57 -3.25 0.91 -7.01
CA ILE A 57 -2.75 2.18 -7.55
C ILE A 57 -3.81 2.88 -8.39
N ASN A 58 -3.90 4.20 -8.21
CA ASN A 58 -4.67 5.12 -9.05
C ASN A 58 -6.16 4.72 -9.15
N VAL A 59 -6.64 4.06 -8.10
CA VAL A 59 -8.05 3.70 -7.92
C VAL A 59 -8.83 4.86 -7.29
N GLY A 60 -8.10 5.88 -6.82
CA GLY A 60 -8.67 7.09 -6.20
C GLY A 60 -9.21 6.84 -4.80
N LEU A 61 -8.65 5.87 -4.06
CA LEU A 61 -9.14 5.46 -2.75
C LEU A 61 -8.98 6.58 -1.71
N ILE A 62 -9.85 6.63 -0.71
CA ILE A 62 -9.82 7.65 0.36
C ILE A 62 -9.65 6.98 1.73
N SER A 63 -10.21 5.77 1.91
CA SER A 63 -10.24 5.01 3.17
C SER A 63 -9.70 3.59 2.98
N VAL A 64 -8.65 3.24 3.73
CA VAL A 64 -8.07 1.87 3.80
C VAL A 64 -8.89 0.91 4.69
N SER A 65 -9.98 1.40 5.31
CA SER A 65 -10.80 0.69 6.30
C SER A 65 -11.41 -0.63 5.80
N ASN A 66 -11.69 -0.74 4.51
CA ASN A 66 -12.28 -1.93 3.88
C ASN A 66 -11.25 -3.02 3.49
N LEU A 67 -9.95 -2.84 3.78
CA LEU A 67 -8.96 -3.89 3.60
C LEU A 67 -9.29 -5.11 4.50
N PRO A 68 -9.31 -6.35 3.96
CA PRO A 68 -9.42 -7.57 4.75
C PRO A 68 -8.09 -7.88 5.45
N LYS A 69 -8.11 -8.79 6.44
CA LYS A 69 -6.88 -9.35 7.03
C LYS A 69 -6.14 -10.19 5.98
N LEU A 70 -4.86 -9.89 5.77
CA LEU A 70 -3.96 -10.61 4.85
C LEU A 70 -2.65 -10.93 5.60
N PRO A 71 -2.56 -12.10 6.24
CA PRO A 71 -1.47 -12.43 7.17
C PRO A 71 -0.13 -12.74 6.48
N LYS A 72 -0.12 -12.87 5.15
CA LYS A 72 1.09 -13.18 4.35
C LYS A 72 1.55 -12.01 3.45
N LEU A 73 0.74 -10.97 3.33
CA LEU A 73 1.04 -9.76 2.54
C LEU A 73 2.24 -9.00 3.12
N LYS A 74 3.39 -9.12 2.46
CA LYS A 74 4.59 -8.34 2.78
C LYS A 74 4.64 -7.00 2.03
N LYS A 75 3.95 -6.88 0.88
CA LYS A 75 4.07 -5.71 0.00
C LYS A 75 2.71 -5.18 -0.49
N LEU A 76 2.47 -3.89 -0.26
CA LEU A 76 1.26 -3.16 -0.64
C LEU A 76 1.61 -1.86 -1.37
N GLU A 77 1.03 -1.68 -2.56
CA GLU A 77 1.09 -0.40 -3.28
C GLU A 77 -0.28 0.30 -3.25
N LEU A 78 -0.33 1.52 -2.71
CA LEU A 78 -1.53 2.36 -2.55
C LEU A 78 -1.32 3.76 -3.15
N SER A 79 -0.57 3.83 -4.24
CA SER A 79 -0.12 5.09 -4.85
C SER A 79 -1.22 5.79 -5.66
N GLU A 80 -1.06 7.09 -5.90
CA GLU A 80 -1.94 7.94 -6.73
C GLU A 80 -3.40 8.04 -6.23
N ASN A 81 -3.62 7.78 -4.94
CA ASN A 81 -4.93 7.77 -4.26
C ASN A 81 -5.20 9.12 -3.53
N ARG A 82 -6.38 9.23 -2.90
CA ARG A 82 -6.88 10.42 -2.18
C ARG A 82 -6.73 10.32 -0.65
N ILE A 83 -6.02 9.30 -0.16
CA ILE A 83 -5.89 8.99 1.28
C ILE A 83 -5.12 10.12 2.00
N PHE A 84 -5.63 10.61 3.12
CA PHE A 84 -5.07 11.75 3.86
C PHE A 84 -4.70 11.44 5.33
N GLY A 85 -4.90 10.20 5.78
CA GLY A 85 -4.58 9.73 7.13
C GLY A 85 -5.22 8.38 7.45
N GLY A 86 -5.31 8.05 8.74
CA GLY A 86 -6.07 6.88 9.22
C GLY A 86 -5.44 5.52 8.90
N LEU A 87 -4.12 5.44 8.73
CA LEU A 87 -3.40 4.22 8.32
C LEU A 87 -3.28 3.13 9.42
N ASP A 88 -4.07 3.22 10.50
CA ASP A 88 -4.04 2.33 11.68
C ASP A 88 -4.65 0.94 11.40
N MET A 89 -5.47 0.82 10.35
CA MET A 89 -5.97 -0.49 9.91
C MET A 89 -4.86 -1.36 9.30
N LEU A 90 -3.89 -0.76 8.59
CA LEU A 90 -2.76 -1.49 8.01
C LEU A 90 -1.97 -2.27 9.08
N ALA A 91 -1.84 -1.69 10.28
CA ALA A 91 -1.16 -2.30 11.42
C ALA A 91 -1.83 -3.60 11.94
N GLU A 92 -3.16 -3.72 11.84
CA GLU A 92 -3.91 -4.91 12.30
C GLU A 92 -4.24 -5.91 11.18
N LYS A 93 -4.56 -5.42 9.97
CA LYS A 93 -4.85 -6.23 8.79
C LYS A 93 -3.61 -6.92 8.20
N LEU A 94 -2.48 -6.22 8.20
CA LEU A 94 -1.22 -6.60 7.55
C LEU A 94 -0.06 -6.64 8.57
N PRO A 95 -0.14 -7.48 9.63
CA PRO A 95 0.75 -7.41 10.80
C PRO A 95 2.26 -7.59 10.52
N ASN A 96 2.64 -8.19 9.39
CA ASN A 96 4.04 -8.38 8.95
C ASN A 96 4.36 -7.72 7.60
N LEU A 97 3.64 -6.66 7.24
CA LEU A 97 3.92 -5.81 6.09
C LEU A 97 5.34 -5.21 6.17
N THR A 98 6.10 -5.32 5.09
CA THR A 98 7.49 -4.84 4.97
C THR A 98 7.66 -3.69 3.98
N HIS A 99 6.86 -3.66 2.92
CA HIS A 99 6.95 -2.67 1.85
C HIS A 99 5.60 -1.98 1.63
N LEU A 100 5.59 -0.65 1.71
CA LEU A 100 4.37 0.16 1.59
C LEU A 100 4.60 1.40 0.73
N ASN A 101 3.97 1.47 -0.45
CA ASN A 101 4.05 2.66 -1.32
C ASN A 101 2.83 3.57 -1.10
N LEU A 102 3.08 4.79 -0.63
CA LEU A 102 2.09 5.84 -0.34
C LEU A 102 2.24 7.07 -1.26
N SER A 103 2.96 6.97 -2.38
CA SER A 103 3.22 8.10 -3.28
C SER A 103 1.92 8.68 -3.88
N GLY A 104 1.88 9.98 -4.15
CA GLY A 104 0.71 10.68 -4.69
C GLY A 104 -0.51 10.77 -3.75
N ASN A 105 -0.45 10.17 -2.55
CA ASN A 105 -1.45 10.31 -1.51
C ASN A 105 -1.51 11.77 -1.00
N LYS A 106 -2.53 12.08 -0.21
CA LYS A 106 -2.85 13.42 0.30
C LYS A 106 -2.46 13.56 1.77
N LEU A 107 -1.43 12.80 2.16
CA LEU A 107 -0.78 12.77 3.47
C LEU A 107 0.01 14.06 3.65
N LYS A 108 -0.21 14.74 4.77
CA LYS A 108 0.25 16.12 5.02
C LYS A 108 1.21 16.27 6.19
N ASP A 109 1.35 15.23 7.00
CA ASP A 109 2.05 15.31 8.28
C ASP A 109 2.71 14.00 8.69
N ILE A 110 3.67 14.12 9.59
CA ILE A 110 4.31 13.01 10.29
C ILE A 110 3.28 12.24 11.14
N SER A 111 2.30 12.95 11.72
CA SER A 111 1.22 12.34 12.51
C SER A 111 0.30 11.42 11.69
N THR A 112 0.27 11.53 10.36
CA THR A 112 -0.45 10.57 9.48
C THR A 112 0.29 9.24 9.32
N LEU A 113 1.57 9.20 9.69
CA LEU A 113 2.48 8.06 9.54
C LEU A 113 2.73 7.39 10.91
N GLU A 114 2.35 8.06 12.00
CA GLU A 114 2.34 7.58 13.37
C GLU A 114 1.72 6.18 13.56
N PRO A 115 0.57 5.82 12.98
CA PRO A 115 0.02 4.46 13.11
C PRO A 115 0.89 3.34 12.50
N LEU A 116 1.87 3.67 11.65
CA LEU A 116 2.81 2.69 11.10
C LEU A 116 3.89 2.24 12.11
N LYS A 117 4.04 2.93 13.26
CA LYS A 117 4.94 2.51 14.36
C LYS A 117 4.66 1.10 14.88
N LYS A 118 3.39 0.65 14.80
CA LYS A 118 2.94 -0.68 15.24
C LYS A 118 3.61 -1.82 14.46
N LEU A 119 3.86 -1.63 13.16
CA LEU A 119 4.44 -2.62 12.27
C LEU A 119 5.95 -2.72 12.45
N GLU A 120 6.36 -3.61 13.35
CA GLU A 120 7.77 -3.91 13.62
C GLU A 120 8.51 -4.55 12.42
N CYS A 121 7.78 -4.88 11.35
CA CYS A 121 8.31 -5.48 10.11
C CYS A 121 8.53 -4.45 8.99
N LEU A 122 7.97 -3.24 9.09
CA LEU A 122 7.99 -2.25 8.02
C LEU A 122 9.43 -1.78 7.72
N LYS A 123 9.90 -2.11 6.52
CA LYS A 123 11.30 -2.00 6.08
C LYS A 123 11.49 -0.92 5.01
N SER A 124 10.51 -0.73 4.13
CA SER A 124 10.55 0.25 3.03
C SER A 124 9.22 1.02 2.88
N LEU A 125 9.33 2.32 2.64
CA LEU A 125 8.22 3.29 2.56
C LEU A 125 8.44 4.30 1.42
N ASP A 126 7.38 4.75 0.73
CA ASP A 126 7.50 5.78 -0.32
C ASP A 126 6.39 6.83 -0.19
N LEU A 127 6.75 8.10 -0.28
CA LEU A 127 5.88 9.28 -0.06
C LEU A 127 6.13 10.36 -1.13
N PHE A 128 6.51 9.97 -2.35
CA PHE A 128 6.73 10.90 -3.46
C PHE A 128 5.48 11.74 -3.75
N ASN A 129 5.65 13.03 -4.05
CA ASN A 129 4.57 13.98 -4.37
C ASN A 129 3.45 14.08 -3.30
N CYS A 130 3.75 13.83 -2.03
CA CYS A 130 2.83 14.00 -0.90
C CYS A 130 3.00 15.36 -0.22
N GLU A 131 1.94 15.94 0.34
CA GLU A 131 1.98 17.24 1.02
C GLU A 131 2.92 17.23 2.25
N VAL A 132 3.07 16.09 2.93
CA VAL A 132 4.04 15.86 4.02
C VAL A 132 5.50 16.10 3.59
N THR A 133 5.82 16.03 2.29
CA THR A 133 7.17 16.33 1.77
C THR A 133 7.52 17.82 1.76
N ASN A 134 6.55 18.71 2.03
CA ASN A 134 6.79 20.15 2.15
C ASN A 134 7.36 20.57 3.52
N LEU A 135 7.32 19.66 4.50
CA LEU A 135 7.85 19.87 5.85
C LEU A 135 9.37 20.04 5.87
N ASN A 136 9.87 20.80 6.86
CA ASN A 136 11.30 20.92 7.11
C ASN A 136 11.91 19.56 7.53
N ASP A 137 12.99 19.14 6.85
CA ASP A 137 13.69 17.87 7.08
C ASP A 137 12.77 16.64 7.15
N TYR A 138 11.70 16.60 6.33
CA TYR A 138 10.62 15.60 6.44
C TYR A 138 11.13 14.14 6.48
N ARG A 139 12.14 13.81 5.67
CA ARG A 139 12.69 12.46 5.52
C ARG A 139 13.32 11.94 6.81
N GLU A 140 14.01 12.80 7.56
CA GLU A 140 14.50 12.51 8.90
C GLU A 140 13.34 12.42 9.91
N SER A 141 12.31 13.27 9.77
CA SER A 141 11.13 13.26 10.65
C SER A 141 10.25 12.02 10.49
N VAL A 142 10.36 11.27 9.39
CA VAL A 142 9.73 9.96 9.20
C VAL A 142 10.64 8.83 9.72
N PHE A 143 11.95 8.87 9.44
CA PHE A 143 12.90 7.86 9.95
C PHE A 143 13.04 7.84 11.47
N LYS A 144 12.96 9.01 12.12
CA LYS A 144 12.99 9.13 13.60
C LYS A 144 11.67 8.67 14.25
N LEU A 145 10.56 8.82 13.54
CA LEU A 145 9.23 8.36 13.95
C LEU A 145 9.12 6.83 13.90
N LEU A 146 9.67 6.22 12.84
CA LEU A 146 9.62 4.78 12.55
C LEU A 146 11.04 4.20 12.60
N PRO A 147 11.62 3.96 13.79
CA PRO A 147 13.02 3.53 13.95
C PRO A 147 13.32 2.15 13.35
N GLN A 148 12.29 1.34 13.07
CA GLN A 148 12.41 0.04 12.38
C GLN A 148 12.56 0.17 10.85
N LEU A 149 12.20 1.32 10.27
CA LEU A 149 12.26 1.58 8.83
C LEU A 149 13.70 1.68 8.33
N THR A 150 14.05 0.99 7.24
CA THR A 150 15.38 1.04 6.61
C THR A 150 15.41 1.96 5.39
N TYR A 151 14.35 1.95 4.58
CA TYR A 151 14.23 2.69 3.33
C TYR A 151 13.07 3.69 3.34
N LEU A 152 13.32 4.87 2.75
CA LEU A 152 12.36 5.94 2.56
C LEU A 152 12.62 6.65 1.23
N ASP A 153 11.60 6.70 0.38
CA ASP A 153 11.65 7.23 -1.00
C ASP A 153 12.71 6.54 -1.89
N GLY A 154 12.79 5.20 -1.77
CA GLY A 154 13.69 4.33 -2.54
C GLY A 154 15.17 4.35 -2.11
N TYR A 155 15.53 5.19 -1.15
CA TYR A 155 16.88 5.37 -0.60
C TYR A 155 16.89 5.05 0.91
N ASP A 156 18.04 4.68 1.48
CA ASP A 156 18.17 4.32 2.89
C ASP A 156 18.53 5.51 3.80
N ARG A 157 18.76 5.22 5.09
CA ARG A 157 19.23 6.18 6.12
C ARG A 157 20.63 6.77 5.85
N GLU A 158 21.39 6.22 4.89
CA GLU A 158 22.71 6.67 4.45
C GLU A 158 22.69 7.18 2.99
N ASP A 159 21.51 7.50 2.46
CA ASP A 159 21.25 7.97 1.09
C ASP A 159 21.86 7.10 -0.03
N GLN A 160 21.80 5.78 0.16
CA GLN A 160 22.08 4.75 -0.85
C GLN A 160 20.77 4.19 -1.40
N GLU A 161 20.72 3.89 -2.70
CA GLU A 161 19.50 3.41 -3.37
C GLU A 161 19.22 1.91 -3.11
N ALA A 162 17.95 1.54 -3.07
CA ALA A 162 17.48 0.19 -2.83
C ALA A 162 17.69 -0.79 -4.01
N PRO A 163 17.74 -2.11 -3.73
CA PRO A 163 17.69 -3.15 -4.76
C PRO A 163 16.27 -3.30 -5.35
N ASP A 164 16.14 -3.96 -6.49
CA ASP A 164 14.86 -4.22 -7.15
C ASP A 164 14.02 -5.31 -6.45
N SER A 165 14.67 -6.23 -5.73
CA SER A 165 14.08 -7.41 -5.08
C SER A 165 13.61 -7.16 -3.64
N ASP A 166 12.82 -8.10 -3.11
CA ASP A 166 12.40 -8.22 -1.70
C ASP A 166 13.57 -8.68 -0.80
N ALA A 167 14.63 -7.88 -0.76
CA ALA A 167 15.93 -8.23 -0.19
C ALA A 167 16.18 -7.73 1.24
N GLU A 168 17.19 -8.30 1.89
CA GLU A 168 17.68 -7.95 3.25
C GLU A 168 18.62 -6.73 3.25
N GLY A 1 -7.34 -13.83 -24.75
CA GLY A 1 -7.82 -13.18 -23.51
C GLY A 1 -7.74 -11.67 -23.58
N SER A 2 -8.67 -10.97 -22.94
CA SER A 2 -8.80 -9.50 -23.01
C SER A 2 -7.82 -8.71 -22.13
N SER A 3 -7.23 -9.35 -21.11
CA SER A 3 -6.39 -8.76 -20.05
C SER A 3 -7.09 -7.68 -19.20
N GLY A 4 -6.47 -7.29 -18.09
CA GLY A 4 -7.00 -6.28 -17.16
C GLY A 4 -7.12 -4.89 -17.79
N SER A 5 -8.30 -4.28 -17.66
CA SER A 5 -8.66 -2.98 -18.28
C SER A 5 -8.75 -1.82 -17.27
N SER A 6 -8.78 -0.59 -17.78
CA SER A 6 -8.94 0.66 -17.01
C SER A 6 -10.41 1.06 -16.86
N GLY A 7 -10.77 1.71 -15.75
CA GLY A 7 -12.13 2.14 -15.41
C GLY A 7 -13.08 1.01 -14.97
N MET A 8 -12.60 -0.23 -14.94
CA MET A 8 -13.31 -1.42 -14.43
C MET A 8 -13.50 -1.33 -12.92
N ASP A 9 -14.66 -1.75 -12.41
CA ASP A 9 -14.90 -1.82 -10.96
C ASP A 9 -13.96 -2.84 -10.28
N MET A 10 -13.55 -2.56 -9.04
CA MET A 10 -12.59 -3.38 -8.30
C MET A 10 -13.04 -4.86 -8.21
N LYS A 11 -14.30 -5.11 -7.86
CA LYS A 11 -14.93 -6.44 -7.82
C LYS A 11 -14.88 -7.18 -9.16
N ARG A 12 -15.01 -6.45 -10.28
CA ARG A 12 -14.95 -7.00 -11.64
C ARG A 12 -13.50 -7.37 -12.00
N ARG A 13 -12.52 -6.54 -11.64
CA ARG A 13 -11.10 -6.85 -11.90
C ARG A 13 -10.58 -7.99 -11.03
N ILE A 14 -11.04 -8.11 -9.79
CA ILE A 14 -10.74 -9.25 -8.90
C ILE A 14 -11.09 -10.57 -9.60
N HIS A 15 -12.13 -10.61 -10.44
CA HIS A 15 -12.48 -11.81 -11.23
C HIS A 15 -11.48 -12.08 -12.38
N LEU A 16 -11.09 -11.03 -13.12
CA LEU A 16 -10.07 -11.10 -14.18
C LEU A 16 -8.70 -11.52 -13.63
N GLU A 17 -8.38 -11.12 -12.39
CA GLU A 17 -7.12 -11.45 -11.72
C GLU A 17 -7.11 -12.86 -11.12
N LEU A 18 -8.26 -13.38 -10.66
CA LEU A 18 -8.44 -14.77 -10.23
C LEU A 18 -8.36 -15.76 -11.41
N ARG A 19 -9.17 -15.53 -12.46
CA ARG A 19 -9.31 -16.20 -13.78
C ARG A 19 -9.37 -17.74 -13.88
N ASN A 20 -8.58 -18.47 -13.11
CA ASN A 20 -8.34 -19.91 -13.21
C ASN A 20 -8.29 -20.64 -11.84
N ARG A 21 -8.04 -19.92 -10.74
CA ARG A 21 -7.89 -20.51 -9.38
C ARG A 21 -8.51 -19.66 -8.26
N THR A 22 -8.75 -20.33 -7.13
CA THR A 22 -9.28 -19.80 -5.85
C THR A 22 -8.47 -18.59 -5.35
N PRO A 23 -9.06 -17.58 -4.68
CA PRO A 23 -8.33 -16.43 -4.11
C PRO A 23 -7.23 -16.84 -3.11
N ALA A 24 -7.36 -18.01 -2.46
CA ALA A 24 -6.35 -18.53 -1.53
C ALA A 24 -5.12 -19.13 -2.24
N ALA A 25 -5.20 -19.36 -3.55
CA ALA A 25 -4.10 -19.81 -4.40
C ALA A 25 -3.38 -18.65 -5.13
N VAL A 26 -3.85 -17.41 -4.99
CA VAL A 26 -3.30 -16.21 -5.64
C VAL A 26 -2.15 -15.64 -4.80
N ARG A 27 -1.00 -15.38 -5.44
CA ARG A 27 0.20 -14.80 -4.81
C ARG A 27 0.35 -13.30 -5.03
N GLU A 28 -0.06 -12.81 -6.20
CA GLU A 28 0.19 -11.46 -6.71
C GLU A 28 -1.09 -10.93 -7.39
N LEU A 29 -1.61 -9.80 -6.93
CA LEU A 29 -2.89 -9.22 -7.37
C LEU A 29 -2.77 -7.73 -7.72
N VAL A 30 -3.22 -7.35 -8.92
CA VAL A 30 -3.13 -6.00 -9.47
C VAL A 30 -4.52 -5.47 -9.84
N LEU A 31 -4.89 -4.36 -9.21
CA LEU A 31 -6.15 -3.65 -9.34
C LEU A 31 -5.90 -2.18 -9.76
N ASP A 32 -4.90 -2.00 -10.64
CA ASP A 32 -4.52 -0.71 -11.22
C ASP A 32 -5.64 -0.10 -12.08
N ASN A 33 -5.76 1.24 -12.09
CA ASN A 33 -6.75 1.97 -12.90
C ASN A 33 -8.23 1.58 -12.66
N CYS A 34 -8.54 0.79 -11.63
CA CYS A 34 -9.88 0.36 -11.27
C CYS A 34 -10.69 1.46 -10.58
N LYS A 35 -12.01 1.28 -10.51
CA LYS A 35 -12.92 2.11 -9.72
C LYS A 35 -13.27 1.47 -8.38
N SER A 36 -13.35 2.31 -7.35
CA SER A 36 -13.77 1.94 -5.99
C SER A 36 -15.20 2.44 -5.68
N ASN A 37 -15.79 1.96 -4.57
CA ASN A 37 -17.11 2.42 -4.12
C ASN A 37 -16.93 3.64 -3.18
N ASP A 38 -17.04 4.85 -3.75
CA ASP A 38 -16.84 6.14 -3.08
C ASP A 38 -15.55 6.27 -2.23
N GLY A 39 -14.45 5.65 -2.68
CA GLY A 39 -13.16 5.65 -1.96
C GLY A 39 -13.04 4.61 -0.87
N LYS A 40 -13.92 3.60 -0.83
CA LYS A 40 -13.81 2.38 -0.03
C LYS A 40 -13.75 1.16 -0.95
N ILE A 41 -12.92 0.19 -0.57
CA ILE A 41 -12.74 -1.09 -1.30
C ILE A 41 -14.03 -1.91 -1.25
N GLU A 42 -14.39 -2.55 -2.36
CA GLU A 42 -15.46 -3.55 -2.38
C GLU A 42 -15.06 -4.73 -3.29
N GLY A 43 -15.33 -5.96 -2.85
CA GLY A 43 -14.94 -7.20 -3.55
C GLY A 43 -13.73 -7.92 -2.96
N LEU A 44 -12.79 -7.18 -2.35
CA LEU A 44 -11.59 -7.77 -1.74
C LEU A 44 -11.95 -8.56 -0.47
N THR A 45 -11.33 -9.73 -0.29
CA THR A 45 -11.71 -10.72 0.74
C THR A 45 -10.53 -11.26 1.54
N ALA A 46 -10.80 -11.67 2.78
CA ALA A 46 -9.84 -12.38 3.64
C ALA A 46 -9.51 -13.79 3.13
N GLU A 47 -10.17 -14.29 2.09
CA GLU A 47 -9.76 -15.54 1.42
C GLU A 47 -8.44 -15.41 0.65
N PHE A 48 -7.92 -14.19 0.43
CA PHE A 48 -6.57 -13.91 -0.10
C PHE A 48 -5.43 -14.23 0.89
N VAL A 49 -5.56 -15.25 1.72
CA VAL A 49 -4.65 -15.53 2.87
C VAL A 49 -3.17 -15.73 2.48
N ASN A 50 -2.89 -16.21 1.26
CA ASN A 50 -1.54 -16.44 0.75
C ASN A 50 -1.01 -15.34 -0.19
N LEU A 51 -1.75 -14.24 -0.37
CA LEU A 51 -1.35 -13.10 -1.17
C LEU A 51 -0.13 -12.40 -0.55
N GLU A 52 0.96 -12.24 -1.31
CA GLU A 52 2.15 -11.47 -0.87
C GLU A 52 2.19 -10.04 -1.42
N PHE A 53 1.57 -9.82 -2.58
CA PHE A 53 1.52 -8.53 -3.27
C PHE A 53 0.09 -8.06 -3.63
N LEU A 54 -0.21 -6.80 -3.34
CA LEU A 54 -1.45 -6.11 -3.72
C LEU A 54 -1.13 -4.71 -4.29
N SER A 55 -1.59 -4.43 -5.52
CA SER A 55 -1.44 -3.12 -6.17
C SER A 55 -2.78 -2.45 -6.43
N LEU A 56 -2.94 -1.22 -5.96
CA LEU A 56 -4.14 -0.38 -6.03
C LEU A 56 -3.74 1.06 -6.43
N ILE A 57 -3.20 1.23 -7.64
CA ILE A 57 -2.70 2.52 -8.13
C ILE A 57 -3.77 3.32 -8.86
N ASN A 58 -3.84 4.63 -8.59
CA ASN A 58 -4.70 5.62 -9.25
C ASN A 58 -6.18 5.22 -9.32
N VAL A 59 -6.60 4.40 -8.35
CA VAL A 59 -8.00 4.03 -8.07
C VAL A 59 -8.73 5.17 -7.36
N GLY A 60 -7.97 6.18 -6.90
CA GLY A 60 -8.51 7.37 -6.25
C GLY A 60 -9.14 7.10 -4.88
N LEU A 61 -8.72 6.01 -4.21
CA LEU A 61 -9.27 5.57 -2.93
C LEU A 61 -9.02 6.60 -1.83
N ILE A 62 -9.90 6.68 -0.83
CA ILE A 62 -9.85 7.69 0.24
C ILE A 62 -9.67 7.02 1.62
N SER A 63 -10.19 5.80 1.78
CA SER A 63 -10.32 5.08 3.05
C SER A 63 -9.82 3.64 2.92
N VAL A 64 -8.82 3.27 3.75
CA VAL A 64 -8.24 1.92 3.83
C VAL A 64 -9.03 0.97 4.75
N SER A 65 -10.12 1.45 5.36
CA SER A 65 -10.90 0.73 6.38
C SER A 65 -11.50 -0.60 5.91
N ASN A 66 -11.75 -0.73 4.60
CA ASN A 66 -12.32 -1.93 3.98
C ASN A 66 -11.27 -2.99 3.56
N LEU A 67 -9.98 -2.79 3.84
CA LEU A 67 -8.97 -3.84 3.64
C LEU A 67 -9.28 -5.07 4.53
N PRO A 68 -9.29 -6.29 3.98
CA PRO A 68 -9.39 -7.52 4.77
C PRO A 68 -8.05 -7.82 5.49
N LYS A 69 -8.06 -8.72 6.47
CA LYS A 69 -6.83 -9.25 7.08
C LYS A 69 -6.09 -10.14 6.06
N LEU A 70 -4.81 -9.83 5.82
CA LEU A 70 -3.92 -10.53 4.91
C LEU A 70 -2.58 -10.77 5.63
N PRO A 71 -2.42 -11.93 6.29
CA PRO A 71 -1.29 -12.18 7.19
C PRO A 71 0.05 -12.37 6.45
N LYS A 72 0.01 -12.66 5.15
CA LYS A 72 1.19 -12.97 4.31
C LYS A 72 1.59 -11.82 3.37
N LEU A 73 0.75 -10.79 3.25
CA LEU A 73 1.02 -9.59 2.45
C LEU A 73 2.23 -8.84 2.99
N LYS A 74 3.36 -8.96 2.27
CA LYS A 74 4.57 -8.19 2.53
C LYS A 74 4.54 -6.84 1.83
N LYS A 75 3.85 -6.71 0.69
CA LYS A 75 3.90 -5.51 -0.15
C LYS A 75 2.52 -5.00 -0.58
N LEU A 76 2.24 -3.75 -0.23
CA LEU A 76 1.05 -3.00 -0.61
C LEU A 76 1.43 -1.71 -1.32
N GLU A 77 0.88 -1.50 -2.52
CA GLU A 77 0.98 -0.23 -3.23
C GLU A 77 -0.40 0.46 -3.31
N LEU A 78 -0.50 1.66 -2.76
CA LEU A 78 -1.70 2.50 -2.72
C LEU A 78 -1.40 3.91 -3.23
N SER A 79 -0.69 3.99 -4.35
CA SER A 79 -0.18 5.27 -4.88
C SER A 79 -1.20 6.02 -5.74
N GLU A 80 -1.01 7.33 -5.90
CA GLU A 80 -1.85 8.23 -6.72
C GLU A 80 -3.33 8.32 -6.25
N ASN A 81 -3.57 8.02 -4.97
CA ASN A 81 -4.90 7.98 -4.33
C ASN A 81 -5.18 9.24 -3.47
N ARG A 82 -6.35 9.31 -2.84
CA ARG A 82 -6.86 10.46 -2.07
C ARG A 82 -6.73 10.31 -0.55
N ILE A 83 -6.02 9.29 -0.08
CA ILE A 83 -5.85 8.95 1.35
C ILE A 83 -5.10 10.10 2.05
N PHE A 84 -5.62 10.59 3.17
CA PHE A 84 -5.09 11.75 3.90
C PHE A 84 -4.61 11.43 5.33
N GLY A 85 -4.77 10.19 5.80
CA GLY A 85 -4.40 9.72 7.13
C GLY A 85 -5.11 8.41 7.50
N GLY A 86 -5.23 8.13 8.80
CA GLY A 86 -6.01 7.00 9.32
C GLY A 86 -5.43 5.62 9.00
N LEU A 87 -4.11 5.50 8.89
CA LEU A 87 -3.40 4.28 8.46
C LEU A 87 -3.36 3.15 9.52
N ASP A 88 -4.21 3.20 10.54
CA ASP A 88 -4.20 2.30 11.71
C ASP A 88 -4.79 0.91 11.43
N MET A 89 -5.63 0.77 10.40
CA MET A 89 -6.08 -0.55 9.94
C MET A 89 -4.93 -1.38 9.37
N LEU A 90 -3.97 -0.76 8.69
CA LEU A 90 -2.80 -1.46 8.12
C LEU A 90 -2.02 -2.23 9.20
N ALA A 91 -1.93 -1.65 10.40
CA ALA A 91 -1.23 -2.25 11.55
C ALA A 91 -1.90 -3.53 12.09
N GLU A 92 -3.22 -3.72 11.92
CA GLU A 92 -3.95 -4.92 12.36
C GLU A 92 -4.26 -5.90 11.21
N LYS A 93 -4.56 -5.39 10.01
CA LYS A 93 -4.85 -6.20 8.82
C LYS A 93 -3.61 -6.87 8.21
N LEU A 94 -2.48 -6.17 8.21
CA LEU A 94 -1.26 -6.55 7.50
C LEU A 94 -0.06 -6.73 8.46
N PRO A 95 -0.12 -7.67 9.43
CA PRO A 95 0.85 -7.76 10.53
C PRO A 95 2.31 -8.03 10.10
N ASN A 96 2.54 -8.62 8.92
CA ASN A 96 3.87 -8.93 8.37
C ASN A 96 4.26 -8.02 7.18
N LEU A 97 3.63 -6.86 7.03
CA LEU A 97 3.91 -5.90 5.96
C LEU A 97 5.34 -5.34 6.07
N THR A 98 6.11 -5.43 4.98
CA THR A 98 7.48 -4.91 4.87
C THR A 98 7.61 -3.73 3.92
N HIS A 99 6.74 -3.66 2.90
CA HIS A 99 6.77 -2.64 1.87
C HIS A 99 5.41 -1.94 1.73
N LEU A 100 5.40 -0.61 1.82
CA LEU A 100 4.18 0.21 1.79
C LEU A 100 4.37 1.47 0.94
N ASN A 101 3.83 1.48 -0.28
CA ASN A 101 3.98 2.64 -1.17
C ASN A 101 2.74 3.54 -1.10
N LEU A 102 2.95 4.77 -0.60
CA LEU A 102 1.93 5.79 -0.31
C LEU A 102 2.24 7.12 -1.04
N SER A 103 2.94 7.07 -2.17
CA SER A 103 3.22 8.22 -3.04
C SER A 103 1.96 8.79 -3.71
N GLY A 104 1.94 10.08 -4.01
CA GLY A 104 0.81 10.78 -4.63
C GLY A 104 -0.47 10.86 -3.77
N ASN A 105 -0.44 10.36 -2.53
CA ASN A 105 -1.51 10.49 -1.54
C ASN A 105 -1.69 11.95 -1.07
N LYS A 106 -2.70 12.20 -0.22
CA LYS A 106 -3.00 13.50 0.40
C LYS A 106 -2.42 13.62 1.81
N LEU A 107 -1.40 12.81 2.11
CA LEU A 107 -0.67 12.79 3.38
C LEU A 107 0.07 14.11 3.56
N LYS A 108 -0.14 14.78 4.70
CA LYS A 108 0.30 16.18 4.94
C LYS A 108 1.24 16.34 6.15
N ASP A 109 1.20 15.39 7.09
CA ASP A 109 1.85 15.50 8.39
C ASP A 109 2.53 14.18 8.80
N ILE A 110 3.62 14.26 9.56
CA ILE A 110 4.31 13.09 10.13
C ILE A 110 3.36 12.27 11.03
N SER A 111 2.41 12.92 11.70
CA SER A 111 1.38 12.27 12.53
C SER A 111 0.42 11.37 11.72
N THR A 112 0.34 11.50 10.39
CA THR A 112 -0.41 10.54 9.54
C THR A 112 0.26 9.17 9.46
N LEU A 113 1.55 9.09 9.79
CA LEU A 113 2.40 7.90 9.69
C LEU A 113 2.57 7.23 11.06
N GLU A 114 2.06 7.85 12.12
CA GLU A 114 2.17 7.41 13.51
C GLU A 114 1.68 5.98 13.78
N PRO A 115 0.54 5.50 13.26
CA PRO A 115 0.10 4.12 13.52
C PRO A 115 0.99 3.06 12.84
N LEU A 116 1.84 3.44 11.87
CA LEU A 116 2.79 2.53 11.23
C LEU A 116 3.92 2.08 12.18
N LYS A 117 4.12 2.78 13.31
CA LYS A 117 5.05 2.37 14.38
C LYS A 117 4.78 0.94 14.89
N LYS A 118 3.51 0.51 14.87
CA LYS A 118 3.04 -0.79 15.37
C LYS A 118 3.52 -1.98 14.50
N LEU A 119 3.76 -1.75 13.20
CA LEU A 119 4.32 -2.73 12.29
C LEU A 119 5.83 -2.85 12.46
N GLU A 120 6.24 -3.78 13.32
CA GLU A 120 7.65 -4.07 13.58
C GLU A 120 8.38 -4.68 12.35
N CYS A 121 7.65 -5.00 11.29
CA CYS A 121 8.17 -5.55 10.03
C CYS A 121 8.43 -4.48 8.96
N LEU A 122 7.85 -3.27 9.07
CA LEU A 122 7.86 -2.27 8.01
C LEU A 122 9.29 -1.78 7.70
N LYS A 123 9.77 -2.08 6.50
CA LYS A 123 11.16 -1.95 6.05
C LYS A 123 11.35 -0.88 4.97
N SER A 124 10.37 -0.71 4.08
CA SER A 124 10.40 0.26 2.97
C SER A 124 9.07 1.02 2.83
N LEU A 125 9.17 2.33 2.55
CA LEU A 125 8.04 3.27 2.47
C LEU A 125 8.23 4.29 1.33
N ASP A 126 7.17 4.62 0.57
CA ASP A 126 7.20 5.74 -0.39
C ASP A 126 6.14 6.78 -0.02
N LEU A 127 6.48 8.06 -0.18
CA LEU A 127 5.66 9.24 0.07
C LEU A 127 5.77 10.30 -1.05
N PHE A 128 6.56 10.07 -2.12
CA PHE A 128 6.79 11.00 -3.23
C PHE A 128 5.56 11.85 -3.61
N ASN A 129 5.74 13.16 -3.76
CA ASN A 129 4.70 14.14 -4.11
C ASN A 129 3.56 14.32 -3.08
N CYS A 130 3.66 13.77 -1.86
CA CYS A 130 2.74 14.06 -0.76
C CYS A 130 3.11 15.40 -0.08
N GLU A 131 2.15 16.09 0.51
CA GLU A 131 2.40 17.35 1.24
C GLU A 131 3.29 17.15 2.48
N VAL A 132 3.26 15.97 3.09
CA VAL A 132 4.20 15.56 4.14
C VAL A 132 5.67 15.57 3.66
N THR A 133 5.92 15.47 2.36
CA THR A 133 7.26 15.63 1.76
C THR A 133 7.64 17.09 1.45
N ASN A 134 6.72 18.04 1.66
CA ASN A 134 7.01 19.48 1.60
C ASN A 134 7.65 20.01 2.91
N LEU A 135 7.55 19.23 4.00
CA LEU A 135 8.09 19.54 5.32
C LEU A 135 9.62 19.66 5.33
N ASN A 136 10.15 20.50 6.22
CA ASN A 136 11.58 20.70 6.37
C ASN A 136 12.25 19.44 6.95
N ASP A 137 13.33 18.95 6.31
CA ASP A 137 14.04 17.71 6.64
C ASP A 137 13.13 16.48 6.84
N TYR A 138 12.04 16.36 6.06
CA TYR A 138 10.97 15.37 6.29
C TYR A 138 11.49 13.92 6.40
N ARG A 139 12.51 13.55 5.62
CA ARG A 139 13.11 12.21 5.62
C ARG A 139 13.56 11.76 7.02
N GLU A 140 14.25 12.64 7.74
CA GLU A 140 14.67 12.38 9.13
C GLU A 140 13.46 12.31 10.07
N SER A 141 12.43 13.15 9.85
CA SER A 141 11.22 13.16 10.68
C SER A 141 10.33 11.92 10.48
N VAL A 142 10.45 11.20 9.37
CA VAL A 142 9.83 9.88 9.16
C VAL A 142 10.71 8.76 9.73
N PHE A 143 12.02 8.79 9.51
CA PHE A 143 12.95 7.77 10.02
C PHE A 143 13.06 7.75 11.55
N LYS A 144 12.95 8.92 12.20
CA LYS A 144 12.92 9.04 13.67
C LYS A 144 11.59 8.58 14.29
N LEU A 145 10.50 8.77 13.54
CA LEU A 145 9.16 8.29 13.92
C LEU A 145 9.06 6.77 13.86
N LEU A 146 9.61 6.16 12.79
CA LEU A 146 9.56 4.73 12.50
C LEU A 146 10.98 4.15 12.57
N PRO A 147 11.54 3.88 13.76
CA PRO A 147 12.92 3.44 13.94
C PRO A 147 13.22 2.06 13.32
N GLN A 148 12.18 1.27 13.01
CA GLN A 148 12.29 -0.03 12.33
C GLN A 148 12.41 0.09 10.79
N LEU A 149 12.08 1.25 10.20
CA LEU A 149 12.14 1.52 8.77
C LEU A 149 13.59 1.62 8.27
N THR A 150 13.92 0.98 7.14
CA THR A 150 15.26 1.03 6.52
C THR A 150 15.30 1.96 5.31
N TYR A 151 14.25 1.93 4.48
CA TYR A 151 14.13 2.71 3.25
C TYR A 151 12.95 3.69 3.27
N LEU A 152 13.17 4.86 2.68
CA LEU A 152 12.18 5.90 2.45
C LEU A 152 12.41 6.56 1.09
N ASP A 153 11.39 6.64 0.24
CA ASP A 153 11.46 7.29 -1.06
C ASP A 153 12.70 6.87 -1.87
N GLY A 154 12.88 5.56 -2.03
CA GLY A 154 13.97 4.91 -2.78
C GLY A 154 15.35 4.88 -2.11
N TYR A 155 15.55 5.58 -0.99
CA TYR A 155 16.86 5.78 -0.33
C TYR A 155 16.86 5.39 1.16
N ASP A 156 17.99 4.92 1.68
CA ASP A 156 18.12 4.48 3.07
C ASP A 156 18.56 5.61 4.04
N ARG A 157 18.71 5.24 5.32
CA ARG A 157 19.20 6.11 6.41
C ARG A 157 20.62 6.69 6.20
N GLU A 158 21.38 6.14 5.25
CA GLU A 158 22.73 6.58 4.87
C GLU A 158 22.76 7.26 3.48
N ASP A 159 21.60 7.64 2.95
CA ASP A 159 21.41 8.28 1.63
C ASP A 159 21.96 7.44 0.45
N GLN A 160 21.88 6.11 0.56
CA GLN A 160 22.17 5.15 -0.52
C GLN A 160 20.86 4.63 -1.15
N GLU A 161 20.86 4.41 -2.46
CA GLU A 161 19.66 3.98 -3.19
C GLU A 161 19.37 2.48 -3.01
N ALA A 162 18.10 2.10 -3.07
CA ALA A 162 17.63 0.72 -2.98
C ALA A 162 18.08 -0.18 -4.15
N PRO A 163 18.17 -1.51 -3.95
CA PRO A 163 18.50 -2.46 -5.00
C PRO A 163 17.35 -2.67 -5.99
N ASP A 164 17.68 -3.17 -7.19
CA ASP A 164 16.70 -3.49 -8.24
C ASP A 164 15.96 -4.83 -8.02
N SER A 165 16.52 -5.70 -7.17
CA SER A 165 16.02 -7.06 -6.86
C SER A 165 16.10 -7.39 -5.37
N ASP A 166 15.25 -8.32 -4.91
CA ASP A 166 15.17 -8.93 -3.56
C ASP A 166 14.83 -7.99 -2.37
N ALA A 167 15.33 -6.75 -2.36
CA ALA A 167 15.16 -5.76 -1.29
C ALA A 167 15.52 -6.27 0.13
N GLU A 168 16.57 -7.10 0.23
CA GLU A 168 17.11 -7.65 1.49
C GLU A 168 18.13 -6.70 2.15
#